data_7WLG
#
_entry.id   7WLG
#
_cell.length_a   1.00
_cell.length_b   1.00
_cell.length_c   1.00
_cell.angle_alpha   90.00
_cell.angle_beta   90.00
_cell.angle_gamma   90.00
#
_symmetry.space_group_name_H-M   'P 1'
#
_entity_poly.entity_id   1
_entity_poly.type   'polypeptide(L)'
_entity_poly.pdbx_seq_one_letter_code
;MGSSHHHHHHSSGLVPRGSHMVSELESKYMNNNIIKFDKARFTVLTEHLIRIEYSETGEFEERMTQMVQNREFSEVNFDI
IEKEETIEIITSTVHLYYNGGEFTNASLFADVKFNFSVYSNRWYFGEKSDGNLKGTTRTLDMIDGECPLEDGIMSKNGFA
VLADKGKVLTEVGDIAGNSVSTIDLYLFAYGRDYRQALKDFYQLTGNTPKLPRFALGNWWSRYYDYSDKSYLALMDKFTD
KKVPLSVSVIDMDWHKVSEVPSRFGSGWTGYSWNKKLFPNPENFIDELHQRKLKVTLNDHPADGIRAFEDPYPQVAQTLD
LNTELEEAAKFDFDNLKFRKAYFEEVHGPLEKEGVDFWWIDWQQGAISKSGVDPLWLLNHYQYQNAQKKHKNNIILSRYA
GPGSHRYPLGFSGDSVISWASLDFQPYFTSTASNIGYTWWSHDIGGHMQGYKDAELSLRWLQFGVFSPINRLHSSKSEFT
SKEPWHFDAVIEQSMIDFLQLRHQLIPYLYSANLITASEGRALVEPLYYEYPMEEEAYQHRNQYLFGEQLMVAPITEKMN
SLLQMGSVEVWFPEGTWYDFFSGQPYDGKVSLKVYREITEMPVFAKAGAIIPLDKNPLKKEEIPSEIIWKIFPGADGEYL
LLEEDNETKAEFVNGIFTVTSKKESSRKHTIIYGEHEIVSAKRGEFSIDLNGKEENFDWNFSTALFRRLDIAEISYEQKD
EILQQLSLIEEHEKQVAFIKTNENQELQNSLFELLYSGK
;
_entity_poly.pdbx_strand_id   A,B,C,D,E,F
#
# COMPACT_ATOMS: atom_id res chain seq x y z
N ASN A 32 -55.56 29.59 -40.50
CA ASN A 32 -54.54 30.53 -40.06
C ASN A 32 -53.22 29.82 -39.82
N ASN A 33 -53.03 29.30 -38.60
CA ASN A 33 -51.83 28.58 -38.23
C ASN A 33 -52.03 27.07 -38.23
N ILE A 34 -52.88 26.56 -39.12
CA ILE A 34 -53.14 25.13 -39.26
C ILE A 34 -52.78 24.73 -40.69
N ILE A 35 -52.00 23.66 -40.83
CA ILE A 35 -51.58 23.15 -42.13
C ILE A 35 -51.89 21.67 -42.21
N LYS A 36 -52.58 21.26 -43.27
CA LYS A 36 -52.88 19.86 -43.55
C LYS A 36 -51.95 19.36 -44.65
N PHE A 37 -51.37 18.19 -44.45
CA PHE A 37 -50.56 17.57 -45.50
C PHE A 37 -50.52 16.08 -45.25
N ASP A 38 -50.95 15.30 -46.24
CA ASP A 38 -51.04 13.84 -46.16
C ASP A 38 -51.96 13.50 -45.00
N LYS A 39 -51.55 12.68 -44.03
CA LYS A 39 -52.35 12.40 -42.85
C LYS A 39 -51.88 13.19 -41.64
N ALA A 40 -51.10 14.24 -41.86
CA ALA A 40 -50.46 14.99 -40.78
C ALA A 40 -50.96 16.42 -40.74
N ARG A 41 -50.96 17.00 -39.54
CA ARG A 41 -51.34 18.38 -39.33
C ARG A 41 -50.23 19.09 -38.55
N PHE A 42 -49.96 20.33 -38.93
CA PHE A 42 -48.94 21.15 -38.29
C PHE A 42 -49.58 22.44 -37.79
N THR A 43 -49.32 22.77 -36.52
CA THR A 43 -49.80 24.01 -35.93
C THR A 43 -48.60 24.80 -35.44
N VAL A 44 -48.63 26.11 -35.67
CA VAL A 44 -47.55 27.00 -35.23
C VAL A 44 -48.12 27.80 -34.06
N LEU A 45 -47.91 27.26 -32.85
CA LEU A 45 -48.40 27.93 -31.65
C LEU A 45 -47.67 29.26 -31.43
N THR A 46 -46.36 29.27 -31.63
CA THR A 46 -45.58 30.50 -31.60
C THR A 46 -44.34 30.29 -32.48
N GLU A 47 -43.49 31.31 -32.52
CA GLU A 47 -42.33 31.27 -33.41
C GLU A 47 -41.28 30.26 -32.99
N HIS A 48 -41.39 29.66 -31.80
CA HIS A 48 -40.45 28.65 -31.35
C HIS A 48 -41.10 27.35 -30.92
N LEU A 49 -42.43 27.29 -30.83
CA LEU A 49 -43.16 26.09 -30.43
C LEU A 49 -44.05 25.64 -31.58
N ILE A 50 -43.92 24.37 -31.97
CA ILE A 50 -44.68 23.82 -33.10
C ILE A 50 -45.31 22.51 -32.69
N ARG A 51 -46.62 22.37 -32.92
CA ARG A 51 -47.34 21.14 -32.64
C ARG A 51 -47.46 20.32 -33.92
N ILE A 52 -47.21 19.02 -33.81
CA ILE A 52 -47.27 18.09 -34.94
C ILE A 52 -48.18 16.93 -34.57
N GLU A 53 -49.20 16.70 -35.39
CA GLU A 53 -50.16 15.63 -35.13
C GLU A 53 -50.20 14.68 -36.32
N TYR A 54 -50.26 13.38 -36.03
CA TYR A 54 -50.42 12.36 -37.05
C TYR A 54 -51.55 11.43 -36.62
N SER A 55 -52.54 11.26 -37.51
CA SER A 55 -53.65 10.35 -37.29
C SER A 55 -53.87 9.52 -38.54
N GLU A 56 -53.96 8.20 -38.37
CA GLU A 56 -54.18 7.32 -39.52
C GLU A 56 -55.62 7.41 -40.02
N THR A 57 -56.59 7.47 -39.10
CA THR A 57 -57.99 7.45 -39.50
C THR A 57 -58.36 8.69 -40.30
N GLY A 58 -57.93 9.87 -39.86
CA GLY A 58 -58.23 11.11 -40.56
C GLY A 58 -58.85 12.19 -39.71
N GLU A 59 -59.15 11.94 -38.43
CA GLU A 59 -59.67 12.95 -37.53
C GLU A 59 -58.59 13.34 -36.52
N PHE A 60 -58.53 14.62 -36.20
CA PHE A 60 -57.47 15.18 -35.36
C PHE A 60 -58.03 15.64 -34.04
N GLU A 61 -57.26 15.43 -32.97
CA GLU A 61 -57.71 15.73 -31.63
C GLU A 61 -57.88 17.23 -31.43
N GLU A 62 -58.91 17.59 -30.67
CA GLU A 62 -59.17 18.99 -30.32
C GLU A 62 -59.42 19.19 -28.84
N ARG A 63 -59.87 18.16 -28.11
CA ARG A 63 -60.15 18.26 -26.69
C ARG A 63 -58.85 18.28 -25.88
N MET A 64 -58.98 18.71 -24.62
CA MET A 64 -57.83 18.81 -23.74
CA MET A 64 -57.82 18.81 -23.75
C MET A 64 -57.35 17.42 -23.32
N THR A 65 -56.08 17.34 -22.96
CA THR A 65 -55.43 16.11 -22.54
C THR A 65 -54.98 16.28 -21.09
N GLN A 66 -54.44 15.20 -20.52
CA GLN A 66 -53.90 15.27 -19.16
C GLN A 66 -52.79 16.31 -19.06
N MET A 67 -51.98 16.45 -20.11
CA MET A 67 -50.84 17.36 -20.12
C MET A 67 -51.23 18.76 -20.57
N VAL A 68 -51.81 18.89 -21.76
CA VAL A 68 -52.11 20.19 -22.36
C VAL A 68 -53.47 20.67 -21.90
N GLN A 69 -53.53 21.92 -21.44
CA GLN A 69 -54.78 22.50 -20.95
C GLN A 69 -55.25 23.70 -21.76
N ASN A 70 -54.42 24.26 -22.63
CA ASN A 70 -54.79 25.43 -23.41
C ASN A 70 -53.91 25.53 -24.63
N ARG A 71 -54.52 25.87 -25.77
CA ARG A 71 -53.78 26.05 -27.02
C ARG A 71 -54.13 27.38 -27.68
N GLU A 72 -54.65 28.34 -26.93
CA GLU A 72 -55.05 29.64 -27.48
C GLU A 72 -53.87 30.60 -27.36
N PHE A 73 -52.95 30.51 -28.32
CA PHE A 73 -51.81 31.40 -28.39
C PHE A 73 -52.12 32.56 -29.33
N SER A 74 -51.11 33.37 -29.63
CA SER A 74 -51.27 34.49 -30.54
C SER A 74 -51.02 34.03 -31.97
N GLU A 75 -50.93 34.99 -32.90
CA GLU A 75 -50.67 34.71 -34.30
C GLU A 75 -49.29 35.23 -34.67
N VAL A 76 -48.52 34.41 -35.38
CA VAL A 76 -47.16 34.75 -35.76
C VAL A 76 -47.02 34.64 -37.27
N ASN A 77 -45.84 34.99 -37.77
CA ASN A 77 -45.53 34.98 -39.19
C ASN A 77 -44.80 33.69 -39.54
N PHE A 78 -45.27 33.00 -40.57
CA PHE A 78 -44.63 31.78 -41.05
C PHE A 78 -44.99 31.57 -42.51
N ASP A 79 -44.20 30.75 -43.19
CA ASP A 79 -44.32 30.54 -44.62
C ASP A 79 -44.45 29.06 -44.93
N ILE A 80 -45.09 28.76 -46.06
CA ILE A 80 -45.33 27.38 -46.47
C ILE A 80 -44.86 27.22 -47.91
N ILE A 81 -44.07 26.17 -48.16
CA ILE A 81 -43.63 25.80 -49.50
C ILE A 81 -44.25 24.44 -49.82
N GLU A 82 -44.97 24.38 -50.93
CA GLU A 82 -45.79 23.22 -51.27
C GLU A 82 -45.28 22.58 -52.55
N LYS A 83 -45.00 21.29 -52.49
CA LYS A 83 -44.67 20.47 -53.65
C LYS A 83 -45.77 19.43 -53.84
N GLU A 84 -45.58 18.57 -54.84
CA GLU A 84 -46.57 17.53 -55.11
C GLU A 84 -46.60 16.49 -54.01
N GLU A 85 -45.44 16.17 -53.42
CA GLU A 85 -45.34 15.13 -52.42
C GLU A 85 -44.60 15.53 -51.15
N THR A 86 -44.12 16.77 -51.06
CA THR A 86 -43.37 17.24 -49.90
C THR A 86 -43.88 18.61 -49.48
N ILE A 87 -43.72 18.91 -48.19
CA ILE A 87 -44.11 20.21 -47.64
C ILE A 87 -42.95 20.76 -46.82
N GLU A 88 -42.89 22.09 -46.78
CA GLU A 88 -41.81 22.84 -46.15
C GLU A 88 -42.41 23.96 -45.32
N ILE A 89 -41.96 24.11 -44.08
CA ILE A 89 -42.48 25.12 -43.16
C ILE A 89 -41.34 26.04 -42.75
N ILE A 90 -41.53 27.34 -42.95
CA ILE A 90 -40.54 28.37 -42.64
C ILE A 90 -41.01 29.14 -41.42
N THR A 91 -40.20 29.13 -40.37
CA THR A 91 -40.38 29.99 -39.22
C THR A 91 -39.06 30.73 -38.99
N SER A 92 -39.11 31.81 -38.21
CA SER A 92 -37.94 32.67 -38.04
C SER A 92 -36.76 31.96 -37.37
N THR A 93 -36.98 30.80 -36.75
CA THR A 93 -35.90 30.04 -36.14
C THR A 93 -35.88 28.57 -36.49
N VAL A 94 -36.93 28.01 -37.07
CA VAL A 94 -36.99 26.59 -37.36
C VAL A 94 -37.45 26.39 -38.80
N HIS A 95 -36.98 25.30 -39.42
CA HIS A 95 -37.23 24.97 -40.81
C HIS A 95 -37.63 23.51 -40.89
N LEU A 96 -38.90 23.25 -41.16
CA LEU A 96 -39.47 21.91 -41.09
C LEU A 96 -39.67 21.32 -42.48
N TYR A 97 -39.38 20.03 -42.61
CA TYR A 97 -39.53 19.29 -43.86
C TYR A 97 -40.33 18.02 -43.60
N TYR A 98 -41.38 17.82 -44.38
CA TYR A 98 -42.18 16.59 -44.32
C TYR A 98 -42.30 16.00 -45.71
N ASN A 99 -41.97 14.72 -45.84
CA ASN A 99 -41.94 14.05 -47.14
C ASN A 99 -43.13 13.12 -47.35
N GLY A 100 -44.17 13.24 -46.53
CA GLY A 100 -45.36 12.44 -46.71
C GLY A 100 -45.24 11.05 -46.09
N GLY A 101 -46.38 10.37 -46.03
CA GLY A 101 -46.39 9.04 -45.46
C GLY A 101 -46.24 9.05 -43.94
N GLU A 102 -45.76 7.91 -43.43
CA GLU A 102 -45.56 7.76 -42.00
C GLU A 102 -44.39 8.61 -41.54
N PHE A 103 -44.37 8.92 -40.24
CA PHE A 103 -43.31 9.74 -39.68
C PHE A 103 -42.05 8.90 -39.46
N THR A 104 -40.95 9.33 -40.05
CA THR A 104 -39.66 8.67 -39.92
C THR A 104 -38.58 9.72 -40.05
N ASN A 105 -37.37 9.38 -39.61
CA ASN A 105 -36.26 10.33 -39.69
C ASN A 105 -35.96 10.72 -41.13
N ALA A 106 -36.38 9.93 -42.11
CA ALA A 106 -36.21 10.26 -43.52
C ALA A 106 -37.30 11.18 -44.04
N SER A 107 -38.48 11.18 -43.44
CA SER A 107 -39.61 11.94 -43.94
C SER A 107 -39.81 13.27 -43.20
N LEU A 108 -39.93 13.23 -41.88
CA LEU A 108 -40.14 14.43 -41.08
C LEU A 108 -38.86 14.77 -40.34
N PHE A 109 -38.33 15.96 -40.56
CA PHE A 109 -37.12 16.40 -39.88
C PHE A 109 -37.00 17.91 -40.04
N ALA A 110 -36.02 18.51 -39.37
CA ALA A 110 -36.01 19.97 -39.26
C ALA A 110 -34.61 20.50 -38.98
N ASP A 111 -34.45 21.79 -39.26
CA ASP A 111 -33.24 22.56 -38.98
C ASP A 111 -33.58 23.68 -38.01
N VAL A 112 -32.61 24.05 -37.17
CA VAL A 112 -32.77 25.15 -36.23
C VAL A 112 -31.63 26.13 -36.43
N LYS A 113 -31.95 27.43 -36.43
CA LYS A 113 -31.00 28.50 -36.68
C LYS A 113 -30.87 29.34 -35.42
N PHE A 114 -29.68 29.36 -34.83
CA PHE A 114 -29.41 30.10 -33.61
C PHE A 114 -28.06 30.80 -33.72
N ASN A 115 -27.87 31.82 -32.89
CA ASN A 115 -26.63 32.60 -32.90
C ASN A 115 -25.42 31.75 -32.51
N PHE A 116 -25.56 30.90 -31.50
CA PHE A 116 -24.48 29.98 -31.15
C PHE A 116 -24.40 28.87 -32.17
N SER A 117 -23.22 28.26 -32.27
CA SER A 117 -22.97 27.17 -33.21
C SER A 117 -23.03 25.83 -32.48
N VAL A 118 -23.16 24.76 -33.26
CA VAL A 118 -23.30 23.41 -32.72
C VAL A 118 -22.81 22.42 -33.76
N TYR A 119 -22.32 21.28 -33.28
CA TYR A 119 -21.81 20.23 -34.17
C TYR A 119 -22.93 19.68 -35.06
N SER A 120 -24.13 19.53 -34.51
CA SER A 120 -25.29 19.03 -35.25
C SER A 120 -26.53 19.82 -34.83
N ASN A 121 -27.15 20.50 -35.78
CA ASN A 121 -28.35 21.29 -35.54
C ASN A 121 -29.58 20.73 -36.23
N ARG A 122 -29.60 19.45 -36.56
CA ARG A 122 -30.69 18.85 -37.32
C ARG A 122 -31.46 17.89 -36.44
N TRP A 123 -32.78 18.05 -36.39
CA TRP A 123 -33.65 17.18 -35.62
C TRP A 123 -34.30 16.15 -36.54
N TYR A 124 -34.18 14.87 -36.17
CA TYR A 124 -34.82 13.78 -36.87
C TYR A 124 -35.91 13.18 -35.98
N PHE A 125 -37.04 12.82 -36.57
CA PHE A 125 -38.10 12.15 -35.84
C PHE A 125 -37.61 10.81 -35.33
N GLY A 126 -37.94 10.51 -34.06
CA GLY A 126 -37.58 9.25 -33.45
C GLY A 126 -36.13 9.08 -33.08
N GLU A 127 -35.22 9.88 -33.65
CA GLU A 127 -33.81 9.79 -33.32
C GLU A 127 -33.53 10.58 -32.05
N LYS A 128 -32.93 9.91 -31.06
CA LYS A 128 -32.55 10.59 -29.83
C LYS A 128 -31.47 11.62 -30.10
N SER A 129 -31.63 12.80 -29.50
CA SER A 129 -30.69 13.89 -29.65
C SER A 129 -29.94 14.12 -28.35
N ASP A 130 -28.70 14.58 -28.46
CA ASP A 130 -27.88 14.91 -27.30
C ASP A 130 -28.02 16.38 -26.96
N GLY A 131 -27.42 16.77 -25.83
CA GLY A 131 -27.46 18.14 -25.38
C GLY A 131 -28.59 18.48 -24.43
N ASN A 132 -29.52 17.57 -24.18
CA ASN A 132 -30.62 17.85 -23.28
C ASN A 132 -30.12 18.04 -21.84
N LEU A 133 -30.78 18.93 -21.12
CA LEU A 133 -30.39 19.29 -19.76
C LEU A 133 -31.17 18.53 -18.70
N LYS A 134 -31.99 17.56 -19.10
CA LYS A 134 -32.70 16.64 -18.20
C LYS A 134 -33.78 17.34 -17.38
N GLY A 135 -34.67 16.56 -16.78
CA GLY A 135 -35.75 17.06 -15.97
C GLY A 135 -35.84 16.39 -14.61
N THR A 136 -36.98 15.76 -14.33
CA THR A 136 -37.21 15.05 -13.08
C THR A 136 -37.42 13.56 -13.38
N THR A 137 -37.77 12.80 -12.35
CA THR A 137 -38.09 11.39 -12.47
C THR A 137 -39.44 11.12 -11.82
N ARG A 138 -40.18 10.18 -12.41
CA ARG A 138 -41.45 9.77 -11.81
C ARG A 138 -41.22 9.10 -10.46
N THR A 139 -40.30 8.14 -10.40
CA THR A 139 -39.99 7.44 -9.17
C THR A 139 -38.55 7.74 -8.75
N LEU A 140 -38.37 7.90 -7.45
CA LEU A 140 -37.05 8.15 -6.88
C LEU A 140 -36.29 6.84 -6.76
N ASP A 141 -35.17 6.72 -7.48
CA ASP A 141 -34.52 5.43 -7.62
C ASP A 141 -33.00 5.45 -7.46
N MET A 142 -32.42 6.47 -6.84
CA MET A 142 -30.97 6.48 -6.64
C MET A 142 -30.61 5.60 -5.46
N ILE A 143 -29.55 4.81 -5.60
CA ILE A 143 -29.12 3.94 -4.51
C ILE A 143 -28.47 4.76 -3.39
N ASP A 144 -27.42 5.52 -3.71
CA ASP A 144 -26.81 6.46 -2.77
C ASP A 144 -26.76 7.88 -3.30
N GLY A 145 -26.28 8.05 -4.53
CA GLY A 145 -26.06 9.39 -5.07
C GLY A 145 -26.92 9.73 -6.26
N GLU A 146 -26.33 9.74 -7.45
CA GLU A 146 -27.04 10.18 -8.64
C GLU A 146 -28.04 9.12 -9.10
N CYS A 147 -29.12 9.60 -9.71
CA CYS A 147 -30.16 8.78 -10.30
C CYS A 147 -30.30 9.15 -11.77
N PRO A 148 -30.81 8.24 -12.60
CA PRO A 148 -31.00 8.59 -14.02
C PRO A 148 -32.25 9.45 -14.18
N LEU A 149 -32.04 10.66 -14.69
CA LEU A 149 -33.11 11.64 -14.88
C LEU A 149 -33.75 11.47 -16.25
N GLU A 150 -34.92 12.07 -16.40
CA GLU A 150 -35.65 12.08 -17.66
C GLU A 150 -35.45 13.42 -18.37
N ASP A 151 -35.66 13.41 -19.68
CA ASP A 151 -35.43 14.59 -20.49
C ASP A 151 -36.47 15.67 -20.21
N GLY A 152 -36.05 16.92 -20.35
CA GLY A 152 -36.95 18.06 -20.20
C GLY A 152 -37.13 18.83 -21.49
N ILE A 153 -37.58 20.08 -21.40
CA ILE A 153 -37.80 20.90 -22.59
C ILE A 153 -36.66 21.89 -22.82
N MET A 154 -35.54 21.73 -22.12
CA MET A 154 -34.38 22.60 -22.26
C MET A 154 -33.24 21.80 -22.87
N SER A 155 -32.47 22.43 -23.75
CA SER A 155 -31.34 21.77 -24.37
C SER A 155 -30.27 22.80 -24.70
N LYS A 156 -29.01 22.38 -24.57
CA LYS A 156 -27.90 23.23 -25.00
C LYS A 156 -27.87 23.38 -26.51
N ASN A 157 -28.36 22.37 -27.23
CA ASN A 157 -28.39 22.43 -28.69
C ASN A 157 -29.43 23.42 -29.18
N GLY A 158 -30.56 23.55 -28.47
CA GLY A 158 -31.56 24.54 -28.79
C GLY A 158 -32.96 24.00 -29.03
N PHE A 159 -33.18 22.70 -29.08
CA PHE A 159 -34.50 22.16 -29.37
C PHE A 159 -34.75 20.91 -28.54
N ALA A 160 -36.04 20.65 -28.29
CA ALA A 160 -36.46 19.46 -27.57
C ALA A 160 -37.85 19.08 -28.05
N VAL A 161 -38.23 17.83 -27.81
CA VAL A 161 -39.53 17.30 -28.23
C VAL A 161 -40.26 16.75 -27.01
N LEU A 162 -41.47 17.25 -26.78
CA LEU A 162 -42.34 16.77 -25.72
C LEU A 162 -43.47 15.96 -26.34
N ALA A 163 -43.60 14.71 -25.93
CA ALA A 163 -44.60 13.80 -26.48
C ALA A 163 -45.84 13.81 -25.59
N ASP A 164 -47.00 14.08 -26.21
CA ASP A 164 -48.27 14.08 -25.50
C ASP A 164 -48.83 12.65 -25.51
N LYS A 165 -48.44 11.89 -24.51
CA LYS A 165 -48.80 10.49 -24.38
C LYS A 165 -50.02 10.28 -23.48
N GLY A 166 -50.58 11.35 -22.93
CA GLY A 166 -51.66 11.24 -21.98
C GLY A 166 -52.99 10.80 -22.55
N LYS A 167 -54.07 11.10 -21.83
CA LYS A 167 -55.41 10.67 -22.20
C LYS A 167 -56.33 11.88 -22.29
N VAL A 168 -57.35 11.76 -23.13
CA VAL A 168 -58.21 12.90 -23.42
C VAL A 168 -58.98 13.30 -22.16
N LEU A 169 -59.08 14.60 -21.92
CA LEU A 169 -59.76 15.14 -20.76
C LEU A 169 -60.97 15.96 -21.22
N THR A 170 -62.06 15.87 -20.46
CA THR A 170 -63.28 16.59 -20.81
C THR A 170 -63.21 18.03 -20.32
N GLU A 171 -64.24 18.81 -20.65
CA GLU A 171 -64.30 20.22 -20.25
C GLU A 171 -64.57 20.39 -18.76
N VAL A 172 -64.97 19.33 -18.06
CA VAL A 172 -65.19 19.39 -16.62
C VAL A 172 -64.01 18.81 -15.84
N GLY A 173 -63.21 17.94 -16.44
CA GLY A 173 -62.09 17.33 -15.73
C GLY A 173 -62.23 15.83 -15.59
N ASP A 174 -62.87 15.18 -16.56
CA ASP A 174 -63.06 13.74 -16.55
C ASP A 174 -62.38 13.10 -17.74
N ILE A 175 -61.93 11.86 -17.55
CA ILE A 175 -61.26 11.11 -18.61
C ILE A 175 -62.26 10.77 -19.70
N ALA A 176 -61.88 10.96 -20.96
CA ALA A 176 -62.74 10.67 -22.10
C ALA A 176 -62.14 9.62 -23.03
N GLY A 177 -61.21 8.80 -22.53
CA GLY A 177 -60.65 7.73 -23.33
C GLY A 177 -59.51 8.18 -24.23
N ASN A 178 -59.06 7.24 -25.05
CA ASN A 178 -57.89 7.46 -25.90
C ASN A 178 -58.17 8.53 -26.95
N SER A 179 -57.10 9.18 -27.39
CA SER A 179 -57.19 10.25 -28.38
C SER A 179 -57.29 9.69 -29.79
N VAL A 180 -57.95 10.44 -30.66
CA VAL A 180 -58.07 10.03 -32.06
C VAL A 180 -56.72 10.11 -32.77
N SER A 181 -55.92 11.10 -32.42
CA SER A 181 -54.60 11.26 -33.04
C SER A 181 -53.71 10.07 -32.70
N THR A 182 -53.04 9.53 -33.72
CA THR A 182 -52.12 8.42 -33.47
C THR A 182 -50.93 8.88 -32.63
N ILE A 183 -50.28 9.97 -33.01
CA ILE A 183 -49.18 10.53 -32.25
C ILE A 183 -49.27 12.05 -32.27
N ASP A 184 -48.83 12.68 -31.18
CA ASP A 184 -48.83 14.13 -31.02
C ASP A 184 -47.52 14.55 -30.39
N LEU A 185 -46.90 15.60 -30.95
CA LEU A 185 -45.60 16.05 -30.49
C LEU A 185 -45.59 17.58 -30.41
N TYR A 186 -44.75 18.10 -29.52
CA TYR A 186 -44.53 19.53 -29.39
C TYR A 186 -43.04 19.80 -29.46
N LEU A 187 -42.61 20.50 -30.50
CA LEU A 187 -41.22 20.84 -30.72
C LEU A 187 -40.96 22.24 -30.15
N PHE A 188 -40.08 22.30 -29.16
CA PHE A 188 -39.62 23.55 -28.56
C PHE A 188 -38.27 23.89 -29.17
N ALA A 189 -38.20 25.06 -29.81
CA ALA A 189 -36.99 25.50 -30.52
C ALA A 189 -36.57 26.89 -30.03
N TYR A 190 -36.50 27.04 -28.71
CA TYR A 190 -36.23 28.33 -28.08
C TYR A 190 -34.75 28.64 -27.98
N GLY A 191 -33.87 27.74 -28.43
CA GLY A 191 -32.46 27.97 -28.31
C GLY A 191 -31.98 27.97 -26.87
N ARG A 192 -31.35 29.05 -26.44
CA ARG A 192 -30.88 29.19 -25.07
C ARG A 192 -31.65 30.26 -24.30
N ASP A 193 -32.90 30.49 -24.66
CA ASP A 193 -33.79 31.36 -23.89
C ASP A 193 -34.70 30.44 -23.07
N TYR A 194 -34.19 30.03 -21.91
CA TYR A 194 -34.88 29.03 -21.10
C TYR A 194 -36.07 29.63 -20.35
N ARG A 195 -35.97 30.89 -19.94
CA ARG A 195 -37.08 31.52 -19.22
C ARG A 195 -38.31 31.65 -20.11
N GLN A 196 -38.11 32.06 -21.37
CA GLN A 196 -39.24 32.16 -22.30
C GLN A 196 -39.83 30.78 -22.58
N ALA A 197 -38.98 29.77 -22.70
CA ALA A 197 -39.48 28.42 -22.92
C ALA A 197 -40.34 27.96 -21.74
N LEU A 198 -39.89 28.24 -20.52
CA LEU A 198 -40.68 27.86 -19.35
C LEU A 198 -42.00 28.64 -19.29
N LYS A 199 -41.97 29.92 -19.63
CA LYS A 199 -43.20 30.71 -19.65
C LYS A 199 -44.20 30.15 -20.66
N ASP A 200 -43.72 29.78 -21.86
CA ASP A 200 -44.62 29.23 -22.85
C ASP A 200 -45.10 27.83 -22.48
N PHE A 201 -44.27 27.05 -21.80
CA PHE A 201 -44.72 25.76 -21.28
C PHE A 201 -45.84 25.95 -20.27
N TYR A 202 -45.70 26.95 -19.39
CA TYR A 202 -46.76 27.23 -18.42
C TYR A 202 -48.03 27.73 -19.10
N GLN A 203 -47.86 28.51 -20.17
CA GLN A 203 -49.02 28.93 -20.95
C GLN A 203 -49.72 27.74 -21.59
N LEU A 204 -48.94 26.77 -22.07
CA LEU A 204 -49.53 25.62 -22.75
C LEU A 204 -50.23 24.68 -21.78
N THR A 205 -49.60 24.39 -20.63
CA THR A 205 -50.12 23.39 -19.71
C THR A 205 -50.77 23.96 -18.46
N GLY A 206 -50.81 25.28 -18.31
CA GLY A 206 -51.44 25.88 -17.15
C GLY A 206 -50.46 26.35 -16.10
N ASN A 207 -50.69 27.56 -15.57
CA ASN A 207 -49.82 28.13 -14.57
C ASN A 207 -49.93 27.36 -13.25
N THR A 208 -48.86 27.43 -12.46
CA THR A 208 -48.87 26.84 -11.13
C THR A 208 -49.71 27.70 -10.18
N PRO A 209 -50.62 27.11 -9.42
CA PRO A 209 -51.42 27.90 -8.49
C PRO A 209 -50.60 28.38 -7.30
N LYS A 210 -51.14 29.41 -6.63
CA LYS A 210 -50.48 29.96 -5.46
C LYS A 210 -50.45 28.97 -4.31
N LEU A 211 -49.42 29.06 -3.49
CA LEU A 211 -49.33 28.29 -2.27
C LEU A 211 -49.68 29.16 -1.08
N PRO A 212 -50.24 28.59 -0.02
CA PRO A 212 -50.53 29.38 1.18
C PRO A 212 -49.26 29.72 1.94
N ARG A 213 -49.34 30.76 2.76
CA ARG A 213 -48.17 31.25 3.47
C ARG A 213 -47.64 30.22 4.46
N PHE A 214 -48.53 29.51 5.17
CA PHE A 214 -48.09 28.56 6.18
C PHE A 214 -47.27 27.42 5.58
N ALA A 215 -47.43 27.14 4.28
CA ALA A 215 -46.64 26.11 3.64
C ALA A 215 -45.17 26.48 3.49
N LEU A 216 -44.82 27.74 3.73
CA LEU A 216 -43.44 28.19 3.56
C LEU A 216 -42.66 28.24 4.86
N GLY A 217 -43.20 27.71 5.94
CA GLY A 217 -42.49 27.61 7.20
C GLY A 217 -41.81 26.28 7.38
N ASN A 218 -41.64 25.88 8.64
CA ASN A 218 -41.01 24.62 8.99
C ASN A 218 -42.09 23.57 9.24
N TRP A 219 -41.93 22.41 8.61
CA TRP A 219 -42.83 21.28 8.83
C TRP A 219 -42.15 20.28 9.76
N TRP A 220 -42.92 19.72 10.69
CA TRP A 220 -42.44 18.68 11.59
C TRP A 220 -43.19 17.39 11.30
N SER A 221 -42.45 16.29 11.13
CA SER A 221 -43.09 15.00 10.90
C SER A 221 -42.26 13.90 11.53
N ARG A 222 -42.90 13.07 12.35
CA ARG A 222 -42.24 11.90 12.91
C ARG A 222 -43.21 10.74 12.92
N TYR A 223 -42.73 9.58 12.47
CA TYR A 223 -43.52 8.34 12.50
C TYR A 223 -43.36 7.75 13.90
N TYR A 224 -44.19 8.24 14.81
CA TYR A 224 -44.15 7.83 16.20
C TYR A 224 -45.56 7.66 16.74
N ASP A 225 -45.69 6.87 17.80
CA ASP A 225 -46.97 6.65 18.47
C ASP A 225 -47.21 7.77 19.47
N TYR A 226 -47.54 8.94 18.93
CA TYR A 226 -47.73 10.12 19.77
C TYR A 226 -49.07 10.07 20.49
N SER A 227 -49.07 10.53 21.74
CA SER A 227 -50.28 10.80 22.48
C SER A 227 -50.55 12.30 22.46
N ASP A 228 -51.81 12.68 22.70
CA ASP A 228 -52.19 14.08 22.61
C ASP A 228 -51.38 14.93 23.61
N LYS A 229 -51.28 14.47 24.86
CA LYS A 229 -50.52 15.21 25.85
C LYS A 229 -49.03 15.22 25.52
N SER A 230 -48.50 14.10 25.03
CA SER A 230 -47.09 14.06 24.65
C SER A 230 -46.81 14.95 23.44
N TYR A 231 -47.72 14.98 22.48
CA TYR A 231 -47.56 15.88 21.33
C TYR A 231 -47.59 17.33 21.76
N LEU A 232 -48.52 17.69 22.64
CA LEU A 232 -48.58 19.06 23.14
C LEU A 232 -47.31 19.41 23.92
N ALA A 233 -46.80 18.46 24.70
CA ALA A 233 -45.54 18.70 25.41
C ALA A 233 -44.39 18.92 24.45
N LEU A 234 -44.33 18.15 23.36
CA LEU A 234 -43.28 18.34 22.37
C LEU A 234 -43.39 19.72 21.71
N MET A 235 -44.60 20.14 21.37
CA MET A 235 -44.78 21.47 20.79
C MET A 235 -44.37 22.57 21.76
N ASP A 236 -44.72 22.41 23.04
CA ASP A 236 -44.32 23.40 24.03
C ASP A 236 -42.81 23.42 24.22
N LYS A 237 -42.17 22.25 24.13
CA LYS A 237 -40.71 22.20 24.17
C LYS A 237 -40.09 22.93 22.98
N PHE A 238 -40.68 22.76 21.79
CA PHE A 238 -40.22 23.49 20.61
C PHE A 238 -40.35 24.99 20.84
N THR A 239 -41.47 25.43 21.40
CA THR A 239 -41.66 26.85 21.68
C THR A 239 -40.63 27.34 22.70
N ASP A 240 -40.34 26.54 23.73
CA ASP A 240 -39.41 26.94 24.78
C ASP A 240 -38.00 27.14 24.21
N LYS A 241 -37.62 26.32 23.23
CA LYS A 241 -36.28 26.38 22.64
C LYS A 241 -36.17 27.42 21.54
N LYS A 242 -37.22 28.22 21.31
CA LYS A 242 -37.21 29.30 20.33
C LYS A 242 -37.10 28.76 18.91
N VAL A 243 -37.88 27.74 18.60
CA VAL A 243 -37.92 27.13 17.28
C VAL A 243 -39.32 27.32 16.71
N PRO A 244 -39.49 28.14 15.68
CA PRO A 244 -40.82 28.32 15.09
C PRO A 244 -41.21 27.18 14.16
N LEU A 245 -42.50 26.85 14.17
CA LEU A 245 -43.06 25.81 13.33
C LEU A 245 -44.35 26.32 12.70
N SER A 246 -44.68 25.78 11.54
CA SER A 246 -45.88 26.19 10.83
C SER A 246 -46.89 25.06 10.62
N VAL A 247 -46.42 23.83 10.39
CA VAL A 247 -47.29 22.72 10.06
C VAL A 247 -46.93 21.54 10.97
N SER A 248 -47.96 20.90 11.52
CA SER A 248 -47.80 19.68 12.30
C SER A 248 -48.32 18.51 11.47
N VAL A 249 -47.47 17.53 11.23
CA VAL A 249 -47.82 16.36 10.43
C VAL A 249 -47.93 15.16 11.36
N ILE A 250 -49.10 14.53 11.38
CA ILE A 250 -49.37 13.36 12.19
C ILE A 250 -49.45 12.16 11.28
N ASP A 251 -48.61 11.16 11.53
CA ASP A 251 -48.48 10.01 10.64
C ASP A 251 -49.62 9.03 10.86
N MET A 252 -49.49 7.83 10.30
CA MET A 252 -50.58 6.87 10.22
C MET A 252 -51.02 6.34 11.58
N ASP A 253 -50.25 6.56 12.63
CA ASP A 253 -50.65 6.09 13.95
C ASP A 253 -51.78 6.90 14.56
N TRP A 254 -52.30 7.91 13.86
CA TRP A 254 -53.46 8.64 14.35
C TRP A 254 -54.71 7.79 14.39
N HIS A 255 -54.77 6.73 13.59
CA HIS A 255 -55.93 5.85 13.52
C HIS A 255 -55.60 4.49 14.12
N LYS A 256 -56.59 3.60 14.10
CA LYS A 256 -56.44 2.26 14.67
C LYS A 256 -55.53 1.42 13.78
N VAL A 257 -54.54 0.77 14.39
CA VAL A 257 -53.56 -0.05 13.67
C VAL A 257 -53.59 -1.49 14.15
N SER A 258 -53.32 -1.72 15.43
CA SER A 258 -53.19 -3.07 15.98
C SER A 258 -54.50 -3.63 16.53
N GLU A 259 -55.56 -2.84 16.55
CA GLU A 259 -56.86 -3.27 17.06
C GLU A 259 -57.86 -3.53 15.94
N VAL A 260 -57.40 -3.64 14.70
CA VAL A 260 -58.28 -4.03 13.59
C VAL A 260 -58.69 -5.48 13.78
N PRO A 261 -59.92 -5.86 13.41
CA PRO A 261 -60.32 -7.27 13.54
C PRO A 261 -59.42 -8.19 12.73
N SER A 262 -59.28 -9.43 13.21
CA SER A 262 -58.39 -10.39 12.58
C SER A 262 -58.78 -10.67 11.14
N ARG A 263 -60.07 -10.57 10.83
CA ARG A 263 -60.53 -10.80 9.46
C ARG A 263 -59.87 -9.83 8.48
N PHE A 264 -59.93 -8.54 8.81
CA PHE A 264 -59.39 -7.51 7.93
C PHE A 264 -57.86 -7.57 7.91
N GLY A 265 -57.28 -7.15 6.80
CA GLY A 265 -55.85 -7.31 6.61
C GLY A 265 -55.02 -6.16 7.14
N SER A 266 -54.23 -5.53 6.26
CA SER A 266 -53.35 -4.45 6.67
C SER A 266 -54.13 -3.27 7.21
N GLY A 267 -53.93 -2.96 8.50
CA GLY A 267 -54.62 -1.85 9.11
C GLY A 267 -54.02 -0.50 8.79
N TRP A 268 -53.23 -0.43 7.71
CA TRP A 268 -52.67 0.85 7.28
C TRP A 268 -53.78 1.83 6.91
N THR A 269 -54.81 1.35 6.23
CA THR A 269 -55.96 2.20 5.93
C THR A 269 -56.78 2.42 7.18
N GLY A 270 -57.13 3.67 7.46
CA GLY A 270 -57.93 3.99 8.62
C GLY A 270 -58.58 5.36 8.54
N TYR A 271 -59.81 5.45 9.03
CA TYR A 271 -60.53 6.72 9.10
C TYR A 271 -61.20 6.89 10.46
N SER A 272 -60.76 6.14 11.47
CA SER A 272 -61.32 6.19 12.81
C SER A 272 -60.24 6.63 13.79
N TRP A 273 -60.56 7.61 14.62
CA TRP A 273 -59.60 8.10 15.60
C TRP A 273 -59.28 7.02 16.62
N ASN A 274 -58.02 6.97 17.05
CA ASN A 274 -57.59 6.08 18.13
C ASN A 274 -57.92 6.76 19.45
N LYS A 275 -59.01 6.33 20.09
CA LYS A 275 -59.49 7.02 21.27
C LYS A 275 -58.59 6.79 22.48
N LYS A 276 -57.84 5.68 22.49
CA LYS A 276 -56.91 5.44 23.58
C LYS A 276 -55.80 6.49 23.60
N LEU A 277 -55.28 6.84 22.42
CA LEU A 277 -54.24 7.87 22.31
C LEU A 277 -54.84 9.27 22.18
N PHE A 278 -56.01 9.39 21.57
CA PHE A 278 -56.67 10.67 21.34
C PHE A 278 -58.08 10.60 21.90
N PRO A 279 -58.23 10.73 23.23
CA PRO A 279 -59.59 10.68 23.82
C PRO A 279 -60.53 11.75 23.29
N ASN A 280 -60.02 12.95 23.02
CA ASN A 280 -60.84 14.06 22.53
C ASN A 280 -60.13 14.68 21.32
N PRO A 281 -60.31 14.10 20.13
CA PRO A 281 -59.63 14.67 18.95
C PRO A 281 -59.98 16.12 18.67
N GLU A 282 -61.23 16.51 18.92
CA GLU A 282 -61.63 17.89 18.70
C GLU A 282 -60.83 18.83 19.59
N ASN A 283 -60.67 18.48 20.87
CA ASN A 283 -59.90 19.32 21.78
C ASN A 283 -58.44 19.36 21.39
N PHE A 284 -57.90 18.25 20.90
CA PHE A 284 -56.50 18.23 20.46
C PHE A 284 -56.28 19.16 19.27
N ILE A 285 -57.17 19.10 18.28
CA ILE A 285 -57.05 19.98 17.12
C ILE A 285 -57.26 21.43 17.54
N ASP A 286 -58.17 21.67 18.50
CA ASP A 286 -58.38 23.03 18.98
C ASP A 286 -57.13 23.58 19.68
N GLU A 287 -56.45 22.74 20.46
CA GLU A 287 -55.20 23.15 21.09
C GLU A 287 -54.13 23.44 20.04
N LEU A 288 -54.03 22.58 19.03
CA LEU A 288 -53.04 22.79 17.97
C LEU A 288 -53.31 24.10 17.23
N HIS A 289 -54.57 24.41 16.95
CA HIS A 289 -54.90 25.69 16.33
C HIS A 289 -54.69 26.85 17.28
N GLN A 290 -54.83 26.62 18.59
CA GLN A 290 -54.55 27.66 19.58
C GLN A 290 -53.07 28.00 19.58
N ARG A 291 -52.20 27.03 19.31
CA ARG A 291 -50.79 27.29 19.12
C ARG A 291 -50.47 27.76 17.70
N LYS A 292 -51.49 28.00 16.88
CA LYS A 292 -51.34 28.47 15.50
C LYS A 292 -50.49 27.49 14.69
N LEU A 293 -51.03 26.29 14.54
CA LEU A 293 -50.42 25.24 13.73
C LEU A 293 -51.46 24.69 12.78
N LYS A 294 -51.05 24.41 11.54
CA LYS A 294 -51.92 23.74 10.58
C LYS A 294 -51.69 22.25 10.66
N VAL A 295 -52.77 21.48 10.65
CA VAL A 295 -52.75 20.06 10.96
C VAL A 295 -53.03 19.27 9.69
N THR A 296 -52.26 18.21 9.47
CA THR A 296 -52.50 17.28 8.37
C THR A 296 -52.37 15.86 8.90
N LEU A 297 -53.04 14.94 8.23
CA LEU A 297 -53.05 13.54 8.62
C LEU A 297 -52.64 12.67 7.44
N ASN A 298 -52.02 11.54 7.73
CA ASN A 298 -51.63 10.59 6.71
C ASN A 298 -52.85 9.76 6.32
N ASP A 299 -53.01 9.51 5.02
CA ASP A 299 -54.13 8.73 4.51
C ASP A 299 -53.61 7.61 3.61
N HIS A 300 -54.19 6.43 3.76
CA HIS A 300 -53.79 5.24 3.02
C HIS A 300 -55.04 4.63 2.38
N PRO A 301 -55.45 5.14 1.22
CA PRO A 301 -56.70 4.69 0.60
C PRO A 301 -56.62 3.32 -0.07
N ALA A 302 -55.45 2.68 -0.09
CA ALA A 302 -55.24 1.51 -0.95
C ALA A 302 -56.21 0.38 -0.59
N ASP A 303 -56.41 0.11 0.70
CA ASP A 303 -57.28 -0.99 1.09
C ASP A 303 -58.74 -0.67 0.81
N GLY A 304 -59.27 0.37 1.44
CA GLY A 304 -60.63 0.80 1.22
C GLY A 304 -61.38 0.96 2.53
N ILE A 305 -62.65 1.33 2.39
CA ILE A 305 -63.52 1.59 3.53
C ILE A 305 -64.07 0.27 4.05
N ARG A 306 -63.48 -0.25 5.11
CA ARG A 306 -63.91 -1.53 5.68
C ARG A 306 -65.09 -1.33 6.63
N ALA A 307 -65.69 -2.45 7.03
CA ALA A 307 -66.91 -2.38 7.84
C ALA A 307 -66.66 -1.91 9.27
N PHE A 308 -65.43 -2.03 9.77
CA PHE A 308 -65.13 -1.65 11.14
C PHE A 308 -64.95 -0.15 11.31
N GLU A 309 -64.87 0.61 10.23
CA GLU A 309 -64.71 2.06 10.32
C GLU A 309 -65.93 2.67 11.00
N ASP A 310 -65.70 3.72 11.80
CA ASP A 310 -66.79 4.47 12.39
C ASP A 310 -67.71 5.10 11.35
N PRO A 311 -67.22 5.77 10.30
CA PRO A 311 -68.11 6.31 9.27
C PRO A 311 -68.57 5.30 8.24
N TYR A 312 -68.29 4.01 8.43
CA TYR A 312 -68.69 3.01 7.44
C TYR A 312 -70.18 2.94 7.20
N PRO A 313 -71.07 2.97 8.22
CA PRO A 313 -72.51 2.89 7.92
C PRO A 313 -73.00 3.92 6.92
N GLN A 314 -72.57 5.19 7.07
CA GLN A 314 -73.04 6.23 6.16
C GLN A 314 -72.71 5.90 4.72
N VAL A 315 -71.45 5.53 4.45
CA VAL A 315 -71.04 5.15 3.11
C VAL A 315 -71.86 3.96 2.63
N ALA A 316 -72.21 3.05 3.55
CA ALA A 316 -73.02 1.90 3.18
C ALA A 316 -74.38 2.33 2.63
N GLN A 317 -74.93 3.42 3.18
CA GLN A 317 -76.21 3.91 2.67
C GLN A 317 -76.05 4.61 1.33
N THR A 318 -74.84 5.05 0.99
CA THR A 318 -74.65 5.82 -0.23
C THR A 318 -74.31 4.93 -1.42
N LEU A 319 -73.32 4.04 -1.26
CA LEU A 319 -72.84 3.25 -2.39
C LEU A 319 -73.65 1.98 -2.58
N ASP A 320 -73.62 1.08 -1.60
CA ASP A 320 -74.34 -0.18 -1.69
C ASP A 320 -74.40 -0.86 -0.32
N LEU A 321 -75.61 -1.19 0.13
CA LEU A 321 -75.75 -1.95 1.35
C LEU A 321 -75.25 -3.37 1.16
N ASN A 322 -74.65 -3.92 2.21
CA ASN A 322 -74.21 -5.31 2.17
C ASN A 322 -75.40 -6.25 1.97
N THR A 323 -75.20 -7.26 1.10
CA THR A 323 -76.30 -8.14 0.73
C THR A 323 -76.81 -8.91 1.94
N GLU A 324 -75.98 -9.79 2.50
CA GLU A 324 -76.31 -10.47 3.74
C GLU A 324 -75.35 -10.10 4.86
N LEU A 325 -74.04 -10.35 4.69
CA LEU A 325 -73.03 -9.94 5.66
C LEU A 325 -71.73 -9.73 4.89
N GLU A 326 -71.46 -8.48 4.51
CA GLU A 326 -70.26 -8.13 3.75
C GLU A 326 -69.82 -6.73 4.14
N GLU A 327 -68.92 -6.17 3.35
CA GLU A 327 -68.34 -4.86 3.57
C GLU A 327 -68.27 -4.09 2.25
N ALA A 328 -67.76 -2.86 2.31
CA ALA A 328 -67.81 -1.95 1.17
C ALA A 328 -66.47 -1.23 0.96
N ALA A 329 -65.36 -1.96 0.99
CA ALA A 329 -64.05 -1.38 0.69
C ALA A 329 -63.82 -1.34 -0.82
N LYS A 330 -64.72 -0.65 -1.51
CA LYS A 330 -64.67 -0.56 -2.98
C LYS A 330 -63.95 0.73 -3.38
N PHE A 331 -62.63 0.71 -3.19
CA PHE A 331 -61.78 1.85 -3.56
C PHE A 331 -61.55 1.81 -5.07
N ASP A 332 -62.50 2.36 -5.81
CA ASP A 332 -62.37 2.55 -7.25
C ASP A 332 -62.67 4.03 -7.50
N PHE A 333 -61.62 4.83 -7.66
CA PHE A 333 -61.74 6.28 -7.70
C PHE A 333 -62.25 6.79 -9.04
N ASP A 334 -62.81 5.92 -9.87
CA ASP A 334 -63.40 6.33 -11.14
C ASP A 334 -64.86 6.70 -11.03
N ASN A 335 -65.61 6.05 -10.14
CA ASN A 335 -67.04 6.30 -10.00
C ASN A 335 -67.29 7.66 -9.38
N LEU A 336 -68.26 8.39 -9.93
CA LEU A 336 -68.66 9.67 -9.36
C LEU A 336 -69.23 9.50 -7.96
N LYS A 337 -70.07 8.48 -7.76
CA LYS A 337 -70.71 8.28 -6.46
C LYS A 337 -69.69 7.91 -5.40
N PHE A 338 -68.72 7.07 -5.74
CA PHE A 338 -67.69 6.72 -4.77
C PHE A 338 -66.87 7.94 -4.36
N ARG A 339 -66.50 8.78 -5.33
CA ARG A 339 -65.76 9.99 -5.01
C ARG A 339 -66.57 10.92 -4.13
N LYS A 340 -67.88 11.07 -4.43
CA LYS A 340 -68.73 11.90 -3.59
C LYS A 340 -68.81 11.36 -2.16
N ALA A 341 -68.99 10.05 -2.02
CA ALA A 341 -69.08 9.46 -0.68
C ALA A 341 -67.76 9.60 0.07
N TYR A 342 -66.64 9.43 -0.63
CA TYR A 342 -65.34 9.56 0.00
C TYR A 342 -65.04 11.00 0.40
N PHE A 343 -65.55 11.97 -0.35
CA PHE A 343 -65.30 13.37 -0.06
C PHE A 343 -66.35 14.00 0.84
N GLU A 344 -67.44 13.31 1.16
CA GLU A 344 -68.49 13.88 2.00
C GLU A 344 -68.63 13.19 3.35
N GLU A 345 -68.64 11.86 3.39
CA GLU A 345 -68.84 11.14 4.64
C GLU A 345 -67.55 10.59 5.24
N VAL A 346 -66.47 10.51 4.47
CA VAL A 346 -65.22 9.97 5.01
C VAL A 346 -64.32 11.11 5.46
N HIS A 347 -63.93 11.98 4.52
CA HIS A 347 -63.11 13.13 4.85
C HIS A 347 -63.90 14.26 5.50
N GLY A 348 -65.23 14.28 5.32
CA GLY A 348 -66.06 15.37 5.78
C GLY A 348 -66.04 15.60 7.27
N PRO A 349 -66.39 14.58 8.07
CA PRO A 349 -66.34 14.76 9.54
C PRO A 349 -64.94 15.08 10.06
N LEU A 350 -63.90 14.50 9.49
CA LEU A 350 -62.54 14.81 9.93
C LEU A 350 -62.18 16.26 9.63
N GLU A 351 -62.51 16.74 8.43
CA GLU A 351 -62.26 18.14 8.10
C GLU A 351 -63.13 19.08 8.95
N LYS A 352 -64.29 18.60 9.39
CA LYS A 352 -65.08 19.37 10.34
C LYS A 352 -64.41 19.42 11.72
N GLU A 353 -63.73 18.35 12.10
CA GLU A 353 -62.98 18.35 13.36
C GLU A 353 -61.86 19.38 13.34
N GLY A 354 -61.36 19.74 12.17
CA GLY A 354 -60.37 20.79 12.07
C GLY A 354 -59.14 20.47 11.26
N VAL A 355 -59.15 19.33 10.56
CA VAL A 355 -58.02 18.95 9.71
C VAL A 355 -57.98 19.86 8.49
N ASP A 356 -56.82 20.45 8.22
CA ASP A 356 -56.70 21.44 7.16
C ASP A 356 -56.52 20.79 5.79
N PHE A 357 -55.46 20.00 5.63
CA PHE A 357 -55.18 19.34 4.37
C PHE A 357 -54.75 17.90 4.62
N TRP A 358 -54.65 17.14 3.54
CA TRP A 358 -54.49 15.69 3.60
C TRP A 358 -53.17 15.26 2.97
N TRP A 359 -52.51 14.31 3.62
CA TRP A 359 -51.27 13.71 3.12
C TRP A 359 -51.63 12.36 2.50
N ILE A 360 -51.58 12.29 1.17
CA ILE A 360 -51.93 11.07 0.44
C ILE A 360 -50.65 10.26 0.26
N ASP A 361 -50.54 9.15 0.96
CA ASP A 361 -49.38 8.26 0.87
C ASP A 361 -49.78 7.03 0.08
N TRP A 362 -49.62 7.11 -1.24
CA TRP A 362 -49.99 6.03 -2.15
C TRP A 362 -48.69 5.37 -2.64
N GLN A 363 -48.30 4.29 -1.96
CA GLN A 363 -47.09 3.55 -2.31
C GLN A 363 -47.48 2.28 -3.06
N GLN A 364 -47.84 2.45 -4.33
CA GLN A 364 -48.26 1.36 -5.19
C GLN A 364 -47.62 1.49 -6.56
N GLY A 365 -47.52 0.37 -7.26
CA GLY A 365 -46.86 0.33 -8.54
C GLY A 365 -47.77 0.55 -9.74
N ALA A 366 -48.57 1.61 -9.70
CA ALA A 366 -49.37 2.05 -10.84
C ALA A 366 -50.32 0.95 -11.33
N ILE A 367 -51.26 0.58 -10.48
CA ILE A 367 -52.25 -0.46 -10.81
C ILE A 367 -53.42 0.27 -11.49
N SER A 368 -53.28 0.46 -12.79
CA SER A 368 -54.28 1.16 -13.58
C SER A 368 -55.42 0.21 -13.97
N LYS A 369 -56.65 0.64 -13.73
CA LYS A 369 -57.84 -0.15 -14.02
C LYS A 369 -58.50 0.24 -15.33
N SER A 370 -58.56 1.53 -15.65
CA SER A 370 -59.15 2.02 -16.89
C SER A 370 -58.10 2.63 -17.82
N GLY A 371 -56.85 2.20 -17.69
CA GLY A 371 -55.77 2.76 -18.48
C GLY A 371 -55.23 4.08 -17.98
N VAL A 372 -55.72 4.57 -16.85
CA VAL A 372 -55.28 5.83 -16.26
C VAL A 372 -54.61 5.53 -14.93
N ASP A 373 -53.50 6.19 -14.65
CA ASP A 373 -52.81 6.01 -13.40
C ASP A 373 -53.66 6.52 -12.24
N PRO A 374 -53.95 5.69 -11.23
CA PRO A 374 -54.83 6.15 -10.14
C PRO A 374 -54.27 7.33 -9.36
N LEU A 375 -52.94 7.46 -9.28
CA LEU A 375 -52.34 8.56 -8.54
C LEU A 375 -52.69 9.91 -9.16
N TRP A 376 -52.71 9.97 -10.50
CA TRP A 376 -53.09 11.21 -11.16
C TRP A 376 -54.51 11.62 -10.84
N LEU A 377 -55.44 10.65 -10.86
CA LEU A 377 -56.83 10.96 -10.53
C LEU A 377 -56.96 11.38 -9.07
N LEU A 378 -56.26 10.68 -8.17
CA LEU A 378 -56.27 11.08 -6.76
C LEU A 378 -55.79 12.52 -6.60
N ASN A 379 -54.65 12.85 -7.21
CA ASN A 379 -54.11 14.20 -7.08
C ASN A 379 -55.09 15.23 -7.62
N HIS A 380 -55.61 15.00 -8.82
CA HIS A 380 -56.51 15.96 -9.44
C HIS A 380 -57.74 16.21 -8.58
N TYR A 381 -58.43 15.14 -8.18
CA TYR A 381 -59.70 15.32 -7.49
C TYR A 381 -59.49 15.77 -6.04
N GLN A 382 -58.42 15.29 -5.40
CA GLN A 382 -58.13 15.75 -4.05
C GLN A 382 -57.77 17.23 -4.02
N TYR A 383 -56.99 17.69 -5.00
CA TYR A 383 -56.67 19.11 -5.05
C TYR A 383 -57.91 19.94 -5.38
N GLN A 384 -58.78 19.42 -6.24
CA GLN A 384 -60.04 20.12 -6.51
C GLN A 384 -60.90 20.22 -5.26
N ASN A 385 -60.92 19.16 -4.45
CA ASN A 385 -61.73 19.16 -3.23
C ASN A 385 -61.13 19.98 -2.10
N ALA A 386 -59.81 20.08 -2.03
CA ALA A 386 -59.19 20.79 -0.91
C ALA A 386 -59.47 22.28 -0.93
N GLN A 387 -59.98 22.82 -2.04
CA GLN A 387 -60.15 24.27 -2.16
C GLN A 387 -61.29 24.81 -1.31
N LYS A 388 -62.26 23.99 -0.94
CA LYS A 388 -63.36 24.51 -0.11
C LYS A 388 -62.93 24.70 1.33
N LYS A 389 -61.98 23.89 1.82
CA LYS A 389 -61.54 24.02 3.20
C LYS A 389 -60.83 25.34 3.44
N HIS A 390 -59.85 25.68 2.59
CA HIS A 390 -59.12 26.93 2.70
C HIS A 390 -58.89 27.53 1.32
N LYS A 391 -58.67 28.84 1.28
CA LYS A 391 -58.33 29.50 0.03
C LYS A 391 -56.90 29.15 -0.37
N ASN A 392 -56.76 28.60 -1.58
CA ASN A 392 -55.48 28.16 -2.11
C ASN A 392 -54.83 27.12 -1.21
N ASN A 393 -55.54 26.00 -1.04
CA ASN A 393 -55.05 24.90 -0.23
C ASN A 393 -54.08 24.04 -1.02
N ILE A 394 -53.43 23.11 -0.32
CA ILE A 394 -52.43 22.23 -0.92
C ILE A 394 -52.68 20.80 -0.45
N ILE A 395 -51.95 19.87 -1.05
CA ILE A 395 -51.94 18.47 -0.66
C ILE A 395 -50.50 17.98 -0.65
N LEU A 396 -50.30 16.82 -0.04
CA LEU A 396 -49.05 16.08 -0.15
C LEU A 396 -49.30 14.83 -0.98
N SER A 397 -48.61 14.70 -2.10
CA SER A 397 -48.75 13.55 -2.97
C SER A 397 -47.43 13.34 -3.70
N ARG A 398 -47.46 12.55 -4.77
CA ARG A 398 -46.27 12.21 -5.53
C ARG A 398 -46.39 12.71 -6.96
N TYR A 399 -45.24 12.78 -7.63
CA TYR A 399 -45.18 13.22 -9.02
C TYR A 399 -45.86 12.21 -9.93
N ALA A 400 -46.55 12.72 -10.95
CA ALA A 400 -47.30 11.88 -11.88
C ALA A 400 -47.11 12.36 -13.33
N GLY A 401 -45.87 12.71 -13.69
CA GLY A 401 -45.57 13.10 -15.04
C GLY A 401 -45.89 14.55 -15.32
N PRO A 402 -45.59 15.01 -16.54
CA PRO A 402 -45.93 16.39 -16.92
C PRO A 402 -47.40 16.68 -16.69
N GLY A 403 -47.68 17.90 -16.25
CA GLY A 403 -49.02 18.30 -15.87
C GLY A 403 -49.34 18.14 -14.40
N SER A 404 -48.45 17.53 -13.62
CA SER A 404 -48.63 17.40 -12.19
C SER A 404 -48.32 18.69 -11.44
N HIS A 405 -47.67 19.66 -12.09
CA HIS A 405 -47.32 20.91 -11.42
C HIS A 405 -48.54 21.74 -11.06
N ARG A 406 -49.72 21.39 -11.58
CA ARG A 406 -50.94 22.10 -11.24
C ARG A 406 -51.52 21.70 -9.89
N TYR A 407 -50.99 20.65 -9.26
CA TYR A 407 -51.52 20.12 -8.00
C TYR A 407 -50.40 19.98 -6.98
N PRO A 408 -49.94 21.09 -6.41
CA PRO A 408 -48.94 20.99 -5.33
C PRO A 408 -49.58 20.50 -4.03
N LEU A 409 -48.78 19.91 -3.16
CA LEU A 409 -47.34 19.71 -3.36
C LEU A 409 -47.00 18.26 -3.64
N GLY A 410 -45.82 18.03 -4.18
CA GLY A 410 -45.32 16.67 -4.38
C GLY A 410 -44.03 16.43 -3.65
N PHE A 411 -43.98 15.41 -2.80
CA PHE A 411 -42.78 15.07 -2.06
C PHE A 411 -42.09 13.88 -2.72
N SER A 412 -40.84 13.63 -2.29
CA SER A 412 -40.04 12.57 -2.85
C SER A 412 -39.80 11.43 -1.85
N GLY A 413 -39.20 11.74 -0.70
CA GLY A 413 -38.86 10.72 0.27
C GLY A 413 -37.98 9.63 -0.32
N ASP A 414 -37.83 8.55 0.44
CA ASP A 414 -37.24 7.30 -0.04
C ASP A 414 -35.75 7.50 -0.30
N SER A 415 -35.21 8.63 0.16
CA SER A 415 -33.77 8.86 0.05
C SER A 415 -33.05 8.28 1.25
N VAL A 416 -31.81 7.83 1.03
CA VAL A 416 -31.00 7.26 2.09
C VAL A 416 -30.25 8.39 2.80
N ILE A 417 -29.87 8.16 4.05
CA ILE A 417 -29.20 9.17 4.88
C ILE A 417 -27.70 8.99 4.67
N SER A 418 -27.16 9.67 3.67
CA SER A 418 -25.75 9.55 3.34
C SER A 418 -25.29 10.84 2.68
N TRP A 419 -23.96 10.99 2.60
CA TRP A 419 -23.39 12.18 1.98
C TRP A 419 -23.66 12.23 0.49
N ALA A 420 -23.80 11.07 -0.16
CA ALA A 420 -24.07 11.04 -1.59
C ALA A 420 -25.44 11.63 -1.91
N SER A 421 -26.44 11.35 -1.08
CA SER A 421 -27.77 11.92 -1.29
C SER A 421 -27.73 13.44 -1.15
N LEU A 422 -27.00 13.94 -0.17
CA LEU A 422 -26.83 15.39 -0.02
C LEU A 422 -26.11 15.98 -1.20
N ASP A 423 -25.12 15.26 -1.74
CA ASP A 423 -24.44 15.74 -2.94
C ASP A 423 -25.40 15.83 -4.13
N PHE A 424 -26.31 14.86 -4.25
CA PHE A 424 -27.19 14.82 -5.41
C PHE A 424 -28.35 15.81 -5.31
N GLN A 425 -28.85 16.07 -4.11
CA GLN A 425 -30.14 16.76 -3.98
C GLN A 425 -30.19 18.17 -4.56
N PRO A 426 -29.21 19.06 -4.33
CA PRO A 426 -29.33 20.40 -4.93
C PRO A 426 -29.43 20.39 -6.45
N TYR A 427 -28.68 19.51 -7.10
CA TYR A 427 -28.75 19.40 -8.56
C TYR A 427 -30.13 18.94 -9.01
N PHE A 428 -30.70 17.94 -8.33
CA PHE A 428 -32.03 17.46 -8.66
C PHE A 428 -33.06 18.58 -8.49
N THR A 429 -32.99 19.32 -7.38
CA THR A 429 -33.97 20.37 -7.14
C THR A 429 -33.86 21.48 -8.17
N SER A 430 -32.65 21.89 -8.52
CA SER A 430 -32.49 22.96 -9.50
C SER A 430 -32.86 22.50 -10.90
N THR A 431 -32.56 21.26 -11.25
CA THR A 431 -32.88 20.74 -12.57
C THR A 431 -34.36 20.45 -12.74
N ALA A 432 -35.09 20.30 -11.63
CA ALA A 432 -36.54 20.10 -11.73
C ALA A 432 -37.25 21.22 -12.46
N SER A 433 -36.68 22.43 -12.47
CA SER A 433 -37.31 23.56 -13.15
C SER A 433 -37.37 23.38 -14.66
N ASN A 434 -36.57 22.48 -15.22
CA ASN A 434 -36.57 22.28 -16.67
C ASN A 434 -37.83 21.60 -17.18
N ILE A 435 -38.69 21.11 -16.29
CA ILE A 435 -39.96 20.50 -16.67
C ILE A 435 -41.15 21.14 -15.98
N GLY A 436 -40.95 22.26 -15.28
CA GLY A 436 -42.04 22.98 -14.67
C GLY A 436 -42.42 22.56 -13.27
N TYR A 437 -41.70 21.63 -12.67
CA TYR A 437 -41.99 21.16 -11.31
C TYR A 437 -41.08 21.91 -10.35
N THR A 438 -41.60 22.99 -9.76
CA THR A 438 -40.78 23.92 -9.00
C THR A 438 -41.11 23.93 -7.51
N TRP A 439 -41.84 22.93 -7.01
CA TRP A 439 -42.25 22.91 -5.60
C TRP A 439 -42.00 21.53 -4.99
N TRP A 440 -40.79 21.02 -5.19
CA TRP A 440 -40.40 19.77 -4.55
C TRP A 440 -40.32 19.94 -3.04
N SER A 441 -40.57 18.84 -2.32
CA SER A 441 -40.49 18.81 -0.87
C SER A 441 -39.71 17.56 -0.46
N HIS A 442 -38.42 17.72 -0.22
CA HIS A 442 -37.59 16.60 0.16
C HIS A 442 -37.71 16.29 1.65
N ASP A 443 -37.31 15.07 2.02
CA ASP A 443 -37.29 14.65 3.42
C ASP A 443 -36.05 15.24 4.08
N ILE A 444 -36.24 16.25 4.92
CA ILE A 444 -35.13 16.91 5.59
C ILE A 444 -34.66 16.03 6.74
N GLY A 445 -33.46 15.47 6.61
CA GLY A 445 -32.88 14.52 7.53
C GLY A 445 -32.64 13.16 6.93
N GLY A 446 -33.05 12.92 5.68
CA GLY A 446 -33.07 11.60 5.12
C GLY A 446 -34.34 10.87 5.49
N HIS A 447 -34.55 9.72 4.85
CA HIS A 447 -35.74 8.92 5.10
C HIS A 447 -35.44 7.62 5.82
N MET A 448 -34.58 6.77 5.26
CA MET A 448 -34.35 5.45 5.83
C MET A 448 -32.95 4.99 5.46
N GLN A 449 -32.51 3.93 6.13
CA GLN A 449 -31.16 3.39 5.99
C GLN A 449 -30.11 4.44 6.33
N GLY A 450 -28.87 4.22 5.91
CA GLY A 450 -27.82 5.20 6.11
C GLY A 450 -27.14 5.10 7.46
N TYR A 451 -26.18 6.00 7.66
CA TYR A 451 -25.36 6.05 8.85
C TYR A 451 -25.58 7.37 9.58
N LYS A 452 -25.15 7.40 10.84
CA LYS A 452 -25.30 8.62 11.64
C LYS A 452 -24.12 9.56 11.43
N ASP A 453 -24.43 10.85 11.28
CA ASP A 453 -23.42 11.89 11.30
C ASP A 453 -24.12 13.20 11.62
N ALA A 454 -23.75 13.83 12.74
CA ALA A 454 -24.38 15.09 13.12
C ALA A 454 -24.06 16.19 12.13
N GLU A 455 -22.83 16.21 11.61
CA GLU A 455 -22.45 17.17 10.59
C GLU A 455 -23.28 16.99 9.33
N LEU A 456 -23.57 15.74 8.96
CA LEU A 456 -24.41 15.48 7.80
C LEU A 456 -25.80 16.06 8.02
N SER A 457 -26.37 15.90 9.22
CA SER A 457 -27.67 16.48 9.52
C SER A 457 -27.63 18.00 9.43
N LEU A 458 -26.58 18.63 9.99
CA LEU A 458 -26.50 20.08 9.97
C LEU A 458 -26.38 20.60 8.55
N ARG A 459 -25.52 19.99 7.73
CA ARG A 459 -25.38 20.41 6.34
C ARG A 459 -26.67 20.18 5.57
N TRP A 460 -27.35 19.07 5.84
CA TRP A 460 -28.56 18.74 5.11
C TRP A 460 -29.63 19.80 5.40
N LEU A 461 -29.77 20.18 6.67
CA LEU A 461 -30.73 21.19 7.09
C LEU A 461 -30.36 22.56 6.54
N GLN A 462 -29.07 22.88 6.49
CA GLN A 462 -28.64 24.14 5.89
C GLN A 462 -29.07 24.21 4.42
N PHE A 463 -28.94 23.10 3.70
CA PHE A 463 -29.46 23.06 2.34
C PHE A 463 -30.99 23.21 2.33
N GLY A 464 -31.67 22.53 3.26
CA GLY A 464 -33.12 22.56 3.26
C GLY A 464 -33.73 23.92 3.54
N VAL A 465 -33.06 24.73 4.36
CA VAL A 465 -33.57 26.06 4.66
C VAL A 465 -33.66 26.91 3.40
N PHE A 466 -32.68 26.74 2.49
CA PHE A 466 -32.67 27.46 1.21
C PHE A 466 -33.22 26.60 0.08
N SER A 467 -34.22 25.77 0.36
CA SER A 467 -34.92 24.94 -0.59
C SER A 467 -36.37 25.38 -0.71
N PRO A 468 -37.13 24.85 -1.69
CA PRO A 468 -38.55 25.25 -1.79
C PRO A 468 -39.36 24.98 -0.53
N ILE A 469 -39.26 23.79 0.04
CA ILE A 469 -40.05 23.41 1.21
C ILE A 469 -39.14 22.80 2.26
N ASN A 470 -39.27 23.25 3.49
CA ASN A 470 -38.47 22.78 4.63
C ASN A 470 -39.35 21.90 5.51
N ARG A 471 -39.14 20.58 5.42
CA ARG A 471 -39.96 19.60 6.14
C ARG A 471 -39.04 18.59 6.82
N LEU A 472 -38.84 18.75 8.12
CA LEU A 472 -38.05 17.79 8.89
C LEU A 472 -38.84 16.52 9.11
N HIS A 473 -38.21 15.37 8.84
CA HIS A 473 -38.86 14.07 8.90
C HIS A 473 -38.01 13.10 9.70
N SER A 474 -38.69 12.32 10.55
CA SER A 474 -38.06 11.27 11.34
C SER A 474 -38.90 10.00 11.24
N SER A 475 -38.26 8.85 11.42
CA SER A 475 -38.91 7.56 11.26
C SER A 475 -39.12 6.90 12.62
N LYS A 476 -39.62 5.67 12.60
CA LYS A 476 -39.91 4.92 13.83
C LYS A 476 -38.61 4.33 14.35
N SER A 477 -37.85 5.17 15.06
CA SER A 477 -36.58 4.77 15.66
C SER A 477 -36.17 5.86 16.64
N GLU A 478 -35.69 5.45 17.80
CA GLU A 478 -35.20 6.41 18.79
C GLU A 478 -33.82 6.95 18.43
N PHE A 479 -33.16 6.40 17.41
CA PHE A 479 -31.86 6.86 16.97
C PHE A 479 -31.94 7.84 15.80
N THR A 480 -33.13 8.10 15.26
CA THR A 480 -33.30 8.94 14.08
C THR A 480 -34.03 10.24 14.39
N SER A 481 -34.02 10.67 15.64
CA SER A 481 -34.66 11.93 16.00
C SER A 481 -33.92 13.10 15.38
N LYS A 482 -34.66 14.06 14.82
CA LYS A 482 -34.10 15.25 14.23
C LYS A 482 -34.25 16.48 15.12
N GLU A 483 -34.64 16.29 16.38
CA GLU A 483 -34.80 17.42 17.29
C GLU A 483 -33.45 18.08 17.54
N PRO A 484 -33.41 19.42 17.58
CA PRO A 484 -32.12 20.10 17.81
C PRO A 484 -31.45 19.70 19.11
N TRP A 485 -32.22 19.46 20.17
CA TRP A 485 -31.61 19.11 21.46
C TRP A 485 -31.10 17.69 21.51
N HIS A 486 -31.22 16.92 20.42
CA HIS A 486 -30.68 15.58 20.39
C HIS A 486 -29.19 15.55 20.12
N PHE A 487 -28.60 16.69 19.76
CA PHE A 487 -27.19 16.79 19.45
C PHE A 487 -26.47 17.58 20.54
N ASP A 488 -25.18 17.83 20.34
CA ASP A 488 -24.40 18.62 21.27
C ASP A 488 -24.76 20.10 21.13
N ALA A 489 -24.11 20.95 21.94
CA ALA A 489 -24.51 22.34 22.04
C ALA A 489 -24.30 23.09 20.74
N VAL A 490 -23.16 22.90 20.09
CA VAL A 490 -22.84 23.66 18.89
C VAL A 490 -23.81 23.33 17.76
N ILE A 491 -24.02 22.03 17.51
CA ILE A 491 -24.94 21.61 16.46
C ILE A 491 -26.35 22.09 16.78
N GLU A 492 -26.77 21.97 18.04
CA GLU A 492 -28.11 22.39 18.41
C GLU A 492 -28.32 23.88 18.18
N GLN A 493 -27.34 24.70 18.58
CA GLN A 493 -27.46 26.14 18.39
C GLN A 493 -27.50 26.51 16.90
N SER A 494 -26.66 25.85 16.09
CA SER A 494 -26.68 26.11 14.65
C SER A 494 -28.03 25.74 14.04
N MET A 495 -28.58 24.58 14.44
CA MET A 495 -29.89 24.18 13.92
C MET A 495 -30.97 25.18 14.33
N ILE A 496 -30.94 25.65 15.57
CA ILE A 496 -31.94 26.62 16.01
C ILE A 496 -31.82 27.92 15.23
N ASP A 497 -30.60 28.38 15.01
CA ASP A 497 -30.39 29.61 14.24
C ASP A 497 -30.92 29.47 12.82
N PHE A 498 -30.66 28.35 12.17
CA PHE A 498 -31.11 28.19 10.79
C PHE A 498 -32.63 28.01 10.72
N LEU A 499 -33.22 27.33 11.71
CA LEU A 499 -34.66 27.20 11.73
C LEU A 499 -35.34 28.54 11.95
N GLN A 500 -34.72 29.42 12.73
CA GLN A 500 -35.23 30.79 12.87
C GLN A 500 -35.07 31.57 11.56
N LEU A 501 -33.95 31.37 10.88
CA LEU A 501 -33.73 32.06 9.60
C LEU A 501 -34.76 31.66 8.56
N ARG A 502 -35.19 30.40 8.57
CA ARG A 502 -36.21 29.97 7.62
C ARG A 502 -37.49 30.78 7.77
N HIS A 503 -37.92 31.01 9.01
CA HIS A 503 -39.10 31.85 9.24
C HIS A 503 -38.83 33.32 9.01
N GLN A 504 -37.58 33.76 9.20
CA GLN A 504 -37.22 35.12 8.80
C GLN A 504 -37.37 35.34 7.31
N LEU A 505 -37.14 34.31 6.49
CA LEU A 505 -37.16 34.42 5.04
C LEU A 505 -38.56 34.28 4.43
N ILE A 506 -39.60 34.18 5.26
CA ILE A 506 -40.93 33.86 4.74
C ILE A 506 -41.48 34.93 3.79
N PRO A 507 -41.40 36.24 4.10
CA PRO A 507 -41.93 37.23 3.13
C PRO A 507 -41.26 37.16 1.76
N TYR A 508 -39.95 36.94 1.72
CA TYR A 508 -39.24 36.78 0.45
C TYR A 508 -39.77 35.57 -0.32
N LEU A 509 -39.98 34.45 0.39
CA LEU A 509 -40.49 33.25 -0.25
C LEU A 509 -41.91 33.46 -0.77
N TYR A 510 -42.74 34.18 -0.02
CA TYR A 510 -44.11 34.42 -0.46
C TYR A 510 -44.15 35.34 -1.68
N SER A 511 -43.29 36.35 -1.71
CA SER A 511 -43.21 37.21 -2.89
C SER A 511 -42.75 36.41 -4.11
N ALA A 512 -41.77 35.53 -3.93
CA ALA A 512 -41.35 34.66 -5.02
C ALA A 512 -42.47 33.73 -5.45
N ASN A 513 -43.27 33.26 -4.50
CA ASN A 513 -44.44 32.43 -4.80
C ASN A 513 -45.42 33.17 -5.69
N LEU A 514 -45.74 34.41 -5.33
CA LEU A 514 -46.68 35.20 -6.12
C LEU A 514 -46.12 35.47 -7.51
N ILE A 515 -44.82 35.75 -7.61
CA ILE A 515 -44.20 35.97 -8.92
C ILE A 515 -44.29 34.70 -9.76
N THR A 516 -44.01 33.54 -9.15
CA THR A 516 -44.09 32.28 -9.88
C THR A 516 -45.50 32.00 -10.37
N ALA A 517 -46.49 32.24 -9.52
CA ALA A 517 -47.87 32.00 -9.93
C ALA A 517 -48.33 32.98 -11.00
N SER A 518 -47.81 34.21 -10.98
CA SER A 518 -48.24 35.22 -11.95
C SER A 518 -47.53 35.06 -13.29
N GLU A 519 -46.20 35.19 -13.29
CA GLU A 519 -45.44 35.19 -14.53
C GLU A 519 -44.82 33.84 -14.88
N GLY A 520 -44.59 32.98 -13.90
CA GLY A 520 -43.98 31.69 -14.18
C GLY A 520 -42.47 31.70 -14.05
N ARG A 521 -41.96 32.22 -12.94
CA ARG A 521 -40.54 32.29 -12.66
C ARG A 521 -40.22 31.36 -11.51
N ALA A 522 -39.33 30.39 -11.75
CA ALA A 522 -39.00 29.40 -10.74
C ALA A 522 -38.25 30.05 -9.58
N LEU A 523 -38.57 29.61 -8.36
CA LEU A 523 -37.88 30.10 -7.17
C LEU A 523 -36.42 29.67 -7.18
N VAL A 524 -36.17 28.40 -7.47
CA VAL A 524 -34.82 27.85 -7.56
C VAL A 524 -34.48 27.66 -9.03
N GLU A 525 -33.43 28.31 -9.47
CA GLU A 525 -33.09 28.26 -10.90
C GLU A 525 -31.65 27.84 -11.09
N PRO A 526 -31.37 27.10 -12.16
CA PRO A 526 -29.98 26.80 -12.51
C PRO A 526 -29.24 28.05 -12.94
N LEU A 527 -27.91 27.97 -12.86
CA LEU A 527 -27.07 29.12 -13.20
C LEU A 527 -27.25 29.55 -14.65
N TYR A 528 -27.50 28.60 -15.55
CA TYR A 528 -27.58 28.94 -16.97
C TYR A 528 -28.91 29.55 -17.37
N TYR A 529 -29.83 29.80 -16.43
CA TYR A 529 -31.03 30.56 -16.73
C TYR A 529 -30.72 32.04 -16.85
N GLU A 530 -29.79 32.54 -16.03
CA GLU A 530 -29.40 33.94 -16.04
C GLU A 530 -28.15 34.21 -16.86
N TYR A 531 -27.28 33.22 -17.02
CA TYR A 531 -26.03 33.35 -17.76
C TYR A 531 -25.94 32.21 -18.77
N PRO A 532 -26.79 32.23 -19.80
CA PRO A 532 -26.87 31.07 -20.71
C PRO A 532 -25.71 30.95 -21.66
N MET A 533 -24.92 32.00 -21.88
CA MET A 533 -23.88 32.00 -22.90
C MET A 533 -22.48 31.80 -22.34
N GLU A 534 -22.37 31.37 -21.08
CA GLU A 534 -21.08 31.21 -20.43
C GLU A 534 -20.90 29.75 -20.01
N GLU A 535 -19.72 29.20 -20.28
CA GLU A 535 -19.47 27.78 -20.09
C GLU A 535 -19.50 27.40 -18.62
N GLU A 536 -18.98 28.27 -17.74
CA GLU A 536 -18.93 27.96 -16.31
C GLU A 536 -20.31 27.78 -15.71
N ALA A 537 -21.35 28.36 -16.33
CA ALA A 537 -22.71 28.16 -15.83
C ALA A 537 -23.20 26.75 -16.04
N TYR A 538 -22.49 25.94 -16.82
CA TYR A 538 -22.84 24.54 -17.04
C TYR A 538 -21.90 23.57 -16.32
N GLN A 539 -20.94 24.08 -15.56
CA GLN A 539 -19.94 23.24 -14.90
C GLN A 539 -20.08 23.22 -13.38
N HIS A 540 -21.13 23.84 -12.84
CA HIS A 540 -21.35 23.89 -11.39
C HIS A 540 -22.78 23.43 -11.13
N ARG A 541 -22.93 22.15 -10.81
CA ARG A 541 -24.26 21.54 -10.74
C ARG A 541 -25.02 21.98 -9.50
N ASN A 542 -24.35 22.03 -8.35
CA ASN A 542 -25.01 22.29 -7.08
C ASN A 542 -25.16 23.77 -6.76
N GLN A 543 -24.73 24.65 -7.66
CA GLN A 543 -24.90 26.08 -7.47
C GLN A 543 -26.19 26.53 -8.16
N TYR A 544 -26.97 27.35 -7.48
CA TYR A 544 -28.23 27.80 -8.05
C TYR A 544 -28.58 29.19 -7.56
N LEU A 545 -29.65 29.74 -8.13
CA LEU A 545 -30.18 31.04 -7.76
C LEU A 545 -31.45 30.83 -6.95
N PHE A 546 -31.50 31.44 -5.77
CA PHE A 546 -32.62 31.32 -4.85
C PHE A 546 -33.43 32.61 -4.93
N GLY A 547 -34.54 32.56 -5.66
CA GLY A 547 -35.26 33.78 -5.97
C GLY A 547 -34.56 34.55 -7.07
N GLU A 548 -34.50 35.88 -6.93
CA GLU A 548 -33.85 36.73 -7.91
C GLU A 548 -32.73 37.57 -7.32
N GLN A 549 -32.41 37.38 -6.04
CA GLN A 549 -31.41 38.20 -5.38
C GLN A 549 -30.23 37.43 -4.79
N LEU A 550 -30.38 36.14 -4.50
CA LEU A 550 -29.36 35.37 -3.78
C LEU A 550 -28.86 34.21 -4.62
N MET A 551 -27.58 33.90 -4.46
CA MET A 551 -26.94 32.75 -5.10
C MET A 551 -26.43 31.81 -4.02
N VAL A 552 -26.77 30.53 -4.14
CA VAL A 552 -26.50 29.53 -3.11
C VAL A 552 -25.63 28.43 -3.70
N ALA A 553 -24.57 28.08 -2.96
CA ALA A 553 -23.67 26.97 -3.29
C ALA A 553 -23.46 26.13 -2.04
N PRO A 554 -24.36 25.20 -1.74
CA PRO A 554 -24.27 24.46 -0.48
C PRO A 554 -23.07 23.53 -0.43
N ILE A 555 -22.59 23.32 0.79
CA ILE A 555 -21.47 22.42 1.04
C ILE A 555 -22.01 21.03 1.30
N THR A 556 -21.61 20.07 0.47
CA THR A 556 -22.16 18.72 0.52
C THR A 556 -21.07 17.67 0.70
N GLU A 557 -19.93 18.06 1.26
CA GLU A 557 -18.84 17.14 1.53
C GLU A 557 -18.38 17.29 2.97
N LYS A 558 -17.81 16.21 3.50
CA LYS A 558 -17.39 16.19 4.89
C LYS A 558 -16.23 17.16 5.14
N MET A 559 -16.20 17.70 6.36
CA MET A 559 -15.20 18.67 6.75
C MET A 559 -13.79 18.08 6.73
N ASN A 560 -12.83 18.92 6.42
CA ASN A 560 -11.41 18.56 6.50
C ASN A 560 -10.97 18.68 7.95
N SER A 561 -10.55 17.55 8.55
CA SER A 561 -10.25 17.54 9.97
C SER A 561 -9.06 18.43 10.31
N LEU A 562 -8.12 18.57 9.37
CA LEU A 562 -6.96 19.43 9.62
C LEU A 562 -7.37 20.90 9.72
N LEU A 563 -8.20 21.37 8.80
CA LEU A 563 -8.64 22.76 8.78
C LEU A 563 -9.89 23.01 9.62
N GLN A 564 -10.63 21.96 9.97
CA GLN A 564 -11.92 22.09 10.65
C GLN A 564 -12.90 22.94 9.84
N MET A 565 -12.88 22.76 8.52
CA MET A 565 -13.70 23.56 7.63
C MET A 565 -14.02 22.75 6.38
N GLY A 566 -15.28 22.79 5.95
CA GLY A 566 -15.65 22.24 4.67
C GLY A 566 -15.44 23.23 3.55
N SER A 567 -15.51 22.75 2.32
CA SER A 567 -15.17 23.56 1.16
C SER A 567 -16.15 23.29 0.03
N VAL A 568 -16.21 24.25 -0.89
CA VAL A 568 -17.02 24.10 -2.10
C VAL A 568 -16.46 25.02 -3.18
N GLU A 569 -16.54 24.56 -4.43
CA GLU A 569 -16.07 25.33 -5.58
C GLU A 569 -17.21 26.18 -6.10
N VAL A 570 -16.98 27.50 -6.17
CA VAL A 570 -18.02 28.48 -6.50
C VAL A 570 -17.54 29.30 -7.68
N TRP A 571 -18.44 29.52 -8.64
CA TRP A 571 -18.18 30.39 -9.77
C TRP A 571 -18.88 31.72 -9.54
N PHE A 572 -18.13 32.81 -9.61
CA PHE A 572 -18.66 34.16 -9.44
C PHE A 572 -18.72 34.84 -10.79
N PRO A 573 -19.91 35.23 -11.25
CA PRO A 573 -20.01 36.01 -12.50
C PRO A 573 -19.50 37.43 -12.34
N GLU A 574 -19.62 38.22 -13.40
CA GLU A 574 -19.11 39.60 -13.37
C GLU A 574 -19.84 40.42 -12.31
N GLY A 575 -19.07 41.24 -11.59
CA GLY A 575 -19.60 42.11 -10.56
C GLY A 575 -18.97 41.81 -9.21
N THR A 576 -19.47 42.54 -8.21
CA THR A 576 -19.03 42.37 -6.83
C THR A 576 -20.08 41.59 -6.05
N TRP A 577 -19.64 40.56 -5.34
CA TRP A 577 -20.52 39.74 -4.52
C TRP A 577 -20.07 39.79 -3.08
N TYR A 578 -21.03 39.73 -2.16
CA TYR A 578 -20.76 39.72 -0.73
C TYR A 578 -21.40 38.49 -0.12
N ASP A 579 -20.72 37.89 0.85
CA ASP A 579 -21.33 36.85 1.64
C ASP A 579 -22.53 37.40 2.41
N PHE A 580 -23.63 36.67 2.35
CA PHE A 580 -24.88 37.16 2.96
C PHE A 580 -24.76 37.29 4.47
N PHE A 581 -23.88 36.51 5.10
CA PHE A 581 -23.78 36.47 6.55
C PHE A 581 -22.61 37.27 7.10
N SER A 582 -21.43 37.17 6.50
CA SER A 582 -20.24 37.84 7.04
C SER A 582 -19.88 39.13 6.30
N GLY A 583 -20.31 39.29 5.06
CA GLY A 583 -19.95 40.48 4.31
C GLY A 583 -18.62 40.41 3.61
N GLN A 584 -18.06 39.22 3.46
CA GLN A 584 -16.79 39.07 2.77
C GLN A 584 -16.95 39.36 1.29
N PRO A 585 -16.14 40.25 0.71
CA PRO A 585 -16.33 40.64 -0.68
C PRO A 585 -15.65 39.70 -1.66
N TYR A 586 -16.25 39.59 -2.85
CA TYR A 586 -15.73 38.79 -3.93
C TYR A 586 -15.82 39.57 -5.23
N ASP A 587 -14.81 39.41 -6.07
CA ASP A 587 -14.67 40.22 -7.28
C ASP A 587 -15.41 39.55 -8.44
N GLY A 588 -15.13 39.99 -9.66
CA GLY A 588 -15.87 39.58 -10.85
C GLY A 588 -15.68 38.14 -11.26
N LYS A 589 -15.78 37.86 -12.55
CA LYS A 589 -15.78 36.50 -13.07
C LYS A 589 -14.56 35.72 -12.61
N VAL A 590 -14.76 34.71 -11.75
CA VAL A 590 -13.66 33.92 -11.21
C VAL A 590 -14.20 32.63 -10.60
N SER A 591 -13.41 31.57 -10.68
CA SER A 591 -13.73 30.31 -10.01
C SER A 591 -12.86 30.19 -8.77
N LEU A 592 -13.49 29.98 -7.61
CA LEU A 592 -12.78 30.02 -6.35
C LEU A 592 -13.27 28.91 -5.43
N LYS A 593 -12.35 28.31 -4.69
CA LYS A 593 -12.68 27.33 -3.67
C LYS A 593 -12.86 28.06 -2.34
N VAL A 594 -14.08 28.03 -1.80
CA VAL A 594 -14.39 28.75 -0.56
C VAL A 594 -14.55 27.74 0.56
N TYR A 595 -14.20 28.18 1.77
CA TYR A 595 -14.19 27.33 2.96
C TYR A 595 -15.08 27.94 4.03
N ARG A 596 -15.92 27.09 4.64
CA ARG A 596 -16.82 27.50 5.70
C ARG A 596 -16.80 26.46 6.81
N GLU A 597 -16.97 26.93 8.04
CA GLU A 597 -17.17 26.04 9.17
C GLU A 597 -18.56 25.40 9.10
N ILE A 598 -18.76 24.37 9.92
CA ILE A 598 -20.03 23.64 9.88
C ILE A 598 -21.21 24.51 10.29
N THR A 599 -20.95 25.59 11.03
CA THR A 599 -21.99 26.51 11.44
C THR A 599 -22.20 27.66 10.46
N GLU A 600 -21.52 27.64 9.31
CA GLU A 600 -21.63 28.69 8.32
C GLU A 600 -22.01 28.07 6.97
N MET A 601 -22.66 28.86 6.13
CA MET A 601 -23.11 28.40 4.83
C MET A 601 -22.77 29.45 3.77
N PRO A 602 -22.38 29.02 2.56
CA PRO A 602 -22.10 29.98 1.48
C PRO A 602 -23.37 30.45 0.80
N VAL A 603 -23.73 31.71 1.05
CA VAL A 603 -24.83 32.39 0.37
C VAL A 603 -24.33 33.78 -0.01
N PHE A 604 -24.54 34.17 -1.27
CA PHE A 604 -23.97 35.40 -1.78
C PHE A 604 -25.03 36.30 -2.38
N ALA A 605 -24.81 37.61 -2.23
CA ALA A 605 -25.66 38.63 -2.83
C ALA A 605 -24.78 39.63 -3.56
N LYS A 606 -25.20 40.04 -4.75
CA LYS A 606 -24.39 40.98 -5.50
C LYS A 606 -24.66 42.40 -5.04
N ALA A 607 -23.73 43.30 -5.37
CA ALA A 607 -23.82 44.68 -4.93
C ALA A 607 -25.08 45.34 -5.48
N GLY A 608 -25.84 45.98 -4.59
CA GLY A 608 -27.11 46.57 -4.93
C GLY A 608 -28.32 45.73 -4.57
N ALA A 609 -28.12 44.53 -4.03
CA ALA A 609 -29.25 43.68 -3.69
C ALA A 609 -30.01 44.24 -2.49
N ILE A 610 -31.33 44.05 -2.50
CA ILE A 610 -32.21 44.46 -1.41
C ILE A 610 -32.98 43.24 -0.96
N ILE A 611 -32.85 42.89 0.32
CA ILE A 611 -33.47 41.69 0.88
C ILE A 611 -34.45 42.12 1.98
N PRO A 612 -35.71 41.71 1.91
CA PRO A 612 -36.61 41.91 3.05
C PRO A 612 -36.60 40.72 4.00
N LEU A 613 -36.62 41.01 5.29
CA LEU A 613 -36.61 39.99 6.33
C LEU A 613 -37.64 40.31 7.39
N ASP A 614 -38.22 39.27 7.97
CA ASP A 614 -39.13 39.42 9.10
C ASP A 614 -38.34 39.69 10.37
N LYS A 615 -38.75 40.70 11.12
CA LYS A 615 -38.00 41.08 12.32
C LYS A 615 -38.36 40.19 13.51
N ASN A 616 -39.55 39.60 13.51
CA ASN A 616 -40.02 38.77 14.62
C ASN A 616 -40.44 37.40 14.08
N PRO A 617 -39.48 36.54 13.75
CA PRO A 617 -39.83 35.20 13.28
C PRO A 617 -40.55 34.36 14.32
N LEU A 618 -40.24 34.56 15.61
CA LEU A 618 -40.87 33.75 16.65
C LEU A 618 -42.36 34.07 16.77
N LYS A 619 -42.72 35.34 16.64
CA LYS A 619 -44.13 35.72 16.63
C LYS A 619 -44.81 35.15 15.39
N LYS A 620 -46.02 34.64 15.56
CA LYS A 620 -46.78 34.05 14.47
C LYS A 620 -47.83 35.07 14.02
N GLU A 621 -47.56 35.73 12.90
CA GLU A 621 -48.43 36.75 12.36
C GLU A 621 -48.74 36.45 10.90
N GLU A 622 -50.01 36.61 10.53
CA GLU A 622 -50.40 36.39 9.13
C GLU A 622 -49.66 37.36 8.21
N ILE A 623 -49.45 38.59 8.65
CA ILE A 623 -48.58 39.53 7.97
C ILE A 623 -47.63 40.12 8.99
N PRO A 624 -46.34 40.25 8.68
CA PRO A 624 -45.40 40.80 9.67
C PRO A 624 -45.72 42.25 10.00
N SER A 625 -45.50 42.62 11.26
CA SER A 625 -45.74 43.98 11.72
C SER A 625 -44.54 44.89 11.49
N GLU A 626 -43.36 44.33 11.21
CA GLU A 626 -42.19 45.13 10.93
C GLU A 626 -41.24 44.34 10.03
N ILE A 627 -40.59 45.03 9.10
CA ILE A 627 -39.76 44.42 8.08
C ILE A 627 -38.40 45.09 8.10
N ILE A 628 -37.34 44.29 8.07
CA ILE A 628 -35.97 44.79 7.96
C ILE A 628 -35.56 44.73 6.50
N TRP A 629 -35.00 45.83 5.99
CA TRP A 629 -34.48 45.89 4.63
C TRP A 629 -32.97 45.86 4.70
N LYS A 630 -32.36 44.86 4.07
CA LYS A 630 -30.92 44.70 4.03
C LYS A 630 -30.43 45.11 2.64
N ILE A 631 -29.49 46.06 2.61
CA ILE A 631 -28.99 46.65 1.38
C ILE A 631 -27.50 46.39 1.27
N PHE A 632 -27.07 45.90 0.12
CA PHE A 632 -25.64 45.68 -0.13
C PHE A 632 -25.13 46.82 -0.99
N PRO A 633 -24.20 47.64 -0.49
CA PRO A 633 -23.79 48.83 -1.25
C PRO A 633 -22.99 48.46 -2.50
N GLY A 634 -23.06 49.34 -3.49
CA GLY A 634 -22.25 49.17 -4.68
C GLY A 634 -22.91 49.56 -5.99
N ALA A 635 -24.24 49.48 -6.05
CA ALA A 635 -24.96 49.77 -7.29
C ALA A 635 -26.42 50.07 -6.96
N ASP A 636 -27.19 50.35 -8.00
CA ASP A 636 -28.62 50.59 -7.85
C ASP A 636 -29.34 49.30 -7.50
N GLY A 637 -30.46 49.45 -6.81
CA GLY A 637 -31.18 48.30 -6.28
C GLY A 637 -32.68 48.43 -6.50
N GLU A 638 -33.31 47.27 -6.66
CA GLU A 638 -34.71 47.16 -7.03
C GLU A 638 -35.33 46.03 -6.23
N TYR A 639 -36.51 46.26 -5.64
CA TYR A 639 -37.26 45.14 -5.12
C TYR A 639 -38.75 45.49 -5.02
N LEU A 640 -39.58 44.46 -5.16
CA LEU A 640 -41.03 44.61 -5.12
C LEU A 640 -41.58 43.48 -4.25
N LEU A 641 -41.95 43.82 -3.02
CA LEU A 641 -42.51 42.84 -2.08
C LEU A 641 -44.00 42.72 -2.30
N LEU A 642 -44.45 41.54 -2.73
CA LEU A 642 -45.85 41.26 -2.99
C LEU A 642 -46.46 40.52 -1.81
N GLU A 643 -47.63 40.98 -1.37
CA GLU A 643 -48.36 40.36 -0.29
C GLU A 643 -49.76 39.97 -0.78
N GLU A 644 -50.60 39.53 0.15
CA GLU A 644 -51.95 39.13 -0.21
C GLU A 644 -52.76 40.29 -0.77
N ASP A 645 -52.69 41.45 -0.13
CA ASP A 645 -53.44 42.62 -0.56
C ASP A 645 -52.59 43.88 -0.46
N ASN A 646 -51.31 43.79 -0.82
CA ASN A 646 -50.44 44.95 -0.76
C ASN A 646 -49.25 44.73 -1.67
N GLU A 647 -48.57 45.83 -2.01
CA GLU A 647 -47.37 45.81 -2.83
C GLU A 647 -46.45 46.91 -2.35
N THR A 648 -45.27 46.56 -1.86
CA THR A 648 -44.30 47.51 -1.35
C THR A 648 -43.12 47.61 -2.30
N LYS A 649 -42.80 48.82 -2.74
CA LYS A 649 -41.73 49.06 -3.69
C LYS A 649 -40.52 49.64 -2.97
N ALA A 650 -39.35 49.03 -3.17
CA ALA A 650 -38.10 49.48 -2.59
C ALA A 650 -37.14 49.85 -3.71
N GLU A 651 -36.72 51.11 -3.73
CA GLU A 651 -35.81 51.66 -4.73
C GLU A 651 -34.50 52.05 -4.04
N PHE A 652 -33.38 51.87 -4.74
CA PHE A 652 -32.09 52.32 -4.25
C PHE A 652 -31.35 52.95 -5.44
N VAL A 653 -31.54 54.25 -5.62
CA VAL A 653 -31.00 54.97 -6.78
C VAL A 653 -30.13 56.10 -6.30
N ASN A 654 -28.87 56.12 -6.77
CA ASN A 654 -27.92 57.19 -6.50
C ASN A 654 -27.75 57.43 -4.99
N GLY A 655 -27.65 56.34 -4.23
CA GLY A 655 -27.49 56.46 -2.80
C GLY A 655 -28.73 56.86 -2.04
N ILE A 656 -29.88 56.91 -2.71
CA ILE A 656 -31.15 57.28 -2.09
C ILE A 656 -32.02 56.04 -2.03
N PHE A 657 -32.48 55.70 -0.83
CA PHE A 657 -33.32 54.53 -0.60
C PHE A 657 -34.74 55.00 -0.33
N THR A 658 -35.69 54.49 -1.11
CA THR A 658 -37.08 54.90 -1.02
C THR A 658 -37.96 53.68 -0.84
N VAL A 659 -38.87 53.74 0.13
CA VAL A 659 -39.87 52.70 0.33
C VAL A 659 -41.25 53.34 0.14
N THR A 660 -42.05 52.74 -0.74
CA THR A 660 -43.41 53.20 -0.98
C THR A 660 -44.37 52.03 -0.86
N SER A 661 -45.61 52.34 -0.49
CA SER A 661 -46.65 51.33 -0.28
C SER A 661 -47.85 51.64 -1.17
N LYS A 662 -48.47 50.59 -1.70
CA LYS A 662 -49.65 50.77 -2.54
C LYS A 662 -50.88 51.10 -1.70
N LYS A 663 -50.96 50.58 -0.48
CA LYS A 663 -52.09 50.82 0.40
C LYS A 663 -51.59 51.28 1.76
N GLU A 664 -52.52 51.81 2.55
CA GLU A 664 -52.20 52.24 3.91
C GLU A 664 -51.86 51.03 4.78
N SER A 665 -50.89 51.21 5.67
CA SER A 665 -50.45 50.13 6.53
C SER A 665 -49.81 50.70 7.79
N SER A 666 -49.80 49.89 8.84
CA SER A 666 -49.18 50.25 10.11
C SER A 666 -47.81 49.61 10.29
N ARG A 667 -47.24 49.04 9.23
CA ARG A 667 -45.97 48.35 9.32
C ARG A 667 -44.83 49.32 9.57
N LYS A 668 -43.88 48.90 10.40
CA LYS A 668 -42.67 49.66 10.65
C LYS A 668 -41.51 49.08 9.84
N HIS A 669 -40.56 49.94 9.49
CA HIS A 669 -39.45 49.57 8.62
C HIS A 669 -38.13 49.87 9.31
N THR A 670 -37.23 48.89 9.28
CA THR A 670 -35.87 49.04 9.78
C THR A 670 -34.92 48.85 8.60
N ILE A 671 -33.86 49.66 8.57
CA ILE A 671 -32.93 49.67 7.45
C ILE A 671 -31.56 49.21 7.93
N ILE A 672 -30.96 48.26 7.21
CA ILE A 672 -29.59 47.83 7.43
C ILE A 672 -28.79 48.16 6.18
N TYR A 673 -27.76 48.97 6.34
CA TYR A 673 -26.86 49.33 5.25
C TYR A 673 -25.52 48.69 5.56
N GLY A 674 -25.18 47.65 4.79
CA GLY A 674 -24.04 46.84 5.13
C GLY A 674 -24.33 46.03 6.38
N GLU A 675 -23.68 46.38 7.49
CA GLU A 675 -23.97 45.77 8.78
C GLU A 675 -24.54 46.74 9.81
N HIS A 676 -24.47 48.05 9.54
CA HIS A 676 -24.89 49.05 10.52
C HIS A 676 -26.35 49.39 10.34
N GLU A 677 -27.06 49.50 11.47
CA GLU A 677 -28.45 49.94 11.46
C GLU A 677 -28.53 51.41 11.10
N ILE A 678 -29.45 51.75 10.20
CA ILE A 678 -29.61 53.14 9.75
C ILE A 678 -30.75 53.79 10.51
N VAL A 679 -31.96 53.26 10.32
CA VAL A 679 -33.14 53.73 11.04
C VAL A 679 -33.91 52.51 11.53
N SER A 680 -34.44 52.62 12.75
CA SER A 680 -35.13 51.51 13.41
C SER A 680 -36.60 51.89 13.62
N ALA A 681 -37.49 51.01 13.20
CA ALA A 681 -38.94 51.16 13.39
C ALA A 681 -39.44 52.50 12.84
N LYS A 682 -39.06 52.77 11.59
CA LYS A 682 -39.59 53.92 10.87
C LYS A 682 -41.00 53.58 10.37
N ARG A 683 -41.89 54.56 10.42
CA ARG A 683 -43.31 54.35 10.14
C ARG A 683 -43.68 55.03 8.83
N GLY A 684 -44.41 54.33 7.99
CA GLY A 684 -44.91 54.88 6.74
C GLY A 684 -43.86 54.86 5.64
N GLU A 685 -44.35 55.09 4.41
CA GLU A 685 -43.47 55.17 3.26
C GLU A 685 -42.57 56.40 3.35
N PHE A 686 -41.30 56.24 3.01
CA PHE A 686 -40.32 57.29 3.27
C PHE A 686 -39.19 57.22 2.25
N SER A 687 -38.28 58.18 2.37
CA SER A 687 -37.05 58.23 1.59
C SER A 687 -35.91 58.64 2.51
N ILE A 688 -34.69 58.21 2.16
CA ILE A 688 -33.53 58.47 3.00
C ILE A 688 -32.29 58.49 2.12
N ASP A 689 -31.28 59.24 2.57
CA ASP A 689 -30.01 59.36 1.87
C ASP A 689 -28.95 58.56 2.61
N LEU A 690 -28.25 57.68 1.89
CA LEU A 690 -27.22 56.83 2.47
C LEU A 690 -25.84 57.09 1.87
N ASN A 691 -25.63 58.27 1.29
CA ASN A 691 -24.33 58.57 0.68
C ASN A 691 -23.24 58.74 1.73
N GLY A 692 -23.57 59.36 2.86
CA GLY A 692 -22.59 59.64 3.89
C GLY A 692 -22.30 58.51 4.85
N LYS A 693 -23.02 57.39 4.75
CA LYS A 693 -22.84 56.29 5.68
C LYS A 693 -21.65 55.43 5.28
N GLU A 694 -21.40 54.38 6.05
CA GLU A 694 -20.26 53.49 5.84
C GLU A 694 -20.71 52.34 4.94
N GLU A 695 -20.20 52.32 3.70
CA GLU A 695 -20.54 51.26 2.77
C GLU A 695 -19.93 49.92 3.17
N ASN A 696 -18.76 49.94 3.81
CA ASN A 696 -18.07 48.71 4.14
C ASN A 696 -18.82 47.92 5.20
N PHE A 697 -18.56 46.61 5.23
CA PHE A 697 -19.11 45.71 6.22
C PHE A 697 -18.14 45.62 7.40
N ASP A 698 -18.39 44.68 8.31
CA ASP A 698 -17.52 44.45 9.44
C ASP A 698 -16.36 43.50 9.13
N TRP A 699 -16.32 42.94 7.93
CA TRP A 699 -15.28 41.99 7.56
C TRP A 699 -13.96 42.71 7.31
N ASN A 700 -12.88 42.18 7.88
CA ASN A 700 -11.53 42.63 7.58
C ASN A 700 -10.61 41.42 7.53
N PHE A 701 -9.48 41.59 6.82
CA PHE A 701 -8.60 40.47 6.53
C PHE A 701 -7.97 39.91 7.80
N SER A 702 -7.57 40.78 8.74
CA SER A 702 -6.79 40.34 9.89
C SER A 702 -7.58 39.42 10.81
N THR A 703 -8.80 39.82 11.16
CA THR A 703 -9.61 39.00 12.07
C THR A 703 -9.98 37.68 11.43
N ALA A 704 -10.34 37.69 10.14
CA ALA A 704 -10.66 36.45 9.45
C ALA A 704 -9.46 35.53 9.37
N LEU A 705 -8.28 36.08 9.10
CA LEU A 705 -7.06 35.27 9.05
C LEU A 705 -6.75 34.66 10.42
N PHE A 706 -6.89 35.46 11.48
CA PHE A 706 -6.64 34.94 12.82
C PHE A 706 -7.62 33.83 13.16
N ARG A 707 -8.90 34.02 12.81
CA ARG A 707 -9.89 32.99 13.10
C ARG A 707 -9.60 31.70 12.33
N ARG A 708 -9.21 31.82 11.06
CA ARG A 708 -8.92 30.62 10.28
C ARG A 708 -7.69 29.90 10.81
N LEU A 709 -6.65 30.65 11.21
CA LEU A 709 -5.47 30.01 11.78
C LEU A 709 -5.69 29.48 13.18
N ASP A 710 -6.69 29.99 13.89
CA ASP A 710 -6.90 29.60 15.29
C ASP A 710 -7.51 28.21 15.39
N ILE A 711 -8.31 27.81 14.41
CA ILE A 711 -9.02 26.53 14.49
C ILE A 711 -8.31 25.43 13.71
N ALA A 712 -7.20 25.72 13.05
CA ALA A 712 -6.47 24.70 12.29
C ALA A 712 -5.62 23.85 13.23
N GLU A 713 -5.58 22.55 12.96
CA GLU A 713 -4.83 21.61 13.78
C GLU A 713 -3.43 21.44 13.22
N ILE A 714 -2.66 22.52 13.29
CA ILE A 714 -1.29 22.53 12.81
C ILE A 714 -0.37 23.01 13.93
N SER A 715 0.93 23.04 13.66
CA SER A 715 1.90 23.45 14.68
C SER A 715 1.77 24.94 14.97
N TYR A 716 2.08 25.31 16.21
CA TYR A 716 1.93 26.70 16.63
C TYR A 716 2.91 27.62 15.89
N GLU A 717 4.16 27.18 15.74
CA GLU A 717 5.15 28.01 15.07
C GLU A 717 4.72 28.34 13.65
N GLN A 718 4.08 27.39 12.96
CA GLN A 718 3.54 27.67 11.63
C GLN A 718 2.49 28.77 11.68
N LYS A 719 1.61 28.72 12.68
CA LYS A 719 0.57 29.74 12.80
C LYS A 719 1.17 31.12 13.02
N ASP A 720 2.12 31.23 13.96
CA ASP A 720 2.74 32.53 14.20
C ASP A 720 3.53 33.02 13.00
N GLU A 721 4.23 32.12 12.30
CA GLU A 721 4.98 32.54 11.13
C GLU A 721 4.05 33.06 10.04
N ILE A 722 2.95 32.35 9.79
CA ILE A 722 2.01 32.77 8.75
C ILE A 722 1.40 34.12 9.10
N LEU A 723 0.96 34.26 10.36
CA LEU A 723 0.33 35.51 10.78
C LEU A 723 1.30 36.68 10.65
N GLN A 724 2.52 36.51 11.17
CA GLN A 724 3.49 37.59 11.14
C GLN A 724 3.87 37.96 9.71
N GLN A 725 4.13 36.97 8.86
CA GLN A 725 4.55 37.27 7.49
C GLN A 725 3.43 37.91 6.69
N LEU A 726 2.19 37.44 6.85
CA LEU A 726 1.09 38.04 6.11
C LEU A 726 0.75 39.42 6.64
N SER A 727 1.08 39.71 7.90
CA SER A 727 0.93 41.08 8.40
C SER A 727 2.06 41.99 7.90
N LEU A 728 3.26 41.45 7.70
CA LEU A 728 4.41 42.26 7.35
C LEU A 728 4.51 42.57 5.86
N ILE A 729 4.20 41.61 4.99
CA ILE A 729 4.35 41.81 3.56
C ILE A 729 3.20 42.68 3.05
N GLU A 730 3.54 43.69 2.25
CA GLU A 730 2.57 44.68 1.78
C GLU A 730 1.99 44.34 0.41
N GLU A 731 2.82 43.92 -0.54
CA GLU A 731 2.33 43.65 -1.89
C GLU A 731 1.52 42.37 -1.92
N HIS A 732 0.43 42.38 -2.70
CA HIS A 732 -0.43 41.22 -2.82
C HIS A 732 0.27 40.07 -3.53
N GLU A 733 1.04 40.37 -4.58
CA GLU A 733 1.74 39.33 -5.33
C GLU A 733 2.73 38.59 -4.45
N LYS A 734 3.44 39.32 -3.59
CA LYS A 734 4.41 38.67 -2.72
C LYS A 734 3.73 37.91 -1.58
N GLN A 735 2.54 38.34 -1.16
CA GLN A 735 1.76 37.55 -0.22
C GLN A 735 1.36 36.21 -0.84
N VAL A 736 0.88 36.23 -2.09
CA VAL A 736 0.53 34.99 -2.76
C VAL A 736 1.76 34.12 -2.97
N ALA A 737 2.90 34.76 -3.28
CA ALA A 737 4.15 34.01 -3.43
C ALA A 737 4.56 33.36 -2.10
N PHE A 738 4.36 34.06 -0.99
CA PHE A 738 4.68 33.49 0.32
C PHE A 738 3.79 32.29 0.62
N ILE A 739 2.49 32.40 0.33
CA ILE A 739 1.61 31.27 0.65
C ILE A 739 1.78 30.13 -0.35
N LYS A 740 2.35 30.38 -1.53
CA LYS A 740 2.57 29.32 -2.50
C LYS A 740 3.63 28.32 -2.04
N THR A 741 4.49 28.71 -1.10
CA THR A 741 5.56 27.83 -0.66
C THR A 741 5.13 26.86 0.44
N ASN A 742 3.93 27.01 0.97
CA ASN A 742 3.47 26.14 2.06
C ASN A 742 3.23 24.73 1.55
N GLU A 743 3.66 23.74 2.34
CA GLU A 743 3.59 22.34 1.94
C GLU A 743 2.18 21.76 2.01
N ASN A 744 1.30 22.33 2.83
CA ASN A 744 -0.07 21.84 2.95
C ASN A 744 -0.95 22.60 1.97
N GLN A 745 -1.66 21.87 1.13
CA GLN A 745 -2.33 22.49 -0.02
C GLN A 745 -3.72 23.02 0.30
N GLU A 746 -4.46 22.35 1.19
CA GLU A 746 -5.76 22.88 1.59
C GLU A 746 -5.61 24.18 2.37
N LEU A 747 -4.59 24.25 3.23
CA LEU A 747 -4.27 25.51 3.90
C LEU A 747 -3.90 26.58 2.87
N GLN A 748 -3.16 26.19 1.83
CA GLN A 748 -2.86 27.10 0.74
C GLN A 748 -4.13 27.65 0.11
N ASN A 749 -5.10 26.79 -0.17
CA ASN A 749 -6.33 27.24 -0.81
C ASN A 749 -7.14 28.16 0.09
N SER A 750 -7.22 27.84 1.39
CA SER A 750 -7.94 28.71 2.31
C SER A 750 -7.29 30.09 2.41
N LEU A 751 -5.96 30.10 2.55
CA LEU A 751 -5.27 31.38 2.62
C LEU A 751 -5.39 32.15 1.32
N PHE A 752 -5.42 31.45 0.18
CA PHE A 752 -5.59 32.14 -1.09
C PHE A 752 -6.98 32.77 -1.19
N GLU A 753 -8.01 32.08 -0.71
CA GLU A 753 -9.35 32.67 -0.70
C GLU A 753 -9.37 33.92 0.17
N LEU A 754 -8.74 33.86 1.35
CA LEU A 754 -8.68 35.03 2.21
C LEU A 754 -7.94 36.18 1.54
N LEU A 755 -6.83 35.88 0.85
CA LEU A 755 -6.05 36.93 0.21
C LEU A 755 -6.79 37.53 -0.98
N TYR A 756 -7.53 36.70 -1.72
CA TYR A 756 -8.29 37.20 -2.86
C TYR A 756 -9.43 38.09 -2.40
N SER A 757 -10.08 37.74 -1.28
CA SER A 757 -11.12 38.61 -0.76
C SER A 757 -10.55 39.97 -0.34
N GLY A 758 -9.35 39.97 0.23
CA GLY A 758 -8.76 41.20 0.72
C GLY A 758 -7.76 41.85 -0.22
N LYS A 759 -8.03 41.80 -1.52
CA LYS A 759 -7.13 42.44 -2.49
C LYS A 759 -7.59 43.85 -2.78
N ASN B 32 -67.94 -29.90 -9.47
CA ASN B 32 -67.48 -29.90 -8.09
C ASN B 32 -66.45 -28.80 -7.86
N ASN B 33 -65.18 -29.12 -8.12
CA ASN B 33 -64.10 -28.15 -7.98
C ASN B 33 -63.66 -27.59 -9.34
N ILE B 34 -64.58 -27.46 -10.28
CA ILE B 34 -64.32 -26.89 -11.59
C ILE B 34 -65.22 -25.67 -11.77
N ILE B 35 -64.62 -24.55 -12.19
CA ILE B 35 -65.36 -23.31 -12.40
C ILE B 35 -65.05 -22.79 -13.79
N LYS B 36 -66.10 -22.53 -14.57
CA LYS B 36 -65.98 -21.90 -15.88
C LYS B 36 -66.36 -20.43 -15.75
N PHE B 37 -65.53 -19.55 -16.31
CA PHE B 37 -65.89 -18.14 -16.36
C PHE B 37 -65.20 -17.50 -17.55
N ASP B 38 -65.98 -16.83 -18.40
CA ASP B 38 -65.49 -16.20 -19.62
C ASP B 38 -64.83 -17.29 -20.45
N LYS B 39 -63.56 -17.17 -20.82
CA LYS B 39 -62.85 -18.20 -21.58
C LYS B 39 -61.88 -18.98 -20.71
N ALA B 40 -61.99 -18.88 -19.39
CA ALA B 40 -61.03 -19.44 -18.46
C ALA B 40 -61.69 -20.45 -17.54
N ARG B 41 -60.86 -21.36 -17.02
CA ARG B 41 -61.30 -22.38 -16.08
C ARG B 41 -60.40 -22.37 -14.86
N PHE B 42 -61.02 -22.58 -13.70
CA PHE B 42 -60.31 -22.63 -12.42
C PHE B 42 -60.62 -23.94 -11.72
N THR B 43 -59.58 -24.63 -11.25
CA THR B 43 -59.73 -25.86 -10.50
C THR B 43 -59.06 -25.69 -9.14
N VAL B 44 -59.73 -26.17 -8.10
CA VAL B 44 -59.21 -26.10 -6.73
C VAL B 44 -58.74 -27.51 -6.39
N LEU B 45 -57.46 -27.78 -6.66
CA LEU B 45 -56.90 -29.09 -6.36
C LEU B 45 -56.86 -29.34 -4.86
N THR B 46 -56.45 -28.33 -4.08
CA THR B 46 -56.51 -28.37 -2.64
C THR B 46 -56.64 -26.95 -2.12
N GLU B 47 -56.66 -26.80 -0.79
CA GLU B 47 -56.88 -25.50 -0.20
C GLU B 47 -55.73 -24.53 -0.39
N HIS B 48 -54.58 -24.99 -0.89
CA HIS B 48 -53.44 -24.11 -1.16
C HIS B 48 -52.92 -24.20 -2.58
N LEU B 49 -53.42 -25.11 -3.40
CA LEU B 49 -52.99 -25.27 -4.79
C LEU B 49 -54.17 -25.04 -5.71
N ILE B 50 -54.01 -24.14 -6.68
CA ILE B 50 -55.09 -23.79 -7.60
C ILE B 50 -54.57 -23.84 -9.04
N ARG B 51 -55.28 -24.55 -9.90
CA ARG B 51 -54.94 -24.62 -11.32
C ARG B 51 -55.78 -23.62 -12.10
N ILE B 52 -55.13 -22.90 -13.02
CA ILE B 52 -55.79 -21.89 -13.83
C ILE B 52 -55.48 -22.17 -15.30
N GLU B 53 -56.52 -22.32 -16.12
CA GLU B 53 -56.36 -22.64 -17.52
C GLU B 53 -57.02 -21.57 -18.38
N TYR B 54 -56.35 -21.18 -19.45
CA TYR B 54 -56.90 -20.25 -20.45
C TYR B 54 -56.66 -20.83 -21.84
N SER B 55 -57.76 -21.03 -22.57
CA SER B 55 -57.72 -21.52 -23.94
C SER B 55 -58.56 -20.61 -24.81
N GLU B 56 -58.01 -20.15 -25.93
CA GLU B 56 -58.75 -19.25 -26.81
C GLU B 56 -59.82 -19.99 -27.60
N THR B 57 -59.50 -21.20 -28.08
CA THR B 57 -60.44 -21.94 -28.92
C THR B 57 -61.71 -22.31 -28.17
N GLY B 58 -61.58 -22.78 -26.93
CA GLY B 58 -62.73 -23.15 -26.12
C GLY B 58 -62.69 -24.56 -25.54
N GLU B 59 -61.67 -25.36 -25.85
CA GLU B 59 -61.52 -26.69 -25.28
C GLU B 59 -60.35 -26.69 -24.30
N PHE B 60 -60.52 -27.40 -23.19
CA PHE B 60 -59.57 -27.37 -22.08
C PHE B 60 -58.86 -28.70 -21.97
N GLU B 61 -57.56 -28.65 -21.65
CA GLU B 61 -56.74 -29.85 -21.59
C GLU B 61 -57.17 -30.75 -20.45
N GLU B 62 -57.11 -32.07 -20.69
CA GLU B 62 -57.47 -33.05 -19.67
C GLU B 62 -56.45 -34.17 -19.52
N ARG B 63 -55.67 -34.48 -20.55
CA ARG B 63 -54.70 -35.57 -20.50
C ARG B 63 -53.41 -35.10 -19.84
N MET B 64 -52.54 -36.08 -19.56
CA MET B 64 -51.30 -35.79 -18.84
CA MET B 64 -51.31 -35.79 -18.84
C MET B 64 -50.32 -35.04 -19.73
N THR B 65 -49.42 -34.31 -19.10
CA THR B 65 -48.39 -33.51 -19.75
C THR B 65 -47.03 -34.07 -19.33
N GLN B 66 -45.95 -33.46 -19.85
CA GLN B 66 -44.61 -33.87 -19.46
C GLN B 66 -44.38 -33.69 -17.96
N MET B 67 -44.89 -32.60 -17.39
CA MET B 67 -44.66 -32.27 -15.99
C MET B 67 -45.70 -32.90 -15.07
N VAL B 68 -46.98 -32.70 -15.36
CA VAL B 68 -48.06 -33.15 -14.50
C VAL B 68 -48.45 -34.58 -14.87
N GLN B 69 -48.55 -35.46 -13.87
CA GLN B 69 -48.88 -36.85 -14.09
C GLN B 69 -50.16 -37.29 -13.41
N ASN B 70 -50.73 -36.48 -12.52
CA ASN B 70 -51.93 -36.86 -11.81
C ASN B 70 -52.61 -35.62 -11.26
N ARG B 71 -53.94 -35.58 -11.36
CA ARG B 71 -54.73 -34.47 -10.82
C ARG B 71 -55.89 -34.97 -9.97
N GLU B 72 -55.82 -36.20 -9.46
CA GLU B 72 -56.88 -36.77 -8.64
C GLU B 72 -56.59 -36.47 -7.17
N PHE B 73 -57.01 -35.30 -6.72
CA PHE B 73 -56.86 -34.90 -5.34
C PHE B 73 -58.17 -35.13 -4.59
N SER B 74 -58.23 -34.69 -3.34
CA SER B 74 -59.43 -34.81 -2.53
C SER B 74 -60.35 -33.62 -2.82
N GLU B 75 -61.40 -33.47 -2.01
CA GLU B 75 -62.36 -32.38 -2.17
C GLU B 75 -62.28 -31.47 -0.95
N VAL B 76 -62.24 -30.16 -1.19
CA VAL B 76 -62.10 -29.17 -0.14
C VAL B 76 -63.29 -28.20 -0.22
N ASN B 77 -63.29 -27.24 0.71
CA ASN B 77 -64.35 -26.25 0.81
C ASN B 77 -63.89 -24.95 0.18
N PHE B 78 -64.73 -24.37 -0.68
CA PHE B 78 -64.43 -23.10 -1.32
C PHE B 78 -65.74 -22.45 -1.75
N ASP B 79 -65.67 -21.14 -2.00
CA ASP B 79 -66.85 -20.34 -2.29
C ASP B 79 -66.65 -19.57 -3.58
N ILE B 80 -67.76 -19.24 -4.24
CA ILE B 80 -67.74 -18.54 -5.51
C ILE B 80 -68.68 -17.34 -5.43
N ILE B 81 -68.19 -16.17 -5.84
CA ILE B 81 -68.98 -14.95 -5.93
C ILE B 81 -69.04 -14.57 -7.41
N GLU B 82 -70.25 -14.45 -7.93
CA GLU B 82 -70.49 -14.28 -9.35
C GLU B 82 -71.13 -12.94 -9.62
N LYS B 83 -70.53 -12.16 -10.51
CA LYS B 83 -71.09 -10.92 -11.01
C LYS B 83 -71.37 -11.06 -12.51
N GLU B 84 -71.84 -9.97 -13.12
CA GLU B 84 -72.14 -10.00 -14.54
C GLU B 84 -70.87 -10.16 -15.37
N GLU B 85 -69.77 -9.54 -14.95
CA GLU B 85 -68.54 -9.57 -15.72
C GLU B 85 -67.30 -9.95 -14.91
N THR B 86 -67.44 -10.23 -13.62
CA THR B 86 -66.31 -10.57 -12.77
C THR B 86 -66.65 -11.79 -11.92
N ILE B 87 -65.61 -12.54 -11.55
CA ILE B 87 -65.75 -13.70 -10.69
C ILE B 87 -64.74 -13.60 -9.55
N GLU B 88 -65.11 -14.21 -8.42
CA GLU B 88 -64.34 -14.14 -7.18
C GLU B 88 -64.34 -15.53 -6.55
N ILE B 89 -63.15 -16.00 -6.16
CA ILE B 89 -62.98 -17.34 -5.60
C ILE B 89 -62.45 -17.21 -4.18
N ILE B 90 -63.15 -17.84 -3.23
CA ILE B 90 -62.81 -17.79 -1.82
C ILE B 90 -62.28 -19.16 -1.41
N THR B 91 -61.05 -19.18 -0.93
CA THR B 91 -60.45 -20.35 -0.29
C THR B 91 -59.95 -19.91 1.09
N SER B 92 -59.69 -20.89 1.95
CA SER B 92 -59.34 -20.57 3.34
C SER B 92 -58.03 -19.80 3.46
N THR B 93 -57.20 -19.76 2.41
CA THR B 93 -55.97 -18.99 2.45
C THR B 93 -55.75 -18.08 1.25
N VAL B 94 -56.50 -18.24 0.15
CA VAL B 94 -56.28 -17.45 -1.05
C VAL B 94 -57.62 -16.88 -1.52
N HIS B 95 -57.55 -15.70 -2.14
CA HIS B 95 -58.70 -14.95 -2.59
C HIS B 95 -58.44 -14.49 -4.02
N LEU B 96 -59.14 -15.08 -4.98
CA LEU B 96 -58.86 -14.89 -6.40
C LEU B 96 -59.89 -13.97 -7.04
N TYR B 97 -59.42 -13.08 -7.91
CA TYR B 97 -60.25 -12.13 -8.63
C TYR B 97 -59.96 -12.26 -10.12
N TYR B 98 -61.02 -12.46 -10.92
CA TYR B 98 -60.89 -12.49 -12.36
C TYR B 98 -61.92 -11.54 -12.98
N ASN B 99 -61.44 -10.63 -13.83
CA ASN B 99 -62.28 -9.59 -14.41
C ASN B 99 -62.66 -9.87 -15.86
N GLY B 100 -62.47 -11.10 -16.34
CA GLY B 100 -62.86 -11.45 -17.68
C GLY B 100 -61.82 -11.06 -18.72
N GLY B 101 -62.00 -11.60 -19.92
CA GLY B 101 -61.08 -11.30 -21.00
C GLY B 101 -59.74 -12.02 -20.84
N GLU B 102 -58.73 -11.44 -21.49
CA GLU B 102 -57.39 -12.01 -21.44
C GLU B 102 -56.79 -11.84 -20.06
N PHE B 103 -55.80 -12.68 -19.75
CA PHE B 103 -55.14 -12.63 -18.45
C PHE B 103 -54.13 -11.49 -18.41
N THR B 104 -54.30 -10.59 -17.45
CA THR B 104 -53.42 -9.45 -17.28
C THR B 104 -53.45 -9.09 -15.80
N ASN B 105 -52.42 -8.38 -15.33
CA ASN B 105 -52.34 -8.04 -13.91
C ASN B 105 -53.51 -7.18 -13.47
N ALA B 106 -54.21 -6.55 -14.40
CA ALA B 106 -55.42 -5.80 -14.07
C ALA B 106 -56.67 -6.68 -14.00
N SER B 107 -56.67 -7.84 -14.67
CA SER B 107 -57.85 -8.69 -14.74
C SER B 107 -57.79 -9.84 -13.75
N LEU B 108 -56.71 -10.63 -13.76
CA LEU B 108 -56.57 -11.78 -12.88
C LEU B 108 -55.51 -11.49 -11.84
N PHE B 109 -55.88 -11.60 -10.57
CA PHE B 109 -54.93 -11.39 -9.47
C PHE B 109 -55.50 -12.02 -8.22
N ALA B 110 -54.72 -11.99 -7.14
CA ALA B 110 -55.10 -12.75 -5.95
C ALA B 110 -54.47 -12.16 -4.70
N ASP B 111 -55.03 -12.53 -3.56
CA ASP B 111 -54.54 -12.16 -2.23
C ASP B 111 -54.32 -13.42 -1.40
N VAL B 112 -53.30 -13.40 -0.56
CA VAL B 112 -52.98 -14.53 0.30
C VAL B 112 -52.99 -14.07 1.76
N LYS B 113 -53.63 -14.87 2.61
CA LYS B 113 -53.80 -14.55 4.03
C LYS B 113 -52.98 -15.54 4.84
N PHE B 114 -51.97 -15.05 5.56
CA PHE B 114 -51.09 -15.88 6.36
C PHE B 114 -50.84 -15.20 7.70
N ASN B 115 -50.41 -16.01 8.68
CA ASN B 115 -50.13 -15.52 10.03
C ASN B 115 -49.00 -14.50 10.04
N PHE B 116 -47.93 -14.77 9.29
CA PHE B 116 -46.86 -13.79 9.15
C PHE B 116 -47.29 -12.67 8.21
N SER B 117 -46.63 -11.52 8.32
CA SER B 117 -46.92 -10.37 7.48
C SER B 117 -45.83 -10.18 6.45
N VAL B 118 -46.16 -9.42 5.39
CA VAL B 118 -45.25 -9.15 4.30
C VAL B 118 -45.58 -7.78 3.71
N TYR B 119 -44.57 -7.17 3.10
CA TYR B 119 -44.74 -5.82 2.54
C TYR B 119 -45.79 -5.81 1.43
N SER B 120 -45.80 -6.85 0.60
CA SER B 120 -46.79 -6.98 -0.48
C SER B 120 -47.28 -8.42 -0.50
N ASN B 121 -48.57 -8.61 -0.28
CA ASN B 121 -49.19 -9.94 -0.24
C ASN B 121 -50.14 -10.19 -1.39
N ARG B 122 -50.02 -9.46 -2.50
CA ARG B 122 -50.94 -9.58 -3.61
C ARG B 122 -50.19 -10.09 -4.83
N TRP B 123 -50.72 -11.14 -5.45
CA TRP B 123 -50.13 -11.74 -6.65
C TRP B 123 -50.81 -11.19 -7.88
N TYR B 124 -50.00 -10.70 -8.82
CA TYR B 124 -50.46 -10.21 -10.11
C TYR B 124 -50.02 -11.16 -11.21
N PHE B 125 -50.90 -11.40 -12.17
CA PHE B 125 -50.53 -12.23 -13.31
C PHE B 125 -49.44 -11.55 -14.12
N GLY B 126 -48.45 -12.34 -14.53
CA GLY B 126 -47.36 -11.84 -15.35
C GLY B 126 -46.35 -10.98 -14.64
N GLU B 127 -46.68 -10.42 -13.47
CA GLU B 127 -45.76 -9.59 -12.72
C GLU B 127 -44.84 -10.48 -11.89
N LYS B 128 -43.53 -10.29 -12.06
CA LYS B 128 -42.56 -11.03 -11.26
C LYS B 128 -42.68 -10.64 -9.79
N SER B 129 -42.65 -11.64 -8.92
CA SER B 129 -42.76 -11.44 -7.48
C SER B 129 -41.43 -11.75 -6.82
N ASP B 130 -41.15 -11.02 -5.74
CA ASP B 130 -39.94 -11.24 -4.96
C ASP B 130 -40.21 -12.20 -3.81
N GLY B 131 -39.14 -12.59 -3.11
CA GLY B 131 -39.24 -13.50 -1.99
C GLY B 131 -39.07 -14.96 -2.32
N ASN B 132 -38.95 -15.31 -3.60
CA ASN B 132 -38.77 -16.71 -3.98
C ASN B 132 -37.43 -17.25 -3.49
N LEU B 133 -37.44 -18.51 -3.08
CA LEU B 133 -36.26 -19.17 -2.51
C LEU B 133 -35.45 -19.93 -3.55
N LYS B 134 -35.80 -19.82 -4.83
CA LYS B 134 -35.04 -20.38 -5.95
C LYS B 134 -35.07 -21.90 -5.98
N GLY B 135 -34.67 -22.47 -7.13
CA GLY B 135 -34.64 -23.91 -7.31
C GLY B 135 -33.32 -24.38 -7.88
N THR B 136 -33.35 -25.03 -9.03
CA THR B 136 -32.16 -25.54 -9.72
C THR B 136 -32.00 -24.82 -11.05
N THR B 137 -31.04 -25.29 -11.84
CA THR B 137 -30.79 -24.78 -13.18
C THR B 137 -30.74 -25.94 -14.16
N ARG B 138 -31.22 -25.69 -15.38
CA ARG B 138 -31.12 -26.70 -16.42
C ARG B 138 -29.66 -26.97 -16.79
N THR B 139 -28.89 -25.93 -17.01
CA THR B 139 -27.49 -26.06 -17.37
C THR B 139 -26.61 -25.46 -16.28
N LEU B 140 -25.49 -26.13 -16.02
CA LEU B 140 -24.52 -25.67 -15.04
C LEU B 140 -23.65 -24.59 -15.67
N ASP B 141 -23.73 -23.36 -15.15
CA ASP B 141 -23.13 -22.23 -15.84
C ASP B 141 -22.33 -21.28 -14.94
N MET B 142 -21.95 -21.69 -13.72
CA MET B 142 -21.17 -20.80 -12.88
C MET B 142 -19.72 -20.79 -13.36
N ILE B 143 -19.10 -19.61 -13.36
CA ILE B 143 -17.71 -19.49 -13.77
C ILE B 143 -16.77 -20.05 -12.69
N ASP B 144 -16.84 -19.50 -11.48
CA ASP B 144 -16.13 -20.03 -10.33
C ASP B 144 -17.03 -20.38 -9.17
N GLY B 145 -17.92 -19.47 -8.78
CA GLY B 145 -18.72 -19.64 -7.59
C GLY B 145 -20.21 -19.76 -7.85
N GLU B 146 -20.95 -18.70 -7.51
CA GLU B 146 -22.41 -18.75 -7.62
C GLU B 146 -22.85 -18.66 -9.07
N CYS B 147 -23.98 -19.31 -9.35
CA CYS B 147 -24.64 -19.30 -10.64
C CYS B 147 -26.05 -18.76 -10.46
N PRO B 148 -26.67 -18.21 -11.52
CA PRO B 148 -28.05 -17.73 -11.39
C PRO B 148 -29.02 -18.90 -11.40
N LEU B 149 -29.78 -19.05 -10.32
CA LEU B 149 -30.73 -20.14 -10.15
C LEU B 149 -32.10 -19.75 -10.70
N GLU B 150 -32.93 -20.75 -10.91
CA GLU B 150 -34.30 -20.57 -11.36
C GLU B 150 -35.25 -20.67 -10.17
N ASP B 151 -36.46 -20.13 -10.36
CA ASP B 151 -37.43 -20.07 -9.27
C ASP B 151 -38.00 -21.46 -8.99
N GLY B 152 -38.38 -21.67 -7.73
CA GLY B 152 -39.04 -22.90 -7.31
C GLY B 152 -40.46 -22.68 -6.86
N ILE B 153 -41.01 -23.59 -6.06
CA ILE B 153 -42.37 -23.48 -5.59
C ILE B 153 -42.45 -23.01 -4.14
N MET B 154 -41.35 -22.52 -3.59
CA MET B 154 -41.30 -22.03 -2.21
C MET B 154 -40.97 -20.54 -2.22
N SER B 155 -41.61 -19.78 -1.34
CA SER B 155 -41.36 -18.35 -1.24
C SER B 155 -41.52 -17.91 0.20
N LYS B 156 -40.76 -16.89 0.58
CA LYS B 156 -40.92 -16.30 1.90
C LYS B 156 -42.22 -15.52 2.00
N ASN B 157 -42.69 -14.94 0.89
CA ASN B 157 -43.97 -14.25 0.89
C ASN B 157 -45.12 -15.22 1.08
N GLY B 158 -45.03 -16.42 0.52
CA GLY B 158 -46.03 -17.46 0.74
C GLY B 158 -46.68 -18.01 -0.51
N PHE B 159 -46.35 -17.55 -1.71
CA PHE B 159 -47.00 -18.04 -2.92
C PHE B 159 -46.00 -18.08 -4.06
N ALA B 160 -46.25 -18.98 -5.01
CA ALA B 160 -45.42 -19.12 -6.21
C ALA B 160 -46.30 -19.63 -7.33
N VAL B 161 -45.84 -19.44 -8.56
CA VAL B 161 -46.56 -19.85 -9.76
C VAL B 161 -45.68 -20.77 -10.59
N LEU B 162 -46.19 -21.96 -10.87
CA LEU B 162 -45.50 -22.93 -11.72
C LEU B 162 -46.23 -23.00 -13.06
N ALA B 163 -45.51 -22.74 -14.14
CA ALA B 163 -46.08 -22.70 -15.49
C ALA B 163 -45.91 -24.06 -16.14
N ASP B 164 -47.01 -24.62 -16.65
CA ASP B 164 -46.98 -25.89 -17.36
C ASP B 164 -46.74 -25.61 -18.84
N LYS B 165 -45.46 -25.48 -19.18
CA LYS B 165 -45.05 -25.13 -20.52
C LYS B 165 -44.71 -26.36 -21.36
N GLY B 166 -44.82 -27.56 -20.79
CA GLY B 166 -44.43 -28.78 -21.48
C GLY B 166 -45.33 -29.18 -22.63
N LYS B 167 -45.27 -30.46 -23.00
CA LYS B 167 -46.01 -30.98 -24.14
C LYS B 167 -46.88 -32.16 -23.69
N VAL B 168 -47.98 -32.36 -24.41
CA VAL B 168 -48.98 -33.33 -24.01
C VAL B 168 -48.38 -34.73 -24.05
N LEU B 169 -48.75 -35.56 -23.07
CA LEU B 169 -48.27 -36.92 -22.97
C LEU B 169 -49.46 -37.88 -23.04
N THR B 170 -49.27 -39.02 -23.69
CA THR B 170 -50.34 -40.01 -23.83
C THR B 170 -50.41 -40.89 -22.59
N GLU B 171 -51.41 -41.77 -22.57
CA GLU B 171 -51.60 -42.69 -21.45
C GLU B 171 -50.56 -43.81 -21.43
N VAL B 172 -49.77 -43.96 -22.48
CA VAL B 172 -48.70 -44.95 -22.51
C VAL B 172 -47.32 -44.33 -22.31
N GLY B 173 -47.15 -43.03 -22.57
CA GLY B 173 -45.86 -42.40 -22.42
C GLY B 173 -45.29 -41.86 -23.71
N ASP B 174 -46.16 -41.44 -24.62
CA ASP B 174 -45.74 -40.90 -25.90
C ASP B 174 -46.22 -39.46 -26.05
N ILE B 175 -45.45 -38.66 -26.80
CA ILE B 175 -45.81 -37.28 -27.04
C ILE B 175 -47.03 -37.22 -27.96
N ALA B 176 -47.99 -36.36 -27.63
CA ALA B 176 -49.21 -36.21 -28.41
C ALA B 176 -49.38 -34.79 -28.95
N GLY B 177 -48.29 -34.04 -29.08
CA GLY B 177 -48.36 -32.70 -29.65
C GLY B 177 -48.72 -31.63 -28.65
N ASN B 178 -48.96 -30.44 -29.19
CA ASN B 178 -49.22 -29.26 -28.36
C ASN B 178 -50.57 -29.38 -27.66
N SER B 179 -50.68 -28.69 -26.52
CA SER B 179 -51.90 -28.68 -25.73
C SER B 179 -52.91 -27.69 -26.30
N VAL B 180 -54.19 -27.98 -26.08
CA VAL B 180 -55.24 -27.09 -26.54
C VAL B 180 -55.24 -25.80 -25.73
N SER B 181 -54.97 -25.90 -24.43
CA SER B 181 -54.95 -24.72 -23.57
C SER B 181 -53.82 -23.78 -24.00
N THR B 182 -54.14 -22.50 -24.15
CA THR B 182 -53.12 -21.52 -24.49
C THR B 182 -52.11 -21.38 -23.36
N ILE B 183 -52.58 -21.19 -22.13
CA ILE B 183 -51.70 -21.10 -20.97
C ILE B 183 -52.30 -21.87 -19.81
N ASP B 184 -51.43 -22.48 -19.01
CA ASP B 184 -51.82 -23.26 -17.83
C ASP B 184 -50.87 -22.90 -16.70
N LEU B 185 -51.43 -22.66 -15.51
CA LEU B 185 -50.65 -22.24 -14.36
C LEU B 185 -51.11 -22.97 -13.12
N TYR B 186 -50.17 -23.13 -12.17
CA TYR B 186 -50.46 -23.73 -10.88
C TYR B 186 -49.97 -22.78 -9.80
N LEU B 187 -50.90 -22.23 -9.02
CA LEU B 187 -50.60 -21.31 -7.94
C LEU B 187 -50.48 -22.11 -6.64
N PHE B 188 -49.29 -22.08 -6.05
CA PHE B 188 -49.02 -22.67 -4.74
C PHE B 188 -49.07 -21.56 -3.70
N ALA B 189 -49.95 -21.72 -2.71
CA ALA B 189 -50.17 -20.71 -1.68
C ALA B 189 -50.06 -21.33 -0.30
N TYR B 190 -49.00 -22.09 -0.08
CA TYR B 190 -48.81 -22.84 1.16
C TYR B 190 -48.18 -22.02 2.27
N GLY B 191 -47.86 -20.75 2.01
CA GLY B 191 -47.21 -19.92 3.01
C GLY B 191 -45.81 -20.41 3.32
N ARG B 192 -45.54 -20.66 4.60
CA ARG B 192 -44.23 -21.14 5.04
C ARG B 192 -44.29 -22.59 5.50
N ASP B 193 -45.21 -23.38 4.95
CA ASP B 193 -45.24 -24.83 5.18
C ASP B 193 -44.65 -25.49 3.93
N TYR B 194 -43.32 -25.59 3.93
CA TYR B 194 -42.62 -26.06 2.74
C TYR B 194 -42.74 -27.58 2.57
N ARG B 195 -42.79 -28.32 3.68
CA ARG B 195 -42.89 -29.78 3.58
C ARG B 195 -44.20 -30.20 2.95
N GLN B 196 -45.31 -29.57 3.34
CA GLN B 196 -46.60 -29.88 2.73
C GLN B 196 -46.62 -29.51 1.26
N ALA B 197 -46.00 -28.38 0.90
CA ALA B 197 -45.93 -27.98 -0.49
C ALA B 197 -45.16 -28.99 -1.32
N LEU B 198 -44.04 -29.50 -0.78
CA LEU B 198 -43.27 -30.52 -1.49
C LEU B 198 -44.07 -31.81 -1.62
N LYS B 199 -44.78 -32.21 -0.57
CA LYS B 199 -45.60 -33.41 -0.64
C LYS B 199 -46.68 -33.28 -1.71
N ASP B 200 -47.34 -32.13 -1.78
CA ASP B 200 -48.37 -31.94 -2.79
C ASP B 200 -47.79 -31.84 -4.19
N PHE B 201 -46.59 -31.27 -4.33
CA PHE B 201 -45.91 -31.28 -5.62
C PHE B 201 -45.62 -32.71 -6.07
N TYR B 202 -45.18 -33.55 -5.15
CA TYR B 202 -44.92 -34.95 -5.48
C TYR B 202 -46.22 -35.69 -5.82
N GLN B 203 -47.31 -35.33 -5.14
CA GLN B 203 -48.61 -35.89 -5.49
C GLN B 203 -49.03 -35.46 -6.90
N LEU B 204 -48.75 -34.21 -7.26
CA LEU B 204 -49.16 -33.70 -8.56
C LEU B 204 -48.34 -34.30 -9.69
N THR B 205 -47.02 -34.42 -9.51
CA THR B 205 -46.13 -34.82 -10.60
C THR B 205 -45.57 -36.23 -10.44
N GLY B 206 -45.90 -36.93 -9.36
CA GLY B 206 -45.41 -38.28 -9.18
C GLY B 206 -44.24 -38.38 -8.22
N ASN B 207 -44.27 -39.35 -7.32
CA ASN B 207 -43.20 -39.51 -6.34
C ASN B 207 -41.92 -39.98 -7.02
N THR B 208 -40.80 -39.72 -6.34
CA THR B 208 -39.52 -40.21 -6.81
C THR B 208 -39.42 -41.71 -6.57
N PRO B 209 -38.99 -42.50 -7.57
CA PRO B 209 -38.84 -43.94 -7.36
C PRO B 209 -37.66 -44.25 -6.45
N LYS B 210 -37.70 -45.46 -5.88
CA LYS B 210 -36.64 -45.89 -4.99
C LYS B 210 -35.33 -46.06 -5.75
N LEU B 211 -34.24 -45.84 -5.04
CA LEU B 211 -32.91 -46.08 -5.57
C LEU B 211 -32.36 -47.40 -5.02
N PRO B 212 -31.53 -48.10 -5.78
CA PRO B 212 -30.92 -49.33 -5.26
C PRO B 212 -29.85 -49.02 -4.22
N ARG B 213 -29.55 -50.03 -3.40
CA ARG B 213 -28.61 -49.84 -2.31
C ARG B 213 -27.21 -49.52 -2.81
N PHE B 214 -26.76 -50.19 -3.88
CA PHE B 214 -25.41 -49.98 -4.38
C PHE B 214 -25.16 -48.55 -4.84
N ALA B 215 -26.22 -47.82 -5.20
CA ALA B 215 -26.07 -46.43 -5.61
C ALA B 215 -25.68 -45.52 -4.45
N LEU B 216 -25.79 -45.98 -3.21
CA LEU B 216 -25.50 -45.15 -2.05
C LEU B 216 -24.09 -45.32 -1.52
N GLY B 217 -23.24 -46.08 -2.20
CA GLY B 217 -21.86 -46.24 -1.82
C GLY B 217 -20.96 -45.24 -2.51
N ASN B 218 -19.69 -45.64 -2.68
CA ASN B 218 -18.70 -44.82 -3.34
C ASN B 218 -18.59 -45.21 -4.81
N TRP B 219 -18.63 -44.23 -5.70
CA TRP B 219 -18.45 -44.45 -7.12
C TRP B 219 -17.05 -44.02 -7.53
N TRP B 220 -16.40 -44.82 -8.37
CA TRP B 220 -15.10 -44.48 -8.91
C TRP B 220 -15.23 -44.23 -10.41
N SER B 221 -14.66 -43.13 -10.88
CA SER B 221 -14.70 -42.82 -12.31
C SER B 221 -13.44 -42.07 -12.71
N ARG B 222 -12.74 -42.58 -13.72
CA ARG B 222 -11.61 -41.88 -14.29
C ARG B 222 -11.63 -42.01 -15.81
N TYR B 223 -11.43 -40.88 -16.48
CA TYR B 223 -11.33 -40.85 -17.94
C TYR B 223 -9.89 -41.20 -18.32
N TYR B 224 -9.63 -42.50 -18.38
CA TYR B 224 -8.30 -43.03 -18.62
C TYR B 224 -8.40 -44.23 -19.55
N ASP B 225 -7.30 -44.54 -20.23
CA ASP B 225 -7.22 -45.70 -21.11
C ASP B 225 -6.85 -46.93 -20.30
N TYR B 226 -7.84 -47.44 -19.58
CA TYR B 226 -7.63 -48.59 -18.71
C TYR B 226 -7.59 -49.88 -19.50
N SER B 227 -6.70 -50.77 -19.09
CA SER B 227 -6.70 -52.16 -19.53
C SER B 227 -7.35 -53.02 -18.46
N ASP B 228 -7.83 -54.20 -18.87
CA ASP B 228 -8.55 -55.07 -17.95
C ASP B 228 -7.68 -55.45 -16.76
N LYS B 229 -6.43 -55.87 -17.03
CA LYS B 229 -5.54 -56.25 -15.94
C LYS B 229 -5.16 -55.04 -15.09
N SER B 230 -4.97 -53.88 -15.71
CA SER B 230 -4.65 -52.68 -14.94
C SER B 230 -5.84 -52.25 -14.09
N TYR B 231 -7.06 -52.35 -14.62
CA TYR B 231 -8.25 -52.03 -13.84
C TYR B 231 -8.40 -52.98 -12.65
N LEU B 232 -8.19 -54.27 -12.88
CA LEU B 232 -8.26 -55.24 -11.78
C LEU B 232 -7.18 -54.96 -10.73
N ALA B 233 -5.98 -54.58 -11.19
CA ALA B 233 -4.91 -54.23 -10.24
C ALA B 233 -5.29 -53.00 -9.43
N LEU B 234 -5.92 -52.01 -10.05
CA LEU B 234 -6.36 -50.83 -9.31
C LEU B 234 -7.42 -51.20 -8.28
N MET B 235 -8.37 -52.06 -8.65
CA MET B 235 -9.38 -52.49 -7.69
C MET B 235 -8.76 -53.25 -6.53
N ASP B 236 -7.79 -54.11 -6.81
CA ASP B 236 -7.12 -54.84 -5.74
C ASP B 236 -6.31 -53.91 -4.85
N LYS B 237 -5.73 -52.85 -5.43
CA LYS B 237 -5.04 -51.84 -4.63
C LYS B 237 -6.01 -51.11 -3.72
N PHE B 238 -7.20 -50.79 -4.24
CA PHE B 238 -8.23 -50.17 -3.40
C PHE B 238 -8.61 -51.10 -2.25
N THR B 239 -8.78 -52.39 -2.53
CA THR B 239 -9.10 -53.34 -1.47
C THR B 239 -7.98 -53.43 -0.44
N ASP B 240 -6.73 -53.41 -0.90
CA ASP B 240 -5.58 -53.52 0.01
C ASP B 240 -5.51 -52.32 0.94
N LYS B 241 -5.81 -51.13 0.42
CA LYS B 241 -5.76 -49.89 1.21
C LYS B 241 -7.01 -49.68 2.06
N LYS B 242 -7.91 -50.67 2.10
CA LYS B 242 -9.07 -50.65 2.99
C LYS B 242 -10.06 -49.54 2.59
N VAL B 243 -10.34 -49.44 1.30
CA VAL B 243 -11.28 -48.46 0.77
C VAL B 243 -12.42 -49.21 0.10
N PRO B 244 -13.64 -49.14 0.63
CA PRO B 244 -14.76 -49.81 -0.02
C PRO B 244 -15.29 -49.04 -1.22
N LEU B 245 -15.76 -49.79 -2.21
CA LEU B 245 -16.36 -49.22 -3.41
C LEU B 245 -17.61 -50.01 -3.77
N SER B 246 -18.54 -49.34 -4.43
CA SER B 246 -19.80 -49.96 -4.82
C SER B 246 -20.04 -49.99 -6.32
N VAL B 247 -19.60 -48.97 -7.04
CA VAL B 247 -19.87 -48.85 -8.47
C VAL B 247 -18.55 -48.57 -9.19
N SER B 248 -18.31 -49.28 -10.29
CA SER B 248 -17.19 -49.03 -11.18
C SER B 248 -17.72 -48.37 -12.44
N VAL B 249 -17.17 -47.22 -12.79
CA VAL B 249 -17.59 -46.46 -13.96
C VAL B 249 -16.45 -46.49 -14.97
N ILE B 250 -16.74 -47.02 -16.16
CA ILE B 250 -15.77 -47.11 -17.25
C ILE B 250 -16.17 -46.10 -18.31
N ASP B 251 -15.25 -45.19 -18.64
CA ASP B 251 -15.56 -44.07 -19.51
C ASP B 251 -15.51 -44.53 -20.97
N MET B 252 -15.52 -43.57 -21.91
CA MET B 252 -15.74 -43.86 -23.31
C MET B 252 -14.60 -44.66 -23.95
N ASP B 253 -13.47 -44.80 -23.27
CA ASP B 253 -12.36 -45.56 -23.84
C ASP B 253 -12.61 -47.06 -23.83
N TRP B 254 -13.75 -47.51 -23.31
CA TRP B 254 -14.09 -48.93 -23.37
C TRP B 254 -14.33 -49.40 -24.80
N HIS B 255 -14.69 -48.51 -25.71
CA HIS B 255 -14.95 -48.85 -27.10
C HIS B 255 -13.83 -48.33 -27.99
N LYS B 256 -13.98 -48.57 -29.30
CA LYS B 256 -12.98 -48.17 -30.27
C LYS B 256 -13.03 -46.66 -30.49
N VAL B 257 -11.88 -46.01 -30.37
CA VAL B 257 -11.77 -44.57 -30.54
C VAL B 257 -10.85 -44.22 -31.71
N SER B 258 -9.61 -44.73 -31.69
CA SER B 258 -8.63 -44.41 -32.72
C SER B 258 -8.58 -45.44 -33.85
N GLU B 259 -9.41 -46.48 -33.79
CA GLU B 259 -9.44 -47.50 -34.82
C GLU B 259 -10.60 -47.31 -35.79
N VAL B 260 -11.36 -46.23 -35.65
CA VAL B 260 -12.44 -45.92 -36.59
C VAL B 260 -11.83 -45.59 -37.95
N PRO B 261 -12.42 -46.05 -39.06
CA PRO B 261 -11.86 -45.70 -40.37
C PRO B 261 -12.01 -44.22 -40.68
N SER B 262 -11.22 -43.77 -41.66
CA SER B 262 -11.11 -42.34 -41.96
C SER B 262 -12.46 -41.75 -42.38
N ARG B 263 -13.30 -42.55 -43.02
CA ARG B 263 -14.58 -42.04 -43.51
C ARG B 263 -15.44 -41.49 -42.37
N PHE B 264 -15.62 -42.28 -41.33
CA PHE B 264 -16.47 -41.88 -40.22
C PHE B 264 -15.79 -40.80 -39.38
N GLY B 265 -16.59 -39.96 -38.73
CA GLY B 265 -16.07 -38.81 -38.04
C GLY B 265 -15.68 -39.07 -36.60
N SER B 266 -16.29 -38.35 -35.67
CA SER B 266 -15.97 -38.48 -34.25
C SER B 266 -16.22 -39.89 -33.76
N GLY B 267 -15.19 -40.52 -33.18
CA GLY B 267 -15.31 -41.87 -32.67
C GLY B 267 -15.86 -41.92 -31.26
N TRP B 268 -16.41 -40.80 -30.79
CA TRP B 268 -17.00 -40.76 -29.45
C TRP B 268 -18.12 -41.78 -29.33
N THR B 269 -18.96 -41.89 -30.35
CA THR B 269 -20.00 -42.92 -30.35
C THR B 269 -19.37 -44.29 -30.61
N GLY B 270 -19.75 -45.26 -29.78
CA GLY B 270 -19.22 -46.60 -29.93
C GLY B 270 -20.03 -47.65 -29.22
N TYR B 271 -20.19 -48.82 -29.85
CA TYR B 271 -20.86 -49.96 -29.23
C TYR B 271 -20.07 -51.24 -29.44
N SER B 272 -18.79 -51.15 -29.79
CA SER B 272 -17.93 -52.28 -30.04
C SER B 272 -16.80 -52.30 -29.02
N TRP B 273 -16.58 -53.45 -28.40
CA TRP B 273 -15.52 -53.56 -27.40
C TRP B 273 -14.15 -53.39 -28.03
N ASN B 274 -13.26 -52.70 -27.32
CA ASN B 274 -11.88 -52.56 -27.76
C ASN B 274 -11.13 -53.84 -27.36
N LYS B 275 -10.90 -54.72 -28.34
CA LYS B 275 -10.32 -56.02 -28.03
C LYS B 275 -8.84 -55.92 -27.69
N LYS B 276 -8.18 -54.85 -28.14
CA LYS B 276 -6.79 -54.64 -27.75
C LYS B 276 -6.65 -54.43 -26.25
N LEU B 277 -7.56 -53.66 -25.66
CA LEU B 277 -7.56 -53.40 -24.23
C LEU B 277 -8.38 -54.42 -23.44
N PHE B 278 -9.45 -54.95 -24.05
CA PHE B 278 -10.35 -55.89 -23.38
C PHE B 278 -10.47 -57.14 -24.23
N PRO B 279 -9.48 -58.06 -24.15
CA PRO B 279 -9.58 -59.29 -24.95
C PRO B 279 -10.80 -60.13 -24.64
N ASN B 280 -11.22 -60.20 -23.37
CA ASN B 280 -12.36 -61.01 -22.95
C ASN B 280 -13.28 -60.16 -22.08
N PRO B 281 -14.15 -59.35 -22.70
CA PRO B 281 -15.04 -58.50 -21.88
C PRO B 281 -15.92 -59.28 -20.93
N GLU B 282 -16.39 -60.46 -21.33
CA GLU B 282 -17.24 -61.27 -20.47
C GLU B 282 -16.50 -61.64 -19.19
N ASN B 283 -15.24 -62.09 -19.32
CA ASN B 283 -14.49 -62.49 -18.14
C ASN B 283 -14.14 -61.28 -17.28
N PHE B 284 -13.91 -60.13 -17.91
CA PHE B 284 -13.64 -58.91 -17.14
C PHE B 284 -14.85 -58.52 -16.29
N ILE B 285 -16.05 -58.53 -16.89
CA ILE B 285 -17.26 -58.21 -16.13
C ILE B 285 -17.50 -59.27 -15.05
N ASP B 286 -17.19 -60.54 -15.36
CA ASP B 286 -17.34 -61.58 -14.36
C ASP B 286 -16.41 -61.36 -13.17
N GLU B 287 -15.17 -60.96 -13.43
CA GLU B 287 -14.25 -60.63 -12.33
C GLU B 287 -14.75 -59.44 -11.52
N LEU B 288 -15.25 -58.41 -12.20
CA LEU B 288 -15.77 -57.25 -11.50
C LEU B 288 -16.95 -57.62 -10.60
N HIS B 289 -17.83 -58.49 -11.09
CA HIS B 289 -18.93 -58.96 -10.26
C HIS B 289 -18.44 -59.89 -9.15
N GLN B 290 -17.34 -60.60 -9.38
CA GLN B 290 -16.75 -61.43 -8.34
C GLN B 290 -16.21 -60.59 -7.21
N ARG B 291 -15.71 -59.39 -7.50
CA ARG B 291 -15.36 -58.43 -6.48
C ARG B 291 -16.57 -57.66 -5.96
N LYS B 292 -17.78 -58.02 -6.40
CA LYS B 292 -19.02 -57.38 -5.99
C LYS B 292 -19.01 -55.89 -6.29
N LEU B 293 -18.97 -55.59 -7.60
CA LEU B 293 -19.04 -54.22 -8.09
C LEU B 293 -20.09 -54.16 -9.18
N LYS B 294 -20.81 -53.04 -9.25
CA LYS B 294 -21.76 -52.81 -10.32
C LYS B 294 -21.09 -51.99 -11.40
N VAL B 295 -21.29 -52.40 -12.65
CA VAL B 295 -20.53 -51.88 -13.79
C VAL B 295 -21.45 -51.01 -14.65
N THR B 296 -20.94 -49.86 -15.07
CA THR B 296 -21.64 -49.00 -16.00
C THR B 296 -20.67 -48.52 -17.06
N LEU B 297 -21.21 -48.19 -18.22
CA LEU B 297 -20.41 -47.75 -19.36
C LEU B 297 -20.92 -46.41 -19.87
N ASN B 298 -20.02 -45.62 -20.42
CA ASN B 298 -20.38 -44.33 -21.00
C ASN B 298 -20.94 -44.56 -22.40
N ASP B 299 -22.02 -43.86 -22.73
CA ASP B 299 -22.67 -43.99 -24.02
C ASP B 299 -22.80 -42.61 -24.67
N HIS B 300 -22.53 -42.55 -25.97
CA HIS B 300 -22.58 -41.31 -26.75
C HIS B 300 -23.44 -41.55 -27.98
N PRO B 301 -24.77 -41.46 -27.84
CA PRO B 301 -25.66 -41.80 -28.96
C PRO B 301 -25.78 -40.71 -30.02
N ALA B 302 -25.10 -39.58 -29.86
CA ALA B 302 -25.37 -38.42 -30.71
C ALA B 302 -25.09 -38.71 -32.18
N ASP B 303 -23.99 -39.39 -32.48
CA ASP B 303 -23.63 -39.66 -33.87
C ASP B 303 -24.57 -40.67 -34.51
N GLY B 304 -24.62 -41.88 -33.96
CA GLY B 304 -25.52 -42.91 -34.44
C GLY B 304 -24.79 -44.23 -34.67
N ILE B 305 -25.57 -45.21 -35.11
CA ILE B 305 -25.06 -46.56 -35.33
C ILE B 305 -24.42 -46.61 -36.72
N ARG B 306 -23.09 -46.55 -36.77
CA ARG B 306 -22.38 -46.57 -38.03
C ARG B 306 -22.18 -48.00 -38.52
N ALA B 307 -21.70 -48.12 -39.76
CA ALA B 307 -21.57 -49.44 -40.39
C ALA B 307 -20.44 -50.26 -39.82
N PHE B 308 -19.46 -49.64 -39.16
CA PHE B 308 -18.32 -50.38 -38.63
C PHE B 308 -18.61 -51.04 -37.30
N GLU B 309 -19.74 -50.75 -36.67
CA GLU B 309 -20.09 -51.38 -35.41
C GLU B 309 -20.25 -52.88 -35.58
N ASP B 310 -19.85 -53.63 -34.55
CA ASP B 310 -20.08 -55.08 -34.55
C ASP B 310 -21.56 -55.44 -34.62
N PRO B 311 -22.46 -54.83 -33.85
CA PRO B 311 -23.89 -55.15 -33.98
C PRO B 311 -24.60 -54.44 -35.12
N TYR B 312 -23.87 -53.72 -35.97
CA TYR B 312 -24.51 -52.98 -37.06
C TYR B 312 -25.33 -53.86 -38.00
N PRO B 313 -24.88 -55.04 -38.45
CA PRO B 313 -25.71 -55.83 -39.37
C PRO B 313 -27.11 -56.11 -38.86
N GLN B 314 -27.24 -56.49 -37.59
CA GLN B 314 -28.54 -56.83 -37.03
C GLN B 314 -29.51 -55.65 -37.15
N VAL B 315 -29.06 -54.47 -36.73
CA VAL B 315 -29.90 -53.27 -36.84
C VAL B 315 -30.25 -53.03 -38.30
N ALA B 316 -29.33 -53.32 -39.22
CA ALA B 316 -29.61 -53.13 -40.64
C ALA B 316 -30.79 -53.97 -41.09
N GLN B 317 -30.97 -55.15 -40.49
CA GLN B 317 -32.11 -55.98 -40.86
C GLN B 317 -33.41 -55.47 -40.27
N THR B 318 -33.34 -54.61 -39.25
CA THR B 318 -34.56 -54.18 -38.58
C THR B 318 -35.07 -52.85 -39.13
N LEU B 319 -34.19 -51.85 -39.24
CA LEU B 319 -34.63 -50.51 -39.62
C LEU B 319 -34.69 -50.34 -41.14
N ASP B 320 -33.54 -50.46 -41.80
CA ASP B 320 -33.48 -50.31 -43.25
C ASP B 320 -32.14 -50.81 -43.78
N LEU B 321 -32.18 -51.73 -44.74
CA LEU B 321 -30.96 -52.17 -45.38
C LEU B 321 -30.40 -51.04 -46.26
N ASN B 322 -29.07 -50.98 -46.32
CA ASN B 322 -28.44 -50.02 -47.21
C ASN B 322 -28.81 -50.28 -48.67
N THR B 323 -29.10 -49.21 -49.40
CA THR B 323 -29.59 -49.35 -50.77
C THR B 323 -28.54 -50.01 -51.66
N GLU B 324 -27.41 -49.34 -51.87
CA GLU B 324 -26.28 -49.94 -52.57
C GLU B 324 -25.07 -50.06 -51.66
N LEU B 325 -24.57 -48.94 -51.11
CA LEU B 325 -23.46 -48.97 -50.15
C LEU B 325 -23.62 -47.74 -49.26
N GLU B 326 -24.25 -47.92 -48.10
CA GLU B 326 -24.48 -46.83 -47.16
C GLU B 326 -24.45 -47.41 -45.74
N GLU B 327 -24.91 -46.60 -44.79
CA GLU B 327 -24.94 -46.92 -43.37
C GLU B 327 -26.26 -46.50 -42.76
N ALA B 328 -26.42 -46.74 -41.46
CA ALA B 328 -27.70 -46.56 -40.78
C ALA B 328 -27.55 -45.87 -39.43
N ALA B 329 -26.79 -44.76 -39.39
CA ALA B 329 -26.66 -43.97 -38.18
C ALA B 329 -27.83 -42.99 -38.04
N LYS B 330 -29.04 -43.57 -37.98
CA LYS B 330 -30.27 -42.78 -37.93
C LYS B 330 -30.72 -42.65 -36.46
N PHE B 331 -29.97 -41.82 -35.73
CA PHE B 331 -30.28 -41.55 -34.32
C PHE B 331 -31.46 -40.58 -34.28
N ASP B 332 -32.66 -41.13 -34.38
CA ASP B 332 -33.91 -40.39 -34.24
C ASP B 332 -34.74 -41.12 -33.20
N PHE B 333 -34.66 -40.66 -31.94
CA PHE B 333 -35.25 -41.37 -30.82
C PHE B 333 -36.77 -41.19 -30.74
N ASP B 334 -37.39 -40.70 -31.81
CA ASP B 334 -38.84 -40.60 -31.88
C ASP B 334 -39.49 -41.87 -32.43
N ASN B 335 -38.80 -42.56 -33.34
CA ASN B 335 -39.38 -43.72 -34.00
C ASN B 335 -39.46 -44.91 -33.05
N LEU B 336 -40.60 -45.61 -33.06
CA LEU B 336 -40.76 -46.79 -32.23
C LEU B 336 -39.79 -47.89 -32.64
N LYS B 337 -39.61 -48.10 -33.94
CA LYS B 337 -38.76 -49.19 -34.40
C LYS B 337 -37.30 -48.95 -34.07
N PHE B 338 -36.84 -47.70 -34.20
CA PHE B 338 -35.45 -47.39 -33.82
C PHE B 338 -35.23 -47.63 -32.33
N ARG B 339 -36.18 -47.21 -31.50
CA ARG B 339 -36.03 -47.43 -30.06
C ARG B 339 -36.02 -48.91 -29.74
N LYS B 340 -36.86 -49.70 -30.40
CA LYS B 340 -36.85 -51.14 -30.16
C LYS B 340 -35.53 -51.76 -30.57
N ALA B 341 -35.00 -51.39 -31.74
CA ALA B 341 -33.73 -51.95 -32.20
C ALA B 341 -32.58 -51.53 -31.28
N TYR B 342 -32.61 -50.28 -30.82
CA TYR B 342 -31.53 -49.78 -29.98
C TYR B 342 -31.58 -50.38 -28.59
N PHE B 343 -32.78 -50.71 -28.09
CA PHE B 343 -32.93 -51.32 -26.78
C PHE B 343 -32.86 -52.84 -26.80
N GLU B 344 -32.87 -53.47 -27.98
CA GLU B 344 -32.83 -54.91 -28.07
C GLU B 344 -31.57 -55.46 -28.73
N GLU B 345 -31.02 -54.75 -29.71
CA GLU B 345 -29.88 -55.26 -30.46
C GLU B 345 -28.59 -54.51 -30.23
N VAL B 346 -28.65 -53.28 -29.71
CA VAL B 346 -27.44 -52.50 -29.44
C VAL B 346 -27.05 -52.69 -27.98
N HIS B 347 -27.93 -52.28 -27.07
CA HIS B 347 -27.71 -52.46 -25.65
C HIS B 347 -27.90 -53.91 -25.20
N GLY B 348 -28.59 -54.73 -26.00
CA GLY B 348 -28.93 -56.08 -25.63
C GLY B 348 -27.75 -56.97 -25.32
N PRO B 349 -26.88 -57.20 -26.31
CA PRO B 349 -25.69 -58.03 -26.05
C PRO B 349 -24.79 -57.49 -24.95
N LEU B 350 -24.64 -56.17 -24.85
CA LEU B 350 -23.80 -55.60 -23.79
C LEU B 350 -24.40 -55.87 -22.41
N GLU B 351 -25.71 -55.70 -22.26
CA GLU B 351 -26.34 -56.04 -21.00
C GLU B 351 -26.32 -57.55 -20.75
N LYS B 352 -26.25 -58.35 -21.82
CA LYS B 352 -26.05 -59.78 -21.65
C LYS B 352 -24.66 -60.09 -21.13
N GLU B 353 -23.66 -59.31 -21.52
CA GLU B 353 -22.32 -59.50 -20.97
C GLU B 353 -22.28 -59.19 -19.48
N GLY B 354 -23.18 -58.34 -18.99
CA GLY B 354 -23.26 -58.10 -17.57
C GLY B 354 -23.28 -56.64 -17.15
N VAL B 355 -23.45 -55.73 -18.11
CA VAL B 355 -23.53 -54.31 -17.79
C VAL B 355 -24.84 -54.04 -17.06
N ASP B 356 -24.75 -53.34 -15.92
CA ASP B 356 -25.93 -53.14 -15.07
C ASP B 356 -26.77 -51.96 -15.54
N PHE B 357 -26.17 -50.76 -15.59
CA PHE B 357 -26.88 -49.57 -16.00
C PHE B 357 -25.99 -48.74 -16.92
N TRP B 358 -26.58 -47.72 -17.54
CA TRP B 358 -25.96 -46.98 -18.61
C TRP B 358 -25.78 -45.52 -18.24
N TRP B 359 -24.61 -44.98 -18.59
CA TRP B 359 -24.29 -43.57 -18.37
C TRP B 359 -24.49 -42.85 -19.71
N ILE B 360 -25.55 -42.04 -19.79
CA ILE B 360 -25.90 -41.32 -21.00
C ILE B 360 -25.25 -39.95 -20.95
N ASP B 361 -24.18 -39.77 -21.73
CA ASP B 361 -23.47 -38.50 -21.80
C ASP B 361 -23.84 -37.80 -23.10
N TRP B 362 -24.94 -37.04 -23.06
CA TRP B 362 -25.43 -36.31 -24.22
C TRP B 362 -25.10 -34.83 -24.02
N GLN B 363 -23.96 -34.42 -24.58
CA GLN B 363 -23.50 -33.03 -24.47
C GLN B 363 -23.87 -32.28 -25.74
N GLN B 364 -25.15 -31.91 -25.82
CA GLN B 364 -25.70 -31.23 -26.98
C GLN B 364 -26.59 -30.07 -26.54
N GLY B 365 -26.74 -29.09 -27.44
CA GLY B 365 -27.50 -27.90 -27.13
C GLY B 365 -28.96 -27.96 -27.53
N ALA B 366 -29.66 -29.02 -27.13
CA ALA B 366 -31.10 -29.16 -27.28
C ALA B 366 -31.52 -29.03 -28.75
N ILE B 367 -31.08 -30.01 -29.55
CA ILE B 367 -31.41 -30.02 -30.99
C ILE B 367 -32.73 -30.78 -31.11
N SER B 368 -33.82 -30.06 -30.93
CA SER B 368 -35.16 -30.66 -30.98
C SER B 368 -35.65 -30.76 -32.42
N LYS B 369 -36.14 -31.94 -32.78
CA LYS B 369 -36.65 -32.21 -34.12
C LYS B 369 -38.16 -32.11 -34.23
N SER B 370 -38.89 -32.59 -33.22
CA SER B 370 -40.35 -32.53 -33.20
C SER B 370 -40.86 -31.57 -32.13
N GLY B 371 -40.05 -30.60 -31.74
CA GLY B 371 -40.41 -29.68 -30.69
C GLY B 371 -40.23 -30.19 -29.28
N VAL B 372 -39.68 -31.39 -29.12
CA VAL B 372 -39.45 -32.00 -27.81
C VAL B 372 -37.95 -32.15 -27.63
N ASP B 373 -37.47 -31.83 -26.43
CA ASP B 373 -36.05 -31.95 -26.13
C ASP B 373 -35.65 -33.42 -26.16
N PRO B 374 -34.65 -33.80 -26.97
CA PRO B 374 -34.28 -35.23 -27.06
C PRO B 374 -33.78 -35.81 -25.74
N LEU B 375 -33.19 -34.99 -24.87
CA LEU B 375 -32.70 -35.49 -23.59
C LEU B 375 -33.83 -36.02 -22.73
N TRP B 376 -34.98 -35.33 -22.74
CA TRP B 376 -36.13 -35.80 -21.96
C TRP B 376 -36.60 -37.17 -22.45
N LEU B 377 -36.69 -37.34 -23.77
CA LEU B 377 -37.11 -38.63 -24.32
C LEU B 377 -36.10 -39.72 -23.99
N LEU B 378 -34.81 -39.41 -24.12
CA LEU B 378 -33.77 -40.36 -23.75
C LEU B 378 -33.93 -40.79 -22.30
N ASN B 379 -34.05 -39.83 -21.38
CA ASN B 379 -34.18 -40.16 -19.97
C ASN B 379 -35.41 -41.03 -19.71
N HIS B 380 -36.56 -40.61 -20.25
CA HIS B 380 -37.81 -41.34 -20.01
C HIS B 380 -37.71 -42.78 -20.50
N TYR B 381 -37.31 -42.97 -21.76
CA TYR B 381 -37.34 -44.31 -22.33
C TYR B 381 -36.21 -45.18 -21.80
N GLN B 382 -35.04 -44.59 -21.55
CA GLN B 382 -33.94 -45.34 -20.97
C GLN B 382 -34.27 -45.80 -19.55
N TYR B 383 -34.90 -44.94 -18.75
CA TYR B 383 -35.27 -45.35 -17.40
C TYR B 383 -36.36 -46.40 -17.44
N GLN B 384 -37.30 -46.28 -18.37
CA GLN B 384 -38.32 -47.33 -18.52
C GLN B 384 -37.69 -48.65 -18.92
N ASN B 385 -36.68 -48.62 -19.78
CA ASN B 385 -36.01 -49.83 -20.23
C ASN B 385 -35.13 -50.46 -19.16
N ALA B 386 -34.48 -49.64 -18.33
CA ALA B 386 -33.50 -50.18 -17.37
C ALA B 386 -34.15 -51.04 -16.29
N GLN B 387 -35.48 -50.99 -16.15
CA GLN B 387 -36.14 -51.71 -15.05
C GLN B 387 -36.11 -53.21 -15.23
N LYS B 388 -35.91 -53.71 -16.45
CA LYS B 388 -35.87 -55.17 -16.64
C LYS B 388 -34.55 -55.77 -16.16
N LYS B 389 -33.45 -55.02 -16.28
CA LYS B 389 -32.16 -55.56 -15.88
C LYS B 389 -32.11 -55.81 -14.37
N HIS B 390 -32.51 -54.81 -13.57
CA HIS B 390 -32.53 -54.94 -12.12
C HIS B 390 -33.80 -54.30 -11.57
N LYS B 391 -34.18 -54.73 -10.37
CA LYS B 391 -35.30 -54.12 -9.68
C LYS B 391 -34.92 -52.74 -9.17
N ASN B 392 -35.68 -51.73 -9.59
CA ASN B 392 -35.43 -50.33 -9.22
C ASN B 392 -34.03 -49.89 -9.67
N ASN B 393 -33.82 -49.95 -10.98
CA ASN B 393 -32.55 -49.56 -11.55
C ASN B 393 -32.49 -48.03 -11.72
N ILE B 394 -31.30 -47.54 -12.09
CA ILE B 394 -31.06 -46.12 -12.26
C ILE B 394 -30.29 -45.88 -13.55
N ILE B 395 -30.15 -44.61 -13.89
CA ILE B 395 -29.34 -44.16 -15.03
C ILE B 395 -28.54 -42.95 -14.59
N LEU B 396 -27.54 -42.60 -15.39
CA LEU B 396 -26.84 -41.34 -15.27
C LEU B 396 -27.21 -40.47 -16.47
N SER B 397 -27.77 -39.30 -16.21
CA SER B 397 -28.19 -38.37 -17.26
C SER B 397 -28.18 -36.97 -16.67
N ARG B 398 -28.79 -36.02 -17.40
CA ARG B 398 -28.81 -34.63 -16.99
C ARG B 398 -30.23 -34.18 -16.70
N TYR B 399 -30.34 -33.06 -15.99
CA TYR B 399 -31.61 -32.48 -15.63
C TYR B 399 -32.32 -31.94 -16.89
N ALA B 400 -33.64 -32.10 -16.91
CA ALA B 400 -34.46 -31.70 -18.06
C ALA B 400 -35.74 -31.01 -17.61
N GLY B 401 -35.63 -30.11 -16.63
CA GLY B 401 -36.77 -29.34 -16.18
C GLY B 401 -37.65 -30.09 -15.21
N PRO B 402 -38.70 -29.43 -14.72
CA PRO B 402 -39.63 -30.10 -13.81
C PRO B 402 -40.17 -31.39 -14.42
N GLY B 403 -40.34 -32.40 -13.56
CA GLY B 403 -40.73 -33.72 -14.00
C GLY B 403 -39.59 -34.67 -14.27
N SER B 404 -38.34 -34.19 -14.21
CA SER B 404 -37.18 -35.06 -14.37
C SER B 404 -36.86 -35.85 -13.11
N HIS B 405 -37.45 -35.50 -11.97
CA HIS B 405 -37.17 -36.20 -10.73
C HIS B 405 -37.67 -37.64 -10.74
N ARG B 406 -38.50 -38.02 -11.72
CA ARG B 406 -38.99 -39.38 -11.84
C ARG B 406 -37.97 -40.33 -12.45
N TYR B 407 -36.86 -39.82 -12.97
CA TYR B 407 -35.85 -40.63 -13.66
C TYR B 407 -34.47 -40.35 -13.09
N PRO B 408 -34.17 -40.88 -11.91
CA PRO B 408 -32.81 -40.75 -11.37
C PRO B 408 -31.84 -41.65 -12.11
N LEU B 409 -30.55 -41.28 -12.09
CA LEU B 409 -30.06 -40.09 -11.42
C LEU B 409 -29.65 -39.01 -12.39
N GLY B 410 -29.50 -37.79 -11.88
CA GLY B 410 -28.99 -36.69 -12.69
C GLY B 410 -27.71 -36.13 -12.13
N PHE B 411 -26.67 -36.05 -12.95
CA PHE B 411 -25.40 -35.49 -12.53
C PHE B 411 -25.19 -34.13 -13.17
N SER B 412 -24.23 -33.38 -12.63
CA SER B 412 -23.96 -32.02 -13.08
C SER B 412 -22.63 -31.89 -13.81
N GLY B 413 -21.52 -32.24 -13.15
CA GLY B 413 -20.21 -32.07 -13.74
C GLY B 413 -19.95 -30.63 -14.15
N ASP B 414 -18.86 -30.45 -14.91
CA ASP B 414 -18.56 -29.21 -15.62
C ASP B 414 -18.22 -28.11 -14.60
N SER B 415 -17.98 -28.50 -13.34
CA SER B 415 -17.55 -27.55 -12.34
C SER B 415 -16.04 -27.41 -12.33
N VAL B 416 -15.56 -26.21 -12.02
CA VAL B 416 -14.12 -25.95 -11.95
C VAL B 416 -13.61 -26.35 -10.57
N ILE B 417 -12.32 -26.65 -10.48
CA ILE B 417 -11.70 -27.13 -9.24
C ILE B 417 -11.17 -25.90 -8.51
N SER B 418 -12.02 -25.30 -7.68
CA SER B 418 -11.63 -24.10 -6.96
C SER B 418 -12.43 -24.01 -5.67
N TRP B 419 -11.97 -23.15 -4.76
CA TRP B 419 -12.65 -22.98 -3.49
C TRP B 419 -14.03 -22.35 -3.67
N ALA B 420 -14.22 -21.58 -4.74
CA ALA B 420 -15.53 -20.95 -4.99
C ALA B 420 -16.59 -22.00 -5.30
N SER B 421 -16.22 -23.02 -6.08
CA SER B 421 -17.18 -24.09 -6.39
C SER B 421 -17.57 -24.84 -5.12
N LEU B 422 -16.60 -25.13 -4.24
CA LEU B 422 -16.91 -25.76 -2.96
C LEU B 422 -17.79 -24.87 -2.11
N ASP B 423 -17.56 -23.56 -2.14
CA ASP B 423 -18.42 -22.64 -1.39
C ASP B 423 -19.85 -22.68 -1.91
N PHE B 424 -20.01 -22.78 -3.24
CA PHE B 424 -21.36 -22.73 -3.82
C PHE B 424 -22.12 -24.05 -3.69
N GLN B 425 -21.42 -25.19 -3.71
CA GLN B 425 -22.11 -26.46 -3.92
C GLN B 425 -23.11 -26.84 -2.83
N PRO B 426 -22.81 -26.74 -1.53
CA PRO B 426 -23.82 -27.12 -0.53
C PRO B 426 -25.11 -26.33 -0.64
N TYR B 427 -25.02 -25.04 -0.95
CA TYR B 427 -26.22 -24.23 -1.13
C TYR B 427 -27.03 -24.71 -2.31
N PHE B 428 -26.37 -25.01 -3.43
CA PHE B 428 -27.05 -25.53 -4.61
C PHE B 428 -27.75 -26.85 -4.30
N THR B 429 -27.06 -27.77 -3.63
CA THR B 429 -27.63 -29.06 -3.32
C THR B 429 -28.84 -28.93 -2.40
N SER B 430 -28.74 -28.08 -1.37
CA SER B 430 -29.85 -27.95 -0.43
C SER B 430 -31.02 -27.21 -1.06
N THR B 431 -30.76 -26.22 -1.92
CA THR B 431 -31.82 -25.49 -2.57
C THR B 431 -32.51 -26.29 -3.66
N ALA B 432 -31.84 -27.34 -4.17
CA ALA B 432 -32.47 -28.20 -5.17
C ALA B 432 -33.77 -28.82 -4.69
N SER B 433 -33.95 -28.97 -3.37
CA SER B 433 -35.18 -29.59 -2.85
C SER B 433 -36.41 -28.71 -3.06
N ASN B 434 -36.23 -27.43 -3.36
CA ASN B 434 -37.36 -26.55 -3.56
C ASN B 434 -38.11 -26.81 -4.85
N ILE B 435 -37.57 -27.66 -5.74
CA ILE B 435 -38.23 -28.01 -6.99
C ILE B 435 -38.40 -29.52 -7.13
N GLY B 436 -38.09 -30.29 -6.09
CA GLY B 436 -38.32 -31.73 -6.11
C GLY B 436 -37.16 -32.57 -6.60
N TYR B 437 -36.02 -31.98 -6.90
CA TYR B 437 -34.86 -32.71 -7.41
C TYR B 437 -33.92 -32.94 -6.22
N THR B 438 -33.97 -34.16 -5.67
CA THR B 438 -33.31 -34.47 -4.41
C THR B 438 -32.22 -35.53 -4.54
N TRP B 439 -31.79 -35.83 -5.76
CA TRP B 439 -30.78 -36.87 -5.99
C TRP B 439 -29.70 -36.38 -6.93
N TRP B 440 -29.16 -35.19 -6.66
CA TRP B 440 -28.03 -34.69 -7.43
C TRP B 440 -26.79 -35.55 -7.19
N SER B 441 -25.95 -35.62 -8.22
CA SER B 441 -24.68 -36.36 -8.15
C SER B 441 -23.58 -35.46 -8.70
N HIS B 442 -22.89 -34.74 -7.81
CA HIS B 442 -21.84 -33.84 -8.22
C HIS B 442 -20.55 -34.60 -8.52
N ASP B 443 -19.64 -33.94 -9.23
CA ASP B 443 -18.32 -34.49 -9.53
C ASP B 443 -17.42 -34.29 -8.32
N ILE B 444 -17.13 -35.35 -7.58
CA ILE B 444 -16.31 -35.27 -6.38
C ILE B 444 -14.84 -35.16 -6.81
N GLY B 445 -14.24 -34.00 -6.51
CA GLY B 445 -12.89 -33.64 -6.91
C GLY B 445 -12.83 -32.48 -7.88
N GLY B 446 -13.97 -32.00 -8.37
CA GLY B 446 -13.99 -31.06 -9.46
C GLY B 446 -13.89 -31.80 -10.79
N HIS B 447 -14.12 -31.06 -11.87
CA HIS B 447 -14.15 -31.67 -13.19
C HIS B 447 -12.97 -31.23 -14.06
N MET B 448 -12.79 -29.93 -14.27
CA MET B 448 -11.87 -29.45 -15.30
C MET B 448 -11.54 -27.97 -15.05
N GLN B 449 -10.37 -27.56 -15.57
CA GLN B 449 -9.65 -26.38 -15.07
C GLN B 449 -9.41 -26.45 -13.57
N GLY B 450 -9.12 -25.31 -12.97
CA GLY B 450 -8.84 -25.25 -11.55
C GLY B 450 -7.37 -25.38 -11.25
N TYR B 451 -7.06 -25.32 -9.96
CA TYR B 451 -5.71 -25.37 -9.43
C TYR B 451 -5.61 -26.49 -8.41
N LYS B 452 -4.39 -26.92 -8.14
CA LYS B 452 -4.19 -28.01 -7.20
C LYS B 452 -4.17 -27.50 -5.77
N ASP B 453 -4.87 -28.22 -4.89
CA ASP B 453 -4.78 -28.00 -3.45
C ASP B 453 -5.27 -29.26 -2.77
N ALA B 454 -4.39 -29.92 -2.01
CA ALA B 454 -4.78 -31.15 -1.33
C ALA B 454 -5.85 -30.89 -0.29
N GLU B 455 -5.75 -29.75 0.40
CA GLU B 455 -6.77 -29.38 1.38
C GLU B 455 -8.12 -29.18 0.71
N LEU B 456 -8.13 -28.57 -0.48
CA LEU B 456 -9.38 -28.42 -1.21
C LEU B 456 -10.01 -29.76 -1.54
N SER B 457 -9.19 -30.72 -1.96
CA SER B 457 -9.71 -32.06 -2.23
C SER B 457 -10.27 -32.71 -0.98
N LEU B 458 -9.57 -32.58 0.15
CA LEU B 458 -10.04 -33.21 1.38
C LEU B 458 -11.35 -32.60 1.84
N ARG B 459 -11.45 -31.26 1.82
CA ARG B 459 -12.69 -30.60 2.19
C ARG B 459 -13.81 -30.96 1.23
N TRP B 460 -13.51 -31.06 -0.07
CA TRP B 460 -14.53 -31.35 -1.05
C TRP B 460 -15.10 -32.74 -0.80
N LEU B 461 -14.21 -33.71 -0.50
CA LEU B 461 -14.64 -35.08 -0.22
C LEU B 461 -15.41 -35.18 1.08
N GLN B 462 -15.00 -34.39 2.09
CA GLN B 462 -15.75 -34.35 3.33
C GLN B 462 -17.18 -33.89 3.09
N PHE B 463 -17.35 -32.86 2.24
CA PHE B 463 -18.70 -32.46 1.85
C PHE B 463 -19.41 -33.58 1.09
N GLY B 464 -18.71 -34.24 0.17
CA GLY B 464 -19.34 -35.25 -0.66
C GLY B 464 -19.84 -36.46 0.10
N VAL B 465 -19.14 -36.84 1.18
CA VAL B 465 -19.57 -37.99 1.98
C VAL B 465 -20.95 -37.73 2.57
N PHE B 466 -21.23 -36.47 2.93
CA PHE B 466 -22.54 -36.07 3.45
C PHE B 466 -23.40 -35.42 2.39
N SER B 467 -23.31 -35.89 1.15
CA SER B 467 -24.12 -35.46 0.03
C SER B 467 -24.97 -36.62 -0.47
N PRO B 468 -25.97 -36.36 -1.32
CA PRO B 468 -26.81 -37.46 -1.79
C PRO B 468 -26.05 -38.59 -2.49
N ILE B 469 -25.08 -38.27 -3.32
CA ILE B 469 -24.32 -39.28 -4.07
C ILE B 469 -22.84 -38.94 -3.98
N ASN B 470 -22.03 -39.94 -3.65
CA ASN B 470 -20.57 -39.80 -3.53
C ASN B 470 -19.93 -40.48 -4.73
N ARG B 471 -19.49 -39.67 -5.70
CA ARG B 471 -18.91 -40.17 -6.95
C ARG B 471 -17.60 -39.43 -7.23
N LEU B 472 -16.48 -40.09 -6.96
CA LEU B 472 -15.18 -39.50 -7.24
C LEU B 472 -14.88 -39.59 -8.73
N HIS B 473 -14.45 -38.47 -9.31
CA HIS B 473 -14.22 -38.35 -10.74
C HIS B 473 -12.85 -37.74 -11.02
N SER B 474 -12.16 -38.33 -11.99
CA SER B 474 -10.87 -37.83 -12.46
C SER B 474 -10.87 -37.77 -13.98
N SER B 475 -10.09 -36.83 -14.52
CA SER B 475 -10.03 -36.61 -15.96
C SER B 475 -8.76 -37.22 -16.55
N LYS B 476 -8.52 -36.97 -17.84
CA LYS B 476 -7.36 -37.48 -18.54
C LYS B 476 -6.17 -36.58 -18.24
N SER B 477 -5.54 -36.84 -17.09
CA SER B 477 -4.36 -36.11 -16.67
C SER B 477 -3.73 -36.87 -15.51
N GLU B 478 -2.42 -37.02 -15.55
CA GLU B 478 -1.71 -37.68 -14.46
C GLU B 478 -1.61 -36.79 -13.22
N PHE B 479 -1.99 -35.53 -13.33
CA PHE B 479 -1.98 -34.60 -12.20
C PHE B 479 -3.32 -34.48 -11.50
N THR B 480 -4.37 -35.10 -12.03
CA THR B 480 -5.72 -34.96 -11.50
C THR B 480 -6.24 -36.24 -10.85
N SER B 481 -5.33 -37.14 -10.45
CA SER B 481 -5.76 -38.37 -9.79
C SER B 481 -6.34 -38.05 -8.41
N LYS B 482 -7.45 -38.70 -8.08
CA LYS B 482 -8.10 -38.55 -6.79
C LYS B 482 -7.84 -39.72 -5.85
N GLU B 483 -6.90 -40.60 -6.21
CA GLU B 483 -6.60 -41.74 -5.35
C GLU B 483 -6.03 -41.25 -4.02
N PRO B 484 -6.44 -41.84 -2.90
CA PRO B 484 -5.92 -41.39 -1.60
C PRO B 484 -4.41 -41.48 -1.48
N TRP B 485 -3.78 -42.49 -2.08
CA TRP B 485 -2.34 -42.63 -1.96
C TRP B 485 -1.57 -41.64 -2.82
N HIS B 486 -2.27 -40.80 -3.59
CA HIS B 486 -1.59 -39.77 -4.37
C HIS B 486 -1.16 -38.58 -3.52
N PHE B 487 -1.61 -38.52 -2.26
CA PHE B 487 -1.29 -37.42 -1.36
C PHE B 487 -0.35 -37.91 -0.27
N ASP B 488 -0.03 -37.03 0.67
CA ASP B 488 0.82 -37.38 1.81
C ASP B 488 0.01 -38.20 2.82
N ALA B 489 0.69 -38.58 3.92
CA ALA B 489 0.11 -39.55 4.85
C ALA B 489 -1.14 -39.03 5.53
N VAL B 490 -1.12 -37.78 5.98
CA VAL B 490 -2.25 -37.24 6.74
C VAL B 490 -3.49 -37.14 5.86
N ILE B 491 -3.34 -36.55 4.67
CA ILE B 491 -4.46 -36.41 3.75
C ILE B 491 -4.99 -37.78 3.34
N GLU B 492 -4.07 -38.71 3.05
CA GLU B 492 -4.48 -40.05 2.63
C GLU B 492 -5.28 -40.76 3.71
N GLN B 493 -4.81 -40.68 4.96
CA GLN B 493 -5.51 -41.34 6.05
C GLN B 493 -6.88 -40.71 6.27
N SER B 494 -6.97 -39.37 6.18
CA SER B 494 -8.27 -38.72 6.35
C SER B 494 -9.24 -39.14 5.24
N MET B 495 -8.76 -39.19 4.00
CA MET B 495 -9.62 -39.61 2.90
C MET B 495 -10.10 -41.05 3.10
N ILE B 496 -9.20 -41.94 3.53
CA ILE B 496 -9.58 -43.32 3.75
C ILE B 496 -10.64 -43.42 4.84
N ASP B 497 -10.45 -42.67 5.94
CA ASP B 497 -11.41 -42.69 7.03
C ASP B 497 -12.79 -42.21 6.57
N PHE B 498 -12.83 -41.13 5.79
CA PHE B 498 -14.14 -40.62 5.36
C PHE B 498 -14.79 -41.54 4.33
N LEU B 499 -13.99 -42.18 3.48
CA LEU B 499 -14.53 -43.14 2.53
C LEU B 499 -15.12 -44.35 3.25
N GLN B 500 -14.48 -44.78 4.34
CA GLN B 500 -15.06 -45.85 5.16
C GLN B 500 -16.34 -45.38 5.84
N LEU B 501 -16.37 -44.13 6.31
CA LEU B 501 -17.57 -43.60 6.96
C LEU B 501 -18.75 -43.55 5.99
N ARG B 502 -18.50 -43.27 4.72
CA ARG B 502 -19.59 -43.25 3.75
C ARG B 502 -20.29 -44.60 3.68
N HIS B 503 -19.53 -45.70 3.66
CA HIS B 503 -20.13 -47.03 3.67
C HIS B 503 -20.70 -47.40 5.03
N GLN B 504 -20.17 -46.83 6.11
CA GLN B 504 -20.81 -46.99 7.41
C GLN B 504 -22.19 -46.36 7.45
N LEU B 505 -22.42 -45.28 6.70
CA LEU B 505 -23.67 -44.54 6.74
C LEU B 505 -24.73 -45.09 5.78
N ILE B 506 -24.46 -46.23 5.12
CA ILE B 506 -25.37 -46.70 4.08
C ILE B 506 -26.75 -47.06 4.60
N PRO B 507 -26.92 -47.78 5.72
CA PRO B 507 -28.29 -48.07 6.19
C PRO B 507 -29.12 -46.82 6.46
N TYR B 508 -28.51 -45.78 7.04
CA TYR B 508 -29.20 -44.52 7.27
C TYR B 508 -29.65 -43.91 5.94
N LEU B 509 -28.78 -43.91 4.94
CA LEU B 509 -29.12 -43.37 3.63
C LEU B 509 -30.24 -44.16 2.97
N TYR B 510 -30.21 -45.49 3.10
CA TYR B 510 -31.26 -46.30 2.49
C TYR B 510 -32.60 -46.09 3.17
N SER B 511 -32.61 -45.95 4.50
CA SER B 511 -33.85 -45.65 5.20
C SER B 511 -34.39 -44.28 4.77
N ALA B 512 -33.52 -43.29 4.63
CA ALA B 512 -33.95 -41.99 4.13
C ALA B 512 -34.50 -42.10 2.71
N ASN B 513 -33.88 -42.96 1.89
CA ASN B 513 -34.36 -43.21 0.54
C ASN B 513 -35.79 -43.75 0.55
N LEU B 514 -36.03 -44.76 1.40
CA LEU B 514 -37.36 -45.34 1.47
C LEU B 514 -38.38 -44.33 1.98
N ILE B 515 -37.99 -43.50 2.95
CA ILE B 515 -38.88 -42.45 3.44
C ILE B 515 -39.21 -41.46 2.33
N THR B 516 -38.19 -41.06 1.54
CA THR B 516 -38.40 -40.13 0.45
C THR B 516 -39.33 -40.71 -0.61
N ALA B 517 -39.14 -41.99 -0.94
CA ALA B 517 -40.01 -42.61 -1.94
C ALA B 517 -41.43 -42.79 -1.42
N SER B 518 -41.60 -42.98 -0.11
CA SER B 518 -42.92 -43.22 0.44
C SER B 518 -43.68 -41.91 0.67
N GLU B 519 -43.14 -41.03 1.52
CA GLU B 519 -43.85 -39.82 1.91
C GLU B 519 -43.41 -38.58 1.13
N GLY B 520 -42.19 -38.56 0.61
CA GLY B 520 -41.72 -37.39 -0.10
C GLY B 520 -40.96 -36.42 0.78
N ARG B 521 -39.98 -36.94 1.52
CA ARG B 521 -39.15 -36.13 2.41
C ARG B 521 -37.73 -36.12 1.86
N ALA B 522 -37.22 -34.92 1.58
CA ALA B 522 -35.89 -34.78 0.99
C ALA B 522 -34.82 -35.22 1.98
N LEU B 523 -33.79 -35.88 1.46
CA LEU B 523 -32.67 -36.29 2.31
C LEU B 523 -31.90 -35.08 2.82
N VAL B 524 -31.61 -34.12 1.94
CA VAL B 524 -30.90 -32.90 2.29
C VAL B 524 -31.92 -31.76 2.29
N GLU B 525 -32.07 -31.10 3.43
CA GLU B 525 -33.10 -30.08 3.53
C GLU B 525 -32.51 -28.77 4.03
N PRO B 526 -33.01 -27.64 3.54
CA PRO B 526 -32.60 -26.34 4.09
C PRO B 526 -33.07 -26.19 5.53
N LEU B 527 -32.39 -25.29 6.25
CA LEU B 527 -32.70 -25.08 7.66
C LEU B 527 -34.14 -24.60 7.87
N TYR B 528 -34.69 -23.88 6.91
CA TYR B 528 -36.02 -23.31 7.08
C TYR B 528 -37.14 -24.29 6.78
N TYR B 529 -36.82 -25.52 6.41
CA TYR B 529 -37.86 -26.54 6.33
C TYR B 529 -38.32 -26.97 7.71
N GLU B 530 -37.42 -26.93 8.69
CA GLU B 530 -37.73 -27.30 10.06
C GLU B 530 -37.96 -26.11 10.98
N TYR B 531 -37.37 -24.96 10.66
CA TYR B 531 -37.48 -23.74 11.47
C TYR B 531 -37.89 -22.59 10.56
N PRO B 532 -39.13 -22.58 10.07
CA PRO B 532 -39.53 -21.55 9.10
C PRO B 532 -39.82 -20.20 9.72
N MET B 533 -40.04 -20.12 11.04
CA MET B 533 -40.44 -18.90 11.70
C MET B 533 -39.26 -18.09 12.22
N GLU B 534 -38.03 -18.52 11.97
CA GLU B 534 -36.85 -17.92 12.56
C GLU B 534 -35.95 -17.34 11.48
N GLU B 535 -35.49 -16.10 11.69
CA GLU B 535 -34.73 -15.38 10.66
C GLU B 535 -33.38 -16.03 10.39
N GLU B 536 -32.71 -16.53 11.44
CA GLU B 536 -31.39 -17.11 11.26
C GLU B 536 -31.41 -18.34 10.36
N ALA B 537 -32.57 -18.99 10.22
CA ALA B 537 -32.66 -20.13 9.30
C ALA B 537 -32.55 -19.72 7.84
N TYR B 538 -32.63 -18.42 7.55
CA TYR B 538 -32.48 -17.90 6.19
C TYR B 538 -31.13 -17.22 5.96
N GLN B 539 -30.27 -17.16 6.98
CA GLN B 539 -29.01 -16.44 6.89
C GLN B 539 -27.80 -17.36 6.84
N HIS B 540 -27.99 -18.67 6.71
CA HIS B 540 -26.90 -19.64 6.67
C HIS B 540 -27.15 -20.57 5.48
N ARG B 541 -26.51 -20.25 4.35
CA ARG B 541 -26.82 -20.93 3.10
C ARG B 541 -26.26 -22.35 3.06
N ASN B 542 -25.04 -22.54 3.57
CA ASN B 542 -24.35 -23.81 3.44
C ASN B 542 -24.65 -24.78 4.57
N GLN B 543 -25.54 -24.42 5.49
CA GLN B 543 -25.94 -25.31 6.58
C GLN B 543 -27.22 -26.02 6.18
N TYR B 544 -27.29 -27.33 6.45
CA TYR B 544 -28.47 -28.08 6.07
C TYR B 544 -28.70 -29.24 7.02
N LEU B 545 -29.83 -29.92 6.84
CA LEU B 545 -30.18 -31.11 7.59
C LEU B 545 -29.99 -32.32 6.70
N PHE B 546 -29.21 -33.29 7.19
CA PHE B 546 -28.88 -34.51 6.46
C PHE B 546 -29.73 -35.63 7.04
N GLY B 547 -30.82 -35.96 6.36
CA GLY B 547 -31.80 -36.87 6.92
C GLY B 547 -32.68 -36.16 7.91
N GLU B 548 -32.98 -36.80 9.03
CA GLU B 548 -33.82 -36.21 10.08
C GLU B 548 -33.14 -36.19 11.44
N GLN B 549 -31.87 -36.58 11.52
CA GLN B 549 -31.16 -36.65 12.80
C GLN B 549 -29.90 -35.81 12.86
N LEU B 550 -29.28 -35.45 11.74
CA LEU B 550 -27.99 -34.79 11.73
C LEU B 550 -28.08 -33.44 11.03
N MET B 551 -27.27 -32.49 11.50
CA MET B 551 -27.16 -31.16 10.91
C MET B 551 -25.71 -30.93 10.50
N VAL B 552 -25.51 -30.52 9.24
CA VAL B 552 -24.19 -30.44 8.64
C VAL B 552 -23.92 -29.00 8.21
N ALA B 553 -22.73 -28.50 8.59
CA ALA B 553 -22.24 -27.19 8.16
C ALA B 553 -20.81 -27.36 7.66
N PRO B 554 -20.63 -27.68 6.38
CA PRO B 554 -19.28 -27.97 5.88
C PRO B 554 -18.40 -26.73 5.83
N ILE B 555 -17.10 -26.96 5.96
CA ILE B 555 -16.11 -25.89 5.89
C ILE B 555 -15.64 -25.77 4.45
N THR B 556 -15.84 -24.59 3.87
CA THR B 556 -15.57 -24.36 2.45
C THR B 556 -14.58 -23.22 2.24
N GLU B 557 -13.74 -22.95 3.22
CA GLU B 557 -12.72 -21.91 3.12
C GLU B 557 -11.38 -22.46 3.56
N LYS B 558 -10.32 -21.86 3.04
CA LYS B 558 -8.97 -22.33 3.31
C LYS B 558 -8.60 -22.12 4.77
N MET B 559 -7.76 -23.02 5.28
CA MET B 559 -7.33 -23.00 6.67
C MET B 559 -6.55 -21.74 7.00
N ASN B 560 -6.68 -21.28 8.24
CA ASN B 560 -5.88 -20.17 8.75
C ASN B 560 -4.52 -20.71 9.16
N SER B 561 -3.47 -20.24 8.49
CA SER B 561 -2.13 -20.80 8.71
C SER B 561 -1.64 -20.56 10.12
N LEU B 562 -2.09 -19.48 10.77
CA LEU B 562 -1.67 -19.22 12.14
C LEU B 562 -2.26 -20.24 13.11
N LEU B 563 -3.56 -20.48 13.01
CA LEU B 563 -4.24 -21.42 13.89
C LEU B 563 -4.16 -22.86 13.40
N GLN B 564 -3.83 -23.07 12.13
CA GLN B 564 -3.86 -24.39 11.50
C GLN B 564 -5.24 -25.02 11.60
N MET B 565 -6.28 -24.20 11.40
CA MET B 565 -7.65 -24.66 11.52
C MET B 565 -8.55 -23.84 10.62
N GLY B 566 -9.44 -24.51 9.90
CA GLY B 566 -10.50 -23.82 9.20
C GLY B 566 -11.68 -23.51 10.11
N SER B 567 -12.56 -22.64 9.64
CA SER B 567 -13.66 -22.17 10.47
C SER B 567 -14.94 -22.08 9.64
N VAL B 568 -16.06 -22.08 10.35
CA VAL B 568 -17.37 -21.90 9.72
C VAL B 568 -18.33 -21.34 10.76
N GLU B 569 -19.24 -20.48 10.30
CA GLU B 569 -20.26 -19.88 11.16
C GLU B 569 -21.49 -20.78 11.17
N VAL B 570 -21.89 -21.21 12.37
CA VAL B 570 -22.96 -22.19 12.55
C VAL B 570 -24.02 -21.59 13.45
N TRP B 571 -25.28 -21.79 13.08
CA TRP B 571 -26.41 -21.39 13.90
C TRP B 571 -26.98 -22.63 14.58
N PHE B 572 -27.07 -22.59 15.91
CA PHE B 572 -27.63 -23.68 16.69
C PHE B 572 -29.03 -23.30 17.16
N PRO B 573 -30.05 -24.06 16.79
CA PRO B 573 -31.41 -23.79 17.31
C PRO B 573 -31.55 -24.17 18.78
N GLU B 574 -32.75 -24.04 19.32
CA GLU B 574 -32.98 -24.31 20.73
C GLU B 574 -32.71 -25.78 21.05
N GLY B 575 -32.03 -26.02 22.15
CA GLY B 575 -31.71 -27.35 22.61
C GLY B 575 -30.22 -27.57 22.73
N THR B 576 -29.85 -28.78 23.13
CA THR B 576 -28.46 -29.18 23.29
C THR B 576 -28.02 -29.96 22.08
N TRP B 577 -26.86 -29.59 21.52
CA TRP B 577 -26.29 -30.25 20.37
C TRP B 577 -24.90 -30.78 20.72
N TYR B 578 -24.53 -31.90 20.11
CA TYR B 578 -23.23 -32.50 20.31
C TYR B 578 -22.56 -32.71 18.97
N ASP B 579 -21.25 -32.51 18.93
CA ASP B 579 -20.48 -32.88 17.75
C ASP B 579 -20.55 -34.39 17.53
N PHE B 580 -20.80 -34.79 16.29
CA PHE B 580 -21.01 -36.20 15.99
C PHE B 580 -19.75 -37.02 16.22
N PHE B 581 -18.57 -36.40 16.11
CA PHE B 581 -17.31 -37.12 16.19
C PHE B 581 -16.61 -37.00 17.54
N SER B 582 -16.66 -35.83 18.17
CA SER B 582 -15.93 -35.61 19.41
C SER B 582 -16.80 -35.53 20.65
N GLY B 583 -18.09 -35.23 20.49
CA GLY B 583 -18.97 -35.11 21.63
C GLY B 583 -18.94 -33.76 22.32
N GLN B 584 -18.38 -32.75 21.68
CA GLN B 584 -18.35 -31.41 22.26
C GLN B 584 -19.76 -30.86 22.37
N PRO B 585 -20.16 -30.34 23.54
CA PRO B 585 -21.54 -29.88 23.71
C PRO B 585 -21.74 -28.44 23.27
N TYR B 586 -22.94 -28.17 22.75
CA TYR B 586 -23.34 -26.84 22.33
C TYR B 586 -24.74 -26.55 22.86
N ASP B 587 -24.95 -25.31 23.29
CA ASP B 587 -26.16 -24.93 23.99
C ASP B 587 -27.24 -24.51 22.98
N GLY B 588 -28.28 -23.85 23.46
CA GLY B 588 -29.45 -23.52 22.66
C GLY B 588 -29.22 -22.49 21.59
N LYS B 589 -30.26 -21.72 21.26
CA LYS B 589 -30.22 -20.79 20.13
C LYS B 589 -29.04 -19.84 20.23
N VAL B 590 -28.08 -19.98 19.32
CA VAL B 590 -26.88 -19.13 19.34
C VAL B 590 -26.16 -19.24 18.01
N SER B 591 -25.51 -18.15 17.59
CA SER B 591 -24.66 -18.15 16.40
C SER B 591 -23.21 -18.17 16.87
N LEU B 592 -22.44 -19.13 16.34
CA LEU B 592 -21.09 -19.36 16.85
C LEU B 592 -20.16 -19.70 15.69
N LYS B 593 -18.93 -19.17 15.76
CA LYS B 593 -17.89 -19.51 14.81
C LYS B 593 -17.13 -20.71 15.35
N VAL B 594 -17.18 -21.84 14.64
CA VAL B 594 -16.54 -23.07 15.09
C VAL B 594 -15.33 -23.35 14.22
N TYR B 595 -14.32 -23.98 14.82
CA TYR B 595 -13.03 -24.23 14.18
C TYR B 595 -12.74 -25.72 14.18
N ARG B 596 -12.32 -26.23 13.03
CA ARG B 596 -11.95 -27.63 12.88
C ARG B 596 -10.66 -27.74 12.08
N GLU B 597 -9.87 -28.76 12.40
CA GLU B 597 -8.70 -29.09 11.60
C GLU B 597 -9.14 -29.73 10.29
N ILE B 598 -8.20 -29.82 9.34
CA ILE B 598 -8.54 -30.32 8.01
C ILE B 598 -8.99 -31.77 8.04
N THR B 599 -8.65 -32.51 9.11
CA THR B 599 -9.06 -33.89 9.25
C THR B 599 -10.38 -34.05 10.01
N GLU B 600 -11.05 -32.94 10.34
CA GLU B 600 -12.30 -32.97 11.09
C GLU B 600 -13.37 -32.18 10.34
N MET B 601 -14.63 -32.54 10.59
CA MET B 601 -15.76 -31.91 9.94
C MET B 601 -16.82 -31.55 10.97
N PRO B 602 -17.52 -30.43 10.80
CA PRO B 602 -18.62 -30.08 11.71
C PRO B 602 -19.91 -30.80 11.35
N VAL B 603 -20.29 -31.79 12.15
CA VAL B 603 -21.56 -32.50 12.05
C VAL B 603 -22.12 -32.59 13.45
N PHE B 604 -23.41 -32.26 13.61
CA PHE B 604 -24.01 -32.15 14.93
C PHE B 604 -25.27 -32.98 15.03
N ALA B 605 -25.52 -33.50 16.22
CA ALA B 605 -26.73 -34.24 16.55
C ALA B 605 -27.29 -33.70 17.86
N LYS B 606 -28.61 -33.48 17.89
CA LYS B 606 -29.20 -32.95 19.11
C LYS B 606 -29.40 -34.05 20.13
N ALA B 607 -29.60 -33.65 21.39
CA ALA B 607 -29.76 -34.61 22.47
C ALA B 607 -30.98 -35.48 22.24
N GLY B 608 -30.79 -36.79 22.39
CA GLY B 608 -31.84 -37.75 22.11
C GLY B 608 -31.76 -38.42 20.75
N ALA B 609 -30.81 -38.03 19.92
CA ALA B 609 -30.71 -38.60 18.58
C ALA B 609 -30.21 -40.03 18.62
N ILE B 610 -30.72 -40.85 17.69
CA ILE B 610 -30.31 -42.24 17.55
C ILE B 610 -29.86 -42.45 16.12
N ILE B 611 -28.62 -42.93 15.96
CA ILE B 611 -28.00 -43.10 14.65
C ILE B 611 -27.65 -44.57 14.46
N PRO B 612 -28.14 -45.24 13.42
CA PRO B 612 -27.65 -46.58 13.11
C PRO B 612 -26.46 -46.54 12.16
N LEU B 613 -25.49 -47.41 12.43
CA LEU B 613 -24.28 -47.49 11.62
C LEU B 613 -23.94 -48.95 11.34
N ASP B 614 -23.37 -49.19 10.16
CA ASP B 614 -22.87 -50.51 9.82
C ASP B 614 -21.56 -50.77 10.55
N LYS B 615 -21.45 -51.96 11.15
CA LYS B 615 -20.25 -52.27 11.92
C LYS B 615 -19.11 -52.75 11.03
N ASN B 616 -19.41 -53.28 9.85
CA ASN B 616 -18.40 -53.81 8.92
C ASN B 616 -18.58 -53.17 7.56
N PRO B 617 -18.15 -51.92 7.41
CA PRO B 617 -18.23 -51.29 6.08
C PRO B 617 -17.38 -51.97 5.03
N LEU B 618 -16.25 -52.55 5.43
CA LEU B 618 -15.36 -53.19 4.45
C LEU B 618 -16.02 -54.45 3.87
N LYS B 619 -16.71 -55.22 4.69
CA LYS B 619 -17.46 -56.35 4.19
C LYS B 619 -18.60 -55.88 3.29
N LYS B 620 -18.82 -56.60 2.20
CA LYS B 620 -19.86 -56.25 1.23
C LYS B 620 -21.04 -57.19 1.43
N GLU B 621 -22.08 -56.70 2.10
CA GLU B 621 -23.26 -57.47 2.40
C GLU B 621 -24.50 -56.72 1.92
N GLU B 622 -25.42 -57.45 1.29
CA GLU B 622 -26.66 -56.83 0.85
C GLU B 622 -27.46 -56.28 2.03
N ILE B 623 -27.42 -56.98 3.16
CA ILE B 623 -27.94 -56.46 4.42
C ILE B 623 -26.87 -56.66 5.49
N PRO B 624 -26.61 -55.66 6.33
CA PRO B 624 -25.57 -55.82 7.35
C PRO B 624 -25.93 -56.90 8.36
N SER B 625 -24.91 -57.61 8.83
CA SER B 625 -25.11 -58.66 9.83
C SER B 625 -25.08 -58.12 11.25
N GLU B 626 -24.59 -56.90 11.46
CA GLU B 626 -24.57 -56.29 12.78
C GLU B 626 -24.65 -54.78 12.64
N ILE B 627 -25.37 -54.15 13.56
CA ILE B 627 -25.66 -52.73 13.50
C ILE B 627 -25.29 -52.09 14.84
N ILE B 628 -24.58 -50.97 14.79
CA ILE B 628 -24.26 -50.19 15.97
C ILE B 628 -25.29 -49.08 16.11
N TRP B 629 -25.84 -48.92 17.31
CA TRP B 629 -26.75 -47.83 17.61
C TRP B 629 -26.03 -46.81 18.47
N LYS B 630 -25.94 -45.57 17.96
CA LYS B 630 -25.31 -44.47 18.67
C LYS B 630 -26.39 -43.57 19.25
N ILE B 631 -26.34 -43.35 20.57
CA ILE B 631 -27.36 -42.61 21.30
C ILE B 631 -26.71 -41.40 21.93
N PHE B 632 -27.31 -40.23 21.74
CA PHE B 632 -26.85 -39.01 22.37
C PHE B 632 -27.73 -38.70 23.57
N PRO B 633 -27.21 -38.73 24.78
CA PRO B 633 -28.07 -38.57 25.96
C PRO B 633 -28.62 -37.17 26.09
N GLY B 634 -29.77 -37.07 26.75
CA GLY B 634 -30.36 -35.78 27.05
C GLY B 634 -31.86 -35.70 26.93
N ALA B 635 -32.46 -36.55 26.11
CA ALA B 635 -33.91 -36.51 25.90
C ALA B 635 -34.36 -37.84 25.31
N ASP B 636 -35.65 -37.95 25.05
CA ASP B 636 -36.22 -39.12 24.42
C ASP B 636 -35.85 -39.17 22.94
N GLY B 637 -35.83 -40.38 22.39
CA GLY B 637 -35.43 -40.57 21.01
C GLY B 637 -36.24 -41.65 20.35
N GLU B 638 -36.27 -41.60 19.02
CA GLU B 638 -37.09 -42.48 18.21
C GLU B 638 -36.47 -42.61 16.82
N TYR B 639 -36.27 -43.84 16.37
CA TYR B 639 -35.81 -44.06 15.00
C TYR B 639 -36.48 -45.31 14.43
N LEU B 640 -36.66 -45.29 13.11
CA LEU B 640 -37.30 -46.39 12.39
C LEU B 640 -36.42 -46.75 11.20
N LEU B 641 -35.66 -47.83 11.33
CA LEU B 641 -34.79 -48.30 10.26
C LEU B 641 -35.59 -49.14 9.28
N LEU B 642 -35.73 -48.66 8.05
CA LEU B 642 -36.46 -49.34 6.99
C LEU B 642 -35.49 -50.07 6.09
N GLU B 643 -35.79 -51.32 5.81
CA GLU B 643 -34.99 -52.16 4.91
C GLU B 643 -35.87 -52.65 3.77
N GLU B 644 -35.31 -53.54 2.95
CA GLU B 644 -36.07 -54.08 1.82
C GLU B 644 -37.28 -54.88 2.29
N ASP B 645 -37.11 -55.72 3.30
CA ASP B 645 -38.20 -56.55 3.81
C ASP B 645 -38.17 -56.61 5.33
N ASN B 646 -37.89 -55.48 5.98
CA ASN B 646 -37.87 -55.45 7.43
C ASN B 646 -38.04 -54.01 7.91
N GLU B 647 -38.41 -53.88 9.18
CA GLU B 647 -38.57 -52.58 9.83
C GLU B 647 -38.16 -52.72 11.28
N THR B 648 -37.09 -52.04 11.67
CA THR B 648 -36.57 -52.11 13.03
C THR B 648 -36.89 -50.82 13.76
N LYS B 649 -37.52 -50.93 14.93
CA LYS B 649 -37.95 -49.80 15.72
C LYS B 649 -37.02 -49.62 16.92
N ALA B 650 -36.53 -48.40 17.10
CA ALA B 650 -35.65 -48.07 18.22
C ALA B 650 -36.30 -46.95 19.02
N GLU B 651 -36.59 -47.23 20.29
CA GLU B 651 -37.16 -46.28 21.23
C GLU B 651 -36.13 -45.96 22.30
N PHE B 652 -36.15 -44.72 22.79
CA PHE B 652 -35.33 -44.31 23.94
C PHE B 652 -36.20 -43.42 24.81
N VAL B 653 -36.90 -44.03 25.76
CA VAL B 653 -37.88 -43.34 26.60
C VAL B 653 -37.50 -43.53 28.05
N ASN B 654 -37.36 -42.42 28.78
CA ASN B 654 -37.08 -42.42 30.22
C ASN B 654 -35.85 -43.25 30.56
N GLY B 655 -34.80 -43.11 29.76
CA GLY B 655 -33.57 -43.85 30.00
C GLY B 655 -33.63 -45.31 29.63
N ILE B 656 -34.71 -45.77 28.99
CA ILE B 656 -34.88 -47.16 28.58
C ILE B 656 -34.76 -47.20 27.06
N PHE B 657 -33.83 -48.01 26.56
CA PHE B 657 -33.61 -48.18 25.14
C PHE B 657 -34.14 -49.53 24.70
N THR B 658 -35.03 -49.53 23.71
CA THR B 658 -35.70 -50.73 23.24
C THR B 658 -35.51 -50.88 21.74
N VAL B 659 -35.10 -52.06 21.30
CA VAL B 659 -35.01 -52.38 19.88
C VAL B 659 -35.97 -53.53 19.60
N THR B 660 -36.86 -53.35 18.63
CA THR B 660 -37.81 -54.37 18.22
C THR B 660 -37.72 -54.55 16.72
N SER B 661 -38.07 -55.75 16.25
CA SER B 661 -38.02 -56.10 14.84
C SER B 661 -39.39 -56.57 14.37
N LYS B 662 -39.72 -56.23 13.12
CA LYS B 662 -41.00 -56.67 12.55
C LYS B 662 -40.94 -58.14 12.15
N LYS B 663 -39.77 -58.62 11.73
CA LYS B 663 -39.61 -59.99 11.28
C LYS B 663 -38.41 -60.63 11.96
N GLU B 664 -38.36 -61.95 11.91
CA GLU B 664 -37.26 -62.69 12.50
C GLU B 664 -35.96 -62.37 11.77
N SER B 665 -34.87 -62.25 12.52
CA SER B 665 -33.58 -61.91 11.95
C SER B 665 -32.47 -62.44 12.85
N SER B 666 -31.29 -62.62 12.24
CA SER B 666 -30.10 -63.06 12.95
C SER B 666 -29.13 -61.92 13.22
N ARG B 667 -29.57 -60.68 13.02
CA ARG B 667 -28.70 -59.52 13.19
C ARG B 667 -28.31 -59.32 14.64
N LYS B 668 -27.06 -58.96 14.87
CA LYS B 668 -26.56 -58.60 16.19
C LYS B 668 -26.55 -57.08 16.35
N HIS B 669 -26.73 -56.62 17.58
CA HIS B 669 -26.84 -55.20 17.87
C HIS B 669 -25.78 -54.80 18.89
N THR B 670 -25.13 -53.66 18.64
CA THR B 670 -24.18 -53.05 19.56
C THR B 670 -24.70 -51.68 19.94
N ILE B 671 -24.53 -51.30 21.21
CA ILE B 671 -25.07 -50.05 21.73
C ILE B 671 -23.91 -49.16 22.17
N ILE B 672 -23.94 -47.91 21.71
CA ILE B 672 -23.00 -46.89 22.15
C ILE B 672 -23.81 -45.79 22.84
N TYR B 673 -23.50 -45.53 24.10
CA TYR B 673 -24.14 -44.48 24.88
C TYR B 673 -23.08 -43.40 25.13
N GLY B 674 -23.21 -42.28 24.41
CA GLY B 674 -22.15 -41.30 24.41
C GLY B 674 -20.96 -41.83 23.62
N GLU B 675 -19.88 -42.17 24.33
CA GLU B 675 -18.73 -42.82 23.73
C GLU B 675 -18.46 -44.22 24.25
N HIS B 676 -19.07 -44.61 25.36
CA HIS B 676 -18.81 -45.90 25.98
C HIS B 676 -19.70 -46.98 25.38
N GLU B 677 -19.11 -48.14 25.13
CA GLU B 677 -19.86 -49.30 24.65
C GLU B 677 -20.71 -49.86 25.78
N ILE B 678 -21.98 -50.15 25.48
CA ILE B 678 -22.90 -50.66 26.49
C ILE B 678 -22.99 -52.18 26.39
N VAL B 679 -23.47 -52.67 25.25
CA VAL B 679 -23.54 -54.10 24.96
C VAL B 679 -23.04 -54.33 23.55
N SER B 680 -22.28 -55.41 23.38
CA SER B 680 -21.64 -55.74 22.11
C SER B 680 -22.20 -57.04 21.57
N ALA B 681 -22.62 -57.02 20.31
CA ALA B 681 -23.12 -58.20 19.60
C ALA B 681 -24.25 -58.88 20.36
N LYS B 682 -25.17 -58.06 20.86
CA LYS B 682 -26.39 -58.56 21.47
C LYS B 682 -27.32 -59.09 20.38
N ARG B 683 -28.01 -60.18 20.68
CA ARG B 683 -28.80 -60.91 19.68
C ARG B 683 -30.28 -60.75 19.97
N GLY B 684 -31.07 -60.49 18.92
CA GLY B 684 -32.50 -60.41 19.04
C GLY B 684 -32.98 -59.07 19.56
N GLU B 685 -34.29 -58.86 19.43
CA GLU B 685 -34.91 -57.64 19.94
C GLU B 685 -34.88 -57.65 21.46
N PHE B 686 -34.56 -56.49 22.05
CA PHE B 686 -34.28 -56.45 23.48
C PHE B 686 -34.63 -55.08 24.04
N SER B 687 -34.48 -54.94 25.36
CA SER B 687 -34.62 -53.69 26.07
C SER B 687 -33.50 -53.60 27.10
N ILE B 688 -33.13 -52.37 27.44
CA ILE B 688 -32.03 -52.14 28.38
C ILE B 688 -32.24 -50.80 29.07
N ASP B 689 -31.71 -50.68 30.28
CA ASP B 689 -31.80 -49.47 31.07
C ASP B 689 -30.43 -48.79 31.07
N LEU B 690 -30.41 -47.49 30.74
CA LEU B 690 -29.18 -46.73 30.67
C LEU B 690 -29.16 -45.57 31.66
N ASN B 691 -29.95 -45.66 32.74
CA ASN B 691 -29.99 -44.56 33.71
C ASN B 691 -28.70 -44.49 34.52
N GLY B 692 -28.11 -45.64 34.84
CA GLY B 692 -26.91 -45.68 35.65
C GLY B 692 -25.60 -45.49 34.91
N LYS B 693 -25.63 -45.35 33.59
CA LYS B 693 -24.40 -45.23 32.83
C LYS B 693 -23.92 -43.77 32.81
N GLU B 694 -22.82 -43.54 32.12
CA GLU B 694 -22.21 -42.22 32.04
C GLU B 694 -22.77 -41.48 30.82
N GLU B 695 -23.58 -40.45 31.06
CA GLU B 695 -24.15 -39.68 29.97
C GLU B 695 -23.08 -38.85 29.24
N ASN B 696 -22.06 -38.39 29.96
CA ASN B 696 -21.05 -37.52 29.37
C ASN B 696 -20.22 -38.26 28.32
N PHE B 697 -19.64 -37.49 27.42
CA PHE B 697 -18.73 -38.00 26.41
C PHE B 697 -17.30 -37.95 26.95
N ASP B 698 -16.33 -38.19 26.09
CA ASP B 698 -14.92 -38.11 26.46
C ASP B 698 -14.35 -36.70 26.34
N TRP B 699 -15.15 -35.74 25.86
CA TRP B 699 -14.67 -34.38 25.66
C TRP B 699 -14.58 -33.64 26.99
N ASN B 700 -13.43 -32.99 27.21
CA ASN B 700 -13.27 -32.10 28.35
C ASN B 700 -12.50 -30.86 27.91
N PHE B 701 -12.69 -29.78 28.67
CA PHE B 701 -12.16 -28.48 28.26
C PHE B 701 -10.64 -28.47 28.20
N SER B 702 -9.98 -29.11 29.18
CA SER B 702 -8.53 -28.98 29.31
C SER B 702 -7.79 -29.62 28.14
N THR B 703 -8.15 -30.85 27.78
CA THR B 703 -7.46 -31.53 26.69
C THR B 703 -7.71 -30.82 25.36
N ALA B 704 -8.94 -30.37 25.12
CA ALA B 704 -9.23 -29.64 23.90
C ALA B 704 -8.46 -28.33 23.83
N LEU B 705 -8.36 -27.61 24.95
CA LEU B 705 -7.60 -26.37 24.98
C LEU B 705 -6.12 -26.62 24.71
N PHE B 706 -5.57 -27.67 25.32
CA PHE B 706 -4.17 -27.99 25.09
C PHE B 706 -3.93 -28.35 23.63
N ARG B 707 -4.83 -29.14 23.04
CA ARG B 707 -4.66 -29.51 21.64
C ARG B 707 -4.75 -28.29 20.73
N ARG B 708 -5.68 -27.37 21.01
CA ARG B 708 -5.80 -26.19 20.16
C ARG B 708 -4.57 -25.29 20.29
N LEU B 709 -4.04 -25.14 21.51
CA LEU B 709 -2.85 -24.31 21.69
C LEU B 709 -1.59 -25.00 21.17
N ASP B 710 -1.61 -26.32 21.03
CA ASP B 710 -0.40 -27.05 20.66
C ASP B 710 -0.07 -26.89 19.18
N ILE B 711 -1.10 -26.70 18.35
CA ILE B 711 -0.89 -26.62 16.91
C ILE B 711 -0.86 -25.19 16.39
N ALA B 712 -1.05 -24.20 17.25
CA ALA B 712 -1.01 -22.81 16.81
C ALA B 712 0.43 -22.35 16.64
N GLU B 713 0.66 -21.52 15.62
CA GLU B 713 1.99 -21.02 15.32
C GLU B 713 2.18 -19.64 15.97
N ILE B 714 2.22 -19.67 17.31
CA ILE B 714 2.41 -18.46 18.10
C ILE B 714 3.57 -18.67 19.06
N SER B 715 3.91 -17.63 19.81
CA SER B 715 5.03 -17.73 20.73
C SER B 715 4.71 -18.66 21.89
N TYR B 716 5.75 -19.32 22.41
CA TYR B 716 5.55 -20.29 23.48
C TYR B 716 5.04 -19.64 24.75
N GLU B 717 5.60 -18.48 25.10
CA GLU B 717 5.18 -17.80 26.33
C GLU B 717 3.69 -17.47 26.30
N GLN B 718 3.17 -17.09 25.14
CA GLN B 718 1.74 -16.87 25.01
C GLN B 718 0.95 -18.14 25.30
N LYS B 719 1.42 -19.28 24.78
CA LYS B 719 0.71 -20.54 25.02
C LYS B 719 0.70 -20.89 26.50
N ASP B 720 1.84 -20.78 27.17
CA ASP B 720 1.89 -21.10 28.59
C ASP B 720 1.03 -20.13 29.40
N GLU B 721 1.07 -18.84 29.06
CA GLU B 721 0.26 -17.87 29.79
C GLU B 721 -1.22 -18.16 29.63
N ILE B 722 -1.66 -18.45 28.41
CA ILE B 722 -3.08 -18.74 28.17
C ILE B 722 -3.50 -20.00 28.93
N LEU B 723 -2.70 -21.05 28.83
CA LEU B 723 -3.05 -22.30 29.50
C LEU B 723 -3.13 -22.12 31.01
N GLN B 724 -2.11 -21.47 31.59
CA GLN B 724 -2.08 -21.29 33.05
C GLN B 724 -3.24 -20.42 33.52
N GLN B 725 -3.50 -19.31 32.84
CA GLN B 725 -4.57 -18.42 33.28
C GLN B 725 -5.93 -19.07 33.13
N LEU B 726 -6.18 -19.77 32.01
CA LEU B 726 -7.48 -20.40 31.85
C LEU B 726 -7.65 -21.58 32.79
N SER B 727 -6.56 -22.19 33.26
CA SER B 727 -6.68 -23.20 34.29
C SER B 727 -6.91 -22.60 35.67
N LEU B 728 -6.39 -21.40 35.91
CA LEU B 728 -6.44 -20.79 37.24
C LEU B 728 -7.75 -20.05 37.51
N ILE B 729 -8.28 -19.33 36.51
CA ILE B 729 -9.48 -18.53 36.71
C ILE B 729 -10.69 -19.45 36.75
N GLU B 730 -11.56 -19.25 37.74
CA GLU B 730 -12.72 -20.12 37.96
C GLU B 730 -14.00 -19.62 37.30
N GLU B 731 -14.28 -18.32 37.40
CA GLU B 731 -15.52 -17.79 36.84
C GLU B 731 -15.45 -17.74 35.32
N HIS B 732 -16.59 -18.02 34.68
CA HIS B 732 -16.65 -18.01 33.22
C HIS B 732 -16.55 -16.59 32.67
N GLU B 733 -17.21 -15.63 33.33
CA GLU B 733 -17.17 -14.25 32.88
C GLU B 733 -15.75 -13.70 32.88
N LYS B 734 -14.97 -14.03 33.91
CA LYS B 734 -13.61 -13.54 33.98
C LYS B 734 -12.69 -14.28 33.00
N GLN B 735 -13.01 -15.52 32.67
CA GLN B 735 -12.28 -16.21 31.60
C GLN B 735 -12.52 -15.52 30.25
N VAL B 736 -13.77 -15.18 29.96
CA VAL B 736 -14.07 -14.46 28.72
C VAL B 736 -13.41 -13.10 28.73
N ALA B 737 -13.39 -12.42 29.88
CA ALA B 737 -12.71 -11.13 29.98
C ALA B 737 -11.21 -11.28 29.73
N PHE B 738 -10.61 -12.37 30.23
CA PHE B 738 -9.19 -12.60 30.00
C PHE B 738 -8.90 -12.83 28.53
N ILE B 739 -9.74 -13.62 27.84
CA ILE B 739 -9.47 -13.87 26.43
C ILE B 739 -9.82 -12.66 25.56
N LYS B 740 -10.67 -11.75 26.05
CA LYS B 740 -11.00 -10.56 25.28
C LYS B 740 -9.82 -9.62 25.10
N THR B 741 -8.80 -9.73 25.96
CA THR B 741 -7.65 -8.83 25.89
C THR B 741 -6.60 -9.25 24.88
N ASN B 742 -6.73 -10.44 24.29
CA ASN B 742 -5.73 -10.93 23.36
C ASN B 742 -5.77 -10.14 22.05
N GLU B 743 -4.59 -9.84 21.52
CA GLU B 743 -4.49 -9.00 20.32
C GLU B 743 -4.85 -9.74 19.04
N ASN B 744 -4.71 -11.07 19.01
CA ASN B 744 -5.06 -11.85 17.83
C ASN B 744 -6.51 -12.30 17.93
N GLN B 745 -7.30 -11.96 16.92
CA GLN B 745 -8.75 -12.12 17.03
C GLN B 745 -9.25 -13.50 16.63
N GLU B 746 -8.58 -14.18 15.70
CA GLU B 746 -8.97 -15.55 15.37
C GLU B 746 -8.70 -16.49 16.54
N LEU B 747 -7.58 -16.30 17.23
CA LEU B 747 -7.33 -17.03 18.46
C LEU B 747 -8.39 -16.70 19.51
N GLN B 748 -8.81 -15.43 19.57
CA GLN B 748 -9.90 -15.05 20.44
C GLN B 748 -11.16 -15.84 20.14
N ASN B 749 -11.52 -15.96 18.86
CA ASN B 749 -12.73 -16.66 18.49
C ASN B 749 -12.64 -18.15 18.80
N SER B 750 -11.49 -18.77 18.54
CA SER B 750 -11.33 -20.19 18.86
C SER B 750 -11.44 -20.43 20.37
N LEU B 751 -10.75 -19.61 21.17
CA LEU B 751 -10.83 -19.76 22.61
C LEU B 751 -12.24 -19.49 23.12
N PHE B 752 -12.96 -18.57 22.48
CA PHE B 752 -14.34 -18.30 22.90
C PHE B 752 -15.23 -19.49 22.60
N GLU B 753 -15.04 -20.14 21.46
CA GLU B 753 -15.81 -21.35 21.18
C GLU B 753 -15.54 -22.42 22.22
N LEU B 754 -14.26 -22.60 22.57
CA LEU B 754 -13.91 -23.59 23.60
C LEU B 754 -14.54 -23.24 24.94
N LEU B 755 -14.54 -21.95 25.31
CA LEU B 755 -15.09 -21.54 26.59
C LEU B 755 -16.60 -21.68 26.61
N TYR B 756 -17.26 -21.39 25.48
CA TYR B 756 -18.71 -21.53 25.42
C TYR B 756 -19.13 -22.98 25.50
N SER B 757 -18.37 -23.89 24.88
CA SER B 757 -18.68 -25.30 25.01
C SER B 757 -18.54 -25.77 26.46
N GLY B 758 -17.53 -25.28 27.16
CA GLY B 758 -17.26 -25.73 28.52
C GLY B 758 -17.85 -24.86 29.60
N LYS B 759 -18.99 -24.22 29.33
CA LYS B 759 -19.63 -23.39 30.35
C LYS B 759 -20.57 -24.23 31.21
N ASN C 32 -27.05 -27.79 -64.01
CA ASN C 32 -25.69 -28.20 -63.68
C ASN C 32 -25.44 -28.13 -62.19
N ASN C 33 -24.98 -26.98 -61.71
CA ASN C 33 -24.73 -26.75 -60.29
C ASN C 33 -25.85 -26.00 -59.61
N ILE C 34 -27.09 -26.19 -60.07
CA ILE C 34 -28.27 -25.54 -59.50
C ILE C 34 -29.22 -26.63 -59.04
N ILE C 35 -29.71 -26.52 -57.80
CA ILE C 35 -30.64 -27.49 -57.24
C ILE C 35 -31.85 -26.74 -56.68
N LYS C 36 -33.04 -27.18 -57.07
CA LYS C 36 -34.30 -26.65 -56.57
C LYS C 36 -34.88 -27.64 -55.57
N PHE C 37 -35.32 -27.14 -54.42
CA PHE C 37 -36.01 -27.99 -53.45
C PHE C 37 -36.89 -27.11 -52.58
N ASP C 38 -38.19 -27.42 -52.55
CA ASP C 38 -39.19 -26.64 -51.81
C ASP C 38 -39.15 -25.22 -52.35
N LYS C 39 -38.97 -24.19 -51.53
CA LYS C 39 -38.83 -22.82 -51.99
C LYS C 39 -37.39 -22.36 -52.01
N ALA C 40 -36.44 -23.29 -51.91
CA ALA C 40 -35.03 -22.97 -51.76
C ALA C 40 -34.23 -23.43 -52.97
N ARG C 41 -33.14 -22.71 -53.24
CA ARG C 41 -32.21 -23.06 -54.30
C ARG C 41 -30.80 -23.12 -53.73
N PHE C 42 -30.06 -24.13 -54.18
CA PHE C 42 -28.68 -24.35 -53.76
C PHE C 42 -27.77 -24.33 -54.98
N THR C 43 -26.70 -23.55 -54.91
CA THR C 43 -25.72 -23.47 -55.97
C THR C 43 -24.35 -23.84 -55.41
N VAL C 44 -23.61 -24.66 -56.15
CA VAL C 44 -22.28 -25.08 -55.75
C VAL C 44 -21.30 -24.28 -56.61
N LEU C 45 -20.88 -23.13 -56.10
CA LEU C 45 -19.94 -22.29 -56.84
C LEU C 45 -18.58 -22.97 -56.96
N THR C 46 -18.11 -23.59 -55.89
CA THR C 46 -16.91 -24.40 -55.91
C THR C 46 -17.02 -25.44 -54.80
N GLU C 47 -15.97 -26.25 -54.64
CA GLU C 47 -16.01 -27.34 -53.69
C GLU C 47 -16.00 -26.89 -52.24
N HIS C 48 -15.77 -25.60 -51.97
CA HIS C 48 -15.80 -25.07 -50.61
C HIS C 48 -16.73 -23.87 -50.43
N LEU C 49 -17.32 -23.35 -51.49
CA LEU C 49 -18.23 -22.21 -51.42
C LEU C 49 -19.59 -22.62 -51.95
N ILE C 50 -20.64 -22.38 -51.17
CA ILE C 50 -21.99 -22.78 -51.54
C ILE C 50 -22.94 -21.61 -51.33
N ARG C 51 -23.75 -21.30 -52.34
CA ARG C 51 -24.75 -20.26 -52.25
C ARG C 51 -26.11 -20.88 -51.94
N ILE C 52 -26.84 -20.25 -51.02
CA ILE C 52 -28.15 -20.73 -50.59
C ILE C 52 -29.14 -19.58 -50.69
N GLU C 53 -30.22 -19.78 -51.45
CA GLU C 53 -31.22 -18.74 -51.66
C GLU C 53 -32.58 -19.25 -51.20
N TYR C 54 -33.33 -18.39 -50.52
CA TYR C 54 -34.71 -18.69 -50.14
C TYR C 54 -35.59 -17.52 -50.53
N SER C 55 -36.64 -17.81 -51.30
CA SER C 55 -37.62 -16.82 -51.71
C SER C 55 -39.02 -17.37 -51.49
N GLU C 56 -39.88 -16.59 -50.85
CA GLU C 56 -41.24 -17.04 -50.59
C GLU C 56 -42.09 -17.00 -51.87
N THR C 57 -41.93 -15.95 -52.68
CA THR C 57 -42.77 -15.78 -53.86
C THR C 57 -42.54 -16.89 -54.87
N GLY C 58 -41.28 -17.22 -55.15
CA GLY C 58 -40.95 -18.26 -56.10
C GLY C 58 -39.98 -17.86 -57.19
N GLU C 59 -39.55 -16.60 -57.26
CA GLU C 59 -38.56 -16.15 -58.23
C GLU C 59 -37.25 -15.89 -57.52
N PHE C 60 -36.15 -16.26 -58.17
CA PHE C 60 -34.83 -16.24 -57.57
C PHE C 60 -33.96 -15.19 -58.23
N GLU C 61 -33.14 -14.51 -57.41
CA GLU C 61 -32.31 -13.43 -57.89
C GLU C 61 -31.23 -13.96 -58.83
N GLU C 62 -30.96 -13.21 -59.90
CA GLU C 62 -29.95 -13.57 -60.88
C GLU C 62 -29.01 -12.44 -61.22
N ARG C 63 -29.42 -11.19 -61.03
CA ARG C 63 -28.62 -10.01 -61.36
C ARG C 63 -27.81 -9.55 -60.15
N MET C 64 -26.84 -8.68 -60.43
CA MET C 64 -25.81 -8.35 -59.43
CA MET C 64 -25.81 -8.35 -59.43
C MET C 64 -26.38 -7.52 -58.29
N THR C 65 -25.67 -7.58 -57.16
CA THR C 65 -25.98 -6.87 -55.93
C THR C 65 -24.77 -5.99 -55.60
N GLN C 66 -24.91 -5.12 -54.59
CA GLN C 66 -23.78 -4.28 -54.17
C GLN C 66 -22.56 -5.11 -53.83
N MET C 67 -22.75 -6.23 -53.15
CA MET C 67 -21.63 -7.05 -52.69
C MET C 67 -21.08 -7.98 -53.77
N VAL C 68 -21.95 -8.77 -54.39
CA VAL C 68 -21.53 -9.78 -55.35
C VAL C 68 -21.51 -9.16 -56.74
N GLN C 69 -20.42 -9.36 -57.46
CA GLN C 69 -20.25 -8.81 -58.81
C GLN C 69 -20.09 -9.86 -59.89
N ASN C 70 -19.87 -11.12 -59.53
CA ASN C 70 -19.67 -12.18 -60.52
C ASN C 70 -19.93 -13.52 -59.86
N ARG C 71 -20.62 -14.41 -60.59
CA ARG C 71 -20.89 -15.75 -60.12
C ARG C 71 -20.50 -16.81 -61.15
N GLU C 72 -19.64 -16.47 -62.10
CA GLU C 72 -19.22 -17.39 -63.15
C GLU C 72 -17.97 -18.13 -62.70
N PHE C 73 -18.18 -19.19 -61.93
CA PHE C 73 -17.10 -20.04 -61.47
C PHE C 73 -16.96 -21.24 -62.41
N SER C 74 -16.12 -22.20 -62.03
CA SER C 74 -15.92 -23.41 -62.80
C SER C 74 -16.96 -24.45 -62.39
N GLU C 75 -16.77 -25.69 -62.83
CA GLU C 75 -17.68 -26.79 -62.50
C GLU C 75 -16.94 -27.83 -61.69
N VAL C 76 -17.58 -28.29 -60.61
CA VAL C 76 -16.98 -29.25 -59.69
C VAL C 76 -17.90 -30.46 -59.58
N ASN C 77 -17.46 -31.43 -58.78
CA ASN C 77 -18.18 -32.67 -58.57
C ASN C 77 -18.97 -32.61 -57.26
N PHE C 78 -20.24 -32.97 -57.33
CA PHE C 78 -21.08 -33.01 -56.14
C PHE C 78 -22.23 -33.99 -56.37
N ASP C 79 -22.85 -34.43 -55.28
CA ASP C 79 -23.87 -35.46 -55.32
C ASP C 79 -25.12 -34.98 -54.62
N ILE C 80 -26.27 -35.53 -55.01
CA ILE C 80 -27.55 -35.14 -54.46
C ILE C 80 -28.30 -36.40 -54.03
N ILE C 81 -28.83 -36.38 -52.81
CA ILE C 81 -29.68 -37.44 -52.28
C ILE C 81 -31.06 -36.85 -52.06
N GLU C 82 -32.07 -37.46 -52.67
CA GLU C 82 -33.41 -36.91 -52.72
C GLU C 82 -34.38 -37.84 -52.01
N LYS C 83 -35.12 -37.30 -51.06
CA LYS C 83 -36.21 -38.00 -50.40
C LYS C 83 -37.53 -37.30 -50.73
N GLU C 84 -38.61 -37.78 -50.13
CA GLU C 84 -39.91 -37.18 -50.38
C GLU C 84 -40.00 -35.77 -49.81
N GLU C 85 -39.40 -35.55 -48.64
CA GLU C 85 -39.49 -34.27 -47.96
C GLU C 85 -38.15 -33.69 -47.53
N THR C 86 -37.04 -34.35 -47.82
CA THR C 86 -35.71 -33.89 -47.42
C THR C 86 -34.75 -34.00 -48.59
N ILE C 87 -33.73 -33.13 -48.58
CA ILE C 87 -32.69 -33.16 -49.58
C ILE C 87 -31.33 -33.13 -48.89
N GLU C 88 -30.33 -33.70 -49.56
CA GLU C 88 -28.99 -33.89 -49.02
C GLU C 88 -27.98 -33.59 -50.12
N ILE C 89 -26.98 -32.77 -49.79
CA ILE C 89 -25.97 -32.34 -50.75
C ILE C 89 -24.61 -32.83 -50.28
N ILE C 90 -23.90 -33.56 -51.15
CA ILE C 90 -22.60 -34.12 -50.86
C ILE C 90 -21.56 -33.35 -51.66
N THR C 91 -20.62 -32.75 -50.95
CA THR C 91 -19.43 -32.14 -51.55
C THR C 91 -18.21 -32.76 -50.85
N SER C 92 -17.03 -32.60 -51.45
CA SER C 92 -15.83 -33.25 -50.95
C SER C 92 -15.44 -32.78 -49.56
N THR C 93 -15.97 -31.65 -49.08
CA THR C 93 -15.67 -31.17 -47.74
C THR C 93 -16.89 -30.78 -46.92
N VAL C 94 -18.07 -30.62 -47.52
CA VAL C 94 -19.25 -30.17 -46.80
C VAL C 94 -20.42 -31.10 -47.12
N HIS C 95 -21.29 -31.28 -46.14
CA HIS C 95 -22.43 -32.20 -46.21
C HIS C 95 -23.66 -31.45 -45.73
N LEU C 96 -24.55 -31.09 -46.66
CA LEU C 96 -25.67 -30.21 -46.38
C LEU C 96 -26.97 -31.01 -46.27
N TYR C 97 -27.81 -30.64 -45.30
CA TYR C 97 -29.10 -31.27 -45.06
C TYR C 97 -30.17 -30.19 -45.02
N TYR C 98 -31.22 -30.35 -45.83
CA TYR C 98 -32.35 -29.45 -45.83
C TYR C 98 -33.63 -30.27 -45.67
N ASN C 99 -34.46 -29.89 -44.70
CA ASN C 99 -35.66 -30.65 -44.35
C ASN C 99 -36.94 -29.97 -44.82
N GLY C 100 -36.85 -29.01 -45.74
CA GLY C 100 -38.02 -28.37 -46.30
C GLY C 100 -38.57 -27.27 -45.40
N GLY C 101 -39.49 -26.50 -45.96
CA GLY C 101 -40.10 -25.41 -45.23
C GLY C 101 -39.14 -24.24 -45.05
N GLU C 102 -39.42 -23.43 -44.03
CA GLU C 102 -38.60 -22.28 -43.74
C GLU C 102 -37.25 -22.70 -43.20
N PHE C 103 -36.28 -21.80 -43.31
CA PHE C 103 -34.92 -22.09 -42.85
C PHE C 103 -34.84 -21.94 -41.34
N THR C 104 -34.41 -23.01 -40.67
CA THR C 104 -34.24 -23.03 -39.23
C THR C 104 -33.12 -24.00 -38.90
N ASN C 105 -32.58 -23.89 -37.68
CA ASN C 105 -31.49 -24.78 -37.28
C ASN C 105 -31.93 -26.24 -37.27
N ALA C 106 -33.23 -26.51 -37.22
CA ALA C 106 -33.74 -27.88 -37.29
C ALA C 106 -33.89 -28.39 -38.72
N SER C 107 -34.04 -27.50 -39.70
CA SER C 107 -34.30 -27.88 -41.08
C SER C 107 -33.04 -27.84 -41.94
N LEU C 108 -32.33 -26.73 -41.95
CA LEU C 108 -31.13 -26.56 -42.77
C LEU C 108 -29.90 -26.55 -41.86
N PHE C 109 -28.98 -27.47 -42.10
CA PHE C 109 -27.74 -27.54 -41.32
C PHE C 109 -26.71 -28.32 -42.12
N ALA C 110 -25.48 -28.39 -41.60
CA ALA C 110 -24.40 -28.94 -42.41
C ALA C 110 -23.28 -29.48 -41.52
N ASP C 111 -22.50 -30.37 -42.11
CA ASP C 111 -21.28 -30.94 -41.53
C ASP C 111 -20.09 -30.54 -42.38
N VAL C 112 -18.95 -30.30 -41.74
CA VAL C 112 -17.70 -30.00 -42.42
C VAL C 112 -16.65 -31.03 -42.01
N LYS C 113 -15.93 -31.55 -43.01
CA LYS C 113 -14.93 -32.59 -42.81
C LYS C 113 -13.55 -32.03 -43.13
N PHE C 114 -12.69 -31.95 -42.12
CA PHE C 114 -11.35 -31.39 -42.25
C PHE C 114 -10.36 -32.27 -41.50
N ASN C 115 -9.08 -32.16 -41.88
CA ASN C 115 -8.01 -32.93 -41.28
C ASN C 115 -7.85 -32.62 -39.79
N PHE C 116 -7.92 -31.36 -39.42
CA PHE C 116 -7.92 -30.99 -38.01
C PHE C 116 -9.27 -31.29 -37.39
N SER C 117 -9.29 -31.43 -36.06
CA SER C 117 -10.50 -31.71 -35.32
C SER C 117 -10.98 -30.47 -34.57
N VAL C 118 -12.26 -30.48 -34.22
CA VAL C 118 -12.87 -29.35 -33.52
C VAL C 118 -13.97 -29.91 -32.61
N TYR C 119 -14.26 -29.17 -31.54
CA TYR C 119 -15.25 -29.63 -30.56
C TYR C 119 -16.64 -29.73 -31.20
N SER C 120 -16.98 -28.79 -32.07
CA SER C 120 -18.26 -28.80 -32.79
C SER C 120 -18.00 -28.43 -34.24
N ASN C 121 -18.31 -29.35 -35.15
CA ASN C 121 -18.11 -29.15 -36.58
C ASN C 121 -19.43 -29.03 -37.35
N ARG C 122 -20.53 -28.77 -36.66
CA ARG C 122 -21.84 -28.70 -37.29
C ARG C 122 -22.32 -27.26 -37.37
N TRP C 123 -22.72 -26.84 -38.56
CA TRP C 123 -23.26 -25.50 -38.78
C TRP C 123 -24.79 -25.56 -38.78
N TYR C 124 -25.39 -24.69 -37.98
CA TYR C 124 -26.84 -24.54 -37.92
C TYR C 124 -27.23 -23.16 -38.44
N PHE C 125 -28.32 -23.11 -39.21
CA PHE C 125 -28.83 -21.84 -39.69
C PHE C 125 -29.25 -20.95 -38.54
N GLY C 126 -28.87 -19.68 -38.60
CA GLY C 126 -29.22 -18.71 -37.58
C GLY C 126 -28.49 -18.84 -36.27
N GLU C 127 -27.88 -19.98 -35.98
CA GLU C 127 -27.12 -20.16 -34.75
C GLU C 127 -25.72 -19.59 -34.90
N LYS C 128 -25.35 -18.68 -34.02
CA LYS C 128 -24.01 -18.11 -34.04
C LYS C 128 -22.98 -19.18 -33.74
N SER C 129 -21.90 -19.19 -34.50
CA SER C 129 -20.82 -20.14 -34.33
C SER C 129 -19.59 -19.44 -33.76
N ASP C 130 -18.81 -20.18 -32.97
CA ASP C 130 -17.58 -19.67 -32.40
C ASP C 130 -16.39 -20.02 -33.30
N GLY C 131 -15.23 -19.47 -32.95
CA GLY C 131 -14.02 -19.73 -33.70
C GLY C 131 -13.73 -18.74 -34.81
N ASN C 132 -14.62 -17.78 -35.08
CA ASN C 132 -14.38 -16.82 -36.13
C ASN C 132 -13.20 -15.91 -35.78
N LEU C 133 -12.44 -15.55 -36.80
CA LEU C 133 -11.23 -14.74 -36.64
C LEU C 133 -11.48 -13.25 -36.83
N LYS C 134 -12.74 -12.85 -37.00
CA LYS C 134 -13.15 -11.44 -37.05
C LYS C 134 -12.67 -10.73 -38.30
N GLY C 135 -13.25 -9.57 -38.58
CA GLY C 135 -12.91 -8.77 -39.75
C GLY C 135 -12.63 -7.32 -39.40
N THR C 136 -13.39 -6.41 -39.99
CA THR C 136 -13.26 -4.98 -39.74
C THR C 136 -14.54 -4.45 -39.12
N THR C 137 -14.62 -3.13 -38.97
CA THR C 137 -15.81 -2.46 -38.47
C THR C 137 -16.21 -1.35 -39.44
N ARG C 138 -17.52 -1.12 -39.54
CA ARG C 138 -18.00 -0.01 -40.35
C ARG C 138 -17.57 1.32 -39.76
N THR C 139 -17.80 1.51 -38.46
CA THR C 139 -17.45 2.74 -37.77
C THR C 139 -16.38 2.46 -36.73
N LEU C 140 -15.45 3.40 -36.62
CA LEU C 140 -14.36 3.30 -35.64
C LEU C 140 -14.86 3.78 -34.28
N ASP C 141 -14.88 2.88 -33.30
CA ASP C 141 -15.56 3.17 -32.05
C ASP C 141 -14.79 2.79 -30.78
N MET C 142 -13.49 2.53 -30.86
CA MET C 142 -12.75 2.19 -29.66
C MET C 142 -12.52 3.44 -28.81
N ILE C 143 -12.69 3.32 -27.50
CA ILE C 143 -12.48 4.45 -26.62
C ILE C 143 -10.99 4.78 -26.49
N ASP C 144 -10.20 3.80 -26.04
CA ASP C 144 -8.74 3.93 -26.02
C ASP C 144 -8.05 2.82 -26.79
N GLY C 145 -8.41 1.56 -26.53
CA GLY C 145 -7.70 0.44 -27.11
C GLY C 145 -8.52 -0.41 -28.05
N GLU C 146 -8.95 -1.58 -27.59
CA GLU C 146 -9.65 -2.52 -28.45
C GLU C 146 -11.08 -2.07 -28.71
N CYS C 147 -11.59 -2.44 -29.88
CA CYS C 147 -12.94 -2.19 -30.32
C CYS C 147 -13.59 -3.51 -30.71
N PRO C 148 -14.92 -3.61 -30.65
CA PRO C 148 -15.58 -4.85 -31.07
C PRO C 148 -15.61 -4.96 -32.59
N LEU C 149 -14.97 -6.00 -33.11
CA LEU C 149 -14.87 -6.22 -34.54
C LEU C 149 -16.05 -7.06 -35.04
N GLU C 150 -16.25 -7.03 -36.35
CA GLU C 150 -17.28 -7.82 -37.00
C GLU C 150 -16.67 -9.10 -37.57
N ASP C 151 -17.53 -10.08 -37.84
CA ASP C 151 -17.08 -11.37 -38.32
C ASP C 151 -16.60 -11.29 -39.77
N GLY C 152 -15.67 -12.17 -40.11
CA GLY C 152 -15.17 -12.28 -41.48
C GLY C 152 -15.48 -13.62 -42.10
N ILE C 153 -14.72 -14.00 -43.14
CA ILE C 153 -14.95 -15.27 -43.82
C ILE C 153 -13.92 -16.33 -43.42
N MET C 154 -13.16 -16.09 -42.35
CA MET C 154 -12.15 -17.02 -41.88
C MET C 154 -12.52 -17.51 -40.49
N SER C 155 -12.37 -18.81 -40.24
CA SER C 155 -12.66 -19.37 -38.94
C SER C 155 -11.66 -20.48 -38.63
N LYS C 156 -11.36 -20.66 -37.34
CA LYS C 156 -10.53 -21.77 -36.93
C LYS C 156 -11.26 -23.10 -37.05
N ASN C 157 -12.58 -23.09 -36.88
CA ASN C 157 -13.36 -24.30 -37.08
C ASN C 157 -13.39 -24.73 -38.54
N GLY C 158 -13.39 -23.77 -39.47
CA GLY C 158 -13.29 -24.07 -40.89
C GLY C 158 -14.43 -23.57 -41.74
N PHE C 159 -15.46 -22.93 -41.20
CA PHE C 159 -16.59 -22.47 -42.00
C PHE C 159 -17.09 -21.13 -41.48
N ALA C 160 -17.68 -20.36 -42.39
CA ALA C 160 -18.28 -19.07 -42.06
C ALA C 160 -19.42 -18.81 -43.03
N VAL C 161 -20.32 -17.91 -42.64
CA VAL C 161 -21.49 -17.56 -43.44
C VAL C 161 -21.47 -16.07 -43.71
N LEU C 162 -21.50 -15.69 -44.99
CA LEU C 162 -21.59 -14.30 -45.42
C LEU C 162 -22.99 -14.04 -45.92
N ALA C 163 -23.67 -13.07 -45.31
CA ALA C 163 -25.06 -12.76 -45.65
C ALA C 163 -25.08 -11.62 -46.66
N ASP C 164 -25.78 -11.83 -47.78
CA ASP C 164 -25.94 -10.82 -48.81
C ASP C 164 -27.17 -9.97 -48.48
N LYS C 165 -26.96 -8.97 -47.64
CA LYS C 165 -28.02 -8.11 -47.14
C LYS C 165 -28.16 -6.83 -47.97
N GLY C 166 -27.31 -6.64 -48.97
CA GLY C 166 -27.29 -5.41 -49.73
C GLY C 166 -28.47 -5.23 -50.66
N LYS C 167 -28.31 -4.34 -51.64
CA LYS C 167 -29.38 -4.00 -52.58
C LYS C 167 -28.92 -4.31 -54.00
N VAL C 168 -29.90 -4.57 -54.87
CA VAL C 168 -29.62 -5.04 -56.21
C VAL C 168 -28.94 -3.93 -57.02
N LEU C 169 -27.96 -4.33 -57.84
CA LEU C 169 -27.23 -3.42 -58.71
C LEU C 169 -27.51 -3.77 -60.16
N THR C 170 -27.59 -2.76 -61.02
CA THR C 170 -27.87 -2.98 -62.43
C THR C 170 -26.58 -3.33 -63.17
N GLU C 171 -26.71 -3.58 -64.48
CA GLU C 171 -25.58 -3.90 -65.33
C GLU C 171 -24.73 -2.68 -65.65
N VAL C 172 -25.20 -1.47 -65.35
CA VAL C 172 -24.42 -0.26 -65.57
C VAL C 172 -23.85 0.31 -64.27
N GLY C 173 -24.42 -0.02 -63.11
CA GLY C 173 -23.94 0.52 -61.85
C GLY C 173 -24.97 1.37 -61.14
N ASP C 174 -26.25 1.05 -61.31
CA ASP C 174 -27.34 1.77 -60.67
C ASP C 174 -28.14 0.84 -59.78
N ILE C 175 -28.75 1.42 -58.75
CA ILE C 175 -29.59 0.65 -57.84
C ILE C 175 -30.89 0.25 -58.54
N ALA C 176 -31.28 -1.01 -58.38
CA ALA C 176 -32.50 -1.53 -58.99
C ALA C 176 -33.53 -1.96 -57.94
N GLY C 177 -33.41 -1.45 -56.71
CA GLY C 177 -34.37 -1.77 -55.68
C GLY C 177 -34.08 -3.09 -54.99
N ASN C 178 -35.04 -3.50 -54.17
CA ASN C 178 -34.89 -4.68 -53.34
C ASN C 178 -34.84 -5.96 -54.20
N SER C 179 -34.21 -6.99 -53.65
CA SER C 179 -34.08 -8.26 -54.33
C SER C 179 -35.32 -9.13 -54.13
N VAL C 180 -35.57 -10.00 -55.11
CA VAL C 180 -36.72 -10.91 -55.02
C VAL C 180 -36.48 -11.96 -53.95
N SER C 181 -35.24 -12.44 -53.82
CA SER C 181 -34.93 -13.47 -52.83
C SER C 181 -35.17 -12.94 -51.42
N THR C 182 -35.86 -13.74 -50.61
CA THR C 182 -36.08 -13.35 -49.22
C THR C 182 -34.76 -13.28 -48.46
N ILE C 183 -33.96 -14.35 -48.51
CA ILE C 183 -32.65 -14.39 -47.87
C ILE C 183 -31.65 -15.08 -48.79
N ASP C 184 -30.41 -14.62 -48.74
CA ASP C 184 -29.31 -15.16 -49.53
C ASP C 184 -28.09 -15.31 -48.65
N LEU C 185 -27.42 -16.45 -48.73
CA LEU C 185 -26.27 -16.74 -47.88
C LEU C 185 -25.17 -17.39 -48.72
N TYR C 186 -23.93 -17.20 -48.28
CA TYR C 186 -22.77 -17.82 -48.89
C TYR C 186 -21.97 -18.52 -47.79
N LEU C 187 -21.93 -19.84 -47.86
CA LEU C 187 -21.20 -20.67 -46.90
C LEU C 187 -19.81 -20.94 -47.44
N PHE C 188 -18.80 -20.48 -46.69
CA PHE C 188 -17.39 -20.74 -46.97
C PHE C 188 -16.91 -21.86 -46.08
N ALA C 189 -16.44 -22.95 -46.68
CA ALA C 189 -16.01 -24.14 -45.95
C ALA C 189 -14.59 -24.51 -46.35
N TYR C 190 -13.70 -23.53 -46.34
CA TYR C 190 -12.33 -23.71 -46.81
C TYR C 190 -11.39 -24.28 -45.75
N GLY C 191 -11.89 -24.54 -44.54
CA GLY C 191 -11.05 -25.04 -43.48
C GLY C 191 -10.02 -24.02 -43.03
N ARG C 192 -8.75 -24.40 -43.09
CA ARG C 192 -7.66 -23.50 -42.70
C ARG C 192 -6.81 -23.09 -43.91
N ASP C 193 -7.39 -23.08 -45.10
CA ASP C 193 -6.74 -22.54 -46.29
C ASP C 193 -7.29 -21.14 -46.50
N TYR C 194 -6.70 -20.18 -45.79
CA TYR C 194 -7.22 -18.82 -45.80
C TYR C 194 -6.89 -18.09 -47.09
N ARG C 195 -5.74 -18.36 -47.69
CA ARG C 195 -5.37 -17.70 -48.93
C ARG C 195 -6.33 -18.06 -50.06
N GLN C 196 -6.69 -19.34 -50.16
CA GLN C 196 -7.64 -19.77 -51.18
C GLN C 196 -9.01 -19.16 -50.95
N ALA C 197 -9.43 -19.07 -49.68
CA ALA C 197 -10.71 -18.44 -49.37
C ALA C 197 -10.71 -16.97 -49.78
N LEU C 198 -9.61 -16.26 -49.53
CA LEU C 198 -9.53 -14.86 -49.93
C LEU C 198 -9.53 -14.73 -51.45
N LYS C 199 -8.83 -15.62 -52.15
CA LYS C 199 -8.82 -15.58 -53.61
C LYS C 199 -10.21 -15.80 -54.18
N ASP C 200 -10.96 -16.75 -53.61
CA ASP C 200 -12.31 -17.00 -54.10
C ASP C 200 -13.27 -15.88 -53.72
N PHE C 201 -13.05 -15.25 -52.57
CA PHE C 201 -13.84 -14.06 -52.24
C PHE C 201 -13.60 -12.94 -53.24
N TYR C 202 -12.34 -12.75 -53.65
CA TYR C 202 -12.04 -11.73 -54.64
C TYR C 202 -12.62 -12.10 -56.00
N GLN C 203 -12.64 -13.38 -56.32
CA GLN C 203 -13.29 -13.83 -57.55
C GLN C 203 -14.79 -13.54 -57.51
N LEU C 204 -15.41 -13.74 -56.35
CA LEU C 204 -16.85 -13.55 -56.24
C LEU C 204 -17.24 -12.08 -56.27
N THR C 205 -16.49 -11.22 -55.58
CA THR C 205 -16.87 -9.82 -55.43
C THR C 205 -16.00 -8.86 -56.25
N GLY C 206 -15.01 -9.36 -56.97
CA GLY C 206 -14.18 -8.49 -57.78
C GLY C 206 -12.84 -8.16 -57.14
N ASN C 207 -11.77 -8.20 -57.93
CA ASN C 207 -10.44 -7.92 -57.41
C ASN C 207 -10.28 -6.44 -57.09
N THR C 208 -9.35 -6.16 -56.19
CA THR C 208 -9.00 -4.78 -55.87
C THR C 208 -8.24 -4.15 -57.03
N PRO C 209 -8.61 -2.94 -57.46
CA PRO C 209 -7.86 -2.30 -58.54
C PRO C 209 -6.49 -1.83 -58.09
N LYS C 210 -5.63 -1.60 -59.06
CA LYS C 210 -4.27 -1.15 -58.79
C LYS C 210 -4.28 0.26 -58.18
N LEU C 211 -3.30 0.51 -57.36
CA LEU C 211 -3.07 1.84 -56.81
C LEU C 211 -1.94 2.53 -57.54
N PRO C 212 -1.97 3.85 -57.66
CA PRO C 212 -0.84 4.55 -58.28
C PRO C 212 0.37 4.57 -57.37
N ARG C 213 1.53 4.79 -57.99
CA ARG C 213 2.79 4.74 -57.24
C ARG C 213 2.87 5.84 -56.20
N PHE C 214 2.41 7.04 -56.54
CA PHE C 214 2.52 8.17 -55.61
C PHE C 214 1.74 7.94 -54.33
N ALA C 215 0.74 7.08 -54.34
CA ALA C 215 -0.02 6.76 -53.13
C ALA C 215 0.79 5.96 -52.12
N LEU C 216 1.95 5.44 -52.51
CA LEU C 216 2.75 4.62 -51.62
C LEU C 216 3.89 5.39 -50.95
N GLY C 217 3.90 6.71 -51.06
CA GLY C 217 4.87 7.54 -50.39
C GLY C 217 4.35 8.07 -49.07
N ASN C 218 4.88 9.22 -48.67
CA ASN C 218 4.47 9.89 -47.44
C ASN C 218 3.44 10.95 -47.76
N TRP C 219 2.33 10.93 -47.01
CA TRP C 219 1.30 11.95 -47.14
C TRP C 219 1.42 12.94 -45.99
N TRP C 220 1.27 14.22 -46.30
CA TRP C 220 1.28 15.27 -45.29
C TRP C 220 -0.11 15.89 -45.22
N SER C 221 -0.65 16.02 -44.00
CA SER C 221 -1.96 16.64 -43.83
C SER C 221 -1.99 17.37 -42.51
N ARG C 222 -2.38 18.65 -42.54
CA ARG C 222 -2.59 19.41 -41.32
C ARG C 222 -3.81 20.30 -41.49
N TYR C 223 -4.68 20.30 -40.48
CA TYR C 223 -5.85 21.16 -40.46
C TYR C 223 -5.38 22.53 -39.94
N TYR C 224 -4.88 23.34 -40.87
CA TYR C 224 -4.32 24.64 -40.54
C TYR C 224 -4.73 25.64 -41.62
N ASP C 225 -4.72 26.92 -41.25
CA ASP C 225 -5.04 28.01 -42.17
C ASP C 225 -3.77 28.39 -42.95
N TYR C 226 -3.45 27.55 -43.93
CA TYR C 226 -2.23 27.75 -44.70
C TYR C 226 -2.43 28.82 -45.77
N SER C 227 -1.41 29.66 -45.94
CA SER C 227 -1.29 30.54 -47.09
C SER C 227 -0.39 29.89 -48.13
N ASP C 228 -0.54 30.33 -49.38
CA ASP C 228 0.22 29.72 -50.47
C ASP C 228 1.72 29.86 -50.24
N LYS C 229 2.17 31.05 -49.88
CA LYS C 229 3.59 31.25 -49.63
C LYS C 229 4.07 30.47 -48.41
N SER C 230 3.23 30.41 -47.36
CA SER C 230 3.61 29.65 -46.18
C SER C 230 3.66 28.16 -46.47
N TYR C 231 2.71 27.65 -47.27
CA TYR C 231 2.74 26.25 -47.66
C TYR C 231 3.98 25.93 -48.49
N LEU C 232 4.33 26.81 -49.44
CA LEU C 232 5.55 26.60 -50.22
C LEU C 232 6.79 26.64 -49.34
N ALA C 233 6.81 27.54 -48.36
CA ALA C 233 7.93 27.59 -47.42
C ALA C 233 8.03 26.30 -46.61
N LEU C 234 6.90 25.76 -46.19
CA LEU C 234 6.91 24.50 -45.44
C LEU C 234 7.43 23.35 -46.31
N MET C 235 7.00 23.30 -47.58
CA MET C 235 7.51 22.26 -48.47
C MET C 235 9.02 22.41 -48.69
N ASP C 236 9.49 23.64 -48.86
CA ASP C 236 10.93 23.87 -49.02
C ASP C 236 11.70 23.47 -47.76
N LYS C 237 11.11 23.71 -46.59
CA LYS C 237 11.73 23.28 -45.34
C LYS C 237 11.80 21.76 -45.26
N PHE C 238 10.75 21.08 -45.71
CA PHE C 238 10.77 19.62 -45.76
C PHE C 238 11.88 19.13 -46.68
N THR C 239 12.03 19.78 -47.84
CA THR C 239 13.10 19.39 -48.76
C THR C 239 14.48 19.65 -48.14
N ASP C 240 14.64 20.77 -47.44
CA ASP C 240 15.93 21.11 -46.85
C ASP C 240 16.34 20.10 -45.78
N LYS C 241 15.36 19.52 -45.09
CA LYS C 241 15.64 18.56 -44.03
C LYS C 241 15.76 17.13 -44.54
N LYS C 242 15.73 16.92 -45.85
CA LYS C 242 15.92 15.61 -46.47
C LYS C 242 14.77 14.66 -46.14
N VAL C 243 13.55 15.18 -46.19
CA VAL C 243 12.34 14.39 -45.95
C VAL C 243 11.55 14.32 -47.25
N PRO C 244 11.45 13.16 -47.89
CA PRO C 244 10.67 13.05 -49.12
C PRO C 244 9.18 12.99 -48.86
N LEU C 245 8.40 13.56 -49.77
CA LEU C 245 6.96 13.56 -49.70
C LEU C 245 6.39 13.27 -51.07
N SER C 246 5.19 12.69 -51.09
CA SER C 246 4.53 12.33 -52.34
C SER C 246 3.20 13.01 -52.56
N VAL C 247 2.43 13.24 -51.49
CA VAL C 247 1.08 13.78 -51.60
C VAL C 247 0.96 14.96 -50.64
N SER C 248 0.38 16.05 -51.11
CA SER C 248 0.05 17.21 -50.29
C SER C 248 -1.46 17.24 -50.11
N VAL C 249 -1.91 17.24 -48.86
CA VAL C 249 -3.33 17.25 -48.53
C VAL C 249 -3.67 18.61 -47.93
N ILE C 250 -4.60 19.31 -48.57
CA ILE C 250 -5.05 20.63 -48.12
C ILE C 250 -6.45 20.47 -47.55
N ASP C 251 -6.63 20.86 -46.29
CA ASP C 251 -7.87 20.62 -45.58
C ASP C 251 -8.92 21.65 -45.98
N MET C 252 -10.02 21.71 -45.22
CA MET C 252 -11.21 22.47 -45.60
C MET C 252 -10.97 23.97 -45.65
N ASP C 253 -9.87 24.47 -45.09
CA ASP C 253 -9.61 25.90 -45.12
C ASP C 253 -9.20 26.41 -46.49
N TRP C 254 -9.14 25.55 -47.51
CA TRP C 254 -8.84 26.01 -48.86
C TRP C 254 -9.97 26.85 -49.44
N HIS C 255 -11.18 26.73 -48.91
CA HIS C 255 -12.34 27.47 -49.40
C HIS C 255 -12.80 28.48 -48.35
N LYS C 256 -13.86 29.21 -48.68
CA LYS C 256 -14.39 30.25 -47.81
C LYS C 256 -15.08 29.61 -46.60
N VAL C 257 -14.77 30.10 -45.41
CA VAL C 257 -15.33 29.60 -44.17
C VAL C 257 -16.04 30.69 -43.38
N SER C 258 -15.31 31.74 -43.00
CA SER C 258 -15.84 32.78 -42.13
C SER C 258 -16.48 33.93 -42.89
N GLU C 259 -16.40 33.93 -44.23
CA GLU C 259 -16.99 34.98 -45.05
C GLU C 259 -18.28 34.54 -45.72
N VAL C 260 -18.83 33.41 -45.30
CA VAL C 260 -20.13 32.96 -45.82
C VAL C 260 -21.21 33.94 -45.34
N PRO C 261 -22.22 34.25 -46.15
CA PRO C 261 -23.27 35.16 -45.70
C PRO C 261 -24.02 34.61 -44.49
N SER C 262 -24.59 35.52 -43.70
CA SER C 262 -25.26 35.14 -42.46
C SER C 262 -26.44 34.21 -42.72
N ARG C 263 -27.08 34.35 -43.89
CA ARG C 263 -28.21 33.48 -44.21
C ARG C 263 -27.80 32.02 -44.22
N PHE C 264 -26.74 31.70 -44.97
CA PHE C 264 -26.29 30.33 -45.11
C PHE C 264 -25.68 29.84 -43.79
N GLY C 265 -25.79 28.53 -43.56
CA GLY C 265 -25.40 27.96 -42.29
C GLY C 265 -23.94 27.58 -42.21
N SER C 266 -23.67 26.30 -41.95
CA SER C 266 -22.30 25.81 -41.81
C SER C 266 -21.52 26.02 -43.10
N GLY C 267 -20.41 26.74 -43.01
CA GLY C 267 -19.58 27.01 -44.17
C GLY C 267 -18.61 25.88 -44.47
N TRP C 268 -18.83 24.72 -43.86
CA TRP C 268 -17.97 23.56 -44.11
C TRP C 268 -17.99 23.18 -45.58
N THR C 269 -19.17 23.22 -46.21
CA THR C 269 -19.26 22.99 -47.64
C THR C 269 -18.74 24.19 -48.41
N GLY C 270 -17.88 23.94 -49.39
CA GLY C 270 -17.35 25.02 -50.20
C GLY C 270 -16.72 24.54 -51.49
N TYR C 271 -16.91 25.32 -52.56
CA TYR C 271 -16.29 25.04 -53.84
C TYR C 271 -15.68 26.28 -54.47
N SER C 272 -15.46 27.33 -53.67
CA SER C 272 -14.87 28.58 -54.13
C SER C 272 -13.54 28.78 -53.42
N TRP C 273 -12.52 29.13 -54.19
CA TRP C 273 -11.19 29.34 -53.62
C TRP C 273 -11.18 30.56 -52.71
N ASN C 274 -10.39 30.48 -51.64
CA ASN C 274 -10.19 31.62 -50.74
C ASN C 274 -9.12 32.51 -51.34
N LYS C 275 -9.54 33.61 -51.98
CA LYS C 275 -8.59 34.45 -52.70
C LYS C 275 -7.70 35.25 -51.77
N LYS C 276 -8.15 35.49 -50.53
CA LYS C 276 -7.29 36.16 -49.56
C LYS C 276 -6.06 35.32 -49.24
N LEU C 277 -6.25 34.01 -49.07
CA LEU C 277 -5.15 33.10 -48.79
C LEU C 277 -4.50 32.55 -50.06
N PHE C 278 -5.27 32.39 -51.13
CA PHE C 278 -4.80 31.84 -52.40
C PHE C 278 -5.13 32.80 -53.52
N PRO C 279 -4.33 33.88 -53.68
CA PRO C 279 -4.62 34.83 -54.76
C PRO C 279 -4.60 34.21 -56.15
N ASN C 280 -3.69 33.26 -56.40
CA ASN C 280 -3.56 32.62 -57.70
C ASN C 280 -3.53 31.11 -57.51
N PRO C 281 -4.69 30.47 -57.37
CA PRO C 281 -4.71 29.02 -57.16
C PRO C 281 -4.02 28.23 -58.26
N GLU C 282 -4.14 28.68 -59.51
CA GLU C 282 -3.49 28.00 -60.61
C GLU C 282 -1.97 28.01 -60.43
N ASN C 283 -1.42 29.16 -60.03
CA ASN C 283 0.03 29.25 -59.82
C ASN C 283 0.46 28.40 -58.62
N PHE C 284 -0.37 28.33 -57.59
CA PHE C 284 -0.04 27.50 -56.43
C PHE C 284 0.01 26.03 -56.81
N ILE C 285 -0.99 25.54 -57.54
CA ILE C 285 -0.97 24.15 -57.97
C ILE C 285 0.17 23.91 -58.94
N ASP C 286 0.49 24.90 -59.78
CA ASP C 286 1.63 24.75 -60.69
C ASP C 286 2.94 24.61 -59.92
N GLU C 287 3.12 25.40 -58.87
CA GLU C 287 4.32 25.28 -58.04
C GLU C 287 4.37 23.92 -57.34
N LEU C 288 3.23 23.47 -56.82
CA LEU C 288 3.19 22.17 -56.16
C LEU C 288 3.55 21.05 -57.12
N HIS C 289 3.06 21.12 -58.36
CA HIS C 289 3.45 20.13 -59.37
C HIS C 289 4.90 20.31 -59.80
N GLN C 290 5.42 21.53 -59.73
CA GLN C 290 6.83 21.76 -60.03
C GLN C 290 7.72 21.09 -59.00
N ARG C 291 7.28 21.03 -57.75
CA ARG C 291 7.97 20.25 -56.73
C ARG C 291 7.63 18.76 -56.79
N LYS C 292 6.86 18.34 -57.80
CA LYS C 292 6.44 16.96 -57.99
C LYS C 292 5.68 16.46 -56.77
N LEU C 293 4.52 17.06 -56.54
CA LEU C 293 3.60 16.66 -55.49
C LEU C 293 2.21 16.50 -56.07
N LYS C 294 1.48 15.50 -55.61
CA LYS C 294 0.09 15.32 -56.00
C LYS C 294 -0.80 16.01 -54.98
N VAL C 295 -1.81 16.73 -55.47
CA VAL C 295 -2.60 17.63 -54.65
C VAL C 295 -4.00 17.05 -54.50
N THR C 296 -4.54 17.10 -53.29
CA THR C 296 -5.91 16.74 -53.02
C THR C 296 -6.53 17.78 -52.10
N LEU C 297 -7.85 17.89 -52.19
CA LEU C 297 -8.60 18.86 -51.40
C LEU C 297 -9.70 18.16 -50.63
N ASN C 298 -10.04 18.72 -49.47
CA ASN C 298 -11.12 18.19 -48.66
C ASN C 298 -12.46 18.67 -49.23
N ASP C 299 -13.45 17.79 -49.26
CA ASP C 299 -14.77 18.11 -49.77
C ASP C 299 -15.83 17.74 -48.76
N HIS C 300 -16.82 18.62 -48.60
CA HIS C 300 -17.91 18.45 -47.65
C HIS C 300 -19.23 18.64 -48.38
N PRO C 301 -19.73 17.61 -49.05
CA PRO C 301 -20.94 17.75 -49.87
C PRO C 301 -22.24 17.78 -49.08
N ALA C 302 -22.20 17.67 -47.75
CA ALA C 302 -23.41 17.43 -46.97
C ALA C 302 -24.41 18.58 -47.13
N ASP C 303 -23.94 19.82 -47.09
CA ASP C 303 -24.85 20.96 -47.19
C ASP C 303 -25.42 21.09 -48.60
N GLY C 304 -24.55 21.29 -49.58
CA GLY C 304 -24.97 21.39 -50.96
C GLY C 304 -24.42 22.63 -51.63
N ILE C 305 -24.78 22.77 -52.91
CA ILE C 305 -24.32 23.89 -53.72
C ILE C 305 -25.19 25.10 -53.43
N ARG C 306 -24.68 26.01 -52.61
CA ARG C 306 -25.42 27.21 -52.24
C ARG C 306 -25.25 28.30 -53.29
N ALA C 307 -26.03 29.37 -53.16
CA ALA C 307 -26.06 30.42 -54.16
C ALA C 307 -24.80 31.26 -54.18
N PHE C 308 -24.02 31.26 -53.10
CA PHE C 308 -22.82 32.09 -53.02
C PHE C 308 -21.60 31.45 -53.68
N GLU C 309 -21.69 30.19 -54.08
CA GLU C 309 -20.56 29.52 -54.72
C GLU C 309 -20.24 30.19 -56.05
N ASP C 310 -18.95 30.18 -56.40
CA ASP C 310 -18.54 30.71 -57.71
C ASP C 310 -19.17 29.94 -58.87
N PRO C 311 -19.17 28.61 -58.91
CA PRO C 311 -19.82 27.90 -60.02
C PRO C 311 -21.32 27.73 -59.88
N TYR C 312 -21.95 28.38 -58.90
CA TYR C 312 -23.38 28.20 -58.69
C TYR C 312 -24.23 28.58 -59.90
N PRO C 313 -23.99 29.69 -60.61
CA PRO C 313 -24.83 29.98 -61.78
C PRO C 313 -24.91 28.84 -62.79
N GLN C 314 -23.77 28.23 -63.12
CA GLN C 314 -23.76 27.15 -64.11
C GLN C 314 -24.67 26.02 -63.70
N VAL C 315 -24.54 25.55 -62.46
CA VAL C 315 -25.41 24.49 -61.95
C VAL C 315 -26.87 24.94 -62.01
N ALA C 316 -27.11 26.23 -61.77
CA ALA C 316 -28.49 26.74 -61.84
C ALA C 316 -29.07 26.56 -63.24
N GLN C 317 -28.23 26.67 -64.27
CA GLN C 317 -28.72 26.46 -65.63
C GLN C 317 -28.92 24.98 -65.93
N THR C 318 -28.33 24.09 -65.14
CA THR C 318 -28.42 22.66 -65.44
C THR C 318 -29.58 22.01 -64.70
N LEU C 319 -29.63 22.16 -63.37
CA LEU C 319 -30.63 21.47 -62.57
C LEU C 319 -31.98 22.18 -62.58
N ASP C 320 -32.03 23.38 -62.03
CA ASP C 320 -33.26 24.16 -61.95
C ASP C 320 -32.97 25.59 -61.56
N LEU C 321 -33.46 26.54 -62.36
CA LEU C 321 -33.33 27.95 -62.00
C LEU C 321 -34.22 28.26 -60.81
N ASN C 322 -33.74 29.18 -59.96
CA ASN C 322 -34.55 29.64 -58.84
C ASN C 322 -35.82 30.33 -59.34
N THR C 323 -36.94 30.04 -58.66
CA THR C 323 -38.23 30.53 -59.12
C THR C 323 -38.27 32.06 -59.09
N GLU C 324 -38.18 32.65 -57.89
CA GLU C 324 -38.06 34.10 -57.76
C GLU C 324 -36.74 34.48 -57.12
N LEU C 325 -36.47 34.01 -55.89
CA LEU C 325 -35.19 34.26 -55.23
C LEU C 325 -34.94 33.09 -54.28
N GLU C 326 -34.18 32.10 -54.75
CA GLU C 326 -33.87 30.91 -53.97
C GLU C 326 -32.47 30.42 -54.35
N GLU C 327 -32.16 29.20 -53.95
CA GLU C 327 -30.87 28.57 -54.17
C GLU C 327 -31.08 27.11 -54.59
N ALA C 328 -29.97 26.41 -54.83
CA ALA C 328 -30.02 25.07 -55.42
C ALA C 328 -29.06 24.11 -54.72
N ALA C 329 -29.08 24.08 -53.38
CA ALA C 329 -28.29 23.12 -52.63
C ALA C 329 -29.02 21.78 -52.53
N LYS C 330 -29.30 21.20 -53.70
CA LYS C 330 -30.03 19.95 -53.80
C LYS C 330 -29.05 18.78 -53.90
N PHE C 331 -28.47 18.44 -52.75
CA PHE C 331 -27.53 17.32 -52.68
C PHE C 331 -28.34 16.03 -52.54
N ASP C 332 -28.77 15.51 -53.69
CA ASP C 332 -29.43 14.21 -53.78
C ASP C 332 -28.67 13.39 -54.81
N PHE C 333 -27.73 12.59 -54.34
CA PHE C 333 -26.79 11.89 -55.22
C PHE C 333 -27.42 10.71 -55.93
N ASP C 334 -28.75 10.60 -55.89
CA ASP C 334 -29.48 9.58 -56.66
C ASP C 334 -29.79 10.06 -58.07
N ASN C 335 -30.02 11.36 -58.25
CA ASN C 335 -30.42 11.90 -59.54
C ASN C 335 -29.26 11.87 -60.53
N LEU C 336 -29.53 11.41 -61.75
CA LEU C 336 -28.51 11.41 -62.79
C LEU C 336 -28.07 12.82 -63.14
N LYS C 337 -29.01 13.75 -63.24
CA LYS C 337 -28.68 15.11 -63.65
C LYS C 337 -27.84 15.81 -62.59
N PHE C 338 -28.17 15.61 -61.30
CA PHE C 338 -27.36 16.21 -60.25
C PHE C 338 -25.93 15.67 -60.28
N ARG C 339 -25.77 14.36 -60.47
CA ARG C 339 -24.44 13.79 -60.52
C ARG C 339 -23.66 14.34 -61.70
N LYS C 340 -24.31 14.47 -62.86
CA LYS C 340 -23.64 15.05 -64.03
C LYS C 340 -23.21 16.48 -63.76
N ALA C 341 -24.10 17.29 -63.18
CA ALA C 341 -23.76 18.69 -62.91
C ALA C 341 -22.63 18.79 -61.88
N TYR C 342 -22.65 17.91 -60.87
CA TYR C 342 -21.63 17.95 -59.84
C TYR C 342 -20.28 17.46 -60.35
N PHE C 343 -20.29 16.57 -61.35
CA PHE C 343 -19.05 16.07 -61.92
C PHE C 343 -18.57 16.87 -63.14
N GLU C 344 -19.35 17.81 -63.64
CA GLU C 344 -18.96 18.61 -64.79
C GLU C 344 -18.66 20.06 -64.46
N GLU C 345 -19.53 20.73 -63.70
CA GLU C 345 -19.37 22.16 -63.44
C GLU C 345 -18.82 22.46 -62.04
N VAL C 346 -18.89 21.51 -61.11
CA VAL C 346 -18.43 21.77 -59.75
C VAL C 346 -16.98 21.32 -59.61
N HIS C 347 -16.73 20.02 -59.79
CA HIS C 347 -15.39 19.48 -59.72
C HIS C 347 -14.58 19.77 -60.98
N GLY C 348 -15.23 20.08 -62.09
CA GLY C 348 -14.57 20.25 -63.38
C GLY C 348 -13.52 21.34 -63.41
N PRO C 349 -13.90 22.58 -63.11
CA PRO C 349 -12.90 23.67 -63.09
C PRO C 349 -11.79 23.45 -62.08
N LEU C 350 -12.10 22.88 -60.91
CA LEU C 350 -11.06 22.62 -59.92
C LEU C 350 -10.07 21.57 -60.42
N GLU C 351 -10.56 20.50 -61.04
CA GLU C 351 -9.66 19.50 -61.61
C GLU C 351 -8.91 20.07 -62.81
N LYS C 352 -9.47 21.08 -63.48
CA LYS C 352 -8.73 21.77 -64.52
C LYS C 352 -7.60 22.60 -63.95
N GLU C 353 -7.81 23.17 -62.75
CA GLU C 353 -6.73 23.89 -62.09
C GLU C 353 -5.56 22.97 -61.75
N GLY C 354 -5.82 21.68 -61.58
CA GLY C 354 -4.75 20.73 -61.37
C GLY C 354 -4.92 19.81 -60.17
N VAL C 355 -6.12 19.79 -59.58
CA VAL C 355 -6.39 18.89 -58.46
C VAL C 355 -6.44 17.46 -58.98
N ASP C 356 -5.70 16.57 -58.34
CA ASP C 356 -5.57 15.20 -58.83
C ASP C 356 -6.71 14.32 -58.37
N PHE C 357 -6.91 14.20 -57.06
CA PHE C 357 -7.98 13.38 -56.51
C PHE C 357 -8.64 14.12 -55.35
N TRP C 358 -9.77 13.58 -54.89
CA TRP C 358 -10.66 14.26 -53.96
C TRP C 358 -10.75 13.50 -52.66
N TRP C 359 -10.76 14.24 -51.55
CA TRP C 359 -10.92 13.68 -50.20
C TRP C 359 -12.37 13.93 -49.78
N ILE C 360 -13.16 12.88 -49.76
CA ILE C 360 -14.59 12.97 -49.41
C ILE C 360 -14.70 12.74 -47.91
N ASP C 361 -14.98 13.82 -47.17
CA ASP C 361 -15.14 13.75 -45.72
C ASP C 361 -16.63 13.82 -45.39
N TRP C 362 -17.27 12.65 -45.40
CA TRP C 362 -18.70 12.54 -45.12
C TRP C 362 -18.87 12.02 -43.70
N GLN C 363 -19.05 12.94 -42.76
CA GLN C 363 -19.22 12.59 -41.35
C GLN C 363 -20.70 12.71 -40.98
N GLN C 364 -21.48 11.72 -41.42
CA GLN C 364 -22.91 11.69 -41.18
C GLN C 364 -23.34 10.28 -40.79
N GLY C 365 -24.47 10.20 -40.09
CA GLY C 365 -24.95 8.94 -39.57
C GLY C 365 -25.91 8.19 -40.48
N ALA C 366 -25.50 7.98 -41.74
CA ALA C 366 -26.21 7.14 -42.68
C ALA C 366 -27.66 7.59 -42.87
N ILE C 367 -27.81 8.78 -43.45
CA ILE C 367 -29.14 9.34 -43.71
C ILE C 367 -29.56 8.85 -45.10
N SER C 368 -30.13 7.65 -45.12
CA SER C 368 -30.55 7.03 -46.37
C SER C 368 -31.92 7.54 -46.80
N LYS C 369 -32.02 7.95 -48.06
CA LYS C 369 -33.26 8.48 -48.62
C LYS C 369 -34.04 7.45 -49.42
N SER C 370 -33.34 6.61 -50.20
CA SER C 370 -33.99 5.57 -51.00
C SER C 370 -33.64 4.18 -50.50
N GLY C 371 -33.30 4.06 -49.22
CA GLY C 371 -32.91 2.78 -48.65
C GLY C 371 -31.48 2.38 -48.91
N VAL C 372 -30.70 3.23 -49.56
CA VAL C 372 -29.30 2.96 -49.87
C VAL C 372 -28.45 3.97 -49.11
N ASP C 373 -27.36 3.50 -48.53
CA ASP C 373 -26.45 4.38 -47.80
C ASP C 373 -25.80 5.36 -48.77
N PRO C 374 -25.91 6.68 -48.53
CA PRO C 374 -25.33 7.64 -49.47
C PRO C 374 -23.83 7.54 -49.62
N LEU C 375 -23.12 7.09 -48.57
CA LEU C 375 -21.67 6.96 -48.65
C LEU C 375 -21.26 5.95 -49.71
N TRP C 376 -21.99 4.84 -49.81
CA TRP C 376 -21.68 3.84 -50.83
C TRP C 376 -21.82 4.41 -52.24
N LEU C 377 -22.90 5.16 -52.48
CA LEU C 377 -23.09 5.76 -53.80
C LEU C 377 -22.02 6.80 -54.09
N LEU C 378 -21.69 7.62 -53.08
CA LEU C 378 -20.60 8.59 -53.25
C LEU C 378 -19.30 7.90 -53.64
N ASN C 379 -18.92 6.86 -52.89
CA ASN C 379 -17.68 6.14 -53.18
C ASN C 379 -17.71 5.56 -54.59
N HIS C 380 -18.79 4.86 -54.93
CA HIS C 380 -18.88 4.21 -56.23
C HIS C 380 -18.75 5.21 -57.37
N TYR C 381 -19.56 6.26 -57.35
CA TYR C 381 -19.59 7.17 -58.49
C TYR C 381 -18.36 8.08 -58.51
N GLN C 382 -17.85 8.47 -57.34
CA GLN C 382 -16.62 9.26 -57.29
C GLN C 382 -15.43 8.46 -57.81
N TYR C 383 -15.33 7.18 -57.45
CA TYR C 383 -14.24 6.37 -57.97
C TYR C 383 -14.39 6.15 -59.46
N GLN C 384 -15.62 5.96 -59.94
CA GLN C 384 -15.83 5.83 -61.38
C GLN C 384 -15.43 7.10 -62.11
N ASN C 385 -15.69 8.27 -61.51
CA ASN C 385 -15.37 9.54 -62.15
C ASN C 385 -13.87 9.87 -62.08
N ALA C 386 -13.19 9.45 -61.02
CA ALA C 386 -11.79 9.84 -60.85
C ALA C 386 -10.88 9.21 -61.89
N GLN C 387 -11.35 8.22 -62.64
CA GLN C 387 -10.49 7.50 -63.57
C GLN C 387 -10.12 8.33 -64.80
N LYS C 388 -10.90 9.34 -65.14
CA LYS C 388 -10.55 10.16 -66.30
C LYS C 388 -9.39 11.10 -66.02
N LYS C 389 -9.25 11.54 -64.76
CA LYS C 389 -8.16 12.46 -64.42
C LYS C 389 -6.81 11.79 -64.55
N HIS C 390 -6.65 10.61 -63.94
CA HIS C 390 -5.40 9.86 -64.02
C HIS C 390 -5.70 8.38 -64.20
N LYS C 391 -4.71 7.66 -64.72
CA LYS C 391 -4.83 6.22 -64.86
C LYS C 391 -4.70 5.56 -63.50
N ASN C 392 -5.72 4.77 -63.13
CA ASN C 392 -5.77 4.10 -61.84
C ASN C 392 -5.70 5.10 -60.69
N ASN C 393 -6.68 6.00 -60.66
CA ASN C 393 -6.74 7.01 -59.62
C ASN C 393 -7.38 6.44 -58.36
N ILE C 394 -7.33 7.22 -57.28
CA ILE C 394 -7.85 6.81 -55.99
C ILE C 394 -8.68 7.95 -55.40
N ILE C 395 -9.34 7.64 -54.28
CA ILE C 395 -10.08 8.62 -53.50
C ILE C 395 -9.78 8.36 -52.02
N LEU C 396 -10.15 9.33 -51.19
CA LEU C 396 -10.17 9.16 -49.75
C LEU C 396 -11.63 9.16 -49.29
N SER C 397 -12.05 8.08 -48.66
CA SER C 397 -13.42 7.95 -48.18
C SER C 397 -13.42 6.99 -47.00
N ARG C 398 -14.60 6.51 -46.61
CA ARG C 398 -14.75 5.63 -45.47
C ARG C 398 -15.29 4.27 -45.90
N TYR C 399 -15.13 3.30 -45.01
CA TYR C 399 -15.60 1.94 -45.27
C TYR C 399 -17.12 1.90 -45.30
N ALA C 400 -17.67 1.07 -46.20
CA ALA C 400 -19.11 0.97 -46.40
C ALA C 400 -19.53 -0.49 -46.57
N GLY C 401 -18.98 -1.36 -45.73
CA GLY C 401 -19.37 -2.76 -45.74
C GLY C 401 -18.67 -3.57 -46.81
N PRO C 402 -18.93 -4.88 -46.83
CA PRO C 402 -18.35 -5.73 -47.88
C PRO C 402 -18.63 -5.18 -49.26
N GLY C 403 -17.64 -5.31 -50.15
CA GLY C 403 -17.72 -4.75 -51.48
C GLY C 403 -17.13 -3.35 -51.62
N SER C 404 -16.71 -2.74 -50.51
CA SER C 404 -16.06 -1.44 -50.57
C SER C 404 -14.60 -1.53 -50.97
N HIS C 405 -14.01 -2.72 -50.99
CA HIS C 405 -12.62 -2.88 -51.37
C HIS C 405 -12.36 -2.55 -52.83
N ARG C 406 -13.42 -2.40 -53.64
CA ARG C 406 -13.27 -2.04 -55.04
C ARG C 406 -13.01 -0.56 -55.26
N TYR C 407 -13.14 0.27 -54.22
CA TYR C 407 -12.99 1.73 -54.33
C TYR C 407 -12.02 2.23 -53.28
N PRO C 408 -10.71 2.02 -53.50
CA PRO C 408 -9.72 2.60 -52.59
C PRO C 408 -9.60 4.10 -52.80
N LEU C 409 -9.16 4.81 -51.75
CA LEU C 409 -8.78 4.24 -50.47
C LEU C 409 -9.80 4.56 -49.38
N GLY C 410 -9.76 3.79 -48.30
CA GLY C 410 -10.58 4.06 -47.14
C GLY C 410 -9.75 4.37 -45.92
N PHE C 411 -9.99 5.52 -45.29
CA PHE C 411 -9.28 5.92 -44.10
C PHE C 411 -10.19 5.80 -42.88
N SER C 412 -9.57 5.82 -41.70
CA SER C 412 -10.29 5.62 -40.45
C SER C 412 -10.35 6.89 -39.60
N GLY C 413 -9.20 7.44 -39.21
CA GLY C 413 -9.19 8.57 -38.33
C GLY C 413 -9.92 8.27 -37.03
N ASP C 414 -10.19 9.35 -36.27
CA ASP C 414 -11.08 9.32 -35.11
C ASP C 414 -10.44 8.51 -33.99
N SER C 415 -9.15 8.18 -34.13
CA SER C 415 -8.44 7.49 -33.08
C SER C 415 -7.85 8.48 -32.08
N VAL C 416 -7.76 8.07 -30.82
CA VAL C 416 -7.18 8.92 -29.78
C VAL C 416 -5.68 8.72 -29.74
N ILE C 417 -4.96 9.72 -29.25
CA ILE C 417 -3.49 9.70 -29.23
C ILE C 417 -3.09 9.10 -27.88
N SER C 418 -2.98 7.77 -27.84
CA SER C 418 -2.63 7.07 -26.61
C SER C 418 -1.91 5.78 -26.96
N TRP C 419 -1.26 5.20 -25.95
CA TRP C 419 -0.55 3.95 -26.14
C TRP C 419 -1.50 2.79 -26.44
N ALA C 420 -2.74 2.86 -25.95
CA ALA C 420 -3.70 1.79 -26.21
C ALA C 420 -4.08 1.72 -27.68
N SER C 421 -4.24 2.88 -28.33
CA SER C 421 -4.53 2.88 -29.76
C SER C 421 -3.38 2.28 -30.56
N LEU C 422 -2.15 2.61 -30.20
CA LEU C 422 -0.99 2.01 -30.86
C LEU C 422 -0.95 0.51 -30.63
N ASP C 423 -1.32 0.06 -29.43
CA ASP C 423 -1.38 -1.37 -29.16
C ASP C 423 -2.42 -2.06 -30.05
N PHE C 424 -3.56 -1.40 -30.26
CA PHE C 424 -4.64 -2.02 -31.00
C PHE C 424 -4.41 -2.02 -32.51
N GLN C 425 -3.77 -0.99 -33.05
CA GLN C 425 -3.79 -0.78 -34.50
C GLN C 425 -3.17 -1.90 -35.34
N PRO C 426 -2.00 -2.45 -35.01
CA PRO C 426 -1.44 -3.50 -35.88
C PRO C 426 -2.37 -4.71 -36.01
N TYR C 427 -3.02 -5.10 -34.92
CA TYR C 427 -3.95 -6.21 -34.97
C TYR C 427 -5.14 -5.90 -35.87
N PHE C 428 -5.68 -4.69 -35.77
CA PHE C 428 -6.79 -4.27 -36.63
C PHE C 428 -6.38 -4.30 -38.09
N THR C 429 -5.20 -3.76 -38.41
CA THR C 429 -4.75 -3.70 -39.80
C THR C 429 -4.52 -5.10 -40.37
N SER C 430 -3.93 -5.99 -39.58
CA SER C 430 -3.67 -7.34 -40.08
C SER C 430 -4.96 -8.15 -40.20
N THR C 431 -5.89 -7.96 -39.26
CA THR C 431 -7.15 -8.69 -39.29
C THR C 431 -8.09 -8.18 -40.38
N ALA C 432 -7.87 -6.96 -40.86
CA ALA C 432 -8.69 -6.44 -41.95
C ALA C 432 -8.65 -7.32 -43.20
N SER C 433 -7.56 -8.08 -43.40
CA SER C 433 -7.44 -8.93 -44.57
C SER C 433 -8.45 -10.07 -44.56
N ASN C 434 -9.06 -10.38 -43.42
CA ASN C 434 -10.03 -11.47 -43.35
C ASN C 434 -11.33 -11.15 -44.05
N ILE C 435 -11.55 -9.90 -44.46
CA ILE C 435 -12.75 -9.50 -45.20
C ILE C 435 -12.41 -8.84 -46.53
N GLY C 436 -11.15 -8.86 -46.95
CA GLY C 436 -10.76 -8.34 -48.24
C GLY C 436 -10.41 -6.88 -48.28
N TYR C 437 -10.37 -6.19 -47.14
CA TYR C 437 -10.05 -4.76 -47.08
C TYR C 437 -8.59 -4.63 -46.71
N THR C 438 -7.72 -4.46 -47.71
CA THR C 438 -6.29 -4.53 -47.52
C THR C 438 -5.57 -3.21 -47.74
N TRP C 439 -6.29 -2.09 -47.77
CA TRP C 439 -5.69 -0.79 -48.05
C TRP C 439 -6.18 0.26 -47.05
N TRP C 440 -6.13 -0.07 -45.77
CA TRP C 440 -6.46 0.89 -44.73
C TRP C 440 -5.43 2.02 -44.70
N SER C 441 -5.87 3.19 -44.26
CA SER C 441 -5.02 4.37 -44.12
C SER C 441 -5.33 5.02 -42.77
N HIS C 442 -4.52 4.70 -41.76
CA HIS C 442 -4.72 5.24 -40.43
C HIS C 442 -4.13 6.65 -40.32
N ASP C 443 -4.58 7.37 -39.31
CA ASP C 443 -4.06 8.70 -39.01
C ASP C 443 -2.72 8.56 -38.28
N ILE C 444 -1.62 8.83 -38.98
CA ILE C 444 -0.30 8.69 -38.38
C ILE C 444 -0.05 9.90 -37.48
N GLY C 445 0.08 9.65 -36.18
CA GLY C 445 0.17 10.66 -35.15
C GLY C 445 -1.01 10.70 -34.22
N GLY C 446 -2.06 9.94 -34.50
CA GLY C 446 -3.32 10.09 -33.80
C GLY C 446 -4.17 11.18 -34.44
N HIS C 447 -5.41 11.27 -33.99
CA HIS C 447 -6.34 12.25 -34.55
C HIS C 447 -6.73 13.32 -33.53
N MET C 448 -7.27 12.93 -32.38
CA MET C 448 -7.78 13.90 -31.43
C MET C 448 -7.65 13.35 -30.02
N GLN C 449 -7.76 14.25 -29.05
CA GLN C 449 -7.62 13.93 -27.63
C GLN C 449 -6.25 13.34 -27.34
N GLY C 450 -6.11 12.68 -26.18
CA GLY C 450 -4.86 12.03 -25.84
C GLY C 450 -3.87 12.95 -25.16
N TYR C 451 -2.71 12.37 -24.85
CA TYR C 451 -1.63 13.04 -24.14
C TYR C 451 -0.39 13.10 -25.02
N LYS C 452 0.53 13.99 -24.67
CA LYS C 452 1.76 14.12 -25.44
C LYS C 452 2.81 13.11 -24.98
N ASP C 453 3.48 12.51 -25.96
CA ASP C 453 4.64 11.67 -25.69
C ASP C 453 5.43 11.56 -26.99
N ALA C 454 6.67 12.05 -26.98
CA ALA C 454 7.50 11.99 -28.19
C ALA C 454 7.81 10.55 -28.57
N GLU C 455 8.06 9.70 -27.56
CA GLU C 455 8.30 8.29 -27.82
C GLU C 455 7.08 7.63 -28.45
N LEU C 456 5.88 7.98 -27.99
CA LEU C 456 4.68 7.44 -28.60
C LEU C 456 4.58 7.82 -30.07
N SER C 457 4.91 9.07 -30.39
CA SER C 457 4.91 9.50 -31.79
C SER C 457 5.93 8.71 -32.61
N LEU C 458 7.14 8.52 -32.06
CA LEU C 458 8.17 7.81 -32.80
C LEU C 458 7.79 6.36 -33.06
N ARG C 459 7.27 5.68 -32.03
CA ARG C 459 6.82 4.30 -32.20
C ARG C 459 5.66 4.23 -33.17
N TRP C 460 4.75 5.20 -33.10
CA TRP C 460 3.57 5.18 -33.95
C TRP C 460 4.00 5.29 -35.41
N LEU C 461 4.93 6.20 -35.70
CA LEU C 461 5.45 6.40 -37.05
C LEU C 461 6.24 5.19 -37.52
N GLN C 462 7.01 4.58 -36.62
CA GLN C 462 7.72 3.35 -36.99
C GLN C 462 6.75 2.27 -37.44
N PHE C 463 5.62 2.13 -36.74
CA PHE C 463 4.58 1.23 -37.20
C PHE C 463 4.02 1.67 -38.55
N GLY C 464 3.77 2.98 -38.71
CA GLY C 464 3.15 3.47 -39.92
C GLY C 464 3.99 3.26 -41.17
N VAL C 465 5.32 3.32 -41.03
CA VAL C 465 6.19 3.10 -42.19
C VAL C 465 6.00 1.70 -42.76
N PHE C 466 5.76 0.72 -41.89
CA PHE C 466 5.49 -0.66 -42.31
C PHE C 466 4.01 -0.97 -42.33
N SER C 467 3.18 0.00 -42.69
CA SER C 467 1.74 -0.13 -42.85
C SER C 467 1.36 0.09 -44.30
N PRO C 468 0.12 -0.24 -44.69
CA PRO C 468 -0.27 -0.05 -46.11
C PRO C 468 -0.10 1.38 -46.61
N ILE C 469 -0.50 2.37 -45.83
CA ILE C 469 -0.44 3.77 -46.25
C ILE C 469 0.15 4.60 -45.11
N ASN C 470 1.11 5.45 -45.44
CA ASN C 470 1.78 6.31 -44.47
C ASN C 470 1.30 7.75 -44.69
N ARG C 471 0.42 8.21 -43.80
CA ARG C 471 -0.20 9.54 -43.92
C ARG C 471 -0.10 10.25 -42.57
N LEU C 472 0.86 11.17 -42.45
CA LEU C 472 0.98 11.97 -41.24
C LEU C 472 -0.12 13.03 -41.18
N HIS C 473 -0.80 13.10 -40.03
CA HIS C 473 -1.94 13.99 -39.86
C HIS C 473 -1.78 14.80 -38.58
N SER C 474 -2.09 16.09 -38.68
CA SER C 474 -2.09 17.00 -37.55
C SER C 474 -3.39 17.80 -37.56
N SER C 475 -3.82 18.21 -36.36
CA SER C 475 -5.09 18.92 -36.21
C SER C 475 -4.83 20.41 -36.01
N LYS C 476 -5.91 21.16 -35.73
CA LYS C 476 -5.84 22.61 -35.53
C LYS C 476 -5.37 22.89 -34.10
N SER C 477 -4.06 22.81 -33.90
CA SER C 477 -3.44 23.07 -32.61
C SER C 477 -1.94 23.21 -32.83
N GLU C 478 -1.34 24.17 -32.14
CA GLU C 478 0.10 24.35 -32.21
C GLU C 478 0.86 23.34 -31.38
N PHE C 479 0.16 22.55 -30.55
CA PHE C 479 0.79 21.52 -29.74
C PHE C 479 0.74 20.14 -30.38
N THR C 480 0.10 19.99 -31.54
CA THR C 480 -0.07 18.70 -32.18
C THR C 480 0.68 18.59 -33.50
N SER C 481 1.71 19.41 -33.70
CA SER C 481 2.51 19.32 -34.91
C SER C 481 3.29 18.02 -34.95
N LYS C 482 3.30 17.38 -36.12
CA LYS C 482 4.03 16.14 -36.33
C LYS C 482 5.32 16.35 -37.10
N GLU C 483 5.75 17.59 -37.29
CA GLU C 483 6.98 17.87 -38.00
C GLU C 483 8.17 17.30 -37.22
N PRO C 484 9.13 16.68 -37.91
CA PRO C 484 10.29 16.12 -37.19
C PRO C 484 11.07 17.14 -36.37
N TRP C 485 11.18 18.39 -36.86
CA TRP C 485 11.95 19.39 -36.13
C TRP C 485 11.20 19.94 -34.93
N HIS C 486 9.99 19.45 -34.65
CA HIS C 486 9.28 19.86 -33.44
C HIS C 486 9.78 19.15 -32.20
N PHE C 487 10.60 18.12 -32.36
CA PHE C 487 11.11 17.33 -31.25
C PHE C 487 12.60 17.60 -31.05
N ASP C 488 13.22 16.88 -30.12
CA ASP C 488 14.64 17.01 -29.89
C ASP C 488 15.43 16.32 -30.99
N ALA C 489 16.76 16.35 -30.88
CA ALA C 489 17.62 15.92 -31.98
C ALA C 489 17.47 14.42 -32.27
N VAL C 490 17.45 13.60 -31.22
CA VAL C 490 17.43 12.15 -31.41
C VAL C 490 16.12 11.72 -32.07
N ILE C 491 14.99 12.18 -31.54
CA ILE C 491 13.70 11.84 -32.10
C ILE C 491 13.59 12.34 -33.54
N GLU C 492 14.05 13.57 -33.78
CA GLU C 492 13.97 14.15 -35.12
C GLU C 492 14.78 13.34 -36.12
N GLN C 493 16.00 12.94 -35.74
CA GLN C 493 16.83 12.16 -36.65
C GLN C 493 16.20 10.79 -36.93
N SER C 494 15.64 10.16 -35.90
CA SER C 494 14.98 8.87 -36.11
C SER C 494 13.78 9.01 -37.04
N MET C 495 12.98 10.06 -36.86
CA MET C 495 11.84 10.28 -37.74
C MET C 495 12.28 10.51 -39.19
N ILE C 496 13.34 11.29 -39.37
CA ILE C 496 13.84 11.55 -40.73
C ILE C 496 14.33 10.26 -41.37
N ASP C 497 15.06 9.43 -40.61
CA ASP C 497 15.55 8.17 -41.15
C ASP C 497 14.40 7.25 -41.56
N PHE C 498 13.36 7.15 -40.73
CA PHE C 498 12.26 6.26 -41.08
C PHE C 498 11.43 6.81 -42.24
N LEU C 499 11.29 8.13 -42.33
CA LEU C 499 10.60 8.73 -43.47
C LEU C 499 11.35 8.48 -44.77
N GLN C 500 12.68 8.53 -44.71
CA GLN C 500 13.47 8.17 -45.89
C GLN C 500 13.33 6.70 -46.23
N LEU C 501 13.29 5.83 -45.20
CA LEU C 501 13.13 4.40 -45.45
C LEU C 501 11.80 4.08 -46.12
N ARG C 502 10.74 4.82 -45.78
CA ARG C 502 9.46 4.59 -46.41
C ARG C 502 9.54 4.79 -47.93
N HIS C 503 10.24 5.83 -48.38
CA HIS C 503 10.44 6.03 -49.81
C HIS C 503 11.45 5.06 -50.40
N GLN C 504 12.41 4.59 -49.61
CA GLN C 504 13.27 3.51 -50.06
C GLN C 504 12.49 2.23 -50.36
N LEU C 505 11.41 1.98 -49.63
CA LEU C 505 10.64 0.75 -49.78
C LEU C 505 9.58 0.80 -50.87
N ILE C 506 9.55 1.87 -51.68
CA ILE C 506 8.46 2.04 -52.64
C ILE C 506 8.42 0.95 -53.71
N PRO C 507 9.52 0.56 -54.35
CA PRO C 507 9.43 -0.52 -55.35
C PRO C 507 8.86 -1.82 -54.80
N TYR C 508 9.25 -2.20 -53.58
CA TYR C 508 8.70 -3.39 -52.94
C TYR C 508 7.19 -3.27 -52.75
N LEU C 509 6.74 -2.10 -52.29
CA LEU C 509 5.31 -1.88 -52.08
C LEU C 509 4.54 -1.91 -53.39
N TYR C 510 5.12 -1.35 -54.46
CA TYR C 510 4.45 -1.36 -55.75
C TYR C 510 4.35 -2.76 -56.33
N SER C 511 5.42 -3.56 -56.17
CA SER C 511 5.36 -4.94 -56.62
C SER C 511 4.30 -5.72 -55.85
N ALA C 512 4.22 -5.50 -54.53
CA ALA C 512 3.17 -6.14 -53.75
C ALA C 512 1.79 -5.67 -54.18
N ASN C 513 1.67 -4.40 -54.54
CA ASN C 513 0.41 -3.86 -55.06
C ASN C 513 -0.01 -4.59 -56.34
N LEU C 514 0.92 -4.76 -57.27
CA LEU C 514 0.59 -5.45 -58.51
C LEU C 514 0.23 -6.90 -58.26
N ILE C 515 0.93 -7.55 -57.33
CA ILE C 515 0.59 -8.93 -56.98
C ILE C 515 -0.81 -9.01 -56.39
N THR C 516 -1.15 -8.06 -55.51
CA THR C 516 -2.48 -8.05 -54.90
C THR C 516 -3.56 -7.83 -55.95
N ALA C 517 -3.34 -6.91 -56.88
CA ALA C 517 -4.33 -6.65 -57.91
C ALA C 517 -4.45 -7.81 -58.89
N SER C 518 -3.39 -8.58 -59.07
CA SER C 518 -3.42 -9.68 -60.03
C SER C 518 -3.99 -10.96 -59.40
N GLU C 519 -3.36 -11.45 -58.34
CA GLU C 519 -3.74 -12.73 -57.75
C GLU C 519 -4.62 -12.58 -56.51
N GLY C 520 -4.55 -11.46 -55.81
CA GLY C 520 -5.34 -11.30 -54.61
C GLY C 520 -4.60 -11.71 -53.34
N ARG C 521 -3.38 -11.21 -53.18
CA ARG C 521 -2.55 -11.51 -52.02
C ARG C 521 -2.39 -10.23 -51.20
N ALA C 522 -2.81 -10.29 -49.94
CA ALA C 522 -2.76 -9.10 -49.08
C ALA C 522 -1.32 -8.71 -48.79
N LEU C 523 -1.07 -7.40 -48.74
CA LEU C 523 0.26 -6.91 -48.39
C LEU C 523 0.60 -7.22 -46.94
N VAL C 524 -0.34 -6.96 -46.03
CA VAL C 524 -0.18 -7.24 -44.62
C VAL C 524 -1.02 -8.48 -44.29
N GLU C 525 -0.37 -9.51 -43.77
CA GLU C 525 -1.08 -10.76 -43.52
C GLU C 525 -0.86 -11.23 -42.10
N PRO C 526 -1.87 -11.84 -41.50
CA PRO C 526 -1.68 -12.47 -40.18
C PRO C 526 -0.75 -13.67 -40.27
N LEU C 527 -0.17 -14.01 -39.12
CA LEU C 527 0.80 -15.11 -39.08
C LEU C 527 0.19 -16.43 -39.50
N TYR C 528 -1.11 -16.64 -39.24
CA TYR C 528 -1.72 -17.92 -39.54
C TYR C 528 -2.11 -18.07 -41.01
N TYR C 529 -1.82 -17.09 -41.86
CA TYR C 529 -1.99 -17.28 -43.30
C TYR C 529 -0.90 -18.17 -43.85
N GLU C 530 0.32 -18.08 -43.30
CA GLU C 530 1.45 -18.88 -43.74
C GLU C 530 1.69 -20.10 -42.85
N TYR C 531 1.28 -20.04 -41.59
CA TYR C 531 1.46 -21.14 -40.64
C TYR C 531 0.13 -21.45 -39.98
N PRO C 532 -0.83 -21.99 -40.74
CA PRO C 532 -2.18 -22.16 -40.20
C PRO C 532 -2.31 -23.29 -39.19
N MET C 533 -1.38 -24.23 -39.15
CA MET C 533 -1.51 -25.42 -38.32
C MET C 533 -0.63 -25.37 -37.08
N GLU C 534 -0.21 -24.19 -36.66
CA GLU C 534 0.62 -24.02 -35.47
C GLU C 534 -0.05 -23.05 -34.51
N GLU C 535 -0.09 -23.43 -33.23
CA GLU C 535 -0.87 -22.67 -32.25
C GLU C 535 -0.28 -21.30 -31.99
N GLU C 536 1.05 -21.19 -31.99
CA GLU C 536 1.69 -19.90 -31.73
C GLU C 536 1.33 -18.85 -32.77
N ALA C 537 0.93 -19.26 -33.97
CA ALA C 537 0.51 -18.30 -34.99
C ALA C 537 -0.82 -17.63 -34.63
N TYR C 538 -1.53 -18.14 -33.63
CA TYR C 538 -2.77 -17.53 -33.16
C TYR C 538 -2.61 -16.81 -31.82
N GLN C 539 -1.40 -16.76 -31.28
CA GLN C 539 -1.16 -16.19 -29.95
C GLN C 539 -0.37 -14.89 -30.01
N HIS C 540 -0.11 -14.35 -31.19
CA HIS C 540 0.67 -13.12 -31.35
C HIS C 540 -0.12 -12.19 -32.28
N ARG C 541 -0.88 -11.28 -31.69
CA ARG C 541 -1.83 -10.48 -32.46
C ARG C 541 -1.14 -9.41 -33.29
N ASN C 542 -0.13 -8.75 -32.72
CA ASN C 542 0.50 -7.61 -33.37
C ASN C 542 1.64 -7.98 -34.30
N GLN C 543 1.92 -9.28 -34.47
CA GLN C 543 2.94 -9.73 -35.39
C GLN C 543 2.30 -10.07 -36.74
N TYR C 544 2.94 -9.64 -37.82
CA TYR C 544 2.36 -9.88 -39.14
C TYR C 544 3.45 -10.03 -40.18
N LEU C 545 3.04 -10.39 -41.39
CA LEU C 545 3.92 -10.52 -42.54
C LEU C 545 3.69 -9.33 -43.46
N PHE C 546 4.77 -8.63 -43.81
CA PHE C 546 4.72 -7.43 -44.64
C PHE C 546 5.22 -7.81 -46.02
N GLY C 547 4.30 -7.96 -46.96
CA GLY C 547 4.66 -8.54 -48.25
C GLY C 547 4.87 -10.03 -48.11
N GLU C 548 5.87 -10.57 -48.79
CA GLU C 548 6.17 -12.00 -48.73
C GLU C 548 7.59 -12.28 -48.30
N GLN C 549 8.33 -11.27 -47.85
CA GLN C 549 9.74 -11.45 -47.46
C GLN C 549 10.06 -11.01 -46.04
N LEU C 550 9.25 -10.17 -45.41
CA LEU C 550 9.58 -9.58 -44.12
C LEU C 550 8.50 -9.88 -43.09
N MET C 551 8.93 -10.03 -41.84
CA MET C 551 8.04 -10.23 -40.70
C MET C 551 8.24 -9.08 -39.72
N VAL C 552 7.13 -8.46 -39.30
CA VAL C 552 7.16 -7.25 -38.50
C VAL C 552 6.44 -7.49 -37.19
N ALA C 553 7.09 -7.10 -36.08
CA ALA C 553 6.51 -7.17 -34.74
C ALA C 553 6.76 -5.83 -34.05
N PRO C 554 5.89 -4.85 -34.26
CA PRO C 554 6.14 -3.50 -33.72
C PRO C 554 6.06 -3.46 -32.21
N ILE C 555 6.81 -2.53 -31.64
CA ILE C 555 6.82 -2.30 -30.20
C ILE C 555 5.78 -1.23 -29.88
N THR C 556 4.79 -1.58 -29.06
CA THR C 556 3.66 -0.71 -28.78
C THR C 556 3.52 -0.42 -27.29
N GLU C 557 4.61 -0.53 -26.54
CA GLU C 557 4.60 -0.26 -25.11
C GLU C 557 5.74 0.68 -24.77
N LYS C 558 5.55 1.44 -23.69
CA LYS C 558 6.53 2.45 -23.28
C LYS C 558 7.83 1.78 -22.84
N MET C 559 8.92 2.52 -23.04
CA MET C 559 10.26 2.03 -22.73
C MET C 559 10.43 1.79 -21.23
N ASN C 560 11.27 0.81 -20.91
CA ASN C 560 11.67 0.56 -19.53
C ASN C 560 12.79 1.53 -19.16
N SER C 561 12.53 2.39 -18.17
CA SER C 561 13.48 3.46 -17.87
C SER C 561 14.80 2.92 -17.34
N LEU C 562 14.78 1.73 -16.72
CA LEU C 562 16.01 1.14 -16.21
C LEU C 562 16.91 0.67 -17.36
N LEU C 563 16.34 -0.05 -18.32
CA LEU C 563 17.10 -0.58 -19.45
C LEU C 563 17.22 0.42 -20.60
N GLN C 564 16.38 1.45 -20.63
CA GLN C 564 16.31 2.40 -21.74
C GLN C 564 16.00 1.68 -23.05
N MET C 565 15.09 0.70 -23.00
CA MET C 565 14.77 -0.11 -24.15
C MET C 565 13.35 -0.64 -24.02
N GLY C 566 12.58 -0.54 -25.11
CA GLY C 566 11.30 -1.21 -25.17
C GLY C 566 11.44 -2.66 -25.57
N SER C 567 10.37 -3.43 -25.40
CA SER C 567 10.41 -4.86 -25.63
C SER C 567 9.15 -5.33 -26.32
N VAL C 568 9.24 -6.51 -26.93
CA VAL C 568 8.08 -7.15 -27.54
C VAL C 568 8.34 -8.66 -27.62
N GLU C 569 7.27 -9.43 -27.45
CA GLU C 569 7.33 -10.89 -27.54
C GLU C 569 7.14 -11.31 -29.00
N VAL C 570 8.11 -12.05 -29.54
CA VAL C 570 8.14 -12.43 -30.94
C VAL C 570 8.24 -13.94 -31.05
N TRP C 571 7.44 -14.51 -31.93
CA TRP C 571 7.49 -15.94 -32.24
C TRP C 571 8.24 -16.13 -33.56
N PHE C 572 9.31 -16.93 -33.52
CA PHE C 572 10.10 -17.23 -34.70
C PHE C 572 9.76 -18.63 -35.18
N PRO C 573 9.23 -18.79 -36.39
CA PRO C 573 9.00 -20.14 -36.94
C PRO C 573 10.29 -20.86 -37.29
N GLU C 574 10.17 -22.05 -37.86
CA GLU C 574 11.35 -22.86 -38.18
C GLU C 574 12.23 -22.15 -39.22
N GLY C 575 13.53 -22.20 -38.99
CA GLY C 575 14.50 -21.61 -39.87
C GLY C 575 15.35 -20.57 -39.16
N THR C 576 16.22 -19.94 -39.94
CA THR C 576 17.10 -18.89 -39.45
C THR C 576 16.55 -17.54 -39.87
N TRP C 577 16.49 -16.60 -38.93
CA TRP C 577 16.00 -15.25 -39.17
C TRP C 577 17.08 -14.25 -38.78
N TYR C 578 17.13 -13.13 -39.51
CA TYR C 578 18.06 -12.06 -39.23
C TYR C 578 17.29 -10.75 -39.08
N ASP C 579 17.76 -9.92 -38.15
CA ASP C 579 17.23 -8.57 -38.04
C ASP C 579 17.52 -7.80 -39.32
N PHE C 580 16.51 -7.12 -39.85
CA PHE C 580 16.65 -6.43 -41.12
C PHE C 580 17.67 -5.29 -41.04
N PHE C 581 17.87 -4.70 -39.87
CA PHE C 581 18.72 -3.54 -39.71
C PHE C 581 20.10 -3.86 -39.16
N SER C 582 20.21 -4.75 -38.17
CA SER C 582 21.49 -5.03 -37.54
C SER C 582 22.08 -6.38 -37.92
N GLY C 583 21.29 -7.31 -38.44
CA GLY C 583 21.82 -8.61 -38.81
C GLY C 583 21.95 -9.60 -37.68
N GLN C 584 21.31 -9.33 -36.55
CA GLN C 584 21.36 -10.26 -35.42
C GLN C 584 20.65 -11.56 -35.79
N PRO C 585 21.27 -12.71 -35.56
CA PRO C 585 20.65 -13.98 -36.00
C PRO C 585 19.70 -14.55 -34.95
N TYR C 586 18.73 -15.31 -35.45
CA TYR C 586 17.75 -15.99 -34.62
C TYR C 586 17.51 -17.38 -35.17
N ASP C 587 17.35 -18.35 -34.28
CA ASP C 587 17.26 -19.76 -34.64
C ASP C 587 15.81 -20.12 -34.95
N GLY C 588 15.52 -21.42 -34.99
CA GLY C 588 14.24 -21.93 -35.43
C GLY C 588 13.09 -21.64 -34.48
N LYS C 589 12.09 -22.53 -34.47
CA LYS C 589 10.85 -22.31 -33.72
C LYS C 589 11.11 -21.98 -32.26
N VAL C 590 10.83 -20.75 -31.85
CA VAL C 590 11.08 -20.32 -30.48
C VAL C 590 10.31 -19.03 -30.20
N SER C 591 9.87 -18.86 -28.95
CA SER C 591 9.25 -17.62 -28.51
C SER C 591 10.24 -16.84 -27.66
N LEU C 592 10.49 -15.59 -28.03
CA LEU C 592 11.55 -14.82 -27.40
C LEU C 592 11.11 -13.38 -27.17
N LYS C 593 11.51 -12.82 -26.04
CA LYS C 593 11.29 -11.41 -25.74
C LYS C 593 12.49 -10.62 -26.27
N VAL C 594 12.25 -9.74 -27.23
CA VAL C 594 13.33 -8.97 -27.85
C VAL C 594 13.22 -7.52 -27.39
N TYR C 595 14.38 -6.86 -27.30
CA TYR C 595 14.48 -5.50 -26.78
C TYR C 595 15.13 -4.61 -27.82
N ARG C 596 14.54 -3.44 -28.05
CA ARG C 596 15.05 -2.46 -28.98
C ARG C 596 14.98 -1.07 -28.36
N GLU C 597 15.94 -0.22 -28.73
CA GLU C 597 15.89 1.18 -28.35
C GLU C 597 14.82 1.91 -29.15
N ILE C 598 14.46 3.11 -28.71
CA ILE C 598 13.38 3.85 -29.34
C ILE C 598 13.71 4.21 -30.78
N THR C 599 14.98 4.20 -31.15
CA THR C 599 15.39 4.49 -32.53
C THR C 599 15.52 3.24 -33.39
N GLU C 600 15.11 2.08 -32.88
CA GLU C 600 15.20 0.82 -33.61
C GLU C 600 13.85 0.12 -33.60
N MET C 601 13.63 -0.71 -34.62
CA MET C 601 12.38 -1.45 -34.77
C MET C 601 12.68 -2.91 -35.07
N PRO C 602 11.86 -3.84 -34.55
CA PRO C 602 12.05 -5.27 -34.88
C PRO C 602 11.42 -5.62 -36.22
N VAL C 603 12.27 -5.85 -37.22
CA VAL C 603 11.86 -6.36 -38.53
C VAL C 603 12.82 -7.48 -38.90
N PHE C 604 12.29 -8.61 -39.34
CA PHE C 604 13.08 -9.81 -39.56
C PHE C 604 12.90 -10.34 -40.96
N ALA C 605 13.98 -10.90 -41.50
CA ALA C 605 13.97 -11.58 -42.79
C ALA C 605 14.64 -12.93 -42.63
N LYS C 606 14.03 -13.96 -43.22
CA LYS C 606 14.61 -15.30 -43.08
C LYS C 606 15.74 -15.49 -44.08
N ALA C 607 16.57 -16.50 -43.81
CA ALA C 607 17.73 -16.77 -44.65
C ALA C 607 17.31 -17.08 -46.08
N GLY C 608 17.96 -16.43 -47.03
CA GLY C 608 17.61 -16.55 -48.43
C GLY C 608 16.72 -15.44 -48.96
N ALA C 609 16.31 -14.50 -48.12
CA ALA C 609 15.42 -13.44 -48.56
C ALA C 609 16.16 -12.44 -49.45
N ILE C 610 15.45 -11.89 -50.43
CA ILE C 610 15.99 -10.90 -51.35
C ILE C 610 15.07 -9.68 -51.31
N ILE C 611 15.63 -8.52 -50.99
CA ILE C 611 14.86 -7.29 -50.82
C ILE C 611 15.37 -6.26 -51.82
N PRO C 612 14.52 -5.71 -52.68
CA PRO C 612 14.94 -4.56 -53.50
C PRO C 612 14.64 -3.23 -52.81
N LEU C 613 15.58 -2.31 -52.94
CA LEU C 613 15.46 -0.99 -52.34
C LEU C 613 15.87 0.07 -53.35
N ASP C 614 15.25 1.24 -53.24
CA ASP C 614 15.63 2.39 -54.06
C ASP C 614 16.89 3.02 -53.48
N LYS C 615 17.84 3.33 -54.36
CA LYS C 615 19.12 3.88 -53.89
C LYS C 615 19.03 5.38 -53.66
N ASN C 616 18.10 6.06 -54.30
CA ASN C 616 17.96 7.52 -54.20
C ASN C 616 16.52 7.87 -53.83
N PRO C 617 16.15 7.66 -52.56
CA PRO C 617 14.79 8.03 -52.14
C PRO C 617 14.52 9.52 -52.25
N LEU C 618 15.54 10.37 -52.04
CA LEU C 618 15.33 11.81 -52.10
C LEU C 618 14.98 12.26 -53.51
N LYS C 619 15.62 11.70 -54.52
CA LYS C 619 15.27 11.99 -55.90
C LYS C 619 13.85 11.49 -56.19
N LYS C 620 13.10 12.27 -56.94
CA LYS C 620 11.71 11.93 -57.28
C LYS C 620 11.69 11.46 -58.73
N GLU C 621 11.64 10.14 -58.91
CA GLU C 621 11.65 9.52 -60.23
C GLU C 621 10.46 8.58 -60.35
N GLU C 622 9.80 8.61 -61.51
CA GLU C 622 8.66 7.72 -61.74
C GLU C 622 9.11 6.25 -61.70
N ILE C 623 10.31 5.97 -62.19
CA ILE C 623 10.95 4.67 -62.02
C ILE C 623 12.36 4.90 -61.49
N PRO C 624 12.82 4.13 -60.53
CA PRO C 624 14.17 4.34 -60.00
C PRO C 624 15.23 4.06 -61.06
N SER C 625 16.31 4.85 -61.02
CA SER C 625 17.41 4.68 -61.95
C SER C 625 18.43 3.65 -61.47
N GLU C 626 18.39 3.28 -60.19
CA GLU C 626 19.30 2.28 -59.64
C GLU C 626 18.63 1.60 -58.47
N ILE C 627 18.86 0.29 -58.35
CA ILE C 627 18.20 -0.54 -57.35
C ILE C 627 19.27 -1.31 -56.58
N ILE C 628 19.16 -1.32 -55.25
CA ILE C 628 20.02 -2.11 -54.39
C ILE C 628 19.31 -3.41 -54.07
N TRP C 629 20.02 -4.53 -54.22
CA TRP C 629 19.50 -5.84 -53.85
C TRP C 629 20.17 -6.28 -52.56
N LYS C 630 19.37 -6.56 -51.55
CA LYS C 630 19.86 -7.02 -50.25
C LYS C 630 19.56 -8.50 -50.11
N ILE C 631 20.61 -9.29 -49.85
CA ILE C 631 20.52 -10.75 -49.82
C ILE C 631 20.93 -11.23 -48.43
N PHE C 632 20.11 -12.09 -47.84
CA PHE C 632 20.43 -12.69 -46.55
C PHE C 632 20.95 -14.10 -46.78
N PRO C 633 22.20 -14.39 -46.45
CA PRO C 633 22.77 -15.70 -46.77
C PRO C 633 22.15 -16.81 -45.95
N GLY C 634 22.14 -18.02 -46.53
CA GLY C 634 21.69 -19.18 -45.80
C GLY C 634 20.91 -20.19 -46.61
N ALA C 635 20.23 -19.74 -47.66
CA ALA C 635 19.38 -20.63 -48.45
C ALA C 635 19.16 -20.00 -49.82
N ASP C 636 18.49 -20.76 -50.69
CA ASP C 636 18.12 -20.27 -52.00
C ASP C 636 17.04 -19.20 -51.87
N GLY C 637 17.00 -18.29 -52.83
CA GLY C 637 16.06 -17.19 -52.79
C GLY C 637 15.56 -16.83 -54.18
N GLU C 638 14.40 -16.18 -54.20
CA GLU C 638 13.72 -15.79 -55.43
C GLU C 638 12.98 -14.48 -55.18
N TYR C 639 12.96 -13.61 -56.18
CA TYR C 639 12.10 -12.44 -56.12
C TYR C 639 11.76 -11.97 -57.53
N LEU C 640 10.57 -11.40 -57.67
CA LEU C 640 10.07 -10.92 -58.95
C LEU C 640 9.59 -9.48 -58.76
N LEU C 641 10.39 -8.53 -59.23
CA LEU C 641 10.05 -7.11 -59.13
C LEU C 641 9.18 -6.72 -60.32
N LEU C 642 7.92 -6.40 -60.04
CA LEU C 642 6.96 -6.00 -61.06
C LEU C 642 6.87 -4.49 -61.12
N GLU C 643 6.92 -3.95 -62.34
CA GLU C 643 6.80 -2.52 -62.57
C GLU C 643 5.66 -2.27 -63.55
N GLU C 644 5.51 -1.01 -63.98
CA GLU C 644 4.43 -0.65 -64.88
C GLU C 644 4.58 -1.37 -66.23
N ASP C 645 5.80 -1.41 -66.77
CA ASP C 645 6.03 -2.05 -68.06
C ASP C 645 7.33 -2.84 -68.04
N ASN C 646 7.60 -3.55 -66.93
CA ASN C 646 8.82 -4.34 -66.83
C ASN C 646 8.65 -5.41 -65.76
N GLU C 647 9.51 -6.42 -65.81
CA GLU C 647 9.54 -7.50 -64.84
C GLU C 647 10.98 -7.94 -64.66
N THR C 648 11.52 -7.76 -63.46
CA THR C 648 12.90 -8.11 -63.17
C THR C 648 12.94 -9.33 -62.25
N LYS C 649 13.65 -10.36 -62.66
CA LYS C 649 13.73 -11.61 -61.92
C LYS C 649 15.09 -11.71 -61.25
N ALA C 650 15.07 -11.94 -59.93
CA ALA C 650 16.29 -12.13 -59.15
C ALA C 650 16.28 -13.53 -58.56
N GLU C 651 17.34 -14.30 -58.82
CA GLU C 651 17.49 -15.66 -58.33
C GLU C 651 18.77 -15.76 -57.52
N PHE C 652 18.74 -16.59 -56.48
CA PHE C 652 19.93 -16.88 -55.66
C PHE C 652 19.94 -18.38 -55.42
N VAL C 653 20.62 -19.11 -56.30
CA VAL C 653 20.65 -20.57 -56.28
C VAL C 653 22.10 -21.02 -56.16
N ASN C 654 22.38 -21.84 -55.14
CA ASN C 654 23.69 -22.45 -54.93
C ASN C 654 24.81 -21.40 -54.89
N GLY C 655 24.54 -20.28 -54.21
CA GLY C 655 25.52 -19.23 -54.11
C GLY C 655 25.68 -18.37 -55.34
N ILE C 656 24.85 -18.58 -56.36
CA ILE C 656 24.92 -17.83 -57.61
C ILE C 656 23.72 -16.89 -57.65
N PHE C 657 23.98 -15.60 -57.80
CA PHE C 657 22.95 -14.57 -57.86
C PHE C 657 22.83 -14.08 -59.30
N THR C 658 21.62 -14.17 -59.85
CA THR C 658 21.35 -13.80 -61.23
C THR C 658 20.22 -12.79 -61.28
N VAL C 659 20.43 -11.70 -62.01
CA VAL C 659 19.40 -10.70 -62.26
C VAL C 659 19.13 -10.67 -63.76
N THR C 660 17.87 -10.86 -64.15
CA THR C 660 17.46 -10.79 -65.54
C THR C 660 16.30 -9.82 -65.68
N SER C 661 16.20 -9.21 -66.87
CA SER C 661 15.17 -8.22 -67.16
C SER C 661 14.36 -8.67 -68.38
N LYS C 662 13.05 -8.40 -68.34
CA LYS C 662 12.19 -8.78 -69.45
C LYS C 662 12.38 -7.83 -70.64
N LYS C 663 12.72 -6.57 -70.37
CA LYS C 663 12.89 -5.57 -71.42
C LYS C 663 14.20 -4.83 -71.22
N GLU C 664 14.60 -4.11 -72.26
CA GLU C 664 15.82 -3.31 -72.19
C GLU C 664 15.63 -2.17 -71.21
N SER C 665 16.70 -1.86 -70.46
CA SER C 665 16.64 -0.81 -69.46
C SER C 665 18.04 -0.28 -69.20
N SER C 666 18.10 0.95 -68.69
CA SER C 666 19.35 1.59 -68.32
C SER C 666 19.60 1.56 -66.82
N ARG C 667 18.82 0.77 -66.08
CA ARG C 667 18.94 0.72 -64.63
C ARG C 667 20.26 0.08 -64.20
N LYS C 668 20.85 0.61 -63.14
CA LYS C 668 22.04 0.05 -62.53
C LYS C 668 21.65 -0.73 -61.28
N HIS C 669 22.45 -1.75 -60.97
CA HIS C 669 22.17 -2.64 -59.85
C HIS C 669 23.35 -2.66 -58.88
N THR C 670 23.05 -2.55 -57.59
CA THR C 670 24.03 -2.68 -56.53
C THR C 670 23.65 -3.89 -55.68
N ILE C 671 24.65 -4.66 -55.27
CA ILE C 671 24.43 -5.91 -54.54
C ILE C 671 24.99 -5.77 -53.13
N ILE C 672 24.17 -6.11 -52.14
CA ILE C 672 24.58 -6.19 -50.75
C ILE C 672 24.44 -7.63 -50.30
N TYR C 673 25.54 -8.24 -49.86
CA TYR C 673 25.54 -9.59 -49.35
C TYR C 673 25.86 -9.50 -47.86
N GLY C 674 24.83 -9.72 -47.04
CA GLY C 674 24.96 -9.44 -45.62
C GLY C 674 25.00 -7.95 -45.39
N GLU C 675 26.16 -7.42 -45.01
CA GLU C 675 26.37 -5.99 -44.88
C GLU C 675 27.41 -5.43 -45.85
N HIS C 676 28.16 -6.28 -46.53
CA HIS C 676 29.25 -5.84 -47.40
C HIS C 676 28.74 -5.65 -48.82
N GLU C 677 29.17 -4.55 -49.45
CA GLU C 677 28.85 -4.28 -50.84
C GLU C 677 29.61 -5.25 -51.74
N ILE C 678 28.92 -5.81 -52.74
CA ILE C 678 29.55 -6.77 -53.64
C ILE C 678 29.93 -6.05 -54.93
N VAL C 679 28.93 -5.54 -55.65
CA VAL C 679 29.16 -4.73 -56.84
C VAL C 679 28.30 -3.47 -56.73
N SER C 680 28.84 -2.36 -57.21
CA SER C 680 28.19 -1.06 -57.13
C SER C 680 27.94 -0.53 -58.54
N ALA C 681 26.69 -0.15 -58.81
CA ALA C 681 26.29 0.43 -60.09
C ALA C 681 26.69 -0.46 -61.27
N LYS C 682 26.38 -1.74 -61.14
CA LYS C 682 26.55 -2.69 -62.22
C LYS C 682 25.41 -2.51 -63.22
N ARG C 683 25.75 -2.62 -64.51
CA ARG C 683 24.82 -2.29 -65.58
C ARG C 683 24.39 -3.55 -66.32
N GLY C 684 23.11 -3.64 -66.63
CA GLY C 684 22.58 -4.75 -67.40
C GLY C 684 22.32 -5.99 -66.55
N GLU C 685 21.55 -6.90 -67.13
CA GLU C 685 21.28 -8.17 -66.47
C GLU C 685 22.56 -9.01 -66.41
N PHE C 686 22.79 -9.65 -65.26
CA PHE C 686 24.10 -10.24 -65.00
C PHE C 686 23.94 -11.44 -64.08
N SER C 687 25.08 -12.09 -63.81
CA SER C 687 25.19 -13.19 -62.87
C SER C 687 26.50 -13.05 -62.12
N ILE C 688 26.53 -13.57 -60.89
CA ILE C 688 27.70 -13.44 -60.04
C ILE C 688 27.73 -14.62 -59.06
N ASP C 689 28.92 -14.98 -58.61
CA ASP C 689 29.12 -16.04 -57.63
C ASP C 689 29.47 -15.40 -56.30
N LEU C 690 28.77 -15.81 -55.24
CA LEU C 690 28.97 -15.27 -53.90
C LEU C 690 29.41 -16.33 -52.91
N ASN C 691 29.97 -17.44 -53.38
CA ASN C 691 30.38 -18.51 -52.47
C ASN C 691 31.61 -18.10 -51.65
N GLY C 692 32.53 -17.35 -52.26
CA GLY C 692 33.75 -16.95 -51.58
C GLY C 692 33.65 -15.74 -50.70
N LYS C 693 32.49 -15.08 -50.65
CA LYS C 693 32.35 -13.87 -49.86
C LYS C 693 32.04 -14.21 -48.40
N GLU C 694 31.87 -13.16 -47.60
CA GLU C 694 31.61 -13.32 -46.16
C GLU C 694 30.10 -13.36 -45.93
N GLU C 695 29.59 -14.53 -45.54
CA GLU C 695 28.17 -14.68 -45.28
C GLU C 695 27.73 -13.92 -44.03
N ASN C 696 28.61 -13.82 -43.04
CA ASN C 696 28.24 -13.21 -41.77
C ASN C 696 27.99 -11.70 -41.93
N PHE C 697 27.23 -11.16 -41.00
CA PHE C 697 26.96 -9.73 -40.93
C PHE C 697 28.01 -9.07 -40.04
N ASP C 698 27.78 -7.80 -39.68
CA ASP C 698 28.67 -7.08 -38.79
C ASP C 698 28.33 -7.29 -37.33
N TRP C 699 27.28 -8.04 -37.02
CA TRP C 699 26.85 -8.23 -35.63
C TRP C 699 27.76 -9.23 -34.93
N ASN C 700 28.20 -8.86 -33.73
CA ASN C 700 28.92 -9.78 -32.86
C ASN C 700 28.43 -9.58 -31.42
N PHE C 701 28.62 -10.63 -30.61
CA PHE C 701 28.05 -10.64 -29.26
C PHE C 701 28.66 -9.56 -28.37
N SER C 702 29.97 -9.33 -28.50
CA SER C 702 30.67 -8.47 -27.54
C SER C 702 30.23 -7.01 -27.68
N THR C 703 30.19 -6.49 -28.91
CA THR C 703 29.79 -5.10 -29.09
C THR C 703 28.34 -4.88 -28.70
N ALA C 704 27.46 -5.82 -29.05
CA ALA C 704 26.06 -5.70 -28.65
C ALA C 704 25.90 -5.73 -27.13
N LEU C 705 26.65 -6.61 -26.46
CA LEU C 705 26.58 -6.68 -25.01
C LEU C 705 27.09 -5.40 -24.37
N PHE C 706 28.19 -4.85 -24.89
CA PHE C 706 28.70 -3.59 -24.35
C PHE C 706 27.71 -2.45 -24.56
N ARG C 707 27.08 -2.40 -25.73
CA ARG C 707 26.11 -1.34 -25.99
C ARG C 707 24.90 -1.47 -25.07
N ARG C 708 24.43 -2.70 -24.84
CA ARG C 708 23.27 -2.88 -23.96
C ARG C 708 23.60 -2.53 -22.52
N LEU C 709 24.81 -2.87 -22.06
CA LEU C 709 25.21 -2.52 -20.70
C LEU C 709 25.55 -1.04 -20.56
N ASP C 710 25.87 -0.37 -21.67
CA ASP C 710 26.33 1.02 -21.58
C ASP C 710 25.18 1.98 -21.33
N ILE C 711 23.96 1.61 -21.74
CA ILE C 711 22.82 2.51 -21.60
C ILE C 711 21.91 2.15 -20.44
N ALA C 712 22.22 1.07 -19.71
CA ALA C 712 21.40 0.68 -18.58
C ALA C 712 21.72 1.55 -17.36
N GLU C 713 20.68 1.91 -16.62
CA GLU C 713 20.84 2.76 -15.44
C GLU C 713 21.03 1.90 -14.19
N ILE C 714 22.16 1.20 -14.15
CA ILE C 714 22.49 0.32 -13.03
C ILE C 714 23.89 0.67 -12.52
N SER C 715 24.31 0.01 -11.45
CA SER C 715 25.60 0.32 -10.84
C SER C 715 26.75 -0.09 -11.75
N TYR C 716 27.85 0.64 -11.65
CA TYR C 716 29.00 0.38 -12.51
C TYR C 716 29.63 -0.97 -12.24
N GLU C 717 29.75 -1.34 -10.96
CA GLU C 717 30.35 -2.63 -10.63
C GLU C 717 29.54 -3.78 -11.21
N GLN C 718 28.21 -3.64 -11.25
CA GLN C 718 27.38 -4.66 -11.88
C GLN C 718 27.71 -4.79 -13.37
N LYS C 719 27.87 -3.66 -14.06
CA LYS C 719 28.20 -3.70 -15.48
C LYS C 719 29.56 -4.36 -15.71
N ASP C 720 30.56 -3.99 -14.92
CA ASP C 720 31.88 -4.58 -15.09
C ASP C 720 31.86 -6.07 -14.79
N GLU C 721 31.15 -6.48 -13.73
CA GLU C 721 31.09 -7.90 -13.39
C GLU C 721 30.41 -8.70 -14.50
N ILE C 722 29.29 -8.18 -15.02
CA ILE C 722 28.58 -8.90 -16.08
C ILE C 722 29.46 -9.01 -17.31
N LEU C 723 30.08 -7.91 -17.72
CA LEU C 723 30.92 -7.95 -18.92
C LEU C 723 32.07 -8.91 -18.75
N GLN C 724 32.78 -8.84 -17.63
CA GLN C 724 33.94 -9.69 -17.40
C GLN C 724 33.55 -11.16 -17.36
N GLN C 725 32.48 -11.50 -16.63
CA GLN C 725 32.09 -12.89 -16.50
C GLN C 725 31.59 -13.45 -17.83
N LEU C 726 30.81 -12.66 -18.58
CA LEU C 726 30.32 -13.16 -19.86
C LEU C 726 31.43 -13.26 -20.89
N SER C 727 32.51 -12.48 -20.72
CA SER C 727 33.67 -12.67 -21.58
C SER C 727 34.50 -13.87 -21.17
N LEU C 728 34.52 -14.20 -19.88
CA LEU C 728 35.38 -15.26 -19.36
C LEU C 728 34.79 -16.66 -19.52
N ILE C 729 33.49 -16.82 -19.26
CA ILE C 729 32.87 -18.13 -19.30
C ILE C 729 32.68 -18.55 -20.75
N GLU C 730 33.07 -19.80 -21.06
CA GLU C 730 33.03 -20.30 -22.43
C GLU C 730 31.76 -21.07 -22.77
N GLU C 731 31.30 -21.94 -21.87
CA GLU C 731 30.11 -22.74 -22.16
C GLU C 731 28.85 -21.89 -22.13
N HIS C 732 27.93 -22.17 -23.06
CA HIS C 732 26.68 -21.41 -23.13
C HIS C 732 25.79 -21.70 -21.95
N GLU C 733 25.71 -22.96 -21.52
CA GLU C 733 24.87 -23.33 -20.40
C GLU C 733 25.30 -22.61 -19.13
N LYS C 734 26.60 -22.49 -18.91
CA LYS C 734 27.08 -21.81 -17.71
C LYS C 734 26.92 -20.30 -17.82
N GLN C 735 26.93 -19.75 -19.03
CA GLN C 735 26.59 -18.34 -19.21
C GLN C 735 25.14 -18.07 -18.83
N VAL C 736 24.23 -18.94 -19.28
CA VAL C 736 22.83 -18.80 -18.92
C VAL C 736 22.65 -18.98 -17.41
N ALA C 737 23.39 -19.91 -16.82
CA ALA C 737 23.33 -20.10 -15.38
C ALA C 737 23.82 -18.86 -14.64
N PHE C 738 24.87 -18.21 -15.15
CA PHE C 738 25.36 -16.99 -14.53
C PHE C 738 24.34 -15.87 -14.60
N ILE C 739 23.67 -15.73 -15.75
CA ILE C 739 22.69 -14.65 -15.85
C ILE C 739 21.40 -14.97 -15.11
N LYS C 740 21.14 -16.25 -14.83
CA LYS C 740 19.94 -16.61 -14.07
C LYS C 740 19.99 -16.15 -12.63
N THR C 741 21.17 -15.82 -12.10
CA THR C 741 21.30 -15.41 -10.71
C THR C 741 21.06 -13.93 -10.49
N ASN C 742 20.92 -13.14 -11.56
CA ASN C 742 20.76 -11.71 -11.42
C ASN C 742 19.38 -11.37 -10.85
N GLU C 743 19.34 -10.40 -9.95
CA GLU C 743 18.12 -10.04 -9.25
C GLU C 743 17.14 -9.24 -10.10
N ASN C 744 17.62 -8.46 -11.06
CA ASN C 744 16.77 -7.69 -11.95
C ASN C 744 16.38 -8.54 -13.15
N GLN C 745 15.09 -8.72 -13.36
CA GLN C 745 14.63 -9.75 -14.29
C GLN C 745 14.52 -9.27 -15.73
N GLU C 746 14.26 -7.98 -15.95
CA GLU C 746 14.26 -7.46 -17.31
C GLU C 746 15.67 -7.46 -17.89
N LEU C 747 16.67 -7.14 -17.06
CA LEU C 747 18.06 -7.30 -17.48
C LEU C 747 18.36 -8.75 -17.79
N GLN C 748 17.80 -9.67 -16.99
CA GLN C 748 17.94 -11.10 -17.28
C GLN C 748 17.40 -11.42 -18.67
N ASN C 749 16.22 -10.91 -18.99
CA ASN C 749 15.61 -11.20 -20.30
C ASN C 749 16.43 -10.64 -21.45
N SER C 750 16.92 -9.40 -21.30
CA SER C 750 17.74 -8.81 -22.35
C SER C 750 19.03 -9.60 -22.56
N LEU C 751 19.71 -9.95 -21.46
CA LEU C 751 20.93 -10.72 -21.58
C LEU C 751 20.66 -12.10 -22.15
N PHE C 752 19.51 -12.69 -21.84
CA PHE C 752 19.17 -13.99 -22.40
C PHE C 752 18.93 -13.90 -23.90
N GLU C 753 18.29 -12.83 -24.36
CA GLU C 753 18.13 -12.65 -25.80
C GLU C 753 19.49 -12.52 -26.48
N LEU C 754 20.40 -11.74 -25.88
CA LEU C 754 21.74 -11.61 -26.45
C LEU C 754 22.47 -12.94 -26.48
N LEU C 755 22.35 -13.73 -25.41
CA LEU C 755 23.04 -15.02 -25.36
C LEU C 755 22.44 -16.02 -26.34
N TYR C 756 21.12 -15.96 -26.54
CA TYR C 756 20.47 -16.86 -27.49
C TYR C 756 20.86 -16.52 -28.93
N SER C 757 20.99 -15.23 -29.24
CA SER C 757 21.46 -14.86 -30.58
C SER C 757 22.88 -15.36 -30.83
N GLY C 758 23.75 -15.27 -29.82
CA GLY C 758 25.13 -15.64 -29.99
C GLY C 758 25.47 -17.06 -29.56
N LYS C 759 24.53 -17.98 -29.68
CA LYS C 759 24.79 -19.37 -29.31
C LYS C 759 25.42 -20.12 -30.48
N ASN D 32 28.12 0.23 69.37
CA ASN D 32 26.82 -0.40 69.22
C ASN D 32 26.62 -0.91 67.81
N ASN D 33 26.11 -0.04 66.93
CA ASN D 33 25.88 -0.37 65.54
C ASN D 33 26.95 0.20 64.61
N ILE D 34 28.19 0.28 65.10
CA ILE D 34 29.33 0.75 64.31
C ILE D 34 30.37 -0.37 64.26
N ILE D 35 30.86 -0.68 63.07
CA ILE D 35 31.86 -1.72 62.88
C ILE D 35 33.01 -1.15 62.07
N LYS D 36 34.23 -1.32 62.58
CA LYS D 36 35.46 -0.92 61.88
C LYS D 36 36.12 -2.16 61.30
N PHE D 37 36.54 -2.08 60.05
CA PHE D 37 37.31 -3.17 59.44
C PHE D 37 38.12 -2.60 58.29
N ASP D 38 39.45 -2.78 58.36
CA ASP D 38 40.39 -2.26 57.37
C ASP D 38 40.23 -0.75 57.35
N LYS D 39 39.99 -0.12 56.19
CA LYS D 39 39.73 1.31 56.12
C LYS D 39 38.25 1.62 55.98
N ALA D 40 37.39 0.66 56.28
CA ALA D 40 35.96 0.78 56.04
C ALA D 40 35.18 0.73 57.35
N ARG D 41 34.04 1.40 57.36
CA ARG D 41 33.13 1.41 58.49
C ARG D 41 31.73 1.03 58.02
N PHE D 42 31.05 0.23 58.83
CA PHE D 42 29.69 -0.23 58.53
C PHE D 42 28.77 0.18 59.69
N THR D 43 27.64 0.79 59.34
CA THR D 43 26.63 1.18 60.31
C THR D 43 25.32 0.50 59.93
N VAL D 44 24.61 -0.01 60.94
CA VAL D 44 23.32 -0.66 60.72
C VAL D 44 22.27 0.30 61.26
N LEU D 45 21.76 1.15 60.35
CA LEU D 45 20.75 2.12 60.74
C LEU D 45 19.45 1.42 61.13
N THR D 46 19.05 0.41 60.36
CA THR D 46 17.91 -0.43 60.70
C THR D 46 18.13 -1.80 60.06
N GLU D 47 17.15 -2.68 60.23
CA GLU D 47 17.30 -4.05 59.75
C GLU D 47 17.28 -4.17 58.24
N HIS D 48 16.95 -3.10 57.51
CA HIS D 48 16.97 -3.12 56.05
C HIS D 48 17.81 -2.03 55.43
N LEU D 49 18.31 -1.07 56.20
CA LEU D 49 19.13 0.02 55.70
C LEU D 49 20.52 -0.06 56.34
N ILE D 50 21.56 -0.06 55.50
CA ILE D 50 22.93 -0.18 55.98
C ILE D 50 23.79 0.88 55.33
N ARG D 51 24.54 1.63 56.14
CA ARG D 51 25.46 2.65 55.66
C ARG D 51 26.87 2.07 55.58
N ILE D 52 27.56 2.34 54.49
CA ILE D 52 28.92 1.85 54.25
C ILE D 52 29.80 3.04 53.90
N GLU D 53 30.88 3.22 54.66
CA GLU D 53 31.80 4.33 54.45
C GLU D 53 33.20 3.79 54.20
N TYR D 54 33.90 4.41 53.25
CA TYR D 54 35.29 4.09 52.97
C TYR D 54 36.08 5.39 52.90
N SER D 55 37.14 5.48 53.71
CA SER D 55 38.04 6.62 53.72
C SER D 55 39.47 6.13 53.68
N GLU D 56 40.28 6.68 52.77
CA GLU D 56 41.68 6.27 52.68
C GLU D 56 42.50 6.86 53.82
N THR D 57 42.25 8.11 54.18
CA THR D 57 43.07 8.77 55.20
C THR D 57 42.91 8.11 56.56
N GLY D 58 41.68 7.79 56.95
CA GLY D 58 41.42 7.16 58.24
C GLY D 58 40.41 7.86 59.11
N GLU D 59 39.87 9.01 58.71
CA GLU D 59 38.83 9.70 59.46
C GLU D 59 37.51 9.58 58.71
N PHE D 60 36.43 9.40 59.45
CA PHE D 60 35.11 9.12 58.88
C PHE D 60 34.17 10.29 59.13
N GLU D 61 33.34 10.58 58.14
CA GLU D 61 32.45 11.73 58.20
C GLU D 61 31.40 11.56 59.29
N GLU D 62 31.08 12.66 59.96
CA GLU D 62 30.03 12.69 60.98
C GLU D 62 29.05 13.83 60.79
N ARG D 63 29.44 14.91 60.13
CA ARG D 63 28.57 16.06 59.91
C ARG D 63 27.53 15.77 58.83
N MET D 64 26.49 16.60 58.80
CA MET D 64 25.42 16.43 57.84
CA MET D 64 25.42 16.41 57.84
C MET D 64 25.88 16.79 56.44
N THR D 65 25.20 16.23 55.45
CA THR D 65 25.49 16.44 54.04
C THR D 65 24.27 17.09 53.39
N GLN D 66 24.41 17.44 52.12
CA GLN D 66 23.29 18.01 51.37
C GLN D 66 22.10 17.05 51.35
N MET D 67 22.36 15.75 51.28
CA MET D 67 21.32 14.73 51.19
C MET D 67 20.83 14.28 52.55
N VAL D 68 21.74 13.80 53.40
CA VAL D 68 21.38 13.21 54.69
C VAL D 68 21.29 14.30 55.74
N GLN D 69 20.20 14.31 56.50
CA GLN D 69 19.99 15.31 57.55
C GLN D 69 19.91 14.73 58.95
N ASN D 70 19.76 13.41 59.09
CA ASN D 70 19.63 12.79 60.40
C ASN D 70 20.01 11.32 60.30
N ARG D 71 20.75 10.84 61.30
CA ARG D 71 21.14 9.43 61.37
C ARG D 71 20.82 8.82 62.73
N GLU D 72 19.91 9.42 63.48
CA GLU D 72 19.56 8.94 64.82
C GLU D 72 18.39 7.97 64.69
N PHE D 73 18.70 6.73 64.36
CA PHE D 73 17.71 5.67 64.27
C PHE D 73 17.67 4.89 65.58
N SER D 74 16.93 3.78 65.59
CA SER D 74 16.82 2.95 66.77
C SER D 74 17.95 1.91 66.76
N GLU D 75 17.88 0.94 67.67
CA GLU D 75 18.86 -0.13 67.77
C GLU D 75 18.20 -1.44 67.38
N VAL D 76 18.90 -2.22 66.53
CA VAL D 76 18.38 -3.48 66.03
C VAL D 76 19.37 -4.59 66.36
N ASN D 77 18.99 -5.81 66.01
CA ASN D 77 19.79 -7.00 66.27
C ASN D 77 20.58 -7.37 65.02
N PHE D 78 21.88 -7.59 65.18
CA PHE D 78 22.74 -7.99 64.08
C PHE D 78 23.96 -8.71 64.64
N ASP D 79 24.62 -9.47 63.78
CA ASP D 79 25.72 -10.33 64.18
C ASP D 79 26.96 -10.05 63.34
N ILE D 80 28.13 -10.33 63.90
CA ILE D 80 29.39 -10.06 63.24
C ILE D 80 30.24 -11.33 63.29
N ILE D 81 30.79 -11.72 62.14
CA ILE D 81 31.71 -12.85 62.04
C ILE D 81 33.05 -12.28 61.58
N GLU D 82 34.09 -12.56 62.37
CA GLU D 82 35.39 -11.92 62.21
C GLU D 82 36.44 -12.96 61.85
N LYS D 83 37.14 -12.75 60.75
CA LYS D 83 38.29 -13.54 60.36
C LYS D 83 39.54 -12.66 60.40
N GLU D 84 40.67 -13.23 60.00
CA GLU D 84 41.92 -12.47 60.00
C GLU D 84 41.92 -11.39 58.94
N GLU D 85 41.29 -11.66 57.78
CA GLU D 85 41.31 -10.74 56.66
C GLU D 85 39.94 -10.46 56.06
N THR D 86 38.87 -11.07 56.58
CA THR D 86 37.53 -10.89 56.05
C THR D 86 36.55 -10.64 57.19
N ILE D 87 35.46 -9.94 56.88
CA ILE D 87 34.40 -9.65 57.84
C ILE D 87 33.06 -10.01 57.22
N GLU D 88 32.13 -10.40 58.08
CA GLU D 88 30.81 -10.88 57.71
C GLU D 88 29.78 -10.23 58.62
N ILE D 89 28.71 -9.69 58.02
CA ILE D 89 27.66 -9.00 58.75
C ILE D 89 26.34 -9.73 58.53
N ILE D 90 25.68 -10.11 59.62
CA ILE D 90 24.41 -10.84 59.60
C ILE D 90 23.32 -9.89 60.05
N THR D 91 22.33 -9.70 59.18
CA THR D 91 21.09 -9.02 59.51
C THR D 91 19.93 -9.95 59.11
N SER D 92 18.74 -9.67 59.64
CA SER D 92 17.61 -10.56 59.43
C SER D 92 17.19 -10.69 57.97
N THR D 93 17.64 -9.78 57.10
CA THR D 93 17.33 -9.86 55.68
C THR D 93 18.52 -9.70 54.75
N VAL D 94 19.67 -9.25 55.23
CA VAL D 94 20.82 -9.01 54.37
C VAL D 94 22.05 -9.66 55.00
N HIS D 95 22.98 -10.09 54.14
CA HIS D 95 24.19 -10.80 54.53
C HIS D 95 25.37 -10.18 53.79
N LEU D 96 26.22 -9.45 54.52
CA LEU D 96 27.27 -8.65 53.92
C LEU D 96 28.63 -9.32 54.09
N TYR D 97 29.46 -9.25 53.05
CA TYR D 97 30.80 -9.81 53.05
C TYR D 97 31.78 -8.73 52.59
N TYR D 98 32.83 -8.52 53.37
CA TYR D 98 33.90 -7.61 53.01
C TYR D 98 35.24 -8.33 53.13
N ASN D 99 36.04 -8.29 52.07
CA ASN D 99 37.30 -9.02 52.01
C ASN D 99 38.52 -8.11 52.20
N GLY D 100 38.33 -6.89 52.68
CA GLY D 100 39.43 -6.00 52.95
C GLY D 100 39.91 -5.26 51.70
N GLY D 101 40.76 -4.27 51.93
CA GLY D 101 41.29 -3.49 50.83
C GLY D 101 40.25 -2.54 50.24
N GLU D 102 40.49 -2.18 48.98
CA GLU D 102 39.59 -1.28 48.27
C GLU D 102 38.27 -1.97 47.96
N PHE D 103 37.24 -1.17 47.75
CA PHE D 103 35.91 -1.71 47.44
C PHE D 103 35.85 -2.15 45.99
N THR D 104 35.50 -3.41 45.79
CA THR D 104 35.35 -3.98 44.45
C THR D 104 34.31 -5.09 44.54
N ASN D 105 33.78 -5.48 43.39
CA ASN D 105 32.77 -6.54 43.37
C ASN D 105 33.31 -7.86 43.92
N ALA D 106 34.63 -8.03 43.95
CA ALA D 106 35.24 -9.21 44.53
C ALA D 106 35.40 -9.12 46.04
N SER D 107 35.48 -7.92 46.59
CA SER D 107 35.74 -7.73 48.01
C SER D 107 34.47 -7.46 48.82
N LEU D 108 33.70 -6.46 48.44
CA LEU D 108 32.47 -6.09 49.15
C LEU D 108 31.28 -6.52 48.32
N PHE D 109 30.42 -7.37 48.88
CA PHE D 109 29.22 -7.82 48.19
C PHE D 109 28.28 -8.42 49.21
N ALA D 110 27.06 -8.78 48.78
CA ALA D 110 26.03 -9.12 49.76
C ALA D 110 24.96 -10.00 49.13
N ASP D 111 24.21 -10.66 50.03
CA ASP D 111 23.05 -11.48 49.70
C ASP D 111 21.82 -10.90 50.38
N VAL D 112 20.66 -11.05 49.74
CA VAL D 112 19.39 -10.61 50.30
C VAL D 112 18.43 -11.78 50.32
N LYS D 113 17.70 -11.93 51.44
CA LYS D 113 16.78 -13.04 51.64
C LYS D 113 15.36 -12.49 51.74
N PHE D 114 14.51 -12.86 50.80
CA PHE D 114 13.13 -12.40 50.74
C PHE D 114 12.21 -13.57 50.40
N ASN D 115 10.93 -13.41 50.72
CA ASN D 115 9.93 -14.45 50.46
C ASN D 115 9.77 -14.74 48.97
N PHE D 116 9.74 -13.71 48.14
CA PHE D 116 9.70 -13.92 46.70
C PHE D 116 11.06 -14.37 46.20
N SER D 117 11.07 -15.05 45.06
CA SER D 117 12.29 -15.55 44.44
C SER D 117 12.73 -14.63 43.31
N VAL D 118 13.99 -14.79 42.91
CA VAL D 118 14.59 -13.94 41.89
C VAL D 118 15.72 -14.71 41.22
N TYR D 119 15.97 -14.38 39.95
CA TYR D 119 17.04 -15.04 39.19
C TYR D 119 18.41 -14.76 39.82
N SER D 120 18.63 -13.55 40.30
CA SER D 120 19.88 -13.16 40.94
C SER D 120 19.58 -12.26 42.14
N ASN D 121 19.97 -12.71 43.32
CA ASN D 121 19.77 -11.97 44.56
C ASN D 121 21.06 -11.47 45.19
N ARG D 122 22.13 -11.35 44.42
CA ARG D 122 23.44 -10.98 44.95
C ARG D 122 23.81 -9.58 44.48
N TRP D 123 24.17 -8.72 45.43
CA TRP D 123 24.59 -7.36 45.14
C TRP D 123 26.11 -7.28 45.13
N TYR D 124 26.66 -6.72 44.05
CA TYR D 124 28.09 -6.49 43.89
C TYR D 124 28.35 -5.00 43.88
N PHE D 125 29.43 -4.58 44.55
CA PHE D 125 29.83 -3.18 44.53
C PHE D 125 30.20 -2.76 43.12
N GLY D 126 29.70 -1.59 42.71
CA GLY D 126 30.01 -1.03 41.41
C GLY D 126 29.31 -1.68 40.23
N GLU D 127 28.80 -2.91 40.39
CA GLU D 127 28.10 -3.58 39.32
C GLU D 127 26.64 -3.11 39.28
N LYS D 128 26.22 -2.63 38.11
CA LYS D 128 24.84 -2.21 37.94
C LYS D 128 23.90 -3.40 38.05
N SER D 129 22.80 -3.21 38.78
CA SER D 129 21.81 -4.25 38.99
C SER D 129 20.53 -3.90 38.24
N ASP D 130 19.82 -4.93 37.80
CA ASP D 130 18.54 -4.75 37.13
C ASP D 130 17.40 -4.84 38.13
N GLY D 131 16.19 -4.55 37.65
CA GLY D 131 15.00 -4.60 38.47
C GLY D 131 14.61 -3.29 39.13
N ASN D 132 15.41 -2.25 39.00
CA ASN D 132 15.08 -0.97 39.61
C ASN D 132 13.85 -0.36 38.96
N LEU D 133 13.06 0.33 39.77
CA LEU D 133 11.80 0.92 39.33
C LEU D 133 11.93 2.39 38.95
N LYS D 134 13.15 2.93 38.93
CA LYS D 134 13.44 4.28 38.45
C LYS D 134 12.89 5.36 39.35
N GLY D 135 13.37 6.59 39.18
CA GLY D 135 12.95 7.73 39.96
C GLY D 135 12.56 8.92 39.11
N THR D 136 13.24 10.05 39.31
CA THR D 136 13.00 11.27 38.55
C THR D 136 14.26 11.61 37.74
N THR D 137 14.24 12.78 37.11
CA THR D 137 15.37 13.30 36.37
C THR D 137 15.67 14.72 36.84
N ARG D 138 16.95 15.07 36.84
CA ARG D 138 17.34 16.44 37.17
C ARG D 138 16.82 17.41 36.12
N THR D 139 17.06 17.12 34.84
CA THR D 139 16.62 17.97 33.76
C THR D 139 15.59 17.22 32.91
N LEU D 140 14.58 17.96 32.48
CA LEU D 140 13.53 17.42 31.62
C LEU D 140 14.02 17.37 30.18
N ASP D 141 14.13 16.16 29.62
CA ASP D 141 14.81 16.00 28.35
C ASP D 141 14.10 15.10 27.34
N MET D 142 12.80 14.86 27.48
CA MET D 142 12.10 14.03 26.49
C MET D 142 11.79 14.87 25.26
N ILE D 143 11.98 14.29 24.08
CA ILE D 143 11.69 15.00 22.84
C ILE D 143 10.17 15.13 22.64
N ASP D 144 9.47 14.00 22.60
CA ASP D 144 8.01 13.98 22.55
C ASP D 144 7.39 13.17 23.68
N GLY D 145 7.86 11.95 23.89
CA GLY D 145 7.25 11.07 24.86
C GLY D 145 8.12 10.71 26.04
N GLU D 146 8.64 9.49 26.06
CA GLU D 146 9.40 9.00 27.21
C GLU D 146 10.78 9.64 27.26
N CYS D 147 11.27 9.80 28.48
CA CYS D 147 12.61 10.31 28.77
C CYS D 147 13.35 9.27 29.60
N PRO D 148 14.69 9.29 29.56
CA PRO D 148 15.44 8.34 30.39
C PRO D 148 15.46 8.79 31.84
N LEU D 149 14.90 7.97 32.72
CA LEU D 149 14.80 8.26 34.14
C LEU D 149 16.04 7.79 34.88
N GLU D 150 16.20 8.29 36.10
CA GLU D 150 17.28 7.89 36.99
C GLU D 150 16.76 6.88 38.02
N ASP D 151 17.70 6.12 38.58
CA ASP D 151 17.35 5.07 39.52
C ASP D 151 16.86 5.65 40.84
N GLY D 152 15.96 4.92 41.49
CA GLY D 152 15.46 5.29 42.80
C GLY D 152 15.85 4.30 43.88
N ILE D 153 15.15 4.31 45.01
CA ILE D 153 15.45 3.40 46.11
C ILE D 153 14.49 2.20 46.14
N MET D 154 13.72 2.00 45.08
CA MET D 154 12.78 0.89 44.99
C MET D 154 13.25 -0.07 43.91
N SER D 155 13.10 -1.36 44.14
CA SER D 155 13.48 -2.37 43.16
C SER D 155 12.59 -3.59 43.30
N LYS D 156 12.28 -4.20 42.16
CA LYS D 156 11.57 -5.48 42.18
C LYS D 156 12.43 -6.59 42.76
N ASN D 157 13.75 -6.49 42.60
CA ASN D 157 14.64 -7.50 43.14
C ASN D 157 14.71 -7.43 44.66
N GLY D 158 14.61 -6.23 45.23
CA GLY D 158 14.56 -6.07 46.67
C GLY D 158 15.62 -5.16 47.27
N PHE D 159 16.60 -4.68 46.52
CA PHE D 159 17.66 -3.86 47.09
C PHE D 159 18.05 -2.76 46.11
N ALA D 160 18.57 -1.66 46.67
CA ALA D 160 19.06 -0.54 45.87
C ALA D 160 20.16 0.15 46.66
N VAL D 161 20.98 0.92 45.95
CA VAL D 161 22.11 1.63 46.56
C VAL D 161 21.98 3.12 46.24
N LEU D 162 21.99 3.94 47.29
CA LEU D 162 21.96 5.38 47.16
C LEU D 162 23.33 5.93 47.53
N ALA D 163 23.95 6.65 46.60
CA ALA D 163 25.30 7.19 46.78
C ALA D 163 25.21 8.62 47.30
N ASP D 164 25.88 8.88 48.43
CA ASP D 164 25.92 10.22 49.02
C ASP D 164 27.09 10.98 48.38
N LYS D 165 26.80 11.63 47.27
CA LYS D 165 27.79 12.35 46.49
C LYS D 165 27.83 13.84 46.82
N GLY D 166 26.99 14.29 47.75
CA GLY D 166 26.87 15.71 48.06
C GLY D 166 28.05 16.30 48.78
N LYS D 167 27.82 17.44 49.45
CA LYS D 167 28.86 18.19 50.13
C LYS D 167 28.48 18.39 51.59
N VAL D 168 29.50 18.52 52.44
CA VAL D 168 29.26 18.57 53.88
C VAL D 168 28.50 19.83 54.24
N LEU D 169 27.52 19.71 55.13
CA LEU D 169 26.68 20.81 55.56
C LEU D 169 26.91 21.06 57.05
N THR D 170 26.91 22.33 57.44
CA THR D 170 27.14 22.69 58.83
C THR D 170 25.84 22.58 59.63
N GLU D 171 25.95 22.81 60.94
CA GLU D 171 24.79 22.74 61.82
C GLU D 171 23.82 23.90 61.63
N VAL D 172 24.23 24.95 60.92
CA VAL D 172 23.35 26.08 60.63
C VAL D 172 22.79 26.01 59.22
N GLY D 173 23.43 25.30 58.30
CA GLY D 173 22.94 25.23 56.93
C GLY D 173 23.89 25.84 55.92
N ASP D 174 25.19 25.77 56.20
CA ASP D 174 26.22 26.32 55.31
C ASP D 174 27.13 25.21 54.83
N ILE D 175 27.65 25.40 53.61
CA ILE D 175 28.56 24.43 53.01
C ILE D 175 29.88 24.43 53.77
N ALA D 176 30.41 23.25 54.06
CA ALA D 176 31.67 23.10 54.79
C ALA D 176 32.73 22.36 53.98
N GLY D 177 32.58 22.32 52.65
CA GLY D 177 33.58 21.69 51.81
C GLY D 177 33.41 20.19 51.68
N ASN D 178 34.39 19.58 51.01
CA ASN D 178 34.32 18.16 50.69
C ASN D 178 34.39 17.31 51.96
N SER D 179 33.83 16.11 51.87
CA SER D 179 33.79 15.19 53.00
C SER D 179 35.10 14.43 53.13
N VAL D 180 35.42 14.04 54.36
CA VAL D 180 36.64 13.26 54.61
C VAL D 180 36.50 11.86 54.03
N SER D 181 35.31 11.29 54.10
CA SER D 181 35.09 9.95 53.56
C SER D 181 35.31 9.93 52.06
N THR D 182 36.06 8.93 51.59
CA THR D 182 36.27 8.81 50.14
C THR D 182 34.96 8.48 49.43
N ILE D 183 34.24 7.47 49.90
CA ILE D 183 32.94 7.12 49.33
C ILE D 183 31.99 6.74 50.45
N ASP D 184 30.70 7.03 50.25
CA ASP D 184 29.65 6.73 51.21
C ASP D 184 28.45 6.18 50.45
N LEU D 185 27.87 5.10 50.97
CA LEU D 185 26.76 4.42 50.30
C LEU D 185 25.70 4.04 51.33
N TYR D 186 24.45 3.96 50.87
CA TYR D 186 23.34 3.51 51.69
C TYR D 186 22.63 2.39 50.94
N LEU D 187 22.66 1.19 51.49
CA LEU D 187 22.03 0.02 50.91
C LEU D 187 20.64 -0.14 51.53
N PHE D 188 19.62 -0.06 50.68
CA PHE D 188 18.23 -0.30 51.07
C PHE D 188 17.87 -1.72 50.64
N ALA D 189 17.47 -2.54 51.61
CA ALA D 189 17.16 -3.95 51.38
C ALA D 189 15.77 -4.28 51.91
N TYR D 190 14.80 -3.45 51.55
CA TYR D 190 13.44 -3.55 52.07
C TYR D 190 12.58 -4.55 51.30
N GLY D 191 13.12 -5.18 50.26
CA GLY D 191 12.34 -6.10 49.47
C GLY D 191 11.24 -5.42 48.70
N ARG D 192 9.99 -5.84 48.91
CA ARG D 192 8.84 -5.24 48.26
C ARG D 192 7.94 -4.50 49.23
N ASP D 193 8.52 -3.98 50.32
CA ASP D 193 7.79 -3.10 51.24
C ASP D 193 8.23 -1.67 50.91
N TYR D 194 7.56 -1.09 49.92
CA TYR D 194 7.97 0.22 49.41
C TYR D 194 7.57 1.35 50.33
N ARG D 195 6.43 1.22 51.01
CA ARG D 195 5.99 2.27 51.93
C ARG D 195 6.96 2.43 53.10
N GLN D 196 7.41 1.31 53.67
CA GLN D 196 8.38 1.38 54.76
C GLN D 196 9.70 1.97 54.28
N ALA D 197 10.13 1.61 53.07
CA ALA D 197 11.34 2.16 52.51
C ALA D 197 11.24 3.68 52.35
N LEU D 198 10.09 4.15 51.87
CA LEU D 198 9.90 5.60 51.73
C LEU D 198 9.87 6.29 53.09
N LYS D 199 9.22 5.67 54.08
CA LYS D 199 9.20 6.25 55.42
C LYS D 199 10.61 6.36 56.00
N ASP D 200 11.43 5.32 55.83
CA ASP D 200 12.79 5.38 56.34
C ASP D 200 13.66 6.35 55.56
N PHE D 201 13.41 6.49 54.26
CA PHE D 201 14.11 7.52 53.49
C PHE D 201 13.77 8.91 54.01
N TYR D 202 12.50 9.14 54.33
CA TYR D 202 12.11 10.44 54.88
C TYR D 202 12.70 10.66 56.26
N GLN D 203 12.81 9.59 57.05
CA GLN D 203 13.49 9.69 58.34
C GLN D 203 14.96 10.05 58.17
N LEU D 204 15.60 9.47 57.15
CA LEU D 204 17.03 9.71 56.95
C LEU D 204 17.30 11.12 56.42
N THR D 205 16.51 11.58 55.45
CA THR D 205 16.79 12.85 54.77
C THR D 205 15.86 13.98 55.18
N GLY D 206 14.91 13.75 56.08
CA GLY D 206 14.02 14.80 56.52
C GLY D 206 12.65 14.74 55.87
N ASN D 207 11.60 14.93 56.69
CA ASN D 207 10.25 14.89 56.20
C ASN D 207 9.95 16.09 55.31
N THR D 208 8.98 15.92 54.42
CA THR D 208 8.52 17.01 53.58
C THR D 208 7.68 17.98 54.40
N PRO D 209 7.94 19.29 54.32
CA PRO D 209 7.13 20.24 55.09
C PRO D 209 5.73 20.39 54.50
N LYS D 210 4.84 20.92 55.34
CA LYS D 210 3.46 21.14 54.92
C LYS D 210 3.37 22.21 53.84
N LEU D 211 2.39 22.07 52.98
CA LEU D 211 2.08 23.07 51.98
C LEU D 211 0.87 23.89 52.42
N PRO D 212 0.79 25.16 52.04
CA PRO D 212 -0.38 25.96 52.38
C PRO D 212 -1.59 25.55 51.55
N ARG D 213 -2.77 25.89 52.06
CA ARG D 213 -4.01 25.47 51.42
C ARG D 213 -4.17 26.09 50.04
N PHE D 214 -3.80 27.37 49.89
CA PHE D 214 -3.99 28.05 48.62
C PHE D 214 -3.17 27.41 47.50
N ALA D 215 -2.10 26.70 47.83
CA ALA D 215 -1.31 26.02 46.81
C ALA D 215 -2.04 24.85 46.18
N LEU D 216 -3.17 24.42 46.75
CA LEU D 216 -3.90 23.26 46.24
C LEU D 216 -5.06 23.63 45.35
N GLY D 217 -5.19 24.90 44.97
CA GLY D 217 -6.21 25.33 44.04
C GLY D 217 -5.71 25.38 42.62
N ASN D 218 -6.32 26.25 41.83
CA ASN D 218 -5.96 26.44 40.43
C ASN D 218 -5.00 27.62 40.31
N TRP D 219 -3.89 27.40 39.60
CA TRP D 219 -2.94 28.47 39.32
C TRP D 219 -3.13 28.95 37.89
N TRP D 220 -3.06 30.25 37.69
CA TRP D 220 -3.13 30.86 36.36
C TRP D 220 -1.81 31.52 36.04
N SER D 221 -1.25 31.22 34.86
CA SER D 221 -0.01 31.85 34.45
C SER D 221 0.00 32.04 32.94
N ARG D 222 0.25 33.27 32.50
CA ARG D 222 0.42 33.55 31.09
C ARG D 222 1.56 34.53 30.89
N TYR D 223 2.44 34.23 29.93
CA TYR D 223 3.54 35.11 29.56
C TYR D 223 2.97 36.15 28.59
N TYR D 224 2.39 37.20 29.17
CA TYR D 224 1.75 38.25 28.40
C TYR D 224 2.07 39.60 29.01
N ASP D 225 1.97 40.65 28.19
CA ASP D 225 2.19 42.02 28.64
C ASP D 225 0.90 42.57 29.25
N TYR D 226 0.60 42.08 30.45
CA TYR D 226 -0.64 42.46 31.12
C TYR D 226 -0.54 43.85 31.70
N SER D 227 -1.64 44.59 31.62
CA SER D 227 -1.83 45.84 32.34
C SER D 227 -2.70 45.58 33.56
N ASP D 228 -2.61 46.47 34.55
CA ASP D 228 -3.33 46.27 35.80
C ASP D 228 -4.84 46.19 35.55
N LYS D 229 -5.38 47.12 34.76
CA LYS D 229 -6.80 47.10 34.46
C LYS D 229 -7.18 45.88 33.62
N SER D 230 -6.33 45.50 32.66
CA SER D 230 -6.62 44.32 31.86
C SER D 230 -6.54 43.04 32.69
N TYR D 231 -5.59 42.97 33.61
CA TYR D 231 -5.51 41.81 34.50
C TYR D 231 -6.73 41.72 35.40
N LEU D 232 -7.17 42.85 35.95
CA LEU D 232 -8.37 42.84 36.78
C LEU D 232 -9.60 42.45 35.96
N ALA D 233 -9.67 42.92 34.71
CA ALA D 233 -10.78 42.52 33.84
C ALA D 233 -10.76 41.03 33.57
N LEU D 234 -9.58 40.45 33.35
CA LEU D 234 -9.48 39.01 33.14
C LEU D 234 -9.93 38.23 34.38
N MET D 235 -9.51 38.68 35.57
CA MET D 235 -9.95 38.02 36.79
C MET D 235 -11.46 38.12 36.98
N ASP D 236 -12.04 39.28 36.67
CA ASP D 236 -13.48 39.43 36.79
C ASP D 236 -14.21 38.56 35.77
N LYS D 237 -13.63 38.39 34.57
CA LYS D 237 -14.20 37.48 33.59
C LYS D 237 -14.16 36.04 34.09
N PHE D 238 -13.05 35.65 34.74
CA PHE D 238 -12.96 34.32 35.34
C PHE D 238 -14.04 34.14 36.39
N THR D 239 -14.26 35.14 37.23
CA THR D 239 -15.31 35.07 38.25
C THR D 239 -16.68 34.96 37.60
N ASP D 240 -16.92 35.70 36.52
CA ASP D 240 -18.22 35.70 35.86
C ASP D 240 -18.54 34.33 35.28
N LYS D 241 -17.52 33.62 34.78
CA LYS D 241 -17.71 32.31 34.17
C LYS D 241 -17.73 31.18 35.18
N LYS D 242 -17.71 31.49 36.48
CA LYS D 242 -17.80 30.49 37.55
C LYS D 242 -16.58 29.58 37.56
N VAL D 243 -15.40 30.18 37.45
CA VAL D 243 -14.14 29.46 37.48
C VAL D 243 -13.35 29.93 38.71
N PRO D 244 -13.16 29.09 39.72
CA PRO D 244 -12.39 29.51 40.89
C PRO D 244 -10.88 29.44 40.65
N LEU D 245 -10.17 30.40 41.24
CA LEU D 245 -8.72 30.47 41.15
C LEU D 245 -8.15 30.75 42.53
N SER D 246 -6.92 30.31 42.75
CA SER D 246 -6.26 30.49 44.03
C SER D 246 -4.99 31.33 43.96
N VAL D 247 -4.22 31.21 42.88
CA VAL D 247 -2.93 31.87 42.77
C VAL D 247 -2.87 32.60 41.43
N SER D 248 -2.40 33.84 41.46
CA SER D 248 -2.15 34.62 40.25
C SER D 248 -0.65 34.71 40.05
N VAL D 249 -0.17 34.26 38.90
CA VAL D 249 1.24 34.26 38.57
C VAL D 249 1.48 35.32 37.50
N ILE D 250 2.35 36.28 37.81
CA ILE D 250 2.71 37.36 36.90
C ILE D 250 4.13 37.12 36.41
N ASP D 251 4.29 37.02 35.10
CA ASP D 251 5.57 36.63 34.51
C ASP D 251 6.52 37.82 34.48
N MET D 252 7.62 37.68 33.75
CA MET D 252 8.74 38.61 33.81
C MET D 252 8.39 40.00 33.28
N ASP D 253 7.27 40.16 32.59
CA ASP D 253 6.89 41.48 32.09
C ASP D 253 6.41 42.42 33.18
N TRP D 254 6.40 41.99 34.44
CA TRP D 254 6.04 42.89 35.52
C TRP D 254 7.09 43.99 35.73
N HIS D 255 8.32 43.77 35.28
CA HIS D 255 9.40 44.73 35.44
C HIS D 255 9.79 45.31 34.08
N LYS D 256 10.77 46.20 34.10
CA LYS D 256 11.23 46.88 32.89
C LYS D 256 12.00 45.90 32.02
N VAL D 257 11.65 45.85 30.73
CA VAL D 257 12.27 44.93 29.77
C VAL D 257 12.93 45.69 28.63
N SER D 258 12.15 46.47 27.88
CA SER D 258 12.64 47.14 26.68
C SER D 258 13.17 48.55 26.95
N GLU D 259 13.06 49.04 28.17
CA GLU D 259 13.53 50.38 28.53
C GLU D 259 14.81 50.34 29.36
N VAL D 260 15.49 49.20 29.39
CA VAL D 260 16.80 49.12 30.05
C VAL D 260 17.80 49.93 29.24
N PRO D 261 18.77 50.59 29.88
CA PRO D 261 19.78 51.34 29.11
C PRO D 261 20.55 50.44 28.16
N SER D 262 21.01 51.03 27.06
CA SER D 262 21.70 50.28 26.02
C SER D 262 22.96 49.61 26.55
N ARG D 263 23.60 50.21 27.55
CA ARG D 263 24.80 49.63 28.12
C ARG D 263 24.53 48.24 28.69
N PHE D 264 23.49 48.15 29.53
CA PHE D 264 23.16 46.89 30.18
C PHE D 264 22.62 45.89 29.17
N GLY D 265 22.82 44.60 29.45
CA GLY D 265 22.49 43.57 28.49
C GLY D 265 21.06 43.08 28.58
N SER D 266 20.90 41.76 28.81
CA SER D 266 19.58 41.16 28.86
C SER D 266 18.75 41.73 30.01
N GLY D 267 17.65 42.40 29.68
CA GLY D 267 16.79 42.97 30.68
C GLY D 267 15.87 41.96 31.35
N TRP D 268 16.20 40.67 31.24
CA TRP D 268 15.42 39.65 31.91
C TRP D 268 15.44 39.84 33.43
N THR D 269 16.59 40.18 33.98
CA THR D 269 16.68 40.50 35.40
C THR D 269 16.05 41.85 35.67
N GLY D 270 15.18 41.92 36.67
CA GLY D 270 14.55 43.17 37.03
C GLY D 270 13.95 43.16 38.42
N TYR D 271 14.06 44.29 39.12
CA TYR D 271 13.45 44.46 40.43
C TYR D 271 12.73 45.80 40.53
N SER D 272 12.41 46.42 39.40
CA SER D 272 11.74 47.71 39.36
C SER D 272 10.40 47.55 38.65
N TRP D 273 9.34 48.07 39.26
CA TRP D 273 8.02 47.97 38.67
C TRP D 273 7.95 48.77 37.38
N ASN D 274 7.21 48.26 36.40
CA ASN D 274 6.95 48.97 35.16
C ASN D 274 5.78 49.91 35.40
N LYS D 275 6.08 51.20 35.59
CA LYS D 275 5.05 52.15 36.00
C LYS D 275 4.09 52.46 34.87
N LYS D 276 4.51 52.28 33.61
CA LYS D 276 3.61 52.49 32.49
C LYS D 276 2.47 51.47 32.51
N LEU D 277 2.79 50.21 32.80
CA LEU D 277 1.78 49.16 32.89
C LEU D 277 1.17 49.07 34.28
N PHE D 278 1.94 49.39 35.32
CA PHE D 278 1.49 49.31 36.71
C PHE D 278 1.74 50.65 37.38
N PRO D 279 0.85 51.63 37.13
CA PRO D 279 1.05 52.95 37.77
C PRO D 279 1.05 52.90 39.29
N ASN D 280 0.22 52.05 39.89
CA ASN D 280 0.13 51.93 41.35
C ASN D 280 0.21 50.45 41.72
N PRO D 281 1.42 49.90 41.82
CA PRO D 281 1.54 48.48 42.16
C PRO D 281 0.90 48.11 43.49
N GLU D 282 0.97 49.00 44.48
CA GLU D 282 0.35 48.72 45.77
C GLU D 282 -1.15 48.54 45.62
N ASN D 283 -1.80 49.42 44.85
CA ASN D 283 -3.24 49.31 44.65
C ASN D 283 -3.59 48.06 43.87
N PHE D 284 -2.75 47.68 42.91
CA PHE D 284 -3.00 46.45 42.15
C PHE D 284 -2.94 45.22 43.04
N ILE D 285 -1.92 45.13 43.89
CA ILE D 285 -1.82 44.00 44.80
C ILE D 285 -2.96 44.02 45.81
N ASP D 286 -3.38 45.22 46.24
CA ASP D 286 -4.50 45.31 47.17
C ASP D 286 -5.79 44.82 46.52
N GLU D 287 -6.01 45.15 45.25
CA GLU D 287 -7.17 44.64 44.53
C GLU D 287 -7.11 43.13 44.39
N LEU D 288 -5.93 42.60 44.06
CA LEU D 288 -5.79 41.15 43.92
C LEU D 288 -6.07 40.44 45.24
N HIS D 289 -5.60 41.00 46.36
CA HIS D 289 -5.92 40.43 47.66
C HIS D 289 -7.39 40.62 48.02
N GLN D 290 -8.01 41.69 47.52
CA GLN D 290 -9.44 41.90 47.74
C GLN D 290 -10.25 40.82 47.03
N ARG D 291 -9.77 40.34 45.89
CA ARG D 291 -10.37 39.19 45.24
C ARG D 291 -9.91 37.86 45.82
N LYS D 292 -9.14 37.90 46.91
CA LYS D 292 -8.62 36.71 47.59
C LYS D 292 -7.79 35.86 46.63
N LEU D 293 -6.69 36.45 46.18
CA LEU D 293 -5.72 35.78 45.33
C LEU D 293 -4.33 35.96 45.93
N LYS D 294 -3.52 34.91 45.87
CA LYS D 294 -2.12 35.00 46.28
C LYS D 294 -1.28 35.33 45.07
N VAL D 295 -0.34 36.25 45.23
CA VAL D 295 0.39 36.85 44.12
C VAL D 295 1.84 36.38 44.17
N THR D 296 2.38 36.01 43.01
CA THR D 296 3.79 35.67 42.88
C THR D 296 4.34 36.35 41.63
N LEU D 297 5.64 36.59 41.64
CA LEU D 297 6.32 37.26 40.55
C LEU D 297 7.49 36.40 40.07
N ASN D 298 7.81 36.52 38.79
CA ASN D 298 8.94 35.82 38.20
C ASN D 298 10.21 36.59 38.54
N ASP D 299 11.27 35.87 38.89
CA ASP D 299 12.55 36.46 39.23
C ASP D 299 13.65 35.81 38.41
N HIS D 300 14.58 36.63 37.92
CA HIS D 300 15.68 36.18 37.07
C HIS D 300 16.98 36.74 37.67
N PRO D 301 17.55 36.06 38.66
CA PRO D 301 18.73 36.59 39.35
C PRO D 301 20.04 36.44 38.57
N ALA D 302 20.02 35.84 37.38
CA ALA D 302 21.25 35.44 36.71
C ALA D 302 22.15 36.64 36.42
N ASP D 303 21.58 37.74 35.95
CA ASP D 303 22.40 38.90 35.60
C ASP D 303 22.94 39.58 36.85
N GLY D 304 22.06 40.07 37.71
CA GLY D 304 22.45 40.71 38.95
C GLY D 304 21.80 42.07 39.12
N ILE D 305 22.14 42.71 40.23
CA ILE D 305 21.57 44.00 40.59
C ILE D 305 22.33 45.10 39.86
N ARG D 306 21.76 45.59 38.77
CA ARG D 306 22.42 46.63 37.98
C ARG D 306 22.15 48.01 38.56
N ALA D 307 22.86 49.01 38.03
CA ALA D 307 22.77 50.36 38.60
C ALA D 307 21.45 51.05 38.30
N PHE D 308 20.73 50.62 37.26
CA PHE D 308 19.48 51.27 36.89
C PHE D 308 18.31 50.85 37.76
N GLU D 309 18.47 49.82 38.59
CA GLU D 309 17.39 49.38 39.47
C GLU D 309 17.03 50.49 40.44
N ASP D 310 15.73 50.59 40.77
CA ASP D 310 15.29 51.52 41.80
C ASP D 310 15.89 51.22 43.17
N PRO D 311 15.93 49.98 43.66
CA PRO D 311 16.58 49.70 44.94
C PRO D 311 18.09 49.57 44.87
N TYR D 312 18.71 49.88 43.73
CA TYR D 312 20.16 49.74 43.61
C TYR D 312 20.95 50.58 44.61
N PRO D 313 20.62 51.86 44.85
CA PRO D 313 21.43 52.63 45.82
C PRO D 313 21.58 51.97 47.17
N GLN D 314 20.48 51.44 47.73
CA GLN D 314 20.54 50.82 49.05
C GLN D 314 21.56 49.69 49.09
N VAL D 315 21.48 48.77 48.11
CA VAL D 315 22.45 47.68 48.03
C VAL D 315 23.85 48.22 47.88
N ALA D 316 24.00 49.35 47.17
CA ALA D 316 25.32 49.95 47.01
C ALA D 316 25.92 50.35 48.35
N GLN D 317 25.06 50.79 49.29
CA GLN D 317 25.57 51.14 50.61
C GLN D 317 25.90 49.90 51.43
N THR D 318 25.35 48.74 51.07
CA THR D 318 25.55 47.55 51.89
C THR D 318 26.76 46.75 51.44
N LEU D 319 26.86 46.46 50.14
CA LEU D 319 27.92 45.57 49.65
C LEU D 319 29.20 46.34 49.34
N ASP D 320 29.15 47.25 48.38
CA ASP D 320 30.32 48.02 47.99
C ASP D 320 29.91 49.21 47.12
N LEU D 321 30.33 50.41 47.51
CA LEU D 321 30.10 51.57 46.67
C LEU D 321 30.97 51.51 45.43
N ASN D 322 30.43 51.99 44.32
CA ASN D 322 31.20 52.06 43.08
C ASN D 322 32.42 52.97 43.25
N THR D 323 33.56 52.53 42.71
CA THR D 323 34.81 53.24 42.92
C THR D 323 34.74 54.63 42.32
N GLU D 324 34.64 54.72 40.99
CA GLU D 324 34.43 56.01 40.32
C GLU D 324 33.09 56.04 39.60
N LEU D 325 32.85 55.12 38.65
CA LEU D 325 31.56 55.01 37.97
C LEU D 325 31.41 53.56 37.53
N GLU D 326 30.72 52.77 38.36
CA GLU D 326 30.50 51.35 38.08
C GLU D 326 29.16 50.93 38.65
N GLU D 327 28.95 49.63 38.72
CA GLU D 327 27.71 49.03 39.18
C GLU D 327 28.01 47.85 40.10
N ALA D 328 26.96 47.20 40.61
CA ALA D 328 27.11 46.19 41.65
C ALA D 328 26.24 44.96 41.37
N ALA D 329 26.28 44.45 40.14
CA ALA D 329 25.57 43.21 39.80
C ALA D 329 26.42 42.00 40.17
N LYS D 330 26.76 41.92 41.45
CA LYS D 330 27.61 40.84 41.96
C LYS D 330 26.74 39.72 42.53
N PHE D 331 26.11 38.98 41.61
CA PHE D 331 25.27 37.85 41.98
C PHE D 331 26.16 36.65 42.29
N ASP D 332 26.64 36.62 43.53
CA ASP D 332 27.39 35.47 44.05
C ASP D 332 26.69 35.08 45.35
N PHE D 333 25.85 34.05 45.29
CA PHE D 333 24.97 33.69 46.38
C PHE D 333 25.69 32.95 47.51
N ASP D 334 27.01 32.99 47.54
CA ASP D 334 27.79 32.38 48.61
C ASP D 334 28.04 33.32 49.77
N ASN D 335 28.20 34.62 49.50
CA ASN D 335 28.50 35.59 50.54
C ASN D 335 27.30 35.81 51.45
N LEU D 336 27.56 35.86 52.76
CA LEU D 336 26.50 36.16 53.72
C LEU D 336 25.94 37.56 53.50
N LYS D 337 26.81 38.54 53.27
CA LYS D 337 26.36 39.92 53.12
C LYS D 337 25.53 40.10 51.86
N PHE D 338 25.93 39.44 50.76
CA PHE D 338 25.13 39.55 49.54
C PHE D 338 23.74 38.94 49.73
N ARG D 339 23.67 37.79 50.40
CA ARG D 339 22.37 37.17 50.66
C ARG D 339 21.51 38.06 51.54
N LYS D 340 22.11 38.68 52.58
CA LYS D 340 21.36 39.59 53.43
C LYS D 340 20.83 40.79 52.64
N ALA D 341 21.68 41.38 51.80
CA ALA D 341 21.25 42.53 51.01
C ALA D 341 20.16 42.14 50.01
N TYR D 342 20.28 40.97 49.41
CA TYR D 342 19.28 40.50 48.46
C TYR D 342 17.95 40.18 49.13
N PHE D 343 17.99 39.72 50.38
CA PHE D 343 16.78 39.36 51.10
C PHE D 343 16.20 40.50 51.92
N GLU D 344 16.88 41.65 52.03
CA GLU D 344 16.38 42.76 52.82
C GLU D 344 16.03 43.99 52.00
N GLU D 345 16.89 44.39 51.06
CA GLU D 345 16.65 45.59 50.28
C GLU D 345 16.11 45.32 48.87
N VAL D 346 16.22 44.09 48.37
CA VAL D 346 15.76 43.79 47.02
C VAL D 346 14.36 43.19 47.10
N HIS D 347 14.23 42.04 47.76
CA HIS D 347 12.94 41.40 47.93
C HIS D 347 12.09 42.06 49.01
N GLY D 348 12.71 42.81 49.93
CA GLY D 348 12.03 43.36 51.07
C GLY D 348 10.91 44.33 50.73
N PRO D 349 11.21 45.40 49.99
CA PRO D 349 10.14 46.34 49.60
C PRO D 349 9.04 45.68 48.76
N LEU D 350 9.38 44.76 47.87
CA LEU D 350 8.36 44.09 47.08
C LEU D 350 7.45 43.22 47.95
N GLU D 351 8.03 42.48 48.89
CA GLU D 351 7.22 41.69 49.81
C GLU D 351 6.40 42.59 50.74
N LYS D 352 6.88 43.80 51.00
CA LYS D 352 6.07 44.76 51.74
C LYS D 352 4.90 45.27 50.90
N GLU D 353 5.10 45.38 49.59
CA GLU D 353 4.00 45.77 48.70
C GLU D 353 2.89 44.72 48.70
N GLY D 354 3.21 43.47 49.02
CA GLY D 354 2.18 42.45 49.15
C GLY D 354 2.44 41.17 48.40
N VAL D 355 3.65 41.01 47.84
CA VAL D 355 3.99 39.78 47.14
C VAL D 355 4.15 38.65 48.14
N ASP D 356 3.48 37.53 47.89
CA ASP D 356 3.46 36.44 48.86
C ASP D 356 4.69 35.54 48.73
N PHE D 357 4.91 34.96 47.56
CA PHE D 357 6.04 34.08 47.34
C PHE D 357 6.66 34.36 45.97
N TRP D 358 7.82 33.77 45.73
CA TRP D 358 8.67 34.11 44.60
C TRP D 358 8.84 32.92 43.66
N TRP D 359 8.80 33.20 42.36
CA TRP D 359 9.03 32.20 41.32
C TRP D 359 10.45 32.39 40.81
N ILE D 360 11.34 31.46 41.17
CA ILE D 360 12.75 31.53 40.78
C ILE D 360 12.90 30.77 39.46
N ASP D 361 13.15 31.51 38.38
CA ASP D 361 13.33 30.93 37.06
C ASP D 361 14.82 30.99 36.71
N TRP D 362 15.53 29.94 37.11
CA TRP D 362 16.98 29.85 36.88
C TRP D 362 17.22 28.84 35.76
N GLN D 363 17.34 29.36 34.53
CA GLN D 363 17.58 28.53 33.36
C GLN D 363 19.05 28.61 32.96
N GLN D 364 19.89 27.92 33.73
CA GLN D 364 21.33 27.92 33.52
C GLN D 364 21.87 26.50 33.66
N GLY D 365 23.02 26.27 33.04
CA GLY D 365 23.61 24.94 33.00
C GLY D 365 24.59 24.65 34.13
N ALA D 366 24.17 24.91 35.36
CA ALA D 366 24.92 24.53 36.56
C ALA D 366 26.34 25.12 36.56
N ILE D 367 26.40 26.44 36.63
CA ILE D 367 27.69 27.15 36.65
C ILE D 367 28.10 27.25 38.11
N SER D 368 28.76 26.19 38.59
CA SER D 368 29.20 26.12 39.97
C SER D 368 30.52 26.86 40.17
N LYS D 369 30.56 27.72 41.18
CA LYS D 369 31.73 28.53 41.49
C LYS D 369 32.58 27.94 42.61
N SER D 370 31.94 27.39 43.65
CA SER D 370 32.65 26.79 44.77
C SER D 370 32.42 25.28 44.83
N GLY D 371 32.13 24.66 43.69
CA GLY D 371 31.85 23.25 43.64
C GLY D 371 30.45 22.87 44.05
N VAL D 372 29.59 23.83 44.33
CA VAL D 372 28.21 23.59 44.73
C VAL D 372 27.30 24.17 43.66
N ASP D 373 26.25 23.43 43.33
CA ASP D 373 25.29 23.90 42.35
C ASP D 373 24.55 25.13 42.87
N PRO D 374 24.56 26.25 42.16
CA PRO D 374 23.90 27.46 42.68
C PRO D 374 22.41 27.30 42.89
N LEU D 375 21.75 26.45 42.09
CA LEU D 375 20.32 26.26 42.24
C LEU D 375 19.96 25.67 43.60
N TRP D 376 20.78 24.73 44.09
CA TRP D 376 20.53 24.17 45.42
C TRP D 376 20.61 25.23 46.50
N LEU D 377 21.63 26.10 46.44
CA LEU D 377 21.76 27.16 47.43
C LEU D 377 20.60 28.14 47.33
N LEU D 378 20.20 28.50 46.10
CA LEU D 378 19.05 29.38 45.92
C LEU D 378 17.80 28.77 46.56
N ASN D 379 17.53 27.50 46.26
CA ASN D 379 16.35 26.85 46.81
C ASN D 379 16.39 26.84 48.33
N HIS D 380 17.51 26.41 48.89
CA HIS D 380 17.63 26.30 50.34
C HIS D 380 17.40 27.65 51.03
N TYR D 381 18.12 28.68 50.59
CA TYR D 381 18.06 29.95 51.30
C TYR D 381 16.75 30.69 51.01
N GLN D 382 16.23 30.56 49.78
CA GLN D 382 14.95 31.19 49.47
C GLN D 382 13.82 30.54 50.26
N TYR D 383 13.84 29.22 50.41
CA TYR D 383 12.80 28.58 51.21
C TYR D 383 12.94 28.93 52.68
N GLN D 384 14.18 29.06 53.16
CA GLN D 384 14.39 29.50 54.54
C GLN D 384 13.86 30.91 54.75
N ASN D 385 14.04 31.79 53.76
CA ASN D 385 13.59 33.17 53.88
C ASN D 385 12.09 33.33 53.70
N ALA D 386 11.46 32.47 52.90
CA ALA D 386 10.03 32.65 52.63
C ALA D 386 9.17 32.40 53.85
N GLN D 387 9.72 31.81 54.92
CA GLN D 387 8.91 31.43 56.07
C GLN D 387 8.45 32.62 56.91
N LYS D 388 9.14 33.76 56.84
CA LYS D 388 8.70 34.91 57.62
C LYS D 388 7.47 35.58 57.01
N LYS D 389 7.32 35.52 55.68
CA LYS D 389 6.18 36.15 55.04
C LYS D 389 4.88 35.47 55.42
N HIS D 390 4.82 34.14 55.31
CA HIS D 390 3.63 33.38 55.68
C HIS D 390 4.04 32.10 56.40
N LYS D 391 3.10 31.56 57.18
CA LYS D 391 3.33 30.28 57.83
C LYS D 391 3.26 29.16 56.81
N ASN D 392 4.34 28.38 56.73
CA ASN D 392 4.47 27.28 55.78
C ASN D 392 4.33 27.78 54.34
N ASN D 393 5.24 28.67 53.96
CA ASN D 393 5.25 29.22 52.62
C ASN D 393 5.96 28.27 51.65
N ILE D 394 5.86 28.59 50.37
CA ILE D 394 6.43 27.77 49.31
C ILE D 394 7.18 28.66 48.33
N ILE D 395 7.89 28.02 47.41
CA ILE D 395 8.57 28.68 46.30
C ILE D 395 8.31 27.88 45.03
N LEU D 396 8.61 28.49 43.90
CA LEU D 396 8.68 27.79 42.62
C LEU D 396 10.14 27.74 42.18
N SER D 397 10.67 26.54 42.01
CA SER D 397 12.05 26.35 41.59
C SER D 397 12.13 25.03 40.84
N ARG D 398 13.35 24.53 40.66
CA ARG D 398 13.59 23.30 39.91
C ARG D 398 14.23 22.24 40.80
N TYR D 399 14.16 21.00 40.33
CA TYR D 399 14.73 19.87 41.06
C TYR D 399 16.25 19.96 41.08
N ALA D 400 16.84 19.58 42.21
CA ALA D 400 18.29 19.65 42.41
C ALA D 400 18.81 18.40 43.10
N GLY D 401 18.33 17.23 42.66
CA GLY D 401 18.82 15.97 43.18
C GLY D 401 18.17 15.59 44.49
N PRO D 402 18.52 14.41 45.02
CA PRO D 402 18.00 13.98 46.32
C PRO D 402 18.23 15.04 47.39
N GLY D 403 17.24 15.18 48.27
CA GLY D 403 17.26 16.22 49.29
C GLY D 403 16.56 17.50 48.90
N SER D 404 16.12 17.63 47.65
CA SER D 404 15.35 18.78 47.21
C SER D 404 13.90 18.73 47.65
N HIS D 405 13.42 17.58 48.13
CA HIS D 405 12.03 17.46 48.55
C HIS D 405 11.72 18.28 49.79
N ARG D 406 12.75 18.81 50.47
CA ARG D 406 12.54 19.64 51.64
C ARG D 406 12.17 21.08 51.29
N TYR D 407 12.25 21.46 50.02
CA TYR D 407 12.00 22.84 49.58
C TYR D 407 11.00 22.84 48.43
N PRO D 408 9.72 22.63 48.72
CA PRO D 408 8.71 22.75 47.67
C PRO D 408 8.45 24.20 47.31
N LEU D 409 7.97 24.45 46.09
CA LEU D 409 7.67 23.40 45.11
C LEU D 409 8.68 23.40 43.97
N GLY D 410 8.70 22.31 43.21
CA GLY D 410 9.53 22.23 42.03
C GLY D 410 8.71 21.94 40.79
N PHE D 411 8.84 22.79 39.78
CA PHE D 411 8.12 22.61 38.53
C PHE D 411 9.05 22.03 37.47
N SER D 412 8.45 21.58 36.37
CA SER D 412 9.20 20.95 35.29
C SER D 412 9.22 21.81 34.02
N GLY D 413 8.04 22.12 33.48
CA GLY D 413 7.97 22.86 32.23
C GLY D 413 8.72 22.18 31.10
N ASP D 414 8.89 22.91 30.01
CA ASP D 414 9.79 22.55 28.91
C ASP D 414 9.24 21.32 28.19
N SER D 415 7.99 20.96 28.47
CA SER D 415 7.34 19.86 27.75
C SER D 415 6.68 20.39 26.49
N VAL D 416 6.63 19.54 25.46
CA VAL D 416 6.01 19.91 24.19
C VAL D 416 4.52 19.59 24.27
N ILE D 417 3.72 20.27 23.46
CA ILE D 417 2.26 20.12 23.47
C ILE D 417 1.93 19.03 22.45
N SER D 418 1.90 17.78 22.91
CA SER D 418 1.64 16.66 22.03
C SER D 418 1.02 15.53 22.84
N TRP D 419 0.46 14.56 22.13
CA TRP D 419 -0.16 13.41 22.79
C TRP D 419 0.87 12.54 23.49
N ALA D 420 2.11 12.51 22.98
CA ALA D 420 3.15 11.70 23.60
C ALA D 420 3.51 12.22 24.99
N SER D 421 3.55 13.54 25.16
CA SER D 421 3.83 14.11 26.48
C SER D 421 2.72 13.75 27.47
N LEU D 422 1.47 13.81 27.03
CA LEU D 422 0.35 13.40 27.88
C LEU D 422 0.44 11.93 28.22
N ASP D 423 0.87 11.10 27.26
CA ASP D 423 1.05 9.68 27.55
C ASP D 423 2.12 9.47 28.60
N PHE D 424 3.20 10.26 28.56
CA PHE D 424 4.31 10.04 29.47
C PHE D 424 4.05 10.60 30.87
N GLN D 425 3.31 11.70 30.98
CA GLN D 425 3.28 12.44 32.24
C GLN D 425 2.74 11.67 33.44
N PRO D 426 1.62 10.93 33.36
CA PRO D 426 1.16 10.21 34.57
C PRO D 426 2.18 9.23 35.12
N TYR D 427 2.89 8.53 34.24
CA TYR D 427 3.91 7.59 34.69
C TYR D 427 5.05 8.32 35.40
N PHE D 428 5.49 9.45 34.84
CA PHE D 428 6.54 10.24 35.47
C PHE D 428 6.11 10.72 36.85
N THR D 429 4.88 11.24 36.96
CA THR D 429 4.41 11.76 38.23
C THR D 429 4.30 10.66 39.28
N SER D 430 3.77 9.50 38.90
CA SER D 430 3.62 8.42 39.87
C SER D 430 4.97 7.82 40.24
N THR D 431 5.90 7.72 39.29
CA THR D 431 7.21 7.15 39.57
C THR D 431 8.09 8.10 40.37
N ALA D 432 7.77 9.39 40.37
CA ALA D 432 8.54 10.34 41.19
C ALA D 432 8.54 9.98 42.67
N SER D 433 7.52 9.26 43.15
CA SER D 433 7.46 8.89 44.56
C SER D 433 8.56 7.93 44.97
N ASN D 434 9.21 7.26 44.01
CA ASN D 434 10.27 6.31 44.34
C ASN D 434 11.54 6.98 44.84
N ILE D 435 11.63 8.31 44.76
CA ILE D 435 12.77 9.05 45.27
C ILE D 435 12.37 10.14 46.26
N GLY D 436 11.11 10.18 46.68
CA GLY D 436 10.66 11.11 47.69
C GLY D 436 10.19 12.47 47.17
N TYR D 437 10.14 12.67 45.86
CA TYR D 437 9.70 13.94 45.28
C TYR D 437 8.23 13.79 44.91
N THR D 438 7.35 14.25 45.80
CA THR D 438 5.92 13.97 45.68
C THR D 438 5.09 15.22 45.40
N TRP D 439 5.72 16.33 45.01
CA TRP D 439 4.99 17.59 44.80
C TRP D 439 5.41 18.23 43.48
N TRP D 440 5.41 17.44 42.41
CA TRP D 440 5.67 17.98 41.09
C TRP D 440 4.57 18.93 40.66
N SER D 441 4.93 19.91 39.82
CA SER D 441 3.98 20.87 39.27
C SER D 441 4.24 20.99 37.78
N HIS D 442 3.48 20.26 36.98
CA HIS D 442 3.65 20.28 35.54
C HIS D 442 2.95 21.50 34.92
N ASP D 443 3.36 21.83 33.70
CA ASP D 443 2.74 22.91 32.93
C ASP D 443 1.44 22.38 32.33
N ILE D 444 0.31 22.81 32.88
CA ILE D 444 -0.99 22.35 32.41
C ILE D 444 -1.33 23.10 31.12
N GLY D 445 -1.34 22.36 30.01
CA GLY D 445 -1.54 22.89 28.68
C GLY D 445 -0.34 22.70 27.77
N GLY D 446 0.77 22.16 28.29
CA GLY D 446 2.01 22.15 27.56
C GLY D 446 2.76 23.46 27.74
N HIS D 447 4.01 23.48 27.28
CA HIS D 447 4.84 24.67 27.41
C HIS D 447 5.13 25.33 26.08
N MET D 448 5.71 24.61 25.12
CA MET D 448 6.12 25.22 23.87
C MET D 448 6.12 24.18 22.77
N GLN D 449 6.21 24.65 21.53
CA GLN D 449 6.13 23.81 20.33
C GLN D 449 4.81 23.06 20.29
N GLY D 450 4.74 22.01 19.47
CA GLY D 450 3.55 21.18 19.42
C GLY D 450 2.49 21.69 18.47
N TYR D 451 1.39 20.95 18.43
CA TYR D 451 0.27 21.22 17.54
C TYR D 451 -0.98 21.49 18.36
N LYS D 452 -1.98 22.09 17.70
CA LYS D 452 -3.23 22.40 18.38
C LYS D 452 -4.18 21.20 18.35
N ASP D 453 -4.82 20.95 19.49
CA ASP D 453 -5.92 19.99 19.56
C ASP D 453 -6.72 20.31 20.82
N ALA D 454 -7.99 20.67 20.65
CA ALA D 454 -8.82 21.00 21.80
C ALA D 454 -9.04 19.78 22.69
N GLU D 455 -9.20 18.61 22.08
CA GLU D 455 -9.33 17.38 22.85
C GLU D 455 -8.08 17.10 23.67
N LEU D 456 -6.91 17.38 23.10
CA LEU D 456 -5.66 17.21 23.84
C LEU D 456 -5.64 18.11 25.06
N SER D 457 -6.08 19.37 24.92
CA SER D 457 -6.15 20.27 26.06
C SER D 457 -7.11 19.76 27.12
N LEU D 458 -8.29 19.29 26.69
CA LEU D 458 -9.28 18.80 27.67
C LEU D 458 -8.75 17.59 28.42
N ARG D 459 -8.16 16.63 27.70
CA ARG D 459 -7.61 15.45 28.36
C ARG D 459 -6.46 15.83 29.29
N TRP D 460 -5.62 16.78 28.86
CA TRP D 460 -4.47 17.16 29.65
C TRP D 460 -4.93 17.77 30.97
N LEU D 461 -5.95 18.64 30.90
CA LEU D 461 -6.51 19.28 32.09
C LEU D 461 -7.20 18.27 32.98
N GLN D 462 -7.89 17.29 32.39
CA GLN D 462 -8.50 16.24 33.19
C GLN D 462 -7.45 15.48 33.99
N PHE D 463 -6.30 15.21 33.37
CA PHE D 463 -5.20 14.62 34.12
C PHE D 463 -4.69 15.57 35.21
N GLY D 464 -4.58 16.85 34.88
CA GLY D 464 -4.02 17.81 35.81
C GLY D 464 -4.86 18.02 37.07
N VAL D 465 -6.18 17.93 36.93
CA VAL D 465 -7.06 18.10 38.08
C VAL D 465 -6.77 17.04 39.13
N PHE D 466 -6.47 15.81 38.70
CA PHE D 466 -6.12 14.72 39.61
C PHE D 466 -4.62 14.54 39.73
N SER D 467 -3.86 15.62 39.71
CA SER D 467 -2.43 15.65 39.88
C SER D 467 -2.07 16.41 41.16
N PRO D 468 -0.80 16.37 41.60
CA PRO D 468 -0.45 17.13 42.81
C PRO D 468 -0.75 18.62 42.74
N ILE D 469 -0.37 19.29 41.65
CA ILE D 469 -0.55 20.73 41.52
C ILE D 469 -1.18 21.03 40.16
N ASN D 470 -2.22 21.85 40.16
CA ASN D 470 -2.95 22.24 38.94
C ASN D 470 -2.58 23.68 38.61
N ARG D 471 -1.74 23.86 37.59
CA ARG D 471 -1.23 25.17 37.20
C ARG D 471 -1.36 25.33 35.68
N LEU D 472 -2.37 26.05 35.24
CA LEU D 472 -2.55 26.33 33.82
C LEU D 472 -1.53 27.37 33.37
N HIS D 473 -0.85 27.08 32.25
CA HIS D 473 0.22 27.92 31.75
C HIS D 473 0.03 28.19 30.26
N SER D 474 0.26 29.45 29.88
CA SER D 474 0.21 29.88 28.49
C SER D 474 1.44 30.72 28.18
N SER D 475 1.83 30.74 26.90
CA SER D 475 3.04 31.42 26.48
C SER D 475 2.69 32.69 25.71
N LYS D 476 3.71 33.36 25.18
CA LYS D 476 3.54 34.62 24.44
C LYS D 476 3.09 34.29 23.03
N SER D 477 1.78 34.05 22.90
CA SER D 477 1.15 33.74 21.61
C SER D 477 -0.35 33.84 21.78
N GLU D 478 -1.01 34.44 20.81
CA GLU D 478 -2.47 34.53 20.84
C GLU D 478 -3.14 33.22 20.45
N PHE D 479 -2.38 32.23 19.98
CA PHE D 479 -2.91 30.94 19.62
C PHE D 479 -2.78 29.90 20.73
N THR D 480 -2.14 30.24 21.84
CA THR D 480 -1.87 29.29 22.92
C THR D 480 -2.64 29.62 24.19
N SER D 481 -3.74 30.36 24.08
CA SER D 481 -4.54 30.69 25.25
C SER D 481 -5.21 29.43 25.79
N LYS D 482 -5.19 29.28 27.11
CA LYS D 482 -5.83 28.15 27.77
C LYS D 482 -7.15 28.52 28.44
N GLU D 483 -7.68 29.71 28.14
CA GLU D 483 -8.94 30.13 28.73
C GLU D 483 -10.07 29.22 28.25
N PRO D 484 -11.00 28.85 29.14
CA PRO D 484 -12.10 27.96 28.71
C PRO D 484 -12.93 28.54 27.58
N TRP D 485 -13.15 29.85 27.55
CA TRP D 485 -13.98 30.45 26.51
C TRP D 485 -13.27 30.54 25.17
N HIS D 486 -12.02 30.08 25.08
CA HIS D 486 -11.32 30.09 23.80
C HIS D 486 -11.72 28.91 22.92
N PHE D 487 -12.47 27.96 23.45
CA PHE D 487 -12.89 26.78 22.72
C PHE D 487 -14.40 26.84 22.45
N ASP D 488 -14.93 25.78 21.86
CA ASP D 488 -16.36 25.69 21.61
C ASP D 488 -17.11 25.40 22.92
N ALA D 489 -18.44 25.30 22.83
CA ALA D 489 -19.27 25.25 24.02
C ALA D 489 -19.02 23.99 24.83
N VAL D 490 -18.92 22.84 24.18
CA VAL D 490 -18.78 21.58 24.89
C VAL D 490 -17.46 21.53 25.66
N ILE D 491 -16.35 21.86 24.97
CA ILE D 491 -15.05 21.86 25.61
C ILE D 491 -15.02 22.87 26.74
N GLU D 492 -15.58 24.06 26.52
CA GLU D 492 -15.57 25.09 27.55
C GLU D 492 -16.33 24.65 28.79
N GLN D 493 -17.51 24.04 28.60
CA GLN D 493 -18.29 23.59 29.74
C GLN D 493 -17.57 22.48 30.51
N SER D 494 -16.94 21.54 29.78
CA SER D 494 -16.18 20.48 30.45
C SER D 494 -15.02 21.05 31.25
N MET D 495 -14.29 22.02 30.67
CA MET D 495 -13.18 22.64 31.39
C MET D 495 -13.67 23.34 32.64
N ILE D 496 -14.79 24.06 32.55
CA ILE D 496 -15.33 24.77 33.72
C ILE D 496 -15.73 23.78 34.80
N ASP D 497 -16.37 22.68 34.41
CA ASP D 497 -16.78 21.66 35.39
C ASP D 497 -15.57 21.07 36.10
N PHE D 498 -14.51 20.75 35.35
CA PHE D 498 -13.36 20.14 35.99
C PHE D 498 -12.58 21.13 36.86
N LEU D 499 -12.55 22.40 36.44
CA LEU D 499 -11.91 23.42 37.27
C LEU D 499 -12.67 23.64 38.56
N GLN D 500 -14.00 23.53 38.52
CA GLN D 500 -14.78 23.59 39.75
C GLN D 500 -14.53 22.36 40.62
N LEU D 501 -14.40 21.18 39.99
CA LEU D 501 -14.13 19.95 40.74
C LEU D 501 -12.79 20.02 41.47
N ARG D 502 -11.80 20.67 40.85
CA ARG D 502 -10.50 20.79 41.52
C ARG D 502 -10.63 21.53 42.85
N HIS D 503 -11.41 22.61 42.89
CA HIS D 503 -11.64 23.31 44.15
C HIS D 503 -12.58 22.56 45.07
N GLN D 504 -13.48 21.74 44.52
CA GLN D 504 -14.27 20.84 45.36
C GLN D 504 -13.40 19.84 46.10
N LEU D 505 -12.28 19.41 45.50
CA LEU D 505 -11.43 18.38 46.07
C LEU D 505 -10.40 18.93 47.06
N ILE D 506 -10.45 20.22 47.39
CA ILE D 506 -9.38 20.83 48.20
C ILE D 506 -9.27 20.22 49.60
N PRO D 507 -10.36 20.02 50.36
CA PRO D 507 -10.19 19.42 51.70
C PRO D 507 -9.53 18.05 51.67
N TYR D 508 -9.87 17.21 50.69
CA TYR D 508 -9.23 15.91 50.55
C TYR D 508 -7.73 16.06 50.29
N LEU D 509 -7.36 17.01 49.42
CA LEU D 509 -5.96 17.24 49.12
C LEU D 509 -5.21 17.75 50.34
N TYR D 510 -5.84 18.63 51.13
CA TYR D 510 -5.18 19.16 52.32
C TYR D 510 -4.99 18.08 53.37
N SER D 511 -5.98 17.20 53.54
CA SER D 511 -5.82 16.09 54.47
C SER D 511 -4.70 15.16 54.02
N ALA D 512 -4.61 14.88 52.72
CA ALA D 512 -3.50 14.09 52.20
C ALA D 512 -2.17 14.80 52.42
N ASN D 513 -2.15 16.12 52.29
CA ASN D 513 -0.96 16.91 52.56
C ASN D 513 -0.49 16.74 54.00
N LEU D 514 -1.42 16.85 54.94
CA LEU D 514 -1.06 16.70 56.35
C LEU D 514 -0.57 15.28 56.64
N ILE D 515 -1.21 14.27 56.03
CA ILE D 515 -0.75 12.90 56.21
C ILE D 515 0.66 12.72 55.66
N THR D 516 0.92 13.30 54.48
CA THR D 516 2.26 13.19 53.89
C THR D 516 3.31 13.86 54.76
N ALA D 517 3.00 15.04 55.29
CA ALA D 517 3.96 15.74 56.14
C ALA D 517 4.18 15.02 57.46
N SER D 518 3.14 14.34 57.98
CA SER D 518 3.27 13.67 59.27
C SER D 518 3.95 12.32 59.14
N GLU D 519 3.34 11.39 58.38
CA GLU D 519 3.83 10.03 58.30
C GLU D 519 4.71 9.76 57.08
N GLY D 520 4.56 10.53 56.01
CA GLY D 520 5.36 10.29 54.82
C GLY D 520 4.67 9.38 53.82
N ARG D 521 3.42 9.68 53.49
CA ARG D 521 2.63 8.91 52.54
C ARG D 521 2.39 9.76 51.31
N ALA D 522 2.84 9.28 50.15
CA ALA D 522 2.72 10.04 48.92
C ALA D 522 1.25 10.17 48.51
N LEU D 523 0.89 11.36 48.01
CA LEU D 523 -0.47 11.58 47.52
C LEU D 523 -0.75 10.73 46.29
N VAL D 524 0.18 10.72 45.33
CA VAL D 524 0.07 9.93 44.12
C VAL D 524 1.00 8.74 44.25
N GLU D 525 0.44 7.54 44.18
CA GLU D 525 1.25 6.35 44.39
C GLU D 525 1.09 5.38 43.24
N PRO D 526 2.16 4.66 42.89
CA PRO D 526 2.04 3.58 41.91
C PRO D 526 1.19 2.44 42.44
N LEU D 527 0.68 1.63 41.51
CA LEU D 527 -0.20 0.52 41.89
C LEU D 527 0.52 -0.49 42.78
N TYR D 528 1.82 -0.68 42.58
CA TYR D 528 2.54 -1.71 43.33
C TYR D 528 2.91 -1.28 44.74
N TYR D 529 2.50 -0.09 45.18
CA TYR D 529 2.66 0.28 46.58
C TYR D 529 1.64 -0.43 47.45
N GLU D 530 0.42 -0.61 46.93
CA GLU D 530 -0.66 -1.27 47.66
C GLU D 530 -0.80 -2.74 47.31
N TYR D 531 -0.39 -3.14 46.11
CA TYR D 531 -0.48 -4.53 45.66
C TYR D 531 0.88 -4.98 45.14
N PRO D 532 1.85 -5.13 46.03
CA PRO D 532 3.23 -5.39 45.58
C PRO D 532 3.48 -6.79 45.05
N MET D 533 2.61 -7.75 45.35
CA MET D 533 2.85 -9.15 45.03
C MET D 533 2.08 -9.62 43.80
N GLU D 534 1.51 -8.70 43.03
CA GLU D 534 0.70 -9.05 41.86
C GLU D 534 1.32 -8.47 40.61
N GLU D 535 1.40 -9.29 39.56
CA GLU D 535 2.12 -8.92 38.34
C GLU D 535 1.44 -7.77 37.62
N GLU D 536 0.10 -7.75 37.61
CA GLU D 536 -0.63 -6.70 36.89
C GLU D 536 -0.35 -5.32 37.46
N ALA D 537 0.06 -5.22 38.71
CA ALA D 537 0.41 -3.92 39.29
C ALA D 537 1.68 -3.34 38.69
N TYR D 538 2.43 -4.13 37.93
CA TYR D 538 3.62 -3.66 37.25
C TYR D 538 3.44 -3.50 35.74
N GLN D 539 2.24 -3.76 35.23
CA GLN D 539 1.98 -3.72 33.79
C GLN D 539 1.08 -2.56 33.37
N HIS D 540 0.73 -1.68 34.30
CA HIS D 540 -0.14 -0.53 34.00
C HIS D 540 0.55 0.72 34.51
N ARG D 541 1.26 1.41 33.61
CA ARG D 541 2.14 2.51 34.02
C ARG D 541 1.35 3.75 34.40
N ASN D 542 0.32 4.09 33.64
CA ASN D 542 -0.40 5.33 33.82
C ASN D 542 -1.53 5.24 34.84
N GLN D 543 -1.70 4.09 35.47
CA GLN D 543 -2.70 3.92 36.52
C GLN D 543 -2.06 4.17 37.88
N TYR D 544 -2.73 4.94 38.74
CA TYR D 544 -2.16 5.24 40.03
C TYR D 544 -3.26 5.42 41.06
N LEU D 545 -2.84 5.58 42.32
CA LEU D 545 -3.73 5.82 43.44
C LEU D 545 -3.60 7.28 43.84
N PHE D 546 -4.75 7.97 43.91
CA PHE D 546 -4.82 9.38 44.24
C PHE D 546 -5.30 9.49 45.69
N GLY D 547 -4.37 9.73 46.60
CA GLY D 547 -4.68 9.66 48.02
C GLY D 547 -4.77 8.22 48.46
N GLU D 548 -5.76 7.90 49.29
CA GLU D 548 -5.95 6.54 49.79
C GLU D 548 -7.32 5.98 49.46
N GLN D 549 -8.15 6.71 48.72
CA GLN D 549 -9.51 6.27 48.42
C GLN D 549 -9.83 6.12 46.95
N LEU D 550 -9.11 6.79 46.05
CA LEU D 550 -9.46 6.82 44.63
C LEU D 550 -8.35 6.23 43.77
N MET D 551 -8.75 5.60 42.68
CA MET D 551 -7.83 5.04 41.69
C MET D 551 -8.10 5.73 40.35
N VAL D 552 -7.03 6.23 39.72
CA VAL D 552 -7.14 7.05 38.52
C VAL D 552 -6.39 6.37 37.38
N ALA D 553 -7.05 6.29 36.22
CA ALA D 553 -6.45 5.77 34.98
C ALA D 553 -6.78 6.74 33.85
N PRO D 554 -6.00 7.80 33.69
CA PRO D 554 -6.35 8.83 32.70
C PRO D 554 -6.25 8.34 31.27
N ILE D 555 -7.07 8.92 30.41
CA ILE D 555 -7.08 8.60 28.99
C ILE D 555 -6.11 9.54 28.29
N THR D 556 -5.10 8.97 27.63
CA THR D 556 -4.02 9.75 27.02
C THR D 556 -3.87 9.45 25.54
N GLU D 557 -4.94 8.97 24.90
CA GLU D 557 -4.93 8.69 23.48
C GLU D 557 -6.13 9.35 22.81
N LYS D 558 -5.98 9.65 21.52
CA LYS D 558 -7.02 10.34 20.78
C LYS D 558 -8.27 9.48 20.64
N MET D 559 -9.42 10.15 20.60
CA MET D 559 -10.71 9.49 20.51
C MET D 559 -10.86 8.71 19.20
N ASN D 560 -11.59 7.62 19.27
CA ASN D 560 -11.96 6.85 18.09
C ASN D 560 -13.13 7.54 17.41
N SER D 561 -12.94 7.98 16.17
CA SER D 561 -13.96 8.78 15.50
C SER D 561 -15.23 7.97 15.24
N LEU D 562 -15.10 6.66 15.05
CA LEU D 562 -16.27 5.83 14.83
C LEU D 562 -17.15 5.75 16.07
N LEU D 563 -16.55 5.53 17.23
CA LEU D 563 -17.29 5.41 18.48
C LEU D 563 -17.50 6.75 19.18
N GLN D 564 -16.73 7.78 18.82
CA GLN D 564 -16.75 9.06 19.51
C GLN D 564 -16.41 8.91 20.99
N MET D 565 -15.45 8.04 21.29
CA MET D 565 -15.09 7.73 22.66
C MET D 565 -13.62 7.29 22.71
N GLY D 566 -12.89 7.83 23.68
CA GLY D 566 -11.56 7.33 23.96
C GLY D 566 -11.58 6.14 24.88
N SER D 567 -10.44 5.46 24.99
CA SER D 567 -10.38 4.21 25.71
C SER D 567 -9.09 4.14 26.52
N VAL D 568 -9.11 3.27 27.53
CA VAL D 568 -7.92 3.01 28.34
C VAL D 568 -8.05 1.63 28.97
N GLU D 569 -6.92 0.94 29.11
CA GLU D 569 -6.88 -0.38 29.73
C GLU D 569 -6.67 -0.23 31.22
N VAL D 570 -7.58 -0.80 32.01
CA VAL D 570 -7.61 -0.61 33.46
C VAL D 570 -7.58 -1.99 34.12
N TRP D 571 -6.76 -2.13 35.16
CA TRP D 571 -6.71 -3.33 35.96
C TRP D 571 -7.46 -3.08 37.26
N PHE D 572 -8.44 -3.93 37.56
CA PHE D 572 -9.23 -3.84 38.78
C PHE D 572 -8.80 -4.93 39.74
N PRO D 573 -8.29 -4.58 40.92
CA PRO D 573 -7.97 -5.59 41.93
C PRO D 573 -9.21 -6.22 42.54
N GLU D 574 -9.01 -7.10 43.52
CA GLU D 574 -10.14 -7.80 44.14
C GLU D 574 -11.08 -6.82 44.83
N GLY D 575 -12.37 -7.06 44.67
CA GLY D 575 -13.40 -6.24 45.28
C GLY D 575 -14.32 -5.63 44.23
N THR D 576 -15.24 -4.81 44.73
CA THR D 576 -16.19 -4.10 43.88
C THR D 576 -15.76 -2.64 43.75
N TRP D 577 -15.71 -2.14 42.52
CA TRP D 577 -15.34 -0.76 42.25
C TRP D 577 -16.47 -0.07 41.52
N TYR D 578 -16.65 1.22 41.80
CA TYR D 578 -17.65 2.04 41.15
C TYR D 578 -16.99 3.24 40.51
N ASP D 579 -17.48 3.62 39.33
CA ASP D 579 -17.05 4.87 38.74
C ASP D 579 -17.44 6.04 39.65
N PHE D 580 -16.49 6.94 39.86
CA PHE D 580 -16.71 8.05 40.80
C PHE D 580 -17.82 8.98 40.32
N PHE D 581 -18.04 9.05 39.01
CA PHE D 581 -18.98 10.01 38.44
C PHE D 581 -20.33 9.40 38.07
N SER D 582 -20.34 8.23 37.44
CA SER D 582 -21.59 7.63 36.97
C SER D 582 -22.11 6.51 37.87
N GLY D 583 -21.26 5.89 38.67
CA GLY D 583 -21.70 4.80 39.52
C GLY D 583 -21.72 3.45 38.84
N GLN D 584 -21.06 3.31 37.70
CA GLN D 584 -21.02 2.03 37.01
C GLN D 584 -20.21 1.02 37.80
N PRO D 585 -20.75 -0.16 38.09
CA PRO D 585 -20.03 -1.11 38.94
C PRO D 585 -19.05 -1.98 38.17
N TYR D 586 -17.99 -2.38 38.86
CA TYR D 586 -16.96 -3.25 38.33
C TYR D 586 -16.62 -4.31 39.35
N ASP D 587 -16.37 -5.52 38.88
CA ASP D 587 -16.18 -6.69 39.74
C ASP D 587 -14.71 -6.81 40.13
N GLY D 588 -14.33 -7.97 40.65
CA GLY D 588 -13.01 -8.19 41.22
C GLY D 588 -11.87 -8.19 40.23
N LYS D 589 -10.82 -8.95 40.53
CA LYS D 589 -9.58 -8.94 39.75
C LYS D 589 -9.85 -9.20 38.27
N VAL D 590 -9.64 -8.18 37.43
CA VAL D 590 -9.90 -8.32 36.00
C VAL D 590 -9.23 -7.17 35.25
N SER D 591 -8.78 -7.45 34.02
CA SER D 591 -8.25 -6.41 33.13
C SER D 591 -9.31 -6.10 32.09
N LEU D 592 -9.66 -4.82 31.97
CA LEU D 592 -10.78 -4.41 31.13
C LEU D 592 -10.44 -3.14 30.38
N LYS D 593 -10.88 -3.07 29.13
CA LYS D 593 -10.75 -1.86 28.32
C LYS D 593 -12.01 -1.02 28.51
N VAL D 594 -11.86 0.16 29.09
CA VAL D 594 -13.01 1.03 29.38
C VAL D 594 -13.00 2.21 28.42
N TYR D 595 -14.20 2.69 28.10
CA TYR D 595 -14.40 3.74 27.12
C TYR D 595 -15.13 4.91 27.77
N ARG D 596 -14.64 6.13 27.52
CA ARG D 596 -15.25 7.34 28.02
C ARG D 596 -15.27 8.40 26.94
N GLU D 597 -16.31 9.24 26.97
CA GLU D 597 -16.36 10.40 26.10
C GLU D 597 -15.35 11.45 26.57
N ILE D 598 -15.11 12.44 25.72
CA ILE D 598 -14.10 13.46 26.03
C ILE D 598 -14.48 14.28 27.26
N THR D 599 -15.77 14.32 27.60
CA THR D 599 -16.23 15.04 28.77
C THR D 599 -16.28 14.17 30.02
N GLU D 600 -15.80 12.92 29.95
CA GLU D 600 -15.81 12.01 31.08
C GLU D 600 -14.40 11.50 31.33
N MET D 601 -14.12 11.12 32.57
CA MET D 601 -12.81 10.64 32.97
C MET D 601 -12.96 9.38 33.82
N PRO D 602 -12.05 8.41 33.67
CA PRO D 602 -12.10 7.20 34.51
C PRO D 602 -11.48 7.43 35.87
N VAL D 603 -12.33 7.50 36.89
CA VAL D 603 -11.92 7.55 38.29
C VAL D 603 -12.79 6.58 39.06
N PHE D 604 -12.16 5.73 39.88
CA PHE D 604 -12.87 4.64 40.54
C PHE D 604 -12.66 4.68 42.04
N ALA D 605 -13.71 4.26 42.76
CA ALA D 605 -13.67 4.12 44.21
C ALA D 605 -14.21 2.76 44.59
N LYS D 606 -13.56 2.09 45.53
CA LYS D 606 -14.02 0.76 45.91
C LYS D 606 -15.14 0.86 46.92
N ALA D 607 -15.89 -0.24 47.05
CA ALA D 607 -17.05 -0.26 47.94
C ALA D 607 -16.63 0.02 49.38
N GLY D 608 -17.34 0.94 50.02
CA GLY D 608 -17.01 1.38 51.35
C GLY D 608 -16.22 2.67 51.42
N ALA D 609 -15.84 3.25 50.28
CA ALA D 609 -15.06 4.48 50.30
C ALA D 609 -15.90 5.66 50.78
N ILE D 610 -15.25 6.58 51.50
CA ILE D 610 -15.87 7.80 51.99
C ILE D 610 -15.05 8.97 51.49
N ILE D 611 -15.68 9.87 50.75
CA ILE D 611 -15.01 11.01 50.13
C ILE D 611 -15.61 12.30 50.69
N PRO D 612 -14.81 13.20 51.23
CA PRO D 612 -15.32 14.53 51.57
C PRO D 612 -15.14 15.52 50.43
N LEU D 613 -16.15 16.35 50.23
CA LEU D 613 -16.14 17.35 49.17
C LEU D 613 -16.63 18.68 49.71
N ASP D 614 -16.09 19.76 49.16
CA ASP D 614 -16.55 21.10 49.49
C ASP D 614 -17.85 21.39 48.75
N LYS D 615 -18.84 21.90 49.47
CA LYS D 615 -20.15 22.14 48.86
C LYS D 615 -20.19 23.44 48.08
N ASN D 616 -19.32 24.40 48.43
CA ASN D 616 -19.30 25.72 47.79
C ASN D 616 -17.89 26.00 47.29
N PRO D 617 -17.49 25.38 46.18
CA PRO D 617 -16.16 25.66 45.63
C PRO D 617 -15.99 27.10 45.17
N LEU D 618 -17.07 27.74 44.68
CA LEU D 618 -16.95 29.10 44.19
C LEU D 618 -16.66 30.08 45.32
N LYS D 619 -17.27 29.87 46.48
CA LYS D 619 -16.96 30.69 47.64
C LYS D 619 -15.53 30.43 48.09
N LYS D 620 -14.82 31.50 48.46
CA LYS D 620 -13.43 31.41 48.89
C LYS D 620 -13.42 31.50 50.42
N GLU D 621 -13.24 30.36 51.07
CA GLU D 621 -13.23 30.27 52.52
C GLU D 621 -11.97 29.55 52.98
N GLU D 622 -11.34 30.08 54.02
CA GLU D 622 -10.15 29.42 54.58
C GLU D 622 -10.49 28.03 55.08
N ILE D 623 -11.67 27.85 55.66
CA ILE D 623 -12.20 26.53 55.98
C ILE D 623 -13.61 26.45 55.44
N PRO D 624 -14.01 25.35 54.81
CA PRO D 624 -15.37 25.26 54.27
C PRO D 624 -16.42 25.29 55.38
N SER D 625 -17.55 25.92 55.08
CA SER D 625 -18.65 26.01 56.02
C SER D 625 -19.58 24.81 55.97
N GLU D 626 -19.49 23.99 54.92
CA GLU D 626 -20.30 22.79 54.81
C GLU D 626 -19.57 21.77 53.95
N ILE D 627 -19.69 20.50 54.32
CA ILE D 627 -18.96 19.41 53.69
C ILE D 627 -19.95 18.33 53.29
N ILE D 628 -19.82 17.83 52.06
CA ILE D 628 -20.61 16.71 51.56
C ILE D 628 -19.80 15.44 51.74
N TRP D 629 -20.42 14.41 52.32
CA TRP D 629 -19.80 13.10 52.47
C TRP D 629 -20.41 12.16 51.46
N LYS D 630 -19.58 11.61 50.58
CA LYS D 630 -20.02 10.66 49.56
C LYS D 630 -19.59 9.26 49.98
N ILE D 631 -20.56 8.35 50.05
CA ILE D 631 -20.36 7.00 50.55
C ILE D 631 -20.71 6.01 49.44
N PHE D 632 -19.82 5.06 49.20
CA PHE D 632 -20.07 4.01 48.23
C PHE D 632 -20.47 2.75 48.97
N PRO D 633 -21.70 2.25 48.78
CA PRO D 633 -22.16 1.11 49.59
C PRO D 633 -21.43 -0.18 49.23
N GLY D 634 -21.36 -1.07 50.21
CA GLY D 634 -20.79 -2.38 49.97
C GLY D 634 -19.96 -2.96 51.08
N ALA D 635 -19.34 -2.11 51.91
CA ALA D 635 -18.46 -2.58 52.97
C ALA D 635 -18.30 -1.47 54.00
N ASP D 636 -17.51 -1.76 55.03
CA ASP D 636 -17.21 -0.78 56.06
C ASP D 636 -16.30 0.31 55.51
N GLY D 637 -16.40 1.49 56.11
CA GLY D 637 -15.70 2.65 55.60
C GLY D 637 -15.06 3.46 56.71
N GLU D 638 -13.94 4.09 56.37
CA GLU D 638 -13.08 4.78 57.31
C GLU D 638 -12.60 6.07 56.66
N TYR D 639 -12.67 7.19 57.38
CA TYR D 639 -11.97 8.37 56.91
C TYR D 639 -11.68 9.32 58.07
N LEU D 640 -10.58 10.06 57.93
CA LEU D 640 -10.14 11.01 58.96
C LEU D 640 -9.74 12.30 58.24
N LEU D 641 -10.60 13.31 58.31
CA LEU D 641 -10.34 14.60 57.68
C LEU D 641 -9.53 15.47 58.62
N LEU D 642 -8.30 15.80 58.23
CA LEU D 642 -7.40 16.62 59.01
C LEU D 642 -7.43 18.05 58.51
N GLU D 643 -7.55 19.00 59.43
CA GLU D 643 -7.55 20.41 59.11
C GLU D 643 -6.44 21.10 59.90
N GLU D 644 -6.41 22.43 59.83
CA GLU D 644 -5.38 23.19 60.53
C GLU D 644 -5.47 23.00 62.04
N ASP D 645 -6.68 23.08 62.59
CA ASP D 645 -6.88 22.94 64.02
C ASP D 645 -8.11 22.11 64.32
N ASN D 646 -8.32 21.03 63.56
CA ASN D 646 -9.47 20.17 63.79
C ASN D 646 -9.21 18.81 63.17
N GLU D 647 -9.98 17.82 63.61
CA GLU D 647 -9.92 16.45 63.10
C GLU D 647 -11.31 15.87 63.12
N THR D 648 -11.85 15.53 61.96
CA THR D 648 -13.19 14.98 61.84
C THR D 648 -13.11 13.51 61.46
N LYS D 649 -13.76 12.65 62.23
CA LYS D 649 -13.72 11.21 62.03
C LYS D 649 -15.04 10.76 61.42
N ALA D 650 -14.97 10.01 60.32
CA ALA D 650 -16.13 9.46 59.64
C ALA D 650 -16.03 7.95 59.65
N GLU D 651 -17.02 7.29 60.26
CA GLU D 651 -17.10 5.85 60.39
C GLU D 651 -18.31 5.35 59.60
N PHE D 652 -18.18 4.18 58.98
CA PHE D 652 -19.30 3.53 58.31
C PHE D 652 -19.24 2.04 58.66
N VAL D 653 -19.91 1.67 59.75
CA VAL D 653 -19.85 0.31 60.29
C VAL D 653 -21.26 -0.26 60.36
N ASN D 654 -21.46 -1.42 59.72
CA ASN D 654 -22.71 -2.15 59.77
C ASN D 654 -23.90 -1.29 59.33
N GLY D 655 -23.71 -0.52 58.27
CA GLY D 655 -24.76 0.34 57.77
C GLY D 655 -25.02 1.57 58.60
N ILE D 656 -24.18 1.85 59.59
CA ILE D 656 -24.33 3.02 60.46
C ILE D 656 -23.20 3.99 60.12
N PHE D 657 -23.57 5.23 59.79
CA PHE D 657 -22.61 6.26 59.44
C PHE D 657 -22.53 7.26 60.59
N THR D 658 -21.33 7.49 61.10
CA THR D 658 -21.12 8.36 62.25
C THR D 658 -20.07 9.40 61.90
N VAL D 659 -20.37 10.66 62.21
CA VAL D 659 -19.43 11.76 62.06
C VAL D 659 -19.19 12.36 63.44
N THR D 660 -17.92 12.45 63.83
CA THR D 660 -17.53 13.04 65.10
C THR D 660 -16.46 14.09 64.87
N SER D 661 -16.41 15.08 65.75
CA SER D 661 -15.48 16.20 65.65
C SER D 661 -14.64 16.28 66.92
N LYS D 662 -13.37 16.63 66.76
CA LYS D 662 -12.49 16.77 67.91
C LYS D 662 -12.76 18.07 68.66
N LYS D 663 -13.16 19.12 67.94
CA LYS D 663 -13.44 20.42 68.55
C LYS D 663 -14.82 20.90 68.10
N GLU D 664 -15.31 21.91 68.81
CA GLU D 664 -16.59 22.53 68.46
C GLU D 664 -16.48 23.25 67.12
N SER D 665 -17.54 23.18 66.33
CA SER D 665 -17.55 23.79 65.02
C SER D 665 -18.98 24.08 64.59
N SER D 666 -19.12 25.03 63.67
CA SER D 666 -20.42 25.40 63.11
C SER D 666 -20.65 24.80 61.74
N ARG D 667 -19.81 23.85 61.32
CA ARG D 667 -19.92 23.27 59.99
C ARG D 667 -21.17 22.42 59.86
N LYS D 668 -21.79 22.48 58.69
CA LYS D 668 -22.93 21.64 58.36
C LYS D 668 -22.48 20.47 57.49
N HIS D 669 -23.20 19.36 57.59
CA HIS D 669 -22.83 18.13 56.91
C HIS D 669 -23.99 17.65 56.04
N THR D 670 -23.67 17.31 54.79
CA THR D 670 -24.62 16.72 53.86
C THR D 670 -24.12 15.32 53.51
N ILE D 671 -25.04 14.37 53.41
CA ILE D 671 -24.70 12.97 53.18
C ILE D 671 -25.24 12.53 51.83
N ILE D 672 -24.39 11.91 51.02
CA ILE D 672 -24.78 11.28 49.77
C ILE D 672 -24.51 9.78 49.90
N TYR D 673 -25.56 8.98 49.75
CA TYR D 673 -25.45 7.53 49.79
C TYR D 673 -25.75 7.03 48.38
N GLY D 674 -24.71 6.57 47.69
CA GLY D 674 -24.83 6.28 46.28
C GLY D 674 -24.98 7.57 45.50
N GLU D 675 -26.18 7.82 44.97
CA GLU D 675 -26.48 9.07 44.31
C GLU D 675 -27.56 9.89 45.01
N HIS D 676 -28.28 9.29 45.96
CA HIS D 676 -29.41 9.96 46.61
C HIS D 676 -28.94 10.72 47.84
N GLU D 677 -29.45 11.94 48.00
CA GLU D 677 -29.19 12.73 49.19
C GLU D 677 -29.91 12.11 50.39
N ILE D 678 -29.20 12.00 51.51
CA ILE D 678 -29.77 11.41 52.72
C ILE D 678 -30.24 12.51 53.66
N VAL D 679 -29.30 13.32 54.12
CA VAL D 679 -29.61 14.47 54.97
C VAL D 679 -28.81 15.67 54.46
N SER D 680 -29.45 16.83 54.46
CA SER D 680 -28.87 18.06 53.93
C SER D 680 -28.68 19.07 55.06
N ALA D 681 -27.48 19.61 55.16
CA ALA D 681 -27.14 20.66 56.12
C ALA D 681 -27.47 20.23 57.56
N LYS D 682 -27.01 19.03 57.91
CA LYS D 682 -27.09 18.56 59.29
C LYS D 682 -25.99 19.24 60.11
N ARG D 683 -26.32 19.59 61.34
CA ARG D 683 -25.45 20.39 62.20
C ARG D 683 -24.92 19.53 63.34
N GLY D 684 -23.62 19.63 63.60
CA GLY D 684 -23.00 18.93 64.70
C GLY D 684 -22.69 17.48 64.38
N GLU D 685 -21.87 16.88 65.26
CA GLU D 685 -21.53 15.48 65.12
C GLU D 685 -22.75 14.61 65.37
N PHE D 686 -22.92 13.57 64.56
CA PHE D 686 -24.17 12.81 64.58
C PHE D 686 -23.91 11.37 64.14
N SER D 687 -24.98 10.58 64.19
CA SER D 687 -24.99 9.22 63.69
C SER D 687 -26.30 8.99 62.94
N ILE D 688 -26.27 8.06 61.98
CA ILE D 688 -27.44 7.80 61.14
C ILE D 688 -27.37 6.36 60.65
N ASP D 689 -28.55 5.80 60.38
CA ASP D 689 -28.68 4.43 59.87
C ASP D 689 -29.04 4.48 58.40
N LEU D 690 -28.27 3.76 57.58
CA LEU D 690 -28.48 3.72 56.14
C LEU D 690 -28.81 2.32 55.63
N ASN D 691 -29.31 1.44 56.51
CA ASN D 691 -29.62 0.08 56.08
C ASN D 691 -30.83 0.03 55.17
N GLY D 692 -31.84 0.87 55.44
CA GLY D 692 -33.07 0.86 54.66
C GLY D 692 -33.04 1.65 53.38
N LYS D 693 -31.96 2.37 53.09
CA LYS D 693 -31.89 3.21 51.91
C LYS D 693 -31.54 2.39 50.68
N GLU D 694 -31.44 3.06 49.54
CA GLU D 694 -31.16 2.41 48.26
C GLU D 694 -29.65 2.40 48.04
N GLU D 695 -29.04 1.21 48.11
CA GLU D 695 -27.61 1.08 47.89
C GLU D 695 -27.22 1.33 46.44
N ASN D 696 -28.10 1.00 45.49
CA ASN D 696 -27.78 1.11 44.08
C ASN D 696 -27.63 2.58 43.67
N PHE D 697 -26.89 2.79 42.59
CA PHE D 697 -26.71 4.10 41.99
C PHE D 697 -27.78 4.30 40.92
N ASP D 698 -27.65 5.36 40.13
CA ASP D 698 -28.56 5.64 39.04
C ASP D 698 -28.20 4.93 37.74
N TRP D 699 -27.07 4.22 37.72
CA TRP D 699 -26.61 3.54 36.51
C TRP D 699 -27.45 2.29 36.25
N ASN D 700 -27.88 2.13 35.00
CA ASN D 700 -28.51 0.90 34.55
C ASN D 700 -28.05 0.59 33.14
N PHE D 701 -28.15 -0.69 32.77
CA PHE D 701 -27.57 -1.16 31.52
C PHE D 701 -28.25 -0.54 30.31
N SER D 702 -29.57 -0.39 30.36
CA SER D 702 -30.33 0.01 29.17
C SER D 702 -30.01 1.44 28.74
N THR D 703 -30.02 2.38 29.68
CA THR D 703 -29.74 3.77 29.33
C THR D 703 -28.31 3.95 28.86
N ALA D 704 -27.36 3.28 29.52
CA ALA D 704 -25.96 3.36 29.09
C ALA D 704 -25.78 2.78 27.70
N LEU D 705 -26.43 1.65 27.42
CA LEU D 705 -26.34 1.04 26.10
C LEU D 705 -26.93 1.95 25.02
N PHE D 706 -28.08 2.56 25.32
CA PHE D 706 -28.70 3.47 24.36
C PHE D 706 -27.80 4.67 24.11
N ARG D 707 -27.20 5.22 25.17
CA ARG D 707 -26.32 6.37 24.99
C ARG D 707 -25.09 6.00 24.16
N ARG D 708 -24.51 4.83 24.41
CA ARG D 708 -23.33 4.43 23.65
C ARG D 708 -23.67 4.19 22.18
N LEU D 709 -24.83 3.57 21.91
CA LEU D 709 -25.24 3.36 20.52
C LEU D 709 -25.69 4.64 19.84
N ASP D 710 -26.10 5.65 20.61
CA ASP D 710 -26.65 6.87 20.01
C ASP D 710 -25.56 7.74 19.40
N ILE D 711 -24.34 7.69 19.95
CA ILE D 711 -23.28 8.57 19.48
C ILE D 711 -22.33 7.87 18.53
N ALA D 712 -22.53 6.60 18.23
CA ALA D 712 -21.66 5.88 17.31
C ALA D 712 -22.02 6.21 15.86
N GLU D 713 -21.01 6.36 15.02
CA GLU D 713 -21.20 6.70 13.62
C GLU D 713 -21.29 5.43 12.79
N ILE D 714 -22.35 4.67 13.02
CA ILE D 714 -22.59 3.42 12.31
C ILE D 714 -23.98 3.45 11.69
N SER D 715 -24.34 2.40 10.96
CA SER D 715 -25.64 2.36 10.30
C SER D 715 -26.76 2.22 11.32
N TYR D 716 -27.92 2.78 10.98
CA TYR D 716 -29.05 2.78 11.90
C TYR D 716 -29.56 1.36 12.16
N GLU D 717 -29.67 0.55 11.10
CA GLU D 717 -30.17 -0.81 11.25
C GLU D 717 -29.32 -1.60 12.23
N GLN D 718 -28.00 -1.39 12.20
CA GLN D 718 -27.12 -2.04 13.18
C GLN D 718 -27.47 -1.62 14.60
N LYS D 719 -27.74 -0.32 14.80
CA LYS D 719 -28.08 0.16 16.14
C LYS D 719 -29.36 -0.48 16.64
N ASP D 720 -30.41 -0.48 15.80
CA ASP D 720 -31.67 -1.09 16.23
C ASP D 720 -31.52 -2.58 16.47
N GLU D 721 -30.77 -3.28 15.62
CA GLU D 721 -30.58 -4.71 15.81
C GLU D 721 -29.86 -5.00 17.13
N ILE D 722 -28.80 -4.25 17.41
CA ILE D 722 -28.05 -4.47 18.65
C ILE D 722 -28.93 -4.20 19.86
N LEU D 723 -29.65 -3.07 19.84
CA LEU D 723 -30.50 -2.72 20.97
C LEU D 723 -31.57 -3.77 21.20
N GLN D 724 -32.27 -4.17 20.13
CA GLN D 724 -33.35 -5.14 20.27
C GLN D 724 -32.83 -6.48 20.76
N GLN D 725 -31.73 -6.97 20.17
CA GLN D 725 -31.22 -8.28 20.56
C GLN D 725 -30.69 -8.28 21.99
N LEU D 726 -29.99 -7.21 22.40
CA LEU D 726 -29.48 -7.18 23.76
C LEU D 726 -30.60 -6.97 24.77
N SER D 727 -31.73 -6.40 24.34
CA SER D 727 -32.90 -6.34 25.23
C SER D 727 -33.62 -7.68 25.31
N LEU D 728 -33.61 -8.46 24.23
CA LEU D 728 -34.37 -9.70 24.17
C LEU D 728 -33.66 -10.88 24.81
N ILE D 729 -32.35 -11.01 24.62
CA ILE D 729 -31.62 -12.17 25.14
C ILE D 729 -31.42 -12.00 26.64
N GLU D 730 -31.72 -13.07 27.39
CA GLU D 730 -31.68 -13.03 28.85
C GLU D 730 -30.35 -13.51 29.44
N GLU D 731 -29.80 -14.60 28.92
CA GLU D 731 -28.56 -15.14 29.48
C GLU D 731 -27.37 -14.27 29.12
N HIS D 732 -26.46 -14.09 30.09
CA HIS D 732 -25.28 -13.27 29.86
C HIS D 732 -24.34 -13.91 28.85
N GLU D 733 -24.17 -15.23 28.91
CA GLU D 733 -23.28 -15.92 27.99
C GLU D 733 -23.74 -15.76 26.55
N LYS D 734 -25.05 -15.84 26.32
CA LYS D 734 -25.55 -15.69 24.96
C LYS D 734 -25.51 -14.24 24.50
N GLN D 735 -25.60 -13.28 25.43
CA GLN D 735 -25.36 -11.89 25.06
C GLN D 735 -23.93 -11.67 24.59
N VAL D 736 -22.96 -12.23 25.32
CA VAL D 736 -21.57 -12.12 24.90
C VAL D 736 -21.35 -12.83 23.58
N ALA D 737 -22.02 -13.98 23.39
CA ALA D 737 -21.91 -14.69 22.12
C ALA D 737 -22.49 -13.86 20.97
N PHE D 738 -23.59 -13.15 21.22
CA PHE D 738 -24.18 -12.29 20.19
C PHE D 738 -23.23 -11.16 19.83
N ILE D 739 -22.61 -10.53 20.83
CA ILE D 739 -21.72 -9.41 20.50
C ILE D 739 -20.39 -9.89 19.93
N LYS D 740 -20.03 -11.17 20.13
CA LYS D 740 -18.79 -11.69 19.57
C LYS D 740 -18.84 -11.79 18.04
N THR D 741 -20.03 -11.82 17.45
CA THR D 741 -20.16 -11.97 16.00
C THR D 741 -20.05 -10.64 15.25
N ASN D 742 -20.02 -9.52 15.96
CA ASN D 742 -19.96 -8.22 15.29
C ASN D 742 -18.61 -8.02 14.63
N GLU D 743 -18.62 -7.47 13.41
CA GLU D 743 -17.42 -7.31 12.61
C GLU D 743 -16.53 -6.17 13.08
N ASN D 744 -17.08 -5.17 13.77
CA ASN D 744 -16.30 -4.05 14.27
C ASN D 744 -15.83 -4.36 15.69
N GLN D 745 -14.53 -4.27 15.91
CA GLN D 745 -13.95 -4.80 17.14
C GLN D 745 -13.95 -3.81 18.30
N GLU D 746 -13.79 -2.51 18.01
CA GLU D 746 -13.88 -1.53 19.08
C GLU D 746 -15.30 -1.45 19.63
N LEU D 747 -16.30 -1.55 18.75
CA LEU D 747 -17.69 -1.64 19.21
C LEU D 747 -17.88 -2.91 20.05
N GLN D 748 -17.24 -4.01 19.64
CA GLN D 748 -17.26 -5.22 20.44
C GLN D 748 -16.74 -4.97 21.84
N ASN D 749 -15.60 -4.29 21.95
CA ASN D 749 -15.01 -4.04 23.26
C ASN D 749 -15.88 -3.14 24.12
N SER D 750 -16.47 -2.09 23.54
CA SER D 750 -17.34 -1.22 24.29
C SER D 750 -18.58 -1.97 24.80
N LEU D 751 -19.20 -2.76 23.92
CA LEU D 751 -20.36 -3.52 24.34
C LEU D 751 -19.99 -4.57 25.38
N PHE D 752 -18.78 -5.14 25.29
CA PHE D 752 -18.36 -6.11 26.29
C PHE D 752 -18.17 -5.44 27.65
N GLU D 753 -17.61 -4.23 27.67
CA GLU D 753 -17.49 -3.51 28.94
C GLU D 753 -18.87 -3.23 29.53
N LEU D 754 -19.82 -2.81 28.71
CA LEU D 754 -21.17 -2.58 29.20
C LEU D 754 -21.80 -3.86 29.74
N LEU D 755 -21.59 -4.99 29.05
CA LEU D 755 -22.17 -6.25 29.49
C LEU D 755 -21.53 -6.76 30.77
N TYR D 756 -20.21 -6.55 30.91
CA TYR D 756 -19.51 -6.97 32.11
C TYR D 756 -19.95 -6.16 33.31
N SER D 757 -20.18 -4.85 33.12
CA SER D 757 -20.68 -4.04 34.22
C SER D 757 -22.07 -4.51 34.66
N GLY D 758 -22.91 -4.90 33.71
CA GLY D 758 -24.27 -5.30 34.03
C GLY D 758 -24.48 -6.80 34.15
N LYS D 759 -23.52 -7.51 34.70
CA LYS D 759 -23.67 -8.95 34.89
C LYS D 759 -24.24 -9.25 36.27
N ASN E 32 52.44 46.76 25.79
CA ASN E 32 51.37 47.39 25.03
C ASN E 32 50.10 46.55 25.07
N ASN E 33 49.96 45.65 24.09
CA ASN E 33 48.82 44.73 24.02
C ASN E 33 49.15 43.35 24.58
N ILE E 34 50.03 43.28 25.57
CA ILE E 34 50.40 42.03 26.23
C ILE E 34 50.06 42.16 27.70
N ILE E 35 49.36 41.16 28.25
CA ILE E 35 48.98 41.16 29.66
C ILE E 35 49.40 39.83 30.27
N LYS E 36 50.17 39.90 31.35
CA LYS E 36 50.53 38.74 32.16
C LYS E 36 49.62 38.69 33.38
N PHE E 37 49.02 37.54 33.65
CA PHE E 37 48.26 37.37 34.88
C PHE E 37 48.32 35.91 35.31
N ASP E 38 48.62 35.69 36.59
CA ASP E 38 48.78 34.34 37.15
C ASP E 38 49.85 33.63 36.33
N LYS E 39 49.54 32.55 35.65
CA LYS E 39 50.51 31.83 34.82
C LYS E 39 50.18 31.96 33.32
N ALA E 40 49.22 32.81 32.98
CA ALA E 40 48.72 32.92 31.62
C ALA E 40 48.97 34.30 31.03
N ARG E 41 48.88 34.38 29.71
CA ARG E 41 49.10 35.62 28.98
C ARG E 41 47.95 35.87 28.01
N PHE E 42 47.60 37.14 27.83
CA PHE E 42 46.55 37.57 26.92
C PHE E 42 47.10 38.63 25.99
N THR E 43 46.82 38.47 24.69
CA THR E 43 47.22 39.44 23.68
C THR E 43 45.98 39.90 22.93
N VAL E 44 45.90 41.21 22.66
CA VAL E 44 44.77 41.79 21.94
C VAL E 44 45.30 42.12 20.55
N LEU E 45 45.14 41.16 19.63
CA LEU E 45 45.60 41.37 18.26
C LEU E 45 44.79 42.46 17.57
N THR E 46 43.47 42.45 17.76
CA THR E 46 42.60 43.51 17.29
C THR E 46 41.36 43.55 18.19
N GLU E 47 40.43 44.44 17.87
CA GLU E 47 39.27 44.64 18.73
C GLU E 47 38.30 43.47 18.72
N HIS E 48 38.49 42.49 17.83
CA HIS E 48 37.64 41.31 17.80
C HIS E 48 38.39 40.00 17.87
N LEU E 49 39.72 40.02 17.83
CA LEU E 49 40.53 38.81 17.90
C LEU E 49 41.44 38.88 19.12
N ILE E 50 41.40 37.85 19.95
CA ILE E 50 42.18 37.82 21.19
C ILE E 50 42.92 36.50 21.30
N ARG E 51 44.22 36.55 21.54
CA ARG E 51 45.04 35.37 21.73
C ARG E 51 45.20 35.10 23.22
N ILE E 52 45.07 33.83 23.60
CA ILE E 52 45.18 33.41 25.00
C ILE E 52 46.18 32.27 25.08
N GLU E 53 47.20 32.43 25.92
CA GLU E 53 48.26 31.45 26.05
C GLU E 53 48.37 30.99 27.49
N TYR E 54 48.55 29.68 27.68
CA TYR E 54 48.79 29.10 29.00
C TYR E 54 49.96 28.13 28.90
N SER E 55 51.02 28.41 29.65
CA SER E 55 52.20 27.54 29.72
C SER E 55 52.50 27.26 31.18
N GLU E 56 52.66 25.97 31.51
CA GLU E 56 52.92 25.60 32.89
C GLU E 56 54.33 25.97 33.33
N THR E 57 55.31 25.76 32.45
CA THR E 57 56.71 25.98 32.83
C THR E 57 56.97 27.46 33.16
N GLY E 58 56.45 28.37 32.33
CA GLY E 58 56.63 29.80 32.55
C GLY E 58 57.16 30.57 31.37
N GLU E 59 57.49 29.91 30.25
CA GLU E 59 57.95 30.60 29.05
C GLU E 59 56.86 30.50 27.98
N PHE E 60 56.69 31.59 27.24
CA PHE E 60 55.59 31.73 26.29
C PHE E 60 56.10 31.71 24.87
N GLU E 61 55.35 31.06 23.98
CA GLU E 61 55.78 30.90 22.59
C GLU E 61 55.81 32.23 21.87
N GLU E 62 56.81 32.39 21.00
CA GLU E 62 56.96 33.61 20.20
C GLU E 62 57.21 33.36 18.72
N ARG E 63 57.76 32.20 18.36
CA ARG E 63 58.08 31.90 16.97
C ARG E 63 56.83 31.37 16.24
N MET E 64 56.95 31.27 14.93
CA MET E 64 55.83 30.87 14.09
CA MET E 64 55.82 30.87 14.11
C MET E 64 55.51 29.38 14.28
N THR E 65 54.26 29.04 14.01
CA THR E 65 53.75 27.68 14.11
C THR E 65 53.31 27.22 12.72
N GLN E 66 52.82 25.99 12.62
CA GLN E 66 52.32 25.48 11.35
C GLN E 66 51.16 26.32 10.83
N MET E 67 50.27 26.75 11.73
CA MET E 67 49.06 27.48 11.36
C MET E 67 49.29 28.99 11.28
N VAL E 68 49.85 29.58 12.34
CA VAL E 68 50.02 31.02 12.43
C VAL E 68 51.36 31.41 11.81
N GLN E 69 51.33 32.41 10.94
CA GLN E 69 52.53 32.88 10.25
C GLN E 69 52.89 34.33 10.54
N ASN E 70 52.01 35.09 11.18
CA ASN E 70 52.28 36.49 11.45
C ASN E 70 51.36 36.97 12.57
N ARG E 71 51.92 37.77 13.48
CA ARG E 71 51.16 38.36 14.58
C ARG E 71 51.39 39.86 14.70
N GLU E 72 51.85 40.50 13.63
CA GLU E 72 52.12 41.94 13.64
C GLU E 72 50.88 42.68 13.18
N PHE E 73 49.97 42.95 14.12
CA PHE E 73 48.77 43.70 13.86
C PHE E 73 48.96 45.15 14.28
N SER E 74 47.88 45.93 14.22
CA SER E 74 47.91 47.32 14.64
C SER E 74 47.68 47.40 16.15
N GLU E 75 47.47 48.60 16.67
CA GLU E 75 47.22 48.82 18.09
C GLU E 75 45.82 49.37 18.28
N VAL E 76 45.08 48.80 19.24
CA VAL E 76 43.70 49.16 19.50
C VAL E 76 43.58 49.61 20.94
N ASN E 77 42.36 49.98 21.32
CA ASN E 77 42.05 50.48 22.64
C ASN E 77 41.41 49.37 23.48
N PHE E 78 41.91 49.17 24.69
CA PHE E 78 41.36 48.18 25.59
C PHE E 78 41.72 48.56 27.02
N ASP E 79 40.98 47.97 27.97
CA ASP E 79 41.10 48.33 29.38
C ASP E 79 41.34 47.09 30.21
N ILE E 80 41.98 47.27 31.36
CA ILE E 80 42.32 46.17 32.25
C ILE E 80 41.84 46.51 33.66
N ILE E 81 41.14 45.58 34.29
CA ILE E 81 40.71 45.69 35.68
C ILE E 81 41.42 44.60 36.46
N GLU E 82 42.15 45.00 37.50
CA GLU E 82 43.05 44.11 38.22
C GLU E 82 42.58 43.97 39.66
N LYS E 83 42.39 42.74 40.11
CA LYS E 83 42.12 42.41 41.49
C LYS E 83 43.28 41.60 42.05
N GLU E 84 43.13 41.18 43.31
CA GLU E 84 44.18 40.39 43.94
C GLU E 84 44.32 39.02 43.28
N GLU E 85 43.21 38.41 42.88
CA GLU E 85 43.23 37.07 42.33
C GLU E 85 42.48 36.92 41.01
N THR E 86 41.90 38.00 40.48
CA THR E 86 41.14 37.94 39.24
C THR E 86 41.53 39.09 38.33
N ILE E 87 41.39 38.87 37.03
CA ILE E 87 41.65 39.90 36.02
C ILE E 87 40.46 39.99 35.08
N GLU E 88 40.28 41.19 34.52
CA GLU E 88 39.14 41.53 33.68
C GLU E 88 39.64 42.35 32.50
N ILE E 89 39.26 41.96 31.29
CA ILE E 89 39.72 42.62 30.07
C ILE E 89 38.52 43.22 29.36
N ILE E 90 38.59 44.51 29.06
CA ILE E 90 37.54 45.26 28.42
C ILE E 90 37.96 45.57 26.99
N THR E 91 37.18 45.11 26.03
CA THR E 91 37.31 45.49 24.63
C THR E 91 35.95 45.99 24.15
N SER E 92 35.93 46.69 23.03
CA SER E 92 34.71 47.33 22.56
C SER E 92 33.60 46.33 22.24
N THR E 93 33.92 45.05 22.08
CA THR E 93 32.91 44.04 21.80
C THR E 93 32.99 42.80 22.69
N VAL E 94 34.09 42.59 23.41
CA VAL E 94 34.26 41.38 24.21
C VAL E 94 34.69 41.77 25.62
N HIS E 95 34.29 40.96 26.60
CA HIS E 95 34.53 41.20 28.01
C HIS E 95 35.04 39.90 28.62
N LEU E 96 36.31 39.87 28.98
CA LEU E 96 36.99 38.65 29.39
C LEU E 96 37.20 38.62 30.90
N TYR E 97 36.99 37.46 31.50
CA TYR E 97 37.16 37.24 32.94
C TYR E 97 38.08 36.06 33.15
N TYR E 98 39.13 36.25 33.95
CA TYR E 98 40.04 35.17 34.32
C TYR E 98 40.19 35.15 35.83
N ASN E 99 39.96 34.00 36.44
CA ASN E 99 39.96 33.85 37.90
C ASN E 99 41.22 33.16 38.43
N GLY E 100 42.26 33.05 37.60
CA GLY E 100 43.52 32.48 38.04
C GLY E 100 43.51 30.96 37.98
N GLY E 101 44.71 30.39 38.12
CA GLY E 101 44.85 28.95 38.09
C GLY E 101 44.69 28.38 36.68
N GLU E 102 44.34 27.11 36.65
CA GLU E 102 44.15 26.42 35.37
C GLU E 102 42.91 26.92 34.65
N PHE E 103 42.88 26.72 33.34
CA PHE E 103 41.76 27.18 32.53
C PHE E 103 40.59 26.21 32.67
N THR E 104 39.45 26.74 33.08
CA THR E 104 38.23 25.96 33.25
C THR E 104 37.07 26.92 33.03
N ASN E 105 35.89 26.35 32.71
CA ASN E 105 34.72 27.18 32.44
C ASN E 105 34.34 28.04 33.64
N ALA E 106 34.79 27.67 34.85
CA ALA E 106 34.57 28.49 36.03
C ALA E 106 35.60 29.61 36.18
N SER E 107 36.78 29.48 35.59
CA SER E 107 37.85 30.45 35.76
C SER E 107 37.96 31.41 34.60
N LEU E 108 38.11 30.90 33.38
CA LEU E 108 38.25 31.73 32.19
C LEU E 108 36.97 31.67 31.38
N PHE E 109 36.38 32.84 31.12
CA PHE E 109 35.15 32.91 30.33
C PHE E 109 34.98 34.35 29.85
N ALA E 110 33.96 34.57 29.03
CA ALA E 110 33.84 35.86 28.35
C ALA E 110 32.40 36.12 27.96
N ASP E 111 32.12 37.38 27.65
CA ASP E 111 30.83 37.85 27.16
C ASP E 111 31.04 38.67 25.89
N VAL E 112 30.08 38.61 24.98
CA VAL E 112 30.15 39.32 23.71
C VAL E 112 28.93 40.22 23.57
N LYS E 113 29.16 41.46 23.14
CA LYS E 113 28.12 42.47 23.01
C LYS E 113 27.93 42.77 21.52
N PHE E 114 26.76 42.45 20.99
CA PHE E 114 26.45 42.66 19.58
C PHE E 114 25.05 43.24 19.45
N ASN E 115 24.79 43.87 18.29
CA ASN E 115 23.49 44.49 18.01
C ASN E 115 22.37 43.45 17.99
N PHE E 116 22.60 42.31 17.36
CA PHE E 116 21.62 41.23 17.41
C PHE E 116 21.66 40.55 18.77
N SER E 117 20.56 39.86 19.10
CA SER E 117 20.45 39.15 20.36
C SER E 117 20.55 37.64 20.13
N VAL E 118 20.86 36.93 21.21
CA VAL E 118 21.02 35.48 21.17
C VAL E 118 20.62 34.91 22.52
N TYR E 119 20.20 33.64 22.52
CA TYR E 119 19.75 32.99 23.74
C TYR E 119 20.86 32.91 24.78
N SER E 120 22.09 32.63 24.34
CA SER E 120 23.25 32.56 25.22
C SER E 120 24.41 33.27 24.53
N ASN E 121 24.90 34.35 25.15
CA ASN E 121 26.00 35.14 24.61
C ASN E 121 27.28 35.02 25.44
N ARG E 122 27.43 33.98 26.25
CA ARG E 122 28.57 33.84 27.13
C ARG E 122 29.41 32.64 26.68
N TRP E 123 30.71 32.88 26.50
CA TRP E 123 31.64 31.84 26.10
C TRP E 123 32.33 31.26 27.32
N TYR E 124 32.32 29.93 27.44
CA TYR E 124 32.97 29.21 28.51
C TYR E 124 34.12 28.39 27.94
N PHE E 125 35.25 28.40 28.63
CA PHE E 125 36.39 27.59 28.19
C PHE E 125 36.04 26.12 28.23
N GLY E 126 36.44 25.39 27.19
CA GLY E 126 36.20 23.98 27.10
C GLY E 126 34.78 23.56 26.82
N GLU E 127 33.80 24.43 27.03
CA GLU E 127 32.41 24.11 26.76
C GLU E 127 32.10 24.32 25.29
N LYS E 128 31.58 23.29 24.63
CA LYS E 128 31.17 23.41 23.24
C LYS E 128 30.02 24.40 23.11
N SER E 129 30.11 25.27 22.11
CA SER E 129 29.10 26.28 21.85
C SER E 129 28.36 25.95 20.56
N ASP E 130 27.07 26.32 20.54
CA ASP E 130 26.25 26.12 19.36
C ASP E 130 26.26 27.37 18.49
N GLY E 131 25.65 27.25 17.31
CA GLY E 131 25.57 28.35 16.37
C GLY E 131 26.68 28.42 15.35
N ASN E 132 27.69 27.55 15.45
CA ASN E 132 28.79 27.57 14.49
C ASN E 132 28.31 27.17 13.10
N LEU E 133 28.88 27.81 12.09
CA LEU E 133 28.49 27.62 10.69
C LEU E 133 29.34 26.58 9.98
N LYS E 134 30.23 25.89 10.71
CA LYS E 134 31.02 24.77 10.20
C LYS E 134 32.05 25.18 9.17
N GLY E 135 33.01 24.29 8.90
CA GLY E 135 34.06 24.54 7.93
C GLY E 135 34.21 23.41 6.94
N THR E 136 35.40 22.81 6.88
CA THR E 136 35.70 21.69 5.99
C THR E 136 36.02 20.45 6.82
N THR E 137 36.45 19.40 6.14
CA THR E 137 36.88 18.16 6.77
C THR E 137 38.26 17.78 6.26
N ARG E 138 39.05 17.16 7.13
CA ARG E 138 40.36 16.66 6.70
C ARG E 138 40.19 15.52 5.69
N THR E 139 39.35 14.54 6.00
CA THR E 139 39.12 13.41 5.13
C THR E 139 37.69 13.42 4.63
N LEU E 140 37.53 13.07 3.36
CA LEU E 140 36.22 12.98 2.75
C LEU E 140 35.56 11.65 3.13
N ASP E 141 34.44 11.72 3.87
CA ASP E 141 33.90 10.53 4.50
C ASP E 141 32.38 10.36 4.35
N MET E 142 31.73 11.06 3.42
CA MET E 142 30.29 10.89 3.26
C MET E 142 30.02 9.60 2.50
N ILE E 143 29.00 8.86 2.94
CA ILE E 143 28.65 7.62 2.26
C ILE E 143 27.95 7.91 0.93
N ASP E 144 26.84 8.65 0.95
CA ASP E 144 26.19 9.12 -0.26
C ASP E 144 26.02 10.63 -0.28
N GLY E 145 25.51 11.22 0.79
CA GLY E 145 25.19 12.64 0.79
C GLY E 145 26.00 13.46 1.76
N GLU E 146 25.37 13.89 2.85
CA GLU E 146 26.03 14.79 3.79
C GLU E 146 27.09 14.05 4.61
N CYS E 147 28.15 14.78 4.97
CA CYS E 147 29.22 14.32 5.82
C CYS E 147 29.31 15.23 7.04
N PRO E 148 29.85 14.74 8.15
CA PRO E 148 29.99 15.61 9.33
C PRO E 148 31.17 16.57 9.14
N LEU E 149 30.87 17.87 9.17
CA LEU E 149 31.85 18.91 8.97
C LEU E 149 32.47 19.32 10.30
N GLU E 150 33.61 20.01 10.20
CA GLU E 150 34.30 20.55 11.35
C GLU E 150 34.00 22.04 11.51
N ASP E 151 34.20 22.54 12.73
CA ASP E 151 33.87 23.92 13.03
C ASP E 151 34.85 24.88 12.37
N GLY E 152 34.35 26.06 12.01
CA GLY E 152 35.17 27.12 11.47
C GLY E 152 35.26 28.31 12.38
N ILE E 153 35.61 29.48 11.82
CA ILE E 153 35.73 30.70 12.60
C ILE E 153 34.50 31.59 12.48
N MET E 154 33.40 31.05 11.97
CA MET E 154 32.18 31.81 11.77
C MET E 154 31.08 31.23 12.65
N SER E 155 30.25 32.10 13.22
CA SER E 155 29.16 31.66 14.08
C SER E 155 28.01 32.65 14.01
N LYS E 156 26.79 32.12 14.12
CA LYS E 156 25.62 32.98 14.21
C LYS E 156 25.55 33.69 15.55
N ASN E 157 26.06 33.05 16.61
CA ASN E 157 26.09 33.69 17.91
C ASN E 157 27.07 34.86 17.94
N GLY E 158 28.18 34.76 17.21
CA GLY E 158 29.11 35.87 17.07
C GLY E 158 30.53 35.59 17.52
N PHE E 159 30.85 34.40 18.01
CA PHE E 159 32.21 34.12 18.47
C PHE E 159 32.57 32.67 18.18
N ALA E 160 33.88 32.43 18.03
CA ALA E 160 34.40 31.10 17.80
C ALA E 160 35.81 31.03 18.37
N VAL E 161 36.28 29.81 18.61
CA VAL E 161 37.60 29.59 19.18
C VAL E 161 38.39 28.68 18.25
N LEU E 162 39.56 29.15 17.83
CA LEU E 162 40.48 28.38 17.01
C LEU E 162 41.65 27.94 17.86
N ALA E 163 41.87 26.63 17.93
CA ALA E 163 42.92 26.06 18.77
C ALA E 163 44.18 25.85 17.94
N ASP E 164 45.30 26.36 18.42
CA ASP E 164 46.60 26.22 17.75
C ASP E 164 47.27 24.94 18.28
N LYS E 165 46.93 23.83 17.64
CA LYS E 165 47.44 22.52 18.03
C LYS E 165 48.62 22.07 17.19
N GLY E 166 49.16 22.95 16.34
CA GLY E 166 50.22 22.57 15.44
C GLY E 166 51.58 22.42 16.10
N LYS E 167 52.64 22.52 15.31
CA LYS E 167 54.00 22.36 15.78
C LYS E 167 54.82 23.57 15.38
N VAL E 168 55.86 23.84 16.17
CA VAL E 168 56.64 25.07 16.01
C VAL E 168 57.36 25.04 14.67
N LEU E 169 57.39 26.19 13.99
CA LEU E 169 58.03 26.34 12.70
C LEU E 169 59.17 27.35 12.81
N THR E 170 60.28 27.09 12.12
CA THR E 170 61.42 27.97 12.16
C THR E 170 61.25 29.13 11.19
N GLU E 171 62.20 30.06 11.21
CA GLU E 171 62.17 31.21 10.32
C GLU E 171 62.48 30.85 8.88
N VAL E 172 62.97 29.64 8.61
CA VAL E 172 63.20 29.19 7.25
C VAL E 172 62.13 28.25 6.73
N GLY E 173 61.37 27.59 7.60
CA GLY E 173 60.35 26.68 7.17
C GLY E 173 60.59 25.24 7.60
N ASP E 174 61.24 25.05 8.74
CA ASP E 174 61.53 23.74 9.28
C ASP E 174 60.87 23.55 10.64
N ILE E 175 60.51 22.30 10.93
CA ILE E 175 59.91 21.97 12.21
C ILE E 175 60.93 22.12 13.32
N ALA E 176 60.52 22.74 14.43
CA ALA E 176 61.40 22.96 15.57
C ALA E 176 60.88 22.29 16.84
N GLY E 177 60.03 21.29 16.71
CA GLY E 177 59.54 20.55 17.86
C GLY E 177 58.34 21.19 18.53
N ASN E 178 57.99 20.63 19.68
CA ASN E 178 56.79 21.04 20.40
C ASN E 178 56.94 22.45 20.96
N SER E 179 55.79 23.12 21.13
CA SER E 179 55.76 24.47 21.66
C SER E 179 55.86 24.47 23.18
N VAL E 180 56.42 25.55 23.73
CA VAL E 180 56.52 25.68 25.18
C VAL E 180 55.15 25.89 25.81
N SER E 181 54.28 26.64 25.13
CA SER E 181 52.94 26.88 25.64
C SER E 181 52.15 25.58 25.70
N THR E 182 51.54 25.32 26.86
CA THR E 182 50.70 24.13 26.99
C THR E 182 49.49 24.21 26.07
N ILE E 183 48.77 25.33 26.13
CA ILE E 183 47.60 25.53 25.27
C ILE E 183 47.60 26.96 24.73
N ASP E 184 47.17 27.12 23.49
CA ASP E 184 47.08 28.40 22.81
C ASP E 184 45.75 28.48 22.08
N LEU E 185 45.05 29.59 22.24
CA LEU E 185 43.72 29.75 21.65
C LEU E 185 43.59 31.13 21.01
N TYR E 186 42.74 31.21 19.99
CA TYR E 186 42.42 32.46 19.33
C TYR E 186 40.90 32.62 19.32
N LEU E 187 40.42 33.62 20.05
CA LEU E 187 38.99 33.92 20.13
C LEU E 187 38.64 34.96 19.10
N PHE E 188 37.77 34.59 18.16
CA PHE E 188 37.23 35.49 17.15
C PHE E 188 35.86 35.94 17.61
N ALA E 189 35.67 37.25 17.74
CA ALA E 189 34.43 37.83 18.25
C ALA E 189 33.92 38.90 17.30
N TYR E 190 33.85 38.55 16.01
CA TYR E 190 33.49 39.50 14.97
C TYR E 190 31.99 39.63 14.78
N GLY E 191 31.18 38.89 15.54
CA GLY E 191 29.75 38.93 15.38
C GLY E 191 29.31 38.35 14.04
N ARG E 192 28.55 39.12 13.28
CA ARG E 192 28.08 38.70 11.96
C ARG E 192 28.76 39.46 10.83
N ASP E 193 29.99 39.93 11.05
CA ASP E 193 30.81 40.51 10.00
C ASP E 193 31.82 39.44 9.56
N TYR E 194 31.38 38.59 8.64
CA TYR E 194 32.16 37.44 8.25
C TYR E 194 33.32 37.81 7.33
N ARG E 195 33.13 38.82 6.48
CA ARG E 195 34.20 39.22 5.56
C ARG E 195 35.40 39.77 6.31
N GLN E 196 35.16 40.60 7.33
CA GLN E 196 36.26 41.11 8.14
C GLN E 196 36.97 40.00 8.89
N ALA E 197 36.19 39.03 9.40
CA ALA E 197 36.81 37.90 10.09
C ALA E 197 37.70 37.10 9.15
N LEU E 198 37.25 36.88 7.92
CA LEU E 198 38.08 36.16 6.95
C LEU E 198 39.34 36.96 6.60
N LYS E 199 39.20 38.28 6.44
CA LYS E 199 40.37 39.11 6.15
C LYS E 199 41.39 39.04 7.28
N ASP E 200 40.92 39.08 8.52
CA ASP E 200 41.86 39.03 9.65
C ASP E 200 42.45 37.63 9.81
N PHE E 201 41.69 36.59 9.48
CA PHE E 201 42.26 35.25 9.46
C PHE E 201 43.38 35.14 8.43
N TYR E 202 43.17 35.73 7.25
CA TYR E 202 44.21 35.72 6.23
C TYR E 202 45.42 36.56 6.66
N GLN E 203 45.17 37.65 7.38
CA GLN E 203 46.28 38.41 7.94
C GLN E 203 47.07 37.60 8.96
N LEU E 204 46.37 36.80 9.77
CA LEU E 204 47.02 36.03 10.81
C LEU E 204 47.82 34.87 10.24
N THR E 205 47.26 34.15 9.26
CA THR E 205 47.88 32.93 8.76
C THR E 205 48.48 33.06 7.37
N GLY E 206 48.39 34.23 6.75
CA GLY E 206 48.97 34.42 5.43
C GLY E 206 47.96 34.32 4.30
N ASN E 207 48.04 35.26 3.35
CA ASN E 207 47.11 35.27 2.23
C ASN E 207 47.34 34.08 1.31
N THR E 208 46.31 33.74 0.55
CA THR E 208 46.42 32.70 -0.45
C THR E 208 47.23 33.22 -1.64
N PRO E 209 48.21 32.47 -2.14
CA PRO E 209 48.98 32.92 -3.31
C PRO E 209 48.14 32.86 -4.58
N LYS E 210 48.58 33.62 -5.57
CA LYS E 210 47.89 33.67 -6.85
C LYS E 210 47.97 32.32 -7.55
N LEU E 211 46.95 32.03 -8.33
CA LEU E 211 46.93 30.85 -9.18
C LEU E 211 47.22 31.24 -10.62
N PRO E 212 47.85 30.35 -11.39
CA PRO E 212 48.09 30.66 -12.80
C PRO E 212 46.80 30.59 -13.61
N ARG E 213 46.83 31.24 -14.78
CA ARG E 213 45.64 31.33 -15.60
C ARG E 213 45.20 29.97 -16.11
N PHE E 214 46.15 29.11 -16.52
CA PHE E 214 45.80 27.82 -17.08
C PHE E 214 45.05 26.93 -16.09
N ALA E 215 45.21 27.18 -14.79
CA ALA E 215 44.50 26.40 -13.78
C ALA E 215 43.00 26.69 -13.77
N LEU E 216 42.55 27.76 -14.43
CA LEU E 216 41.15 28.14 -14.42
C LEU E 216 40.36 27.62 -15.61
N GLY E 217 40.98 26.80 -16.46
CA GLY E 217 40.30 26.19 -17.58
C GLY E 217 39.73 24.84 -17.24
N ASN E 218 39.60 24.00 -18.26
CA ASN E 218 39.09 22.64 -18.11
C ASN E 218 40.25 21.67 -17.98
N TRP E 219 40.19 20.80 -16.97
CA TRP E 219 41.17 19.75 -16.78
C TRP E 219 40.59 18.43 -17.24
N TRP E 220 41.41 17.64 -17.94
CA TRP E 220 41.03 16.30 -18.37
C TRP E 220 41.87 15.27 -17.61
N SER E 221 41.22 14.26 -17.06
CA SER E 221 41.94 13.20 -16.36
C SER E 221 41.21 11.89 -16.51
N ARG E 222 41.92 10.86 -16.98
CA ARG E 222 41.37 9.52 -17.04
C ARG E 222 42.43 8.52 -16.62
N TYR E 223 42.04 7.59 -15.73
CA TYR E 223 42.92 6.50 -15.30
C TYR E 223 42.83 5.39 -16.34
N TYR E 224 43.64 5.54 -17.39
CA TYR E 224 43.62 4.65 -18.53
C TYR E 224 45.04 4.41 -19.00
N ASP E 225 45.25 3.29 -19.70
CA ASP E 225 46.55 2.95 -20.26
C ASP E 225 46.69 3.61 -21.63
N TYR E 226 46.96 4.91 -21.58
CA TYR E 226 47.08 5.70 -22.80
C TYR E 226 48.43 5.49 -23.47
N SER E 227 48.40 5.44 -24.80
CA SER E 227 49.61 5.52 -25.61
C SER E 227 49.75 6.94 -26.14
N ASP E 228 50.98 7.30 -26.52
CA ASP E 228 51.24 8.66 -26.97
C ASP E 228 50.39 9.02 -28.18
N LYS E 229 50.35 8.13 -29.18
CA LYS E 229 49.56 8.40 -30.36
C LYS E 229 48.07 8.41 -30.05
N SER E 230 47.62 7.52 -29.16
CA SER E 230 46.21 7.51 -28.78
C SER E 230 45.84 8.76 -28.00
N TYR E 231 46.73 9.23 -27.12
CA TYR E 231 46.48 10.46 -26.39
C TYR E 231 46.41 11.66 -27.34
N LEU E 232 47.33 11.72 -28.30
CA LEU E 232 47.29 12.81 -29.29
C LEU E 232 46.02 12.75 -30.12
N ALA E 233 45.58 11.53 -30.48
CA ALA E 233 44.33 11.39 -31.23
C ALA E 233 43.15 11.86 -30.40
N LEU E 234 43.13 11.56 -29.10
CA LEU E 234 42.05 12.03 -28.24
C LEU E 234 42.05 13.55 -28.15
N MET E 235 43.23 14.16 -28.03
CA MET E 235 43.30 15.62 -27.99
C MET E 235 42.81 16.24 -29.29
N ASP E 236 43.18 15.64 -30.43
CA ASP E 236 42.72 16.15 -31.72
C ASP E 236 41.21 15.96 -31.87
N LYS E 237 40.66 14.88 -31.32
CA LYS E 237 39.21 14.70 -31.31
C LYS E 237 38.52 15.76 -30.48
N PHE E 238 39.11 16.10 -29.33
CA PHE E 238 38.57 17.19 -28.52
C PHE E 238 38.59 18.51 -29.29
N THR E 239 39.69 18.78 -29.99
CA THR E 239 39.77 20.00 -30.80
C THR E 239 38.73 20.00 -31.91
N ASP E 240 38.52 18.85 -32.55
CA ASP E 240 37.57 18.76 -33.65
C ASP E 240 36.14 19.01 -33.17
N LYS E 241 35.80 18.53 -31.98
CA LYS E 241 34.48 18.69 -31.41
C LYS E 241 34.27 20.05 -30.75
N LYS E 242 35.25 20.95 -30.87
CA LYS E 242 35.12 22.33 -30.40
C LYS E 242 35.04 22.39 -28.87
N VAL E 243 35.90 21.65 -28.20
CA VAL E 243 35.96 21.62 -26.73
C VAL E 243 37.33 22.13 -26.31
N PRO E 244 37.43 23.28 -25.65
CA PRO E 244 38.73 23.76 -25.20
C PRO E 244 39.19 23.06 -23.93
N LEU E 245 40.51 22.90 -23.82
CA LEU E 245 41.13 22.29 -22.66
C LEU E 245 42.37 23.09 -22.28
N SER E 246 42.71 23.06 -21.01
CA SER E 246 43.87 23.80 -20.50
C SER E 246 44.95 22.92 -19.88
N VAL E 247 44.56 21.84 -19.22
CA VAL E 247 45.50 20.99 -18.50
C VAL E 247 45.26 19.54 -18.90
N SER E 248 46.34 18.82 -19.20
CA SER E 248 46.30 17.39 -19.45
C SER E 248 46.88 16.67 -18.24
N VAL E 249 46.12 15.75 -17.67
CA VAL E 249 46.54 14.99 -16.50
C VAL E 249 46.76 13.54 -16.91
N ILE E 250 47.98 13.06 -16.72
CA ILE E 250 48.36 11.68 -17.04
C ILE E 250 48.53 10.93 -15.74
N ASP E 251 47.78 9.84 -15.58
CA ASP E 251 47.72 9.11 -14.32
C ASP E 251 48.94 8.20 -14.20
N MET E 252 48.90 7.29 -13.23
CA MET E 252 50.09 6.53 -12.83
C MET E 252 50.57 5.57 -13.90
N ASP E 253 49.78 5.32 -14.94
CA ASP E 253 50.22 4.40 -15.99
C ASP E 253 51.30 5.01 -16.88
N TRP E 254 51.71 6.25 -16.63
CA TRP E 254 52.83 6.83 -17.38
C TRP E 254 54.15 6.13 -17.08
N HIS E 255 54.28 5.48 -15.94
CA HIS E 255 55.50 4.79 -15.56
C HIS E 255 55.29 3.28 -15.61
N LYS E 256 56.33 2.53 -15.26
CA LYS E 256 56.31 1.09 -15.31
C LYS E 256 55.47 0.54 -14.17
N VAL E 257 54.51 -0.33 -14.48
CA VAL E 257 53.63 -0.93 -13.50
C VAL E 257 53.80 -2.44 -13.45
N SER E 258 53.61 -3.11 -14.58
CA SER E 258 53.68 -4.57 -14.65
C SER E 258 55.06 -5.09 -15.03
N GLU E 259 56.03 -4.21 -15.27
CA GLU E 259 57.38 -4.61 -15.62
C GLU E 259 58.33 -4.58 -14.43
N VAL E 260 57.81 -4.28 -13.24
CA VAL E 260 58.63 -4.31 -12.02
C VAL E 260 59.05 -5.75 -11.74
N PRO E 261 60.29 -6.00 -11.32
CA PRO E 261 60.70 -7.37 -11.01
C PRO E 261 59.97 -7.91 -9.79
N SER E 262 59.99 -9.24 -9.65
CA SER E 262 59.19 -9.91 -8.63
C SER E 262 59.59 -9.49 -7.22
N ARG E 263 60.88 -9.15 -7.02
CA ARG E 263 61.36 -8.79 -5.70
C ARG E 263 60.60 -7.60 -5.13
N PHE E 264 60.53 -6.52 -5.91
CA PHE E 264 59.88 -5.31 -5.45
C PHE E 264 58.36 -5.48 -5.41
N GLY E 265 57.72 -4.73 -4.53
CA GLY E 265 56.30 -4.91 -4.28
C GLY E 265 55.40 -4.10 -5.19
N SER E 266 54.56 -3.24 -4.60
CA SER E 266 53.62 -2.44 -5.36
C SER E 266 54.34 -1.53 -6.35
N GLY E 267 53.98 -1.64 -7.62
CA GLY E 267 54.59 -0.83 -8.66
C GLY E 267 53.93 0.53 -8.80
N TRP E 268 53.11 0.91 -7.82
CA TRP E 268 52.47 2.21 -7.85
C TRP E 268 53.49 3.34 -7.89
N THR E 269 54.55 3.23 -7.09
CA THR E 269 55.63 4.19 -7.14
C THR E 269 56.45 3.99 -8.41
N GLY E 270 56.72 5.08 -9.11
CA GLY E 270 57.51 5.00 -10.34
C GLY E 270 58.05 6.34 -10.78
N TYR E 271 59.29 6.33 -11.29
CA TYR E 271 59.91 7.52 -11.86
C TYR E 271 60.59 7.22 -13.18
N SER E 272 60.24 6.09 -13.81
CA SER E 272 60.82 5.68 -15.08
C SER E 272 59.73 5.64 -16.14
N TRP E 273 60.00 6.25 -17.29
CA TRP E 273 59.02 6.27 -18.36
C TRP E 273 58.78 4.88 -18.92
N ASN E 274 57.52 4.59 -19.25
CA ASN E 274 57.16 3.34 -19.89
C ASN E 274 57.46 3.48 -21.39
N LYS E 275 58.58 2.89 -21.82
CA LYS E 275 59.02 3.09 -23.20
C LYS E 275 58.15 2.32 -24.19
N LYS E 276 57.47 1.27 -23.72
CA LYS E 276 56.54 0.56 -24.59
C LYS E 276 55.39 1.45 -25.02
N LEU E 277 54.86 2.25 -24.10
CA LEU E 277 53.77 3.17 -24.39
C LEU E 277 54.26 4.55 -24.83
N PHE E 278 55.41 4.98 -24.32
CA PHE E 278 55.96 6.31 -24.62
C PHE E 278 57.39 6.15 -25.13
N PRO E 279 57.55 5.81 -26.42
CA PRO E 279 58.91 5.66 -26.96
C PRO E 279 59.75 6.93 -26.86
N ASN E 280 59.15 8.10 -27.06
CA ASN E 280 59.86 9.38 -27.02
C ASN E 280 59.11 10.35 -26.13
N PRO E 281 59.30 10.27 -24.81
CA PRO E 281 58.57 11.18 -23.92
C PRO E 281 58.82 12.65 -24.21
N GLU E 282 60.04 13.01 -24.59
CA GLU E 282 60.36 14.40 -24.90
C GLU E 282 59.49 14.91 -26.04
N ASN E 283 59.37 14.12 -27.12
CA ASN E 283 58.59 14.55 -28.27
C ASN E 283 57.11 14.57 -27.93
N PHE E 284 56.66 13.66 -27.07
CA PHE E 284 55.26 13.68 -26.64
C PHE E 284 54.93 14.95 -25.88
N ILE E 285 55.79 15.34 -24.93
CA ILE E 285 55.55 16.58 -24.19
C ILE E 285 55.67 17.78 -25.11
N ASP E 286 56.57 17.71 -26.10
CA ASP E 286 56.69 18.81 -27.05
C ASP E 286 55.42 18.97 -27.88
N GLU E 287 54.82 17.84 -28.31
CA GLU E 287 53.56 17.90 -29.03
C GLU E 287 52.44 18.46 -28.15
N LEU E 288 52.39 18.03 -26.89
CA LEU E 288 51.38 18.53 -25.97
C LEU E 288 51.52 20.04 -25.77
N HIS E 289 52.74 20.53 -25.65
CA HIS E 289 52.95 21.98 -25.55
C HIS E 289 52.66 22.68 -26.88
N GLN E 290 52.87 21.99 -28.00
CA GLN E 290 52.51 22.55 -29.30
C GLN E 290 51.01 22.75 -29.42
N ARG E 291 50.22 21.87 -28.80
CA ARG E 291 48.78 22.09 -28.68
C ARG E 291 48.42 23.04 -27.54
N LYS E 292 49.42 23.62 -26.88
CA LYS E 292 49.22 24.56 -25.78
C LYS E 292 48.42 23.91 -24.65
N LEU E 293 49.04 22.90 -24.05
CA LEU E 293 48.48 22.21 -22.89
C LEU E 293 49.54 22.15 -21.81
N LYS E 294 49.13 22.25 -20.55
CA LYS E 294 50.04 22.07 -19.44
C LYS E 294 49.93 20.64 -18.94
N VAL E 295 51.08 20.02 -18.69
CA VAL E 295 51.16 18.58 -18.45
C VAL E 295 51.50 18.34 -16.97
N THR E 296 50.81 17.39 -16.36
CA THR E 296 51.11 16.97 -15.01
C THR E 296 51.09 15.45 -14.95
N LEU E 297 51.83 14.89 -13.99
CA LEU E 297 51.95 13.46 -13.82
C LEU E 297 51.59 13.07 -12.39
N ASN E 298 51.06 11.86 -12.24
CA ASN E 298 50.73 11.34 -10.93
C ASN E 298 52.00 10.80 -10.27
N ASP E 299 52.16 11.09 -8.99
CA ASP E 299 53.33 10.66 -8.23
C ASP E 299 52.88 9.90 -6.98
N HIS E 300 53.58 8.80 -6.69
CA HIS E 300 53.27 7.95 -5.54
C HIS E 300 54.56 7.73 -4.75
N PRO E 301 54.93 8.67 -3.89
CA PRO E 301 56.21 8.59 -3.18
C PRO E 301 56.22 7.62 -2.01
N ALA E 302 55.10 6.97 -1.70
CA ALA E 302 54.99 6.21 -0.45
C ALA E 302 56.02 5.10 -0.35
N ASP E 303 56.23 4.35 -1.44
CA ASP E 303 57.15 3.22 -1.39
C ASP E 303 58.60 3.69 -1.29
N GLY E 304 59.07 4.44 -2.28
CA GLY E 304 60.40 4.99 -2.27
C GLY E 304 61.13 4.72 -3.57
N ILE E 305 62.37 5.21 -3.62
CA ILE E 305 63.20 5.10 -4.82
C ILE E 305 63.88 3.73 -4.81
N ARG E 306 63.35 2.80 -5.59
CA ARG E 306 63.88 1.45 -5.64
C ARG E 306 65.07 1.37 -6.60
N ALA E 307 65.76 0.23 -6.59
CA ALA E 307 66.98 0.08 -7.38
C ALA E 307 66.72 -0.03 -8.88
N PHE E 308 65.50 -0.41 -9.28
CA PHE E 308 65.20 -0.59 -10.69
C PHE E 308 64.90 0.72 -11.41
N GLU E 309 64.75 1.83 -10.68
CA GLU E 309 64.49 3.11 -11.31
C GLU E 309 65.66 3.52 -12.20
N ASP E 310 65.35 4.18 -13.31
CA ASP E 310 66.40 4.73 -14.16
C ASP E 310 67.25 5.77 -13.45
N PRO E 311 66.71 6.75 -12.70
CA PRO E 311 67.56 7.68 -11.96
C PRO E 311 68.09 7.15 -10.65
N TYR E 312 67.89 5.88 -10.34
CA TYR E 312 68.35 5.35 -9.06
C TYR E 312 69.85 5.47 -8.83
N PRO E 313 70.73 5.18 -9.81
CA PRO E 313 72.18 5.31 -9.52
C PRO E 313 72.58 6.68 -8.99
N GLN E 314 72.07 7.76 -9.58
CA GLN E 314 72.46 9.11 -9.16
C GLN E 314 72.13 9.32 -7.69
N VAL E 315 70.90 9.00 -7.29
CA VAL E 315 70.51 9.13 -5.89
C VAL E 315 71.41 8.28 -5.01
N ALA E 316 71.84 7.12 -5.51
CA ALA E 316 72.73 6.26 -4.72
C ALA E 316 74.03 6.96 -4.41
N GLN E 317 74.50 7.83 -5.31
CA GLN E 317 75.74 8.56 -5.05
C GLN E 317 75.54 9.68 -4.05
N THR E 318 74.29 10.10 -3.83
CA THR E 318 74.05 11.26 -2.96
C THR E 318 73.72 10.83 -1.54
N LEU E 319 72.78 9.90 -1.37
CA LEU E 319 72.31 9.55 -0.03
C LEU E 319 73.20 8.49 0.62
N ASP E 320 73.25 7.30 0.02
CA ASP E 320 74.06 6.22 0.56
C ASP E 320 74.20 5.10 -0.47
N LEU E 321 75.44 4.72 -0.78
CA LEU E 321 75.66 3.59 -1.65
C LEU E 321 75.26 2.29 -0.94
N ASN E 322 74.73 1.35 -1.72
CA ASN E 322 74.41 0.04 -1.17
C ASN E 322 75.67 -0.65 -0.64
N THR E 323 75.55 -1.27 0.53
CA THR E 323 76.71 -1.86 1.19
C THR E 323 77.30 -2.98 0.35
N GLU E 324 76.55 -4.07 0.17
CA GLU E 324 76.95 -5.14 -0.73
C GLU E 324 75.97 -5.28 -1.90
N LEU E 325 74.69 -5.53 -1.63
CA LEU E 325 73.66 -5.59 -2.65
C LEU E 325 72.33 -5.22 -2.00
N GLU E 326 71.96 -3.94 -2.10
CA GLU E 326 70.73 -3.43 -1.52
C GLU E 326 70.19 -2.31 -2.38
N GLU E 327 69.23 -1.57 -1.83
CA GLU E 327 68.54 -0.49 -2.52
C GLU E 327 68.40 0.71 -1.57
N ALA E 328 67.78 1.78 -2.06
CA ALA E 328 67.74 3.05 -1.33
C ALA E 328 66.35 3.69 -1.40
N ALA E 329 65.30 2.90 -1.12
CA ALA E 329 63.94 3.45 -1.05
C ALA E 329 63.67 4.05 0.33
N LYS E 330 64.49 5.04 0.68
CA LYS E 330 64.41 5.67 1.99
C LYS E 330 63.56 6.95 1.89
N PHE E 331 62.24 6.74 1.77
CA PHE E 331 61.29 7.84 1.70
C PHE E 331 61.08 8.38 3.12
N ASP E 332 61.99 9.26 3.53
CA ASP E 332 61.91 9.97 4.80
C ASP E 332 62.05 11.45 4.48
N PHE E 333 60.92 12.14 4.33
CA PHE E 333 60.90 13.51 3.85
C PHE E 333 61.31 14.52 4.92
N ASP E 334 61.91 14.06 6.01
CA ASP E 334 62.46 14.94 7.03
C ASP E 334 63.90 15.34 6.74
N ASN E 335 64.68 14.44 6.13
CA ASN E 335 66.09 14.70 5.91
C ASN E 335 66.29 15.75 4.82
N LEU E 336 67.21 16.68 5.06
CA LEU E 336 67.53 17.70 4.07
C LEU E 336 68.13 17.08 2.81
N LYS E 337 69.03 16.12 2.98
CA LYS E 337 69.72 15.54 1.83
C LYS E 337 68.76 14.73 0.95
N PHE E 338 67.84 13.98 1.56
CA PHE E 338 66.86 13.25 0.78
C PHE E 338 65.98 14.20 -0.02
N ARG E 339 65.54 15.29 0.61
CA ARG E 339 64.71 16.26 -0.10
C ARG E 339 65.47 16.89 -1.26
N LYS E 340 66.75 17.21 -1.05
CA LYS E 340 67.55 17.78 -2.13
C LYS E 340 67.70 16.79 -3.28
N ALA E 341 68.00 15.52 -2.98
CA ALA E 341 68.16 14.52 -4.03
C ALA E 341 66.85 14.28 -4.77
N TYR E 342 65.74 14.27 -4.03
CA TYR E 342 64.44 14.00 -4.65
C TYR E 342 63.97 15.17 -5.49
N PHE E 343 64.34 16.40 -5.12
CA PHE E 343 63.97 17.59 -5.87
C PHE E 343 64.96 17.95 -6.97
N GLU E 344 66.13 17.31 -7.01
CA GLU E 344 67.14 17.64 -8.01
C GLU E 344 67.42 16.50 -8.99
N GLU E 345 67.36 15.25 -8.52
CA GLU E 345 67.75 14.12 -9.37
C GLU E 345 66.58 13.22 -9.75
N VAL E 346 65.47 13.27 -9.02
CA VAL E 346 64.32 12.44 -9.34
C VAL E 346 63.35 13.25 -10.21
N HIS E 347 62.84 14.35 -9.65
CA HIS E 347 61.94 15.24 -10.39
C HIS E 347 62.67 16.08 -11.43
N GLY E 348 63.99 16.24 -11.29
CA GLY E 348 64.75 17.13 -12.13
C GLY E 348 64.71 16.79 -13.62
N PRO E 349 65.15 15.59 -14.00
CA PRO E 349 65.08 15.20 -15.41
C PRO E 349 63.68 15.21 -15.98
N LEU E 350 62.68 14.81 -15.20
CA LEU E 350 61.30 14.83 -15.69
C LEU E 350 60.82 16.25 -15.95
N GLU E 351 61.13 17.18 -15.05
CA GLU E 351 60.78 18.57 -15.28
C GLU E 351 61.60 19.16 -16.43
N LYS E 352 62.78 18.62 -16.68
CA LYS E 352 63.53 19.03 -17.86
C LYS E 352 62.88 18.53 -19.15
N GLU E 353 62.25 17.36 -19.10
CA GLU E 353 61.48 16.89 -20.25
C GLU E 353 60.30 17.80 -20.56
N GLY E 354 59.79 18.51 -19.56
CA GLY E 354 58.74 19.49 -19.80
C GLY E 354 57.52 19.39 -18.91
N VAL E 355 57.61 18.58 -17.84
CA VAL E 355 56.50 18.46 -16.91
C VAL E 355 56.37 19.76 -16.12
N ASP E 356 55.15 20.30 -16.06
CA ASP E 356 54.93 21.61 -15.45
C ASP E 356 54.78 21.50 -13.93
N PHE E 357 53.79 20.74 -13.47
CA PHE E 357 53.54 20.59 -12.05
C PHE E 357 53.23 19.13 -11.74
N TRP E 358 53.19 18.81 -10.45
CA TRP E 358 53.14 17.42 -9.98
C TRP E 358 51.85 17.16 -9.21
N TRP E 359 51.27 15.99 -9.45
CA TRP E 359 50.08 15.54 -8.75
C TRP E 359 50.53 14.55 -7.68
N ILE E 360 50.46 14.96 -6.43
CA ILE E 360 50.91 14.15 -5.30
C ILE E 360 49.71 13.37 -4.79
N ASP E 361 49.68 12.07 -5.08
CA ASP E 361 48.60 11.19 -4.64
C ASP E 361 49.11 10.34 -3.49
N TRP E 362 49.02 10.87 -2.27
CA TRP E 362 49.47 10.19 -1.07
C TRP E 362 48.23 9.68 -0.32
N GLN E 363 47.88 8.43 -0.58
CA GLN E 363 46.70 7.82 0.05
C GLN E 363 47.16 6.95 1.24
N GLN E 364 47.47 7.65 2.33
CA GLN E 364 47.98 7.01 3.54
C GLN E 364 47.28 7.57 4.76
N GLY E 365 47.27 6.78 5.84
CA GLY E 365 46.58 7.15 7.06
C GLY E 365 47.44 7.86 8.08
N ALA E 366 48.16 8.90 7.64
CA ALA E 366 48.92 9.79 8.53
C ALA E 366 49.94 9.01 9.36
N ILE E 367 50.92 8.44 8.67
CA ILE E 367 51.98 7.66 9.34
C ILE E 367 53.08 8.66 9.69
N SER E 368 52.91 9.30 10.85
CA SER E 368 53.86 10.32 11.29
C SER E 368 55.04 9.67 12.00
N LYS E 369 56.25 10.10 11.62
CA LYS E 369 57.48 9.56 12.20
C LYS E 369 58.08 10.46 13.26
N SER E 370 58.04 11.79 13.07
CA SER E 370 58.56 12.75 14.04
C SER E 370 57.44 13.56 14.68
N GLY E 371 56.24 13.02 14.70
CA GLY E 371 55.10 13.73 15.24
C GLY E 371 54.46 14.73 14.31
N VAL E 372 54.94 14.82 13.07
CA VAL E 372 54.40 15.74 12.07
C VAL E 372 53.80 14.92 10.95
N ASP E 373 52.63 15.34 10.48
CA ASP E 373 51.97 14.65 9.38
C ASP E 373 52.80 14.78 8.12
N PRO E 374 53.18 13.66 7.47
CA PRO E 374 54.03 13.76 6.27
C PRO E 374 53.38 14.50 5.12
N LEU E 375 52.05 14.49 5.03
CA LEU E 375 51.37 15.20 3.94
C LEU E 375 51.61 16.69 4.02
N TRP E 376 51.61 17.26 5.24
CA TRP E 376 51.88 18.68 5.39
C TRP E 376 53.28 19.04 4.91
N LEU E 377 54.27 18.23 5.27
CA LEU E 377 55.64 18.49 4.82
C LEU E 377 55.76 18.36 3.31
N LEU E 378 55.12 17.32 2.75
CA LEU E 378 55.11 17.17 1.29
C LEU E 378 54.53 18.40 0.62
N ASN E 379 53.35 18.85 1.07
CA ASN E 379 52.72 20.01 0.46
C ASN E 379 53.61 21.24 0.56
N HIS E 380 54.13 21.51 1.76
CA HIS E 380 54.95 22.71 1.98
C HIS E 380 56.17 22.71 1.07
N TYR E 381 56.95 21.62 1.10
CA TYR E 381 58.22 21.63 0.38
C TYR E 381 58.00 21.49 -1.13
N GLN E 382 56.99 20.72 -1.55
CA GLN E 382 56.69 20.61 -2.97
C GLN E 382 56.22 21.94 -3.54
N TYR E 383 55.38 22.67 -2.80
CA TYR E 383 54.93 23.97 -3.29
C TYR E 383 56.08 24.97 -3.31
N GLN E 384 56.97 24.90 -2.32
CA GLN E 384 58.14 25.78 -2.34
C GLN E 384 59.04 25.46 -3.54
N ASN E 385 59.17 24.17 -3.88
CA ASN E 385 60.00 23.76 -5.00
C ASN E 385 59.38 24.10 -6.36
N ALA E 386 58.06 24.01 -6.48
CA ALA E 386 57.42 24.19 -7.78
C ALA E 386 57.54 25.61 -8.32
N GLN E 387 57.95 26.58 -7.49
CA GLN E 387 57.98 27.96 -7.93
C GLN E 387 59.08 28.26 -8.93
N LYS E 388 60.11 27.41 -9.01
CA LYS E 388 61.17 27.66 -9.98
C LYS E 388 60.75 27.30 -11.39
N LYS E 389 59.90 26.28 -11.55
CA LYS E 389 59.49 25.86 -12.88
C LYS E 389 58.67 26.94 -13.57
N HIS E 390 57.66 27.48 -12.90
CA HIS E 390 56.82 28.53 -13.44
C HIS E 390 56.55 29.58 -12.36
N LYS E 391 56.19 30.78 -12.81
CA LYS E 391 55.81 31.83 -11.89
C LYS E 391 54.40 31.55 -11.34
N ASN E 392 54.30 31.48 -10.01
CA ASN E 392 53.05 31.17 -9.33
C ASN E 392 52.50 29.81 -9.77
N ASN E 393 53.30 28.78 -9.52
CA ASN E 393 52.91 27.42 -9.87
C ASN E 393 51.98 26.84 -8.79
N ILE E 394 51.43 25.66 -9.09
CA ILE E 394 50.50 24.99 -8.21
C ILE E 394 50.87 23.52 -8.11
N ILE E 395 50.20 22.82 -7.20
CA ILE E 395 50.32 21.38 -7.03
C ILE E 395 48.91 20.81 -6.84
N LEU E 396 48.81 19.49 -6.96
CA LEU E 396 47.63 18.75 -6.56
C LEU E 396 47.96 17.92 -5.34
N SER E 397 47.23 18.14 -4.26
CA SER E 397 47.45 17.42 -3.00
C SER E 397 46.15 17.44 -2.21
N ARG E 398 46.23 17.07 -0.94
CA ARG E 398 45.04 16.99 -0.09
C ARG E 398 45.11 18.00 1.04
N TYR E 399 43.96 18.24 1.65
CA TYR E 399 43.85 19.17 2.77
C TYR E 399 44.58 18.62 3.99
N ALA E 400 45.22 19.53 4.74
CA ALA E 400 46.01 19.15 5.92
C ALA E 400 45.77 20.12 7.07
N GLY E 401 44.51 20.47 7.30
CA GLY E 401 44.16 21.31 8.42
C GLY E 401 44.38 22.79 8.15
N PRO E 402 44.03 23.63 9.11
CA PRO E 402 44.27 25.07 8.95
C PRO E 402 45.72 25.36 8.58
N GLY E 403 45.90 26.35 7.71
CA GLY E 403 47.20 26.69 7.19
C GLY E 403 47.56 26.01 5.89
N SER E 404 46.72 25.09 5.40
CA SER E 404 46.94 24.46 4.11
C SER E 404 46.53 25.34 2.93
N HIS E 405 45.80 26.43 3.18
CA HIS E 405 45.36 27.30 2.11
C HIS E 405 46.52 28.02 1.44
N ARG E 406 47.72 27.99 2.02
CA ARG E 406 48.88 28.62 1.43
C ARG E 406 49.50 27.79 0.31
N TYR E 407 49.07 26.55 0.13
CA TYR E 407 49.65 25.63 -0.85
C TYR E 407 48.56 25.04 -1.73
N PRO E 408 48.03 25.81 -2.68
CA PRO E 408 47.06 25.25 -3.63
C PRO E 408 47.76 24.35 -4.64
N LEU E 409 47.01 23.41 -5.21
CA LEU E 409 45.58 23.21 -4.93
C LEU E 409 45.34 21.96 -4.11
N GLY E 410 44.14 21.85 -3.53
CA GLY E 410 43.74 20.66 -2.83
C GLY E 410 42.50 20.04 -3.43
N PHE E 411 42.57 18.77 -3.80
CA PHE E 411 41.44 18.05 -4.36
C PHE E 411 40.85 17.09 -3.32
N SER E 412 39.65 16.62 -3.60
CA SER E 412 38.92 15.76 -2.67
C SER E 412 38.79 14.33 -3.20
N GLY E 413 38.17 14.15 -4.36
CA GLY E 413 37.92 12.83 -4.89
C GLY E 413 37.13 11.95 -3.93
N ASP E 414 37.07 10.67 -4.24
CA ASP E 414 36.57 9.62 -3.34
C ASP E 414 35.07 9.80 -3.13
N SER E 415 34.44 10.63 -3.97
CA SER E 415 32.99 10.79 -3.90
C SER E 415 32.30 9.74 -4.77
N VAL E 416 31.11 9.31 -4.33
CA VAL E 416 30.34 8.33 -5.09
C VAL E 416 29.52 9.06 -6.16
N ILE E 417 29.16 8.35 -7.21
CA ILE E 417 28.44 8.94 -8.34
C ILE E 417 26.95 8.74 -8.08
N SER E 418 26.34 9.70 -7.39
CA SER E 418 24.94 9.61 -7.05
C SER E 418 24.38 11.01 -6.89
N TRP E 419 23.04 11.10 -6.89
CA TRP E 419 22.38 12.39 -6.75
C TRP E 419 22.64 13.00 -5.37
N ALA E 420 22.88 12.17 -4.36
CA ALA E 420 23.13 12.69 -3.02
C ALA E 420 24.44 13.46 -2.96
N SER E 421 25.48 12.97 -3.64
CA SER E 421 26.74 13.70 -3.68
C SER E 421 26.58 15.04 -4.36
N LEU E 422 25.83 15.09 -5.47
CA LEU E 422 25.55 16.36 -6.13
C LEU E 422 24.76 17.29 -5.23
N ASP E 423 23.83 16.75 -4.45
CA ASP E 423 23.08 17.58 -3.52
C ASP E 423 24.00 18.17 -2.46
N PHE E 424 24.97 17.39 -1.99
CA PHE E 424 25.84 17.85 -0.90
C PHE E 424 26.93 18.82 -1.37
N GLN E 425 27.42 18.66 -2.60
CA GLN E 425 28.67 19.34 -2.97
C GLN E 425 28.60 20.86 -2.95
N PRO E 426 27.59 21.54 -3.51
CA PRO E 426 27.60 23.01 -3.45
C PRO E 426 27.66 23.56 -2.04
N TYR E 427 26.96 22.93 -1.10
CA TYR E 427 27.01 23.37 0.29
C TYR E 427 28.41 23.21 0.86
N PHE E 428 29.06 22.09 0.60
CA PHE E 428 30.43 21.86 1.06
C PHE E 428 31.37 22.91 0.49
N THR E 429 31.28 23.17 -0.81
CA THR E 429 32.16 24.14 -1.44
C THR E 429 31.96 25.55 -0.88
N SER E 430 30.70 25.95 -0.70
CA SER E 430 30.45 27.30 -0.20
C SER E 430 30.83 27.44 1.28
N THR E 431 30.62 26.38 2.07
CA THR E 431 30.96 26.42 3.48
C THR E 431 32.47 26.34 3.71
N ALA E 432 33.22 25.84 2.72
CA ALA E 432 34.67 25.81 2.86
C ALA E 432 35.28 27.17 3.10
N SER E 433 34.62 28.26 2.67
CA SER E 433 35.16 29.60 2.86
C SER E 433 35.21 30.02 4.32
N ASN E 434 34.48 29.34 5.20
CA ASN E 434 34.46 29.70 6.61
C ASN E 434 35.77 29.36 7.33
N ILE E 435 36.68 28.63 6.68
CA ILE E 435 37.97 28.30 7.26
C ILE E 435 39.13 28.73 6.37
N GLY E 436 38.85 29.47 5.29
CA GLY E 436 39.89 30.01 4.45
C GLY E 436 40.32 29.14 3.28
N TYR E 437 39.67 28.01 3.06
CA TYR E 437 40.02 27.09 1.98
C TYR E 437 39.05 27.37 0.82
N THR E 438 39.53 28.13 -0.16
CA THR E 438 38.66 28.65 -1.22
C THR E 438 39.02 28.14 -2.61
N TRP E 439 39.83 27.09 -2.70
CA TRP E 439 40.26 26.56 -3.99
C TRP E 439 40.12 25.05 -4.04
N TRP E 440 38.95 24.55 -3.64
CA TRP E 440 38.67 23.13 -3.76
C TRP E 440 38.59 22.71 -5.22
N SER E 441 38.97 21.46 -5.49
CA SER E 441 38.92 20.88 -6.83
C SER E 441 38.24 19.51 -6.74
N HIS E 442 36.93 19.48 -6.96
CA HIS E 442 36.18 18.24 -6.87
C HIS E 442 36.36 17.41 -8.14
N ASP E 443 36.04 16.12 -8.02
CA ASP E 443 36.08 15.20 -9.15
C ASP E 443 34.81 15.38 -9.98
N ILE E 444 34.95 16.02 -11.14
CA ILE E 444 33.80 16.27 -12.00
C ILE E 444 33.43 14.97 -12.72
N GLY E 445 32.25 14.43 -12.39
CA GLY E 445 31.76 13.15 -12.85
C GLY E 445 31.60 12.12 -11.75
N GLY E 446 32.03 12.43 -10.53
CA GLY E 446 32.16 11.43 -9.49
C GLY E 446 33.49 10.71 -9.61
N HIS E 447 33.76 9.85 -8.62
CA HIS E 447 35.01 9.11 -8.61
C HIS E 447 34.80 7.62 -8.84
N MET E 448 34.05 6.94 -7.99
CA MET E 448 33.84 5.50 -8.10
C MET E 448 32.48 5.15 -7.51
N GLN E 449 32.12 3.87 -7.65
CA GLN E 449 30.82 3.36 -7.26
C GLN E 449 29.70 4.14 -7.95
N GLY E 450 28.48 4.03 -7.43
CA GLY E 450 27.36 4.77 -7.99
C GLY E 450 26.72 4.09 -9.18
N TYR E 451 25.74 4.80 -9.74
CA TYR E 451 24.94 4.30 -10.85
C TYR E 451 25.04 5.28 -12.02
N LYS E 452 24.71 4.79 -13.22
CA LYS E 452 24.76 5.63 -14.41
C LYS E 452 23.51 6.47 -14.54
N ASP E 453 23.70 7.74 -14.89
CA ASP E 453 22.60 8.63 -15.27
C ASP E 453 23.19 9.78 -16.06
N ALA E 454 22.80 9.90 -17.33
CA ALA E 454 23.33 10.98 -18.16
C ALA E 454 22.90 12.35 -17.64
N GLU E 455 21.67 12.44 -17.13
CA GLU E 455 21.20 13.70 -16.55
C GLU E 455 22.02 14.07 -15.33
N LEU E 456 22.39 13.09 -14.51
CA LEU E 456 23.23 13.35 -13.36
C LEU E 456 24.58 13.92 -13.79
N SER E 457 25.17 13.36 -14.85
CA SER E 457 26.44 13.88 -15.36
C SER E 457 26.27 15.31 -15.85
N LEU E 458 25.19 15.59 -16.58
CA LEU E 458 25.00 16.94 -17.13
C LEU E 458 24.82 17.95 -16.01
N ARG E 459 23.98 17.63 -15.02
CA ARG E 459 23.80 18.52 -13.88
C ARG E 459 25.09 18.70 -13.10
N TRP E 460 25.87 17.62 -12.94
CA TRP E 460 27.09 17.70 -12.17
C TRP E 460 28.07 18.65 -12.86
N LEU E 461 28.18 18.53 -14.19
CA LEU E 461 29.07 19.38 -14.96
C LEU E 461 28.60 20.83 -14.96
N GLN E 462 27.27 21.05 -15.01
CA GLN E 462 26.74 22.40 -14.91
C GLN E 462 27.16 23.04 -13.59
N PHE E 463 27.09 22.28 -12.49
CA PHE E 463 27.60 22.79 -11.22
C PHE E 463 29.11 23.03 -11.29
N GLY E 464 29.86 22.12 -11.90
CA GLY E 464 31.30 22.24 -11.93
C GLY E 464 31.81 23.44 -12.70
N VAL E 465 31.10 23.84 -13.77
CA VAL E 465 31.51 25.00 -14.55
C VAL E 465 31.51 26.25 -13.67
N PHE E 466 30.55 26.34 -12.74
CA PHE E 466 30.47 27.45 -11.80
C PHE E 466 31.06 27.10 -10.44
N SER E 467 32.12 26.31 -10.43
CA SER E 467 32.87 25.94 -9.24
C SER E 467 34.29 26.49 -9.34
N PRO E 468 35.06 26.48 -8.24
CA PRO E 468 36.42 27.02 -8.31
C PRO E 468 37.31 26.36 -9.35
N ILE E 469 37.25 25.04 -9.49
CA ILE E 469 38.10 24.30 -10.43
C ILE E 469 37.24 23.29 -11.17
N ASN E 470 37.37 23.27 -12.50
CA ASN E 470 36.63 22.35 -13.37
C ASN E 470 37.60 21.27 -13.86
N ARG E 471 37.51 20.08 -13.26
CA ARG E 471 38.41 18.97 -13.56
C ARG E 471 37.59 17.71 -13.80
N LEU E 472 37.41 17.33 -15.07
CA LEU E 472 36.70 16.11 -15.40
C LEU E 472 37.58 14.90 -15.16
N HIS E 473 37.04 13.90 -14.47
CA HIS E 473 37.80 12.72 -14.07
C HIS E 473 37.04 11.45 -14.43
N SER E 474 37.77 10.47 -14.96
CA SER E 474 37.24 9.16 -15.28
C SER E 474 38.17 8.08 -14.74
N SER E 475 37.60 6.93 -14.42
CA SER E 475 38.34 5.83 -13.83
C SER E 475 38.63 4.75 -14.87
N LYS E 476 39.20 3.63 -14.43
CA LYS E 476 39.53 2.51 -15.31
C LYS E 476 38.28 1.67 -15.54
N SER E 477 37.46 2.14 -16.49
CA SER E 477 36.24 1.45 -16.88
C SER E 477 35.76 2.05 -18.19
N GLU E 478 35.37 1.20 -19.12
CA GLU E 478 34.83 1.68 -20.39
C GLU E 478 33.42 2.22 -20.24
N PHE E 479 32.80 2.04 -19.08
CA PHE E 479 31.46 2.56 -18.81
C PHE E 479 31.45 3.90 -18.10
N THR E 480 32.62 4.40 -17.68
CA THR E 480 32.71 5.62 -16.90
C THR E 480 33.35 6.77 -17.68
N SER E 481 33.32 6.71 -19.00
CA SER E 481 33.89 7.79 -19.81
C SER E 481 33.03 9.05 -19.67
N LYS E 482 33.68 10.19 -19.52
CA LYS E 482 33.01 11.48 -19.41
C LYS E 482 33.07 12.28 -20.69
N GLU E 483 33.52 11.67 -21.79
CA GLU E 483 33.60 12.39 -23.06
C GLU E 483 32.20 12.80 -23.52
N PRO E 484 32.04 14.02 -24.04
CA PRO E 484 30.71 14.45 -24.48
C PRO E 484 30.09 13.57 -25.54
N TRP E 485 30.90 13.01 -26.46
CA TRP E 485 30.35 12.18 -27.52
C TRP E 485 29.95 10.80 -27.04
N HIS E 486 30.16 10.48 -25.76
CA HIS E 486 29.71 9.20 -25.22
C HIS E 486 28.22 9.18 -24.94
N PHE E 487 27.54 10.33 -25.02
CA PHE E 487 26.12 10.44 -24.76
C PHE E 487 25.37 10.71 -26.06
N ASP E 488 24.06 10.90 -25.96
CA ASP E 488 23.24 11.24 -27.12
C ASP E 488 23.44 12.70 -27.51
N ALA E 489 22.73 13.12 -28.55
CA ALA E 489 23.01 14.42 -29.17
C ALA E 489 22.72 15.58 -28.22
N VAL E 490 21.59 15.53 -27.52
CA VAL E 490 21.19 16.66 -26.67
C VAL E 490 22.17 16.84 -25.52
N ILE E 491 22.48 15.74 -24.82
CA ILE E 491 23.42 15.80 -23.70
C ILE E 491 24.79 16.25 -24.18
N GLU E 492 25.24 15.70 -25.31
CA GLU E 492 26.55 16.06 -25.85
C GLU E 492 26.64 17.53 -26.18
N GLN E 493 25.61 18.07 -26.84
CA GLN E 493 25.62 19.48 -27.20
C GLN E 493 25.60 20.36 -25.96
N SER E 494 24.80 19.99 -24.95
CA SER E 494 24.77 20.77 -23.71
C SER E 494 26.14 20.77 -23.02
N MET E 495 26.79 19.59 -22.95
CA MET E 495 28.11 19.52 -22.34
C MET E 495 29.11 20.38 -23.10
N ILE E 496 29.07 20.33 -24.44
CA ILE E 496 29.99 21.14 -25.24
C ILE E 496 29.77 22.62 -24.98
N ASP E 497 28.51 23.05 -24.93
CA ASP E 497 28.20 24.45 -24.69
C ASP E 497 28.72 24.90 -23.32
N PHE E 498 28.52 24.08 -22.29
CA PHE E 498 28.96 24.51 -20.96
C PHE E 498 30.48 24.48 -20.85
N LEU E 499 31.14 23.54 -21.53
CA LEU E 499 32.60 23.51 -21.54
C LEU E 499 33.16 24.74 -22.24
N GLN E 500 32.50 25.19 -23.30
CA GLN E 500 32.91 26.45 -23.94
C GLN E 500 32.66 27.64 -23.02
N LEU E 501 31.55 27.63 -22.28
CA LEU E 501 31.26 28.72 -21.36
C LEU E 501 32.30 28.82 -20.25
N ARG E 502 32.83 27.68 -19.80
CA ARG E 502 33.87 27.73 -18.77
C ARG E 502 35.08 28.52 -19.24
N HIS E 503 35.52 28.31 -20.48
CA HIS E 503 36.63 29.09 -21.03
C HIS E 503 36.23 30.52 -21.37
N GLN E 504 34.95 30.76 -21.66
CA GLN E 504 34.47 32.13 -21.79
C GLN E 504 34.58 32.89 -20.48
N LEU E 505 34.43 32.22 -19.34
CA LEU E 505 34.41 32.87 -18.04
C LEU E 505 35.80 33.05 -17.43
N ILE E 506 36.87 32.75 -18.17
CA ILE E 506 38.21 32.76 -17.59
C ILE E 506 38.65 34.13 -17.11
N PRO E 507 38.48 35.23 -17.88
CA PRO E 507 38.90 36.53 -17.35
C PRO E 507 38.23 36.92 -16.04
N TYR E 508 36.93 36.62 -15.90
CA TYR E 508 36.22 36.88 -14.66
C TYR E 508 36.84 36.09 -13.51
N LEU E 509 37.15 34.81 -13.74
CA LEU E 509 37.76 33.98 -12.72
C LEU E 509 39.14 34.48 -12.34
N TYR E 510 39.93 34.93 -13.31
CA TYR E 510 41.26 35.43 -13.02
C TYR E 510 41.22 36.73 -12.24
N SER E 511 40.27 37.61 -12.57
CA SER E 511 40.11 38.84 -11.79
C SER E 511 39.70 38.52 -10.36
N ALA E 512 38.79 37.56 -10.18
CA ALA E 512 38.42 37.14 -8.83
C ALA E 512 39.61 36.54 -8.10
N ASN E 513 40.46 35.79 -8.81
CA ASN E 513 41.68 35.25 -8.25
C ASN E 513 42.59 36.35 -7.71
N LEU E 514 42.81 37.38 -8.52
CA LEU E 514 43.67 38.48 -8.11
C LEU E 514 43.07 39.22 -6.91
N ILE E 515 41.75 39.41 -6.91
CA ILE E 515 41.10 40.05 -5.76
C ILE E 515 41.28 39.19 -4.50
N THR E 516 41.12 37.88 -4.62
CA THR E 516 41.28 36.99 -3.48
C THR E 516 42.71 37.04 -2.95
N ALA E 517 43.69 37.03 -3.84
CA ALA E 517 45.09 37.08 -3.40
C ALA E 517 45.45 38.44 -2.81
N SER E 518 44.77 39.51 -3.23
CA SER E 518 45.11 40.83 -2.73
C SER E 518 44.39 41.15 -1.43
N GLU E 519 43.05 41.12 -1.43
CA GLU E 519 42.27 41.52 -0.26
C GLU E 519 41.77 40.34 0.57
N GLY E 520 41.63 39.16 -0.01
CA GLY E 520 41.12 38.03 0.74
C GLY E 520 39.62 37.86 0.63
N ARG E 521 39.10 37.88 -0.60
CA ARG E 521 37.68 37.72 -0.87
C ARG E 521 37.47 36.39 -1.58
N ALA E 522 36.65 35.53 -0.98
CA ALA E 522 36.42 34.21 -1.55
C ALA E 522 35.65 34.31 -2.86
N LEU E 523 36.01 33.45 -3.82
CA LEU E 523 35.30 33.41 -5.09
C LEU E 523 33.87 32.92 -4.90
N VAL E 524 33.70 31.85 -4.14
CA VAL E 524 32.39 31.27 -3.85
C VAL E 524 32.04 31.62 -2.41
N GLU E 525 30.94 32.34 -2.23
CA GLU E 525 30.60 32.80 -0.89
C GLU E 525 29.18 32.39 -0.53
N PRO E 526 28.94 32.06 0.74
CA PRO E 526 27.57 31.81 1.20
C PRO E 526 26.73 33.08 1.14
N LEU E 527 25.41 32.89 1.09
CA LEU E 527 24.50 34.01 0.97
C LEU E 527 24.61 34.96 2.16
N TYR E 528 24.97 34.46 3.33
CA TYR E 528 24.99 35.30 4.52
C TYR E 528 26.27 36.11 4.66
N TYR E 529 27.20 35.99 3.72
CA TYR E 529 28.34 36.90 3.70
C TYR E 529 27.91 38.29 3.24
N GLU E 530 26.90 38.37 2.37
CA GLU E 530 26.39 39.63 1.86
C GLU E 530 25.11 40.08 2.54
N TYR E 531 24.32 39.14 3.06
CA TYR E 531 23.05 39.44 3.72
C TYR E 531 23.02 38.75 5.08
N PRO E 532 23.82 39.22 6.04
CA PRO E 532 23.91 38.52 7.33
C PRO E 532 22.73 38.77 8.25
N MET E 533 21.93 39.81 8.02
CA MET E 533 20.85 40.19 8.91
C MET E 533 19.52 39.54 8.55
N GLU E 534 19.49 38.68 7.54
CA GLU E 534 18.24 38.13 7.02
C GLU E 534 18.20 36.63 7.19
N GLU E 535 17.07 36.12 7.69
CA GLU E 535 16.96 34.71 8.04
C GLU E 535 17.03 33.81 6.81
N GLU E 536 16.42 34.23 5.70
CA GLU E 536 16.40 33.40 4.50
C GLU E 536 17.80 33.14 3.95
N ALA E 537 18.78 33.98 4.29
CA ALA E 537 20.15 33.72 3.86
C ALA E 537 20.77 32.52 4.55
N TYR E 538 20.13 32.00 5.60
CA TYR E 538 20.61 30.82 6.29
C TYR E 538 19.77 29.57 5.99
N GLN E 539 18.74 29.69 5.15
CA GLN E 539 17.83 28.60 4.88
C GLN E 539 18.00 28.02 3.48
N HIS E 540 19.02 28.43 2.73
CA HIS E 540 19.26 27.95 1.38
C HIS E 540 20.73 27.55 1.27
N ARG E 541 20.99 26.25 1.45
CA ARG E 541 22.36 25.78 1.59
C ARG E 541 23.10 25.78 0.25
N ASN E 542 22.43 25.38 -0.82
CA ASN E 542 23.08 25.19 -2.10
C ASN E 542 23.12 26.45 -2.96
N GLN E 543 22.64 27.57 -2.44
CA GLN E 543 22.69 28.85 -3.16
C GLN E 543 23.92 29.63 -2.70
N TYR E 544 24.64 30.22 -3.66
CA TYR E 544 25.84 30.95 -3.30
C TYR E 544 26.09 32.09 -4.28
N LEU E 545 27.09 32.90 -3.95
CA LEU E 545 27.53 33.99 -4.80
C LEU E 545 28.83 33.58 -5.49
N PHE E 546 28.85 33.68 -6.81
CA PHE E 546 30.00 33.30 -7.63
C PHE E 546 30.71 34.58 -8.06
N GLY E 547 31.79 34.91 -7.37
CA GLY E 547 32.41 36.20 -7.56
C GLY E 547 31.64 37.27 -6.82
N GLU E 548 31.46 38.44 -7.45
CA GLU E 548 30.74 39.55 -6.83
C GLU E 548 29.59 40.05 -7.70
N GLN E 549 29.30 39.37 -8.81
CA GLN E 549 28.25 39.82 -9.73
C GLN E 549 27.16 38.79 -9.97
N LEU E 550 27.40 37.50 -9.76
CA LEU E 550 26.46 36.45 -10.11
C LEU E 550 26.05 35.64 -8.89
N MET E 551 24.80 35.17 -8.90
CA MET E 551 24.26 34.32 -7.86
C MET E 551 23.81 33.00 -8.49
N VAL E 552 24.26 31.89 -7.92
CA VAL E 552 24.07 30.57 -8.52
C VAL E 552 23.29 29.68 -7.55
N ALA E 553 22.26 29.02 -8.09
CA ALA E 553 21.46 28.03 -7.35
C ALA E 553 21.34 26.79 -8.22
N PRO E 554 22.30 25.87 -8.14
CA PRO E 554 22.28 24.71 -9.03
C PRO E 554 21.15 23.74 -8.72
N ILE E 555 20.71 23.04 -9.76
CA ILE E 555 19.66 22.03 -9.63
C ILE E 555 20.32 20.69 -9.37
N THR E 556 19.99 20.08 -8.23
CA THR E 556 20.64 18.85 -7.78
C THR E 556 19.64 17.73 -7.55
N GLU E 557 18.49 17.78 -8.23
CA GLU E 557 17.47 16.74 -8.12
C GLU E 557 17.03 16.32 -9.50
N LYS E 558 16.55 15.09 -9.59
CA LYS E 558 16.16 14.51 -10.87
C LYS E 558 14.94 15.23 -11.45
N MET E 559 14.88 15.27 -12.77
CA MET E 559 13.81 15.96 -13.49
C MET E 559 12.46 15.31 -13.22
N ASN E 560 11.42 16.14 -13.22
CA ASN E 560 10.04 15.66 -13.13
C ASN E 560 9.60 15.19 -14.50
N SER E 561 9.30 13.89 -14.63
CA SER E 561 9.01 13.32 -15.94
C SER E 561 7.76 13.91 -16.56
N LEU E 562 6.81 14.35 -15.73
CA LEU E 562 5.59 14.96 -16.26
C LEU E 562 5.88 16.31 -16.92
N LEU E 563 6.61 17.17 -16.22
CA LEU E 563 6.94 18.50 -16.73
C LEU E 563 8.16 18.50 -17.62
N GLN E 564 8.99 17.46 -17.56
CA GLN E 564 10.28 17.42 -18.26
C GLN E 564 11.18 18.57 -17.84
N MET E 565 11.16 18.89 -16.55
CA MET E 565 11.93 20.01 -16.03
C MET E 565 12.32 19.75 -14.58
N GLY E 566 13.57 20.03 -14.24
CA GLY E 566 13.98 20.05 -12.86
C GLY E 566 13.65 21.37 -12.19
N SER E 567 13.72 21.38 -10.86
CA SER E 567 13.31 22.55 -10.10
C SER E 567 14.28 22.80 -8.95
N VAL E 568 14.26 24.03 -8.46
CA VAL E 568 15.06 24.40 -7.29
C VAL E 568 14.41 25.61 -6.63
N GLU E 569 14.49 25.65 -5.30
CA GLU E 569 13.94 26.75 -4.51
C GLU E 569 15.01 27.82 -4.36
N VAL E 570 14.68 29.04 -4.79
CA VAL E 570 15.63 30.15 -4.85
C VAL E 570 15.07 31.31 -4.04
N TRP E 571 15.94 31.94 -3.25
CA TRP E 571 15.59 33.15 -2.52
C TRP E 571 16.21 34.35 -3.24
N PHE E 572 15.36 35.32 -3.59
CA PHE E 572 15.80 36.54 -4.24
C PHE E 572 15.79 37.68 -3.24
N PRO E 573 16.94 38.31 -2.99
CA PRO E 573 16.96 39.50 -2.11
C PRO E 573 16.33 40.72 -2.76
N GLU E 574 16.36 41.85 -2.08
CA GLU E 574 15.73 43.06 -2.58
C GLU E 574 16.39 43.52 -3.88
N GLY E 575 15.58 43.91 -4.84
CA GLY E 575 16.04 44.39 -6.12
C GLY E 575 15.52 43.55 -7.27
N THR E 576 15.92 43.92 -8.48
CA THR E 576 15.54 43.23 -9.69
C THR E 576 16.66 42.31 -10.13
N TRP E 577 16.31 41.05 -10.43
CA TRP E 577 17.27 40.06 -10.87
C TRP E 577 16.85 39.53 -12.24
N TYR E 578 17.83 39.18 -13.07
CA TYR E 578 17.59 38.63 -14.38
C TYR E 578 18.33 37.31 -14.52
N ASP E 579 17.71 36.36 -15.20
CA ASP E 579 18.41 35.14 -15.57
C ASP E 579 19.57 35.45 -16.50
N PHE E 580 20.73 34.87 -16.21
CA PHE E 580 21.94 35.20 -16.96
C PHE E 580 21.84 34.76 -18.41
N PHE E 581 21.03 33.73 -18.71
CA PHE E 581 20.96 33.15 -20.03
C PHE E 581 19.74 33.59 -20.84
N SER E 582 18.59 33.73 -20.20
CA SER E 582 17.36 34.05 -20.92
C SER E 582 16.86 35.47 -20.71
N GLY E 583 17.27 36.12 -19.62
CA GLY E 583 16.80 37.47 -19.35
C GLY E 583 15.46 37.54 -18.65
N GLN E 584 14.98 36.45 -18.10
CA GLN E 584 13.71 36.45 -17.38
C GLN E 584 13.82 37.30 -16.13
N PRO E 585 12.90 38.24 -15.89
CA PRO E 585 13.03 39.14 -14.75
C PRO E 585 12.43 38.55 -13.47
N TYR E 586 13.06 38.91 -12.35
CA TYR E 586 12.60 38.51 -11.03
C TYR E 586 12.62 39.73 -10.11
N ASP E 587 11.61 39.82 -9.25
CA ASP E 587 11.38 41.00 -8.44
C ASP E 587 12.17 40.89 -7.13
N GLY E 588 11.84 41.72 -6.16
CA GLY E 588 12.59 41.85 -4.92
C GLY E 588 12.50 40.66 -4.00
N LYS E 589 12.61 40.91 -2.70
CA LYS E 589 12.71 39.83 -1.70
C LYS E 589 11.55 38.85 -1.82
N VAL E 590 11.85 37.63 -2.24
CA VAL E 590 10.80 36.61 -2.43
C VAL E 590 11.44 35.23 -2.53
N SER E 591 10.74 34.21 -2.04
CA SER E 591 11.16 32.82 -2.20
C SER E 591 10.32 32.19 -3.30
N LEU E 592 10.98 31.58 -4.28
CA LEU E 592 10.28 31.10 -5.47
C LEU E 592 10.88 29.78 -5.93
N LYS E 593 10.01 28.88 -6.36
CA LYS E 593 10.43 27.61 -6.96
C LYS E 593 10.57 27.83 -8.46
N VAL E 594 11.80 27.67 -8.98
CA VAL E 594 12.07 27.91 -10.39
C VAL E 594 12.34 26.58 -11.08
N TYR E 595 11.98 26.52 -12.36
CA TYR E 595 12.05 25.29 -13.15
C TYR E 595 12.92 25.52 -14.37
N ARG E 596 13.83 24.59 -14.62
CA ARG E 596 14.71 24.64 -15.78
C ARG E 596 14.78 23.26 -16.42
N GLU E 597 14.94 23.24 -17.74
CA GLU E 597 15.21 22.00 -18.46
C GLU E 597 16.65 21.57 -18.19
N ILE E 598 16.95 20.31 -18.56
CA ILE E 598 18.27 19.74 -18.25
C ILE E 598 19.38 20.48 -18.99
N THR E 599 19.06 21.20 -20.06
CA THR E 599 20.04 21.97 -20.81
C THR E 599 20.17 23.41 -20.31
N GLU E 600 19.50 23.76 -19.22
CA GLU E 600 19.52 25.11 -18.68
C GLU E 600 19.90 25.08 -17.22
N MET E 601 20.46 26.19 -16.74
CA MET E 601 20.91 26.32 -15.35
C MET E 601 20.43 27.63 -14.76
N PRO E 602 20.07 27.66 -13.48
CA PRO E 602 19.69 28.92 -12.83
C PRO E 602 20.90 29.72 -12.39
N VAL E 603 21.19 30.81 -13.10
CA VAL E 603 22.22 31.78 -12.74
C VAL E 603 21.61 33.16 -12.90
N PHE E 604 21.79 34.02 -11.90
CA PHE E 604 21.11 35.30 -11.88
C PHE E 604 22.09 36.44 -11.67
N ALA E 605 21.77 37.58 -12.28
CA ALA E 605 22.52 38.81 -12.11
C ALA E 605 21.55 39.95 -11.81
N LYS E 606 21.89 40.78 -10.83
CA LYS E 606 20.99 41.87 -10.48
C LYS E 606 21.16 43.03 -11.46
N ALA E 607 20.16 43.91 -11.46
CA ALA E 607 20.16 45.04 -12.38
C ALA E 607 21.36 45.93 -12.12
N GLY E 608 22.06 46.28 -13.20
CA GLY E 608 23.28 47.05 -13.11
C GLY E 608 24.56 46.24 -13.18
N ALA E 609 24.47 44.92 -13.24
CA ALA E 609 25.66 44.09 -13.26
C ALA E 609 26.39 44.19 -14.60
N ILE E 610 27.72 44.11 -14.54
CA ILE E 610 28.57 44.13 -15.72
C ILE E 610 29.44 42.89 -15.70
N ILE E 611 29.38 42.10 -16.76
CA ILE E 611 30.09 40.83 -16.85
C ILE E 611 31.05 40.88 -18.04
N PRO E 612 32.35 40.67 -17.84
CA PRO E 612 33.24 40.51 -18.99
C PRO E 612 33.36 39.05 -19.41
N LEU E 613 33.37 38.83 -20.72
CA LEU E 613 33.47 37.50 -21.29
C LEU E 613 34.48 37.48 -22.42
N ASP E 614 35.17 36.36 -22.58
CA ASP E 614 36.07 36.16 -23.71
C ASP E 614 35.26 35.88 -24.96
N LYS E 615 35.61 36.55 -26.06
CA LYS E 615 34.86 36.39 -27.29
C LYS E 615 35.30 35.14 -28.08
N ASN E 616 36.52 34.67 -27.86
CA ASN E 616 37.07 33.52 -28.58
C ASN E 616 37.59 32.50 -27.56
N PRO E 617 36.69 31.76 -26.91
CA PRO E 617 37.16 30.71 -25.99
C PRO E 617 37.95 29.62 -26.67
N LEU E 618 37.63 29.30 -27.93
CA LEU E 618 38.34 28.23 -28.63
C LEU E 618 39.79 28.60 -28.89
N LYS E 619 40.05 29.85 -29.25
CA LYS E 619 41.42 30.32 -29.39
C LYS E 619 42.12 30.31 -28.04
N LYS E 620 43.39 29.90 -28.04
CA LYS E 620 44.18 29.81 -26.82
C LYS E 620 45.14 31.00 -26.79
N GLU E 621 44.79 32.01 -25.99
CA GLU E 621 45.58 33.22 -25.87
C GLU E 621 45.87 33.49 -24.40
N GLU E 622 47.12 33.87 -24.12
CA GLU E 622 47.48 34.22 -22.75
C GLU E 622 46.67 35.41 -22.25
N ILE E 623 46.39 36.36 -23.12
CA ILE E 623 45.45 37.44 -22.84
C ILE E 623 44.47 37.52 -24.01
N PRO E 624 43.17 37.65 -23.76
CA PRO E 624 42.22 37.73 -24.86
C PRO E 624 42.43 38.97 -25.72
N SER E 625 42.20 38.82 -27.01
CA SER E 625 42.32 39.95 -27.94
C SER E 625 41.05 40.76 -28.06
N GLU E 626 39.91 40.24 -27.58
CA GLU E 626 38.66 40.97 -27.61
C GLU E 626 37.79 40.51 -26.46
N ILE E 627 37.07 41.45 -25.84
CA ILE E 627 36.27 41.20 -24.65
C ILE E 627 34.86 41.70 -24.89
N ILE E 628 33.87 40.88 -24.56
CA ILE E 628 32.46 41.27 -24.61
C ILE E 628 32.05 41.73 -23.22
N TRP E 629 31.38 42.89 -23.15
CA TRP E 629 30.83 43.39 -21.91
C TRP E 629 29.32 43.22 -21.94
N LYS E 630 28.80 42.47 -20.97
CA LYS E 630 27.37 42.23 -20.84
C LYS E 630 26.83 43.09 -19.71
N ILE E 631 25.82 43.91 -20.02
CA ILE E 631 25.26 44.89 -19.09
C ILE E 631 23.80 44.56 -18.87
N PHE E 632 23.39 44.50 -17.61
CA PHE E 632 22.00 44.28 -17.26
C PHE E 632 21.37 45.61 -16.87
N PRO E 633 20.41 46.13 -17.63
CA PRO E 633 19.88 47.46 -17.36
C PRO E 633 19.09 47.53 -16.07
N GLY E 634 19.05 48.72 -15.47
CA GLY E 634 18.24 48.95 -14.30
C GLY E 634 18.85 49.84 -13.24
N ALA E 635 20.17 49.90 -13.18
CA ALA E 635 20.85 50.70 -12.16
C ALA E 635 22.28 50.97 -12.61
N ASP E 636 23.02 51.67 -11.77
CA ASP E 636 24.43 51.94 -12.02
C ASP E 636 25.26 50.68 -11.80
N GLY E 637 26.40 50.62 -12.47
CA GLY E 637 27.26 49.45 -12.41
C GLY E 637 28.72 49.83 -12.43
N GLU E 638 29.54 48.91 -11.94
CA GLU E 638 30.97 49.14 -11.77
C GLU E 638 31.70 47.80 -11.80
N TYR E 639 32.72 47.70 -12.64
CA TYR E 639 33.56 46.51 -12.64
C TYR E 639 35.01 46.90 -12.89
N LEU E 640 35.91 46.10 -12.33
CA LEU E 640 37.36 46.33 -12.45
C LEU E 640 38.00 45.02 -12.87
N LEU E 641 38.34 44.92 -14.15
CA LEU E 641 39.00 43.73 -14.69
C LEU E 641 40.49 43.81 -14.44
N LEU E 642 41.01 42.91 -13.61
CA LEU E 642 42.43 42.85 -13.27
C LEU E 642 43.11 41.79 -14.11
N GLU E 643 44.25 42.13 -14.70
CA GLU E 643 45.05 41.22 -15.49
C GLU E 643 46.45 41.15 -14.90
N GLU E 644 47.34 40.46 -15.61
CA GLU E 644 48.72 40.32 -15.13
C GLU E 644 49.43 41.68 -15.06
N ASP E 645 49.27 42.50 -16.09
CA ASP E 645 49.92 43.81 -16.14
C ASP E 645 48.98 44.86 -16.69
N ASN E 646 47.71 44.82 -16.30
CA ASN E 646 46.74 45.80 -16.77
C ASN E 646 45.56 45.85 -15.82
N GLU E 647 44.80 46.94 -15.91
CA GLU E 647 43.59 47.13 -15.11
C GLU E 647 42.59 47.91 -15.96
N THR E 648 41.47 47.28 -16.28
CA THR E 648 40.43 47.90 -17.10
C THR E 648 39.24 48.27 -16.23
N LYS E 649 38.82 49.52 -16.30
CA LYS E 649 37.73 50.03 -15.49
C LYS E 649 36.48 50.20 -16.35
N ALA E 650 35.36 49.65 -15.88
CA ALA E 650 34.08 49.77 -16.58
C ALA E 650 33.08 50.44 -15.65
N GLU E 651 32.57 51.59 -16.07
CA GLU E 651 31.57 52.36 -15.35
C GLU E 651 30.27 52.33 -16.14
N PHE E 652 29.14 52.33 -15.42
CA PHE E 652 27.82 52.47 -16.04
C PHE E 652 27.02 53.40 -15.14
N VAL E 653 27.08 54.70 -15.43
CA VAL E 653 26.48 55.74 -14.60
C VAL E 653 25.51 56.55 -15.46
N ASN E 654 24.26 56.64 -15.01
CA ASN E 654 23.24 57.47 -15.66
C ASN E 654 23.09 57.12 -17.13
N GLY E 655 23.10 55.83 -17.45
CA GLY E 655 22.95 55.40 -18.82
C GLY E 655 24.18 55.59 -19.68
N ILE E 656 25.30 55.99 -19.10
CA ILE E 656 26.55 56.21 -19.82
C ILE E 656 27.50 55.08 -19.43
N PHE E 657 28.00 54.35 -20.42
CA PHE E 657 28.93 53.26 -20.22
C PHE E 657 30.32 53.69 -20.68
N THR E 658 31.29 53.59 -19.78
CA THR E 658 32.66 54.04 -20.04
C THR E 658 33.63 52.90 -19.77
N VAL E 659 34.54 52.67 -20.71
CA VAL E 659 35.63 51.71 -20.53
C VAL E 659 36.94 52.48 -20.63
N THR E 660 37.79 52.34 -19.61
CA THR E 660 39.10 52.96 -19.58
C THR E 660 40.15 51.91 -19.27
N SER E 661 41.37 52.16 -19.72
CA SER E 661 42.49 51.24 -19.55
C SER E 661 43.65 51.95 -18.86
N LYS E 662 44.34 51.21 -17.97
CA LYS E 662 45.48 51.78 -17.29
C LYS E 662 46.68 51.88 -18.21
N LYS E 663 46.82 50.95 -19.16
CA LYS E 663 47.96 50.92 -20.06
C LYS E 663 47.46 50.77 -21.50
N GLU E 664 48.35 51.08 -22.43
CA GLU E 664 48.03 50.97 -23.85
C GLU E 664 47.79 49.51 -24.22
N SER E 665 46.80 49.28 -25.08
CA SER E 665 46.44 47.93 -25.48
C SER E 665 45.78 47.97 -26.85
N SER E 666 45.83 46.82 -27.54
CA SER E 666 45.19 46.65 -28.83
C SER E 666 43.89 45.87 -28.74
N ARG E 667 43.37 45.68 -27.54
CA ARG E 667 42.16 44.90 -27.34
C ARG E 667 40.94 45.59 -27.93
N LYS E 668 40.06 44.81 -28.55
CA LYS E 668 38.79 45.30 -29.05
C LYS E 668 37.68 44.98 -28.05
N HIS E 669 36.66 45.84 -28.03
CA HIS E 669 35.57 45.71 -27.07
C HIS E 669 34.24 45.60 -27.79
N THR E 670 33.39 44.68 -27.34
CA THR E 670 32.03 44.52 -27.82
C THR E 670 31.08 44.74 -26.66
N ILE E 671 29.96 45.40 -26.92
CA ILE E 671 29.01 45.77 -25.87
C ILE E 671 27.69 45.06 -26.13
N ILE E 672 27.16 44.41 -25.10
CA ILE E 672 25.83 43.81 -25.12
C ILE E 672 24.99 44.51 -24.08
N TYR E 673 23.88 45.11 -24.51
CA TYR E 673 22.93 45.78 -23.62
C TYR E 673 21.66 44.95 -23.63
N GLY E 674 21.42 44.22 -22.54
CA GLY E 674 20.36 43.23 -22.53
C GLY E 674 20.75 42.05 -23.40
N GLU E 675 20.10 41.93 -24.56
CA GLU E 675 20.46 40.93 -25.54
C GLU E 675 20.95 41.52 -26.86
N HIS E 676 20.74 42.80 -27.11
CA HIS E 676 21.09 43.41 -28.38
C HIS E 676 22.54 43.90 -28.37
N GLU E 677 23.24 43.66 -29.47
CA GLU E 677 24.60 44.15 -29.63
C GLU E 677 24.58 45.65 -29.86
N ILE E 678 25.46 46.37 -29.15
CA ILE E 678 25.51 47.82 -29.24
C ILE E 678 26.62 48.23 -30.20
N VAL E 679 27.87 47.89 -29.86
CA VAL E 679 29.02 48.15 -30.72
C VAL E 679 29.88 46.90 -30.75
N SER E 680 30.41 46.58 -31.92
CA SER E 680 31.18 45.37 -32.15
C SER E 680 32.60 45.73 -32.51
N ALA E 681 33.56 45.13 -31.82
CA ALA E 681 34.99 45.29 -32.09
C ALA E 681 35.40 46.76 -32.09
N LYS E 682 34.90 47.49 -31.09
CA LYS E 682 35.32 48.86 -30.86
C LYS E 682 36.73 48.87 -30.28
N ARG E 683 37.53 49.84 -30.69
CA ARG E 683 38.95 49.86 -30.37
C ARG E 683 39.24 51.00 -29.40
N GLY E 684 40.05 50.72 -28.38
CA GLY E 684 40.49 51.73 -27.44
C GLY E 684 39.46 52.03 -26.37
N GLU E 685 39.92 52.75 -25.34
CA GLU E 685 39.03 53.17 -24.26
C GLU E 685 38.04 54.21 -24.79
N PHE E 686 36.78 54.08 -24.38
CA PHE E 686 35.73 54.88 -25.00
C PHE E 686 34.60 55.11 -24.00
N SER E 687 33.61 55.89 -24.43
CA SER E 687 32.38 56.13 -23.70
C SER E 687 31.23 56.08 -24.69
N ILE E 688 30.04 55.72 -24.19
CA ILE E 688 28.87 55.58 -25.04
C ILE E 688 27.63 55.83 -24.20
N ASP E 689 26.56 56.28 -24.86
CA ASP E 689 25.28 56.55 -24.21
C ASP E 689 24.31 55.46 -24.62
N LEU E 690 23.64 54.85 -23.62
CA LEU E 690 22.70 53.77 -23.85
C LEU E 690 21.29 54.12 -23.39
N ASN E 691 20.97 55.41 -23.29
CA ASN E 691 19.64 55.81 -22.83
C ASN E 691 18.57 55.50 -23.87
N GLY E 692 18.90 55.65 -25.14
CA GLY E 692 17.93 55.44 -26.21
C GLY E 692 17.76 54.02 -26.67
N LYS E 693 18.53 53.08 -26.13
CA LYS E 693 18.46 51.70 -26.58
C LYS E 693 17.32 50.95 -25.86
N GLU E 694 17.17 49.68 -26.18
CA GLU E 694 16.11 48.85 -25.62
C GLU E 694 16.63 48.15 -24.36
N GLU E 695 16.11 48.58 -23.21
CA GLU E 695 16.52 47.96 -21.94
C GLU E 695 16.01 46.53 -21.81
N ASN E 696 14.86 46.22 -22.38
CA ASN E 696 14.26 44.91 -22.23
C ASN E 696 15.10 43.84 -22.93
N PHE E 697 14.93 42.61 -22.47
CA PHE E 697 15.56 41.45 -23.09
C PHE E 697 14.63 40.87 -24.14
N ASP E 698 14.95 39.68 -24.64
CA ASP E 698 14.11 38.99 -25.61
C ASP E 698 13.03 38.13 -24.95
N TRP E 699 13.02 38.06 -23.62
CA TRP E 699 12.06 37.22 -22.91
C TRP E 699 10.68 37.88 -22.89
N ASN E 700 9.66 37.10 -23.25
CA ASN E 700 8.28 37.52 -23.10
C ASN E 700 7.44 36.36 -22.58
N PHE E 701 6.31 36.70 -21.96
CA PHE E 701 5.51 35.71 -21.26
C PHE E 701 4.95 34.66 -22.21
N SER E 702 4.48 35.08 -23.40
CA SER E 702 3.74 34.18 -24.28
C SER E 702 4.63 33.06 -24.81
N THR E 703 5.81 33.39 -25.32
CA THR E 703 6.69 32.37 -25.88
C THR E 703 7.17 31.40 -24.79
N ALA E 704 7.51 31.92 -23.61
CA ALA E 704 7.92 31.06 -22.52
C ALA E 704 6.79 30.14 -22.08
N LEU E 705 5.56 30.65 -22.00
CA LEU E 705 4.43 29.82 -21.64
C LEU E 705 4.18 28.73 -22.67
N PHE E 706 4.27 29.08 -23.96
CA PHE E 706 4.08 28.08 -24.99
C PHE E 706 5.16 27.00 -24.93
N ARG E 707 6.42 27.41 -24.71
CA ARG E 707 7.49 26.44 -24.61
C ARG E 707 7.30 25.51 -23.42
N ARG E 708 6.88 26.07 -22.27
CA ARG E 708 6.68 25.23 -21.09
C ARG E 708 5.52 24.25 -21.29
N LEU E 709 4.44 24.70 -21.93
CA LEU E 709 3.31 23.81 -22.18
C LEU E 709 3.60 22.81 -23.29
N ASP E 710 4.57 23.10 -24.16
CA ASP E 710 4.82 22.25 -25.31
C ASP E 710 5.54 20.96 -24.92
N ILE E 711 6.34 21.00 -23.86
CA ILE E 711 7.13 19.83 -23.47
C ILE E 711 6.51 19.05 -22.33
N ALA E 712 5.37 19.50 -21.80
CA ALA E 712 4.71 18.78 -20.71
C ALA E 712 3.96 17.57 -21.26
N GLU E 713 3.98 16.49 -20.50
CA GLU E 713 3.31 15.25 -20.90
C GLU E 713 1.90 15.19 -20.29
N ILE E 714 1.05 16.10 -20.76
CA ILE E 714 -0.32 16.18 -20.28
C ILE E 714 -1.26 16.14 -21.49
N SER E 715 -2.57 16.16 -21.24
CA SER E 715 -3.53 16.09 -22.32
C SER E 715 -3.53 17.36 -23.14
N TYR E 716 -3.87 17.23 -24.42
CA TYR E 716 -3.82 18.37 -25.34
C TYR E 716 -4.85 19.43 -24.98
N GLU E 717 -6.08 19.01 -24.66
CA GLU E 717 -7.13 19.97 -24.32
C GLU E 717 -6.74 20.81 -23.11
N GLN E 718 -6.03 20.21 -22.15
CA GLN E 718 -5.54 20.99 -21.02
C GLN E 718 -4.57 22.07 -21.49
N LYS E 719 -3.67 21.74 -22.41
CA LYS E 719 -2.71 22.72 -22.92
C LYS E 719 -3.42 23.86 -23.63
N ASP E 720 -4.37 23.53 -24.51
CA ASP E 720 -5.09 24.58 -25.22
C ASP E 720 -5.92 25.45 -24.26
N GLU E 721 -6.56 24.83 -23.27
CA GLU E 721 -7.35 25.60 -22.32
C GLU E 721 -6.46 26.55 -21.52
N ILE E 722 -5.31 26.06 -21.04
CA ILE E 722 -4.42 26.91 -20.27
C ILE E 722 -3.92 28.07 -21.11
N LEU E 723 -3.46 27.77 -22.33
CA LEU E 723 -2.93 28.83 -23.20
C LEU E 723 -3.99 29.87 -23.51
N GLN E 724 -5.18 29.43 -23.90
CA GLN E 724 -6.25 30.36 -24.27
C GLN E 724 -6.67 31.22 -23.08
N GLN E 725 -6.87 30.59 -21.92
CA GLN E 725 -7.33 31.36 -20.77
C GLN E 725 -6.26 32.34 -20.29
N LEU E 726 -4.99 31.93 -20.25
CA LEU E 726 -3.95 32.84 -19.81
C LEU E 726 -3.72 33.96 -20.83
N SER E 727 -4.04 33.72 -22.09
CA SER E 727 -3.98 34.80 -23.07
C SER E 727 -5.18 35.75 -22.95
N LEU E 728 -6.33 35.24 -22.53
CA LEU E 728 -7.55 36.02 -22.51
C LEU E 728 -7.71 36.85 -21.24
N ILE E 729 -7.34 36.31 -20.08
CA ILE E 729 -7.53 37.03 -18.82
C ILE E 729 -6.46 38.10 -18.69
N GLU E 730 -6.89 39.32 -18.32
CA GLU E 730 -6.01 40.47 -18.26
C GLU E 730 -5.41 40.72 -16.88
N GLU E 731 -6.22 40.62 -15.82
CA GLU E 731 -5.73 40.89 -14.48
C GLU E 731 -4.82 39.77 -13.99
N HIS E 732 -3.78 40.16 -13.25
CA HIS E 732 -2.83 39.18 -12.73
C HIS E 732 -3.45 38.34 -11.63
N GLU E 733 -4.25 38.96 -10.76
CA GLU E 733 -4.89 38.23 -9.67
C GLU E 733 -5.81 37.14 -10.19
N LYS E 734 -6.55 37.44 -11.26
CA LYS E 734 -7.46 36.44 -11.81
C LYS E 734 -6.71 35.36 -12.59
N GLN E 735 -5.54 35.68 -13.16
CA GLN E 735 -4.69 34.66 -13.74
C GLN E 735 -4.19 33.68 -12.67
N VAL E 736 -3.74 34.22 -11.54
CA VAL E 736 -3.30 33.36 -10.44
C VAL E 736 -4.47 32.53 -9.92
N ALA E 737 -5.66 33.13 -9.83
CA ALA E 737 -6.85 32.39 -9.41
C ALA E 737 -7.18 31.27 -10.39
N PHE E 738 -7.01 31.53 -11.69
CA PHE E 738 -7.27 30.48 -12.69
C PHE E 738 -6.29 29.33 -12.54
N ILE E 739 -5.00 29.63 -12.34
CA ILE E 739 -4.03 28.54 -12.23
C ILE E 739 -4.13 27.83 -10.88
N LYS E 740 -4.71 28.48 -9.86
CA LYS E 740 -4.88 27.83 -8.57
C LYS E 740 -5.86 26.66 -8.62
N THR E 741 -6.73 26.61 -9.62
CA THR E 741 -7.74 25.56 -9.70
C THR E 741 -7.22 24.27 -10.34
N ASN E 742 -6.01 24.27 -10.89
CA ASN E 742 -5.49 23.10 -11.57
C ASN E 742 -5.16 22.00 -10.57
N GLU E 743 -5.47 20.76 -10.94
CA GLU E 743 -5.29 19.62 -10.05
C GLU E 743 -3.85 19.18 -9.91
N ASN E 744 -3.00 19.44 -10.89
CA ASN E 744 -1.59 19.07 -10.83
C ASN E 744 -0.79 20.23 -10.25
N GLN E 745 -0.05 19.96 -9.17
CA GLN E 745 0.54 21.04 -8.40
C GLN E 745 1.91 21.47 -8.91
N GLU E 746 2.69 20.58 -9.51
CA GLU E 746 3.96 20.99 -10.10
C GLU E 746 3.72 21.90 -11.31
N LEU E 747 2.72 21.58 -12.12
CA LEU E 747 2.31 22.48 -13.19
C LEU E 747 1.85 23.81 -12.63
N GLN E 748 1.13 23.78 -11.49
CA GLN E 748 0.75 25.00 -10.81
C GLN E 748 1.96 25.84 -10.46
N ASN E 749 2.99 25.22 -9.90
CA ASN E 749 4.18 25.97 -9.48
C ASN E 749 4.92 26.54 -10.68
N SER E 750 5.05 25.77 -11.76
CA SER E 750 5.72 26.29 -12.96
C SER E 750 4.95 27.48 -13.55
N LEU E 751 3.63 27.35 -13.67
CA LEU E 751 2.83 28.45 -14.20
C LEU E 751 2.88 29.65 -13.28
N PHE E 752 2.96 29.43 -11.97
CA PHE E 752 3.06 30.55 -11.04
C PHE E 752 4.39 31.27 -11.19
N GLU E 753 5.48 30.54 -11.40
CA GLU E 753 6.76 31.19 -11.65
C GLU E 753 6.69 32.04 -12.92
N LEU E 754 6.09 31.49 -13.97
CA LEU E 754 5.95 32.25 -15.22
C LEU E 754 5.10 33.50 -15.01
N LEU E 755 4.02 33.39 -14.24
CA LEU E 755 3.14 34.53 -14.02
C LEU E 755 3.81 35.59 -13.15
N TYR E 756 4.60 35.15 -12.16
CA TYR E 756 5.30 36.10 -11.31
C TYR E 756 6.37 36.85 -12.08
N SER E 757 7.07 36.17 -12.99
CA SER E 757 8.04 36.87 -13.82
C SER E 757 7.37 37.91 -14.71
N GLY E 758 6.20 37.59 -15.25
CA GLY E 758 5.53 38.48 -16.17
C GLY E 758 4.49 39.39 -15.54
N LYS E 759 4.68 39.77 -14.29
CA LYS E 759 3.74 40.67 -13.63
C LYS E 759 4.11 42.12 -13.89
N ASN F 32 69.93 -18.82 18.90
CA ASN F 32 69.45 -19.37 17.64
C ASN F 32 68.36 -18.51 17.03
N ASN F 33 67.11 -18.82 17.38
CA ASN F 33 65.95 -18.06 16.92
C ASN F 33 65.46 -17.05 17.94
N ILE F 34 66.36 -16.50 18.75
CA ILE F 34 66.03 -15.51 19.77
C ILE F 34 66.83 -14.25 19.47
N ILE F 35 66.16 -13.10 19.45
CA ILE F 35 66.80 -11.82 19.19
C ILE F 35 66.42 -10.84 20.30
N LYS F 36 67.43 -10.21 20.89
CA LYS F 36 67.25 -9.17 21.90
C LYS F 36 67.50 -7.81 21.26
N PHE F 37 66.60 -6.85 21.51
CA PHE F 37 66.81 -5.49 21.04
C PHE F 37 66.02 -4.55 21.93
N ASP F 38 66.71 -3.59 22.54
CA ASP F 38 66.12 -2.63 23.48
C ASP F 38 65.51 -3.43 24.62
N LYS F 39 64.23 -3.27 24.95
CA LYS F 39 63.57 -4.07 25.96
C LYS F 39 62.71 -5.17 25.37
N ALA F 40 62.89 -5.46 24.08
CA ALA F 40 62.03 -6.38 23.35
C ALA F 40 62.79 -7.62 22.91
N ARG F 41 62.06 -8.73 22.81
CA ARG F 41 62.60 -9.98 22.32
C ARG F 41 61.74 -10.51 21.19
N PHE F 42 62.39 -11.03 20.15
CA PHE F 42 61.73 -11.58 18.98
C PHE F 42 62.15 -13.03 18.80
N THR F 43 61.16 -13.91 18.65
CA THR F 43 61.41 -15.33 18.42
C THR F 43 60.76 -15.73 17.11
N VAL F 44 61.48 -16.51 16.31
CA VAL F 44 60.98 -16.99 15.03
C VAL F 44 60.62 -18.46 15.24
N LEU F 45 59.37 -18.71 15.61
CA LEU F 45 58.92 -20.08 15.83
C LEU F 45 58.92 -20.87 14.52
N THR F 46 58.45 -20.26 13.44
CA THR F 46 58.53 -20.84 12.11
C THR F 46 58.55 -19.71 11.10
N GLU F 47 58.58 -20.06 9.82
CA GLU F 47 58.70 -19.06 8.77
C GLU F 47 57.46 -18.19 8.61
N HIS F 48 56.36 -18.52 9.27
CA HIS F 48 55.15 -17.70 9.21
C HIS F 48 54.60 -17.29 10.57
N LEU F 49 55.17 -17.80 11.67
CA LEU F 49 54.72 -17.46 13.02
C LEU F 49 55.87 -16.82 13.78
N ILE F 50 55.63 -15.65 14.36
CA ILE F 50 56.65 -14.90 15.07
C ILE F 50 56.11 -14.46 16.42
N ARG F 51 56.88 -14.71 17.48
CA ARG F 51 56.52 -14.28 18.82
C ARG F 51 57.27 -12.99 19.16
N ILE F 52 56.55 -12.04 19.76
CA ILE F 52 57.10 -10.74 20.13
C ILE F 52 56.80 -10.48 21.59
N GLU F 53 57.83 -10.24 22.39
CA GLU F 53 57.67 -10.02 23.82
C GLU F 53 58.25 -8.66 24.19
N TYR F 54 57.54 -7.92 25.05
CA TYR F 54 58.04 -6.67 25.59
C TYR F 54 57.86 -6.69 27.10
N SER F 55 58.96 -6.44 27.83
CA SER F 55 58.94 -6.36 29.28
C SER F 55 59.72 -5.13 29.71
N GLU F 56 59.12 -4.34 30.60
CA GLU F 56 59.79 -3.13 31.07
C GLU F 56 60.91 -3.47 32.06
N THR F 57 60.67 -4.42 32.95
CA THR F 57 61.65 -4.74 34.00
C THR F 57 62.95 -5.28 33.40
N GLY F 58 62.85 -6.22 32.46
CA GLY F 58 64.01 -6.81 31.84
C GLY F 58 64.06 -8.32 31.86
N GLU F 59 63.10 -9.00 32.48
CA GLU F 59 63.04 -10.46 32.48
C GLU F 59 61.90 -10.91 31.58
N PHE F 60 62.14 -11.99 30.84
CA PHE F 60 61.22 -12.43 29.80
C PHE F 60 60.59 -13.78 30.19
N GLU F 61 59.31 -13.92 29.87
CA GLU F 61 58.57 -15.12 30.24
C GLU F 61 59.10 -16.34 29.50
N GLU F 62 59.19 -17.47 30.20
CA GLU F 62 59.66 -18.71 29.62
C GLU F 62 58.76 -19.90 29.92
N ARG F 63 57.98 -19.85 30.99
CA ARG F 63 57.09 -20.93 31.40
C ARG F 63 55.70 -20.76 30.81
N MET F 64 54.92 -21.84 30.88
CA MET F 64 53.67 -21.92 30.14
CA MET F 64 53.67 -21.92 30.13
C MET F 64 52.60 -20.99 30.69
N THR F 65 51.65 -20.65 29.83
CA THR F 65 50.50 -19.80 30.12
C THR F 65 49.24 -20.61 29.85
N GLN F 66 48.07 -20.06 30.22
CA GLN F 66 46.81 -20.75 29.95
C GLN F 66 46.66 -21.09 28.47
N MET F 67 47.05 -20.19 27.58
CA MET F 67 46.85 -20.37 26.15
C MET F 67 47.94 -21.22 25.51
N VAL F 68 49.20 -20.85 25.71
CA VAL F 68 50.33 -21.51 25.06
C VAL F 68 50.80 -22.67 25.94
N GLN F 69 50.95 -23.85 25.33
CA GLN F 69 51.38 -25.03 26.05
C GLN F 69 52.71 -25.60 25.56
N ASN F 70 53.22 -25.14 24.44
CA ASN F 70 54.47 -25.66 23.90
C ASN F 70 55.05 -24.65 22.91
N ARG F 71 56.37 -24.46 22.97
CA ARG F 71 57.07 -23.57 22.06
C ARG F 71 58.27 -24.24 21.42
N GLU F 72 58.32 -25.58 21.41
CA GLU F 72 59.44 -26.32 20.84
C GLU F 72 59.14 -26.62 19.39
N PHE F 73 59.43 -25.65 18.53
CA PHE F 73 59.28 -25.81 17.09
C PHE F 73 60.62 -26.22 16.48
N SER F 74 60.68 -26.24 15.15
CA SER F 74 61.89 -26.57 14.43
C SER F 74 62.72 -25.30 14.24
N GLU F 75 63.76 -25.38 13.40
CA GLU F 75 64.63 -24.25 13.11
C GLU F 75 64.50 -23.87 11.65
N VAL F 76 64.37 -22.57 11.37
CA VAL F 76 64.18 -22.06 10.02
C VAL F 76 65.28 -21.04 9.73
N ASN F 77 65.22 -20.49 8.53
CA ASN F 77 66.21 -19.52 8.06
C ASN F 77 65.63 -18.11 8.17
N PHE F 78 66.40 -17.20 8.75
CA PHE F 78 66.00 -15.81 8.88
C PHE F 78 67.25 -14.95 9.01
N ASP F 79 67.08 -13.65 8.75
CA ASP F 79 68.19 -12.72 8.69
C ASP F 79 67.91 -11.53 9.60
N ILE F 80 68.99 -10.89 10.07
CA ILE F 80 68.89 -9.78 10.99
C ILE F 80 69.73 -8.63 10.45
N ILE F 81 69.14 -7.43 10.41
CA ILE F 81 69.84 -6.20 10.03
C ILE F 81 69.84 -5.30 11.26
N GLU F 82 71.04 -4.90 11.68
CA GLU F 82 71.22 -4.19 12.94
C GLU F 82 71.77 -2.80 12.68
N LYS F 83 71.08 -1.79 13.21
CA LYS F 83 71.55 -0.42 13.21
C LYS F 83 71.81 0.02 14.64
N GLU F 84 72.18 1.29 14.80
CA GLU F 84 72.45 1.81 16.13
C GLU F 84 71.19 1.87 16.98
N GLU F 85 70.06 2.23 16.38
CA GLU F 85 68.81 2.39 17.12
C GLU F 85 67.63 1.65 16.52
N THR F 86 67.82 0.90 15.43
CA THR F 86 66.73 0.17 14.78
C THR F 86 67.18 -1.25 14.47
N ILE F 87 66.21 -2.16 14.41
CA ILE F 87 66.46 -3.55 14.05
C ILE F 87 65.46 -3.97 12.98
N GLU F 88 65.88 -4.94 12.16
CA GLU F 88 65.14 -5.39 11.00
C GLU F 88 65.24 -6.91 10.92
N ILE F 89 64.10 -7.58 10.75
CA ILE F 89 64.03 -9.03 10.71
C ILE F 89 63.52 -9.46 9.34
N ILE F 90 64.28 -10.33 8.68
CA ILE F 90 63.96 -10.84 7.35
C ILE F 90 63.55 -12.29 7.48
N THR F 91 62.33 -12.59 7.07
CA THR F 91 61.85 -13.97 6.92
C THR F 91 61.33 -14.12 5.48
N SER F 92 61.15 -15.36 5.04
CA SER F 92 60.79 -15.61 3.65
C SER F 92 59.44 -15.03 3.27
N THR F 93 58.59 -14.67 4.25
CA THR F 93 57.29 -14.08 3.95
C THR F 93 56.98 -12.81 4.74
N VAL F 94 57.73 -12.49 5.80
CA VAL F 94 57.43 -11.34 6.63
C VAL F 94 58.71 -10.53 6.83
N HIS F 95 58.55 -9.21 6.94
CA HIS F 95 59.63 -8.25 7.07
C HIS F 95 59.32 -7.31 8.21
N LEU F 96 60.03 -7.47 9.33
CA LEU F 96 59.72 -6.78 10.57
C LEU F 96 60.67 -5.63 10.80
N TYR F 97 60.13 -4.50 11.28
CA TYR F 97 60.90 -3.31 11.60
C TYR F 97 60.58 -2.88 13.02
N TYR F 98 61.63 -2.70 13.84
CA TYR F 98 61.47 -2.19 15.20
C TYR F 98 62.41 -1.01 15.39
N ASN F 99 61.86 0.11 15.86
CA ASN F 99 62.61 1.35 15.99
C ASN F 99 62.97 1.68 17.44
N GLY F 100 62.89 0.71 18.35
CA GLY F 100 63.27 0.92 19.72
C GLY F 100 62.19 1.59 20.54
N GLY F 101 62.40 1.60 21.86
CA GLY F 101 61.45 2.20 22.76
C GLY F 101 60.19 1.36 22.91
N GLU F 102 59.11 2.03 23.32
CA GLU F 102 57.84 1.37 23.50
C GLU F 102 57.24 0.96 22.16
N PHE F 103 56.34 -0.01 22.21
CA PHE F 103 55.70 -0.50 20.99
C PHE F 103 54.61 0.46 20.54
N THR F 104 54.72 0.93 19.31
CA THR F 104 53.74 1.84 18.72
C THR F 104 53.74 1.59 17.22
N ASN F 105 52.68 2.05 16.55
CA ASN F 105 52.58 1.86 15.10
C ASN F 105 53.71 2.56 14.36
N ALA F 106 54.36 3.54 14.98
CA ALA F 106 55.51 4.21 14.39
C ALA F 106 56.81 3.46 14.59
N SER F 107 56.92 2.64 15.64
CA SER F 107 58.16 1.96 15.98
C SER F 107 58.19 0.52 15.48
N LEU F 108 57.18 -0.28 15.80
CA LEU F 108 57.13 -1.69 15.41
C LEU F 108 56.05 -1.86 14.35
N PHE F 109 56.45 -2.39 13.20
CA PHE F 109 55.50 -2.66 12.12
C PHE F 109 56.14 -3.67 11.16
N ALA F 110 55.38 -4.10 10.17
CA ALA F 110 55.83 -5.22 9.35
C ALA F 110 55.17 -5.19 7.97
N ASP F 111 55.84 -5.87 7.03
CA ASP F 111 55.37 -6.11 5.68
C ASP F 111 55.18 -7.60 5.46
N VAL F 112 54.17 -7.97 4.67
CA VAL F 112 53.92 -9.35 4.31
C VAL F 112 53.95 -9.48 2.80
N LYS F 113 54.62 -10.53 2.31
CA LYS F 113 54.81 -10.76 0.89
C LYS F 113 54.08 -12.05 0.51
N PHE F 114 53.05 -11.92 -0.33
CA PHE F 114 52.24 -13.06 -0.75
C PHE F 114 51.96 -12.93 -2.25
N ASN F 115 51.63 -14.08 -2.86
CA ASN F 115 51.33 -14.13 -4.29
C ASN F 115 50.12 -13.28 -4.66
N PHE F 116 49.06 -13.35 -3.85
CA PHE F 116 47.91 -12.48 -4.07
C PHE F 116 48.24 -11.06 -3.62
N SER F 117 47.49 -10.10 -4.13
CA SER F 117 47.68 -8.69 -3.80
C SER F 117 46.57 -8.22 -2.87
N VAL F 118 46.84 -7.11 -2.17
CA VAL F 118 45.90 -6.53 -1.23
C VAL F 118 46.11 -5.03 -1.20
N TYR F 119 45.05 -4.29 -0.86
CA TYR F 119 45.12 -2.83 -0.85
C TYR F 119 46.13 -2.32 0.16
N SER F 120 46.21 -2.97 1.33
CA SER F 120 47.17 -2.62 2.37
C SER F 120 47.77 -3.91 2.93
N ASN F 121 49.08 -4.07 2.78
CA ASN F 121 49.78 -5.26 3.27
C ASN F 121 50.71 -4.96 4.44
N ARG F 122 50.53 -3.82 5.11
CA ARG F 122 51.40 -3.41 6.20
C ARG F 122 50.67 -3.57 7.53
N TRP F 123 51.32 -4.25 8.47
CA TRP F 123 50.79 -4.42 9.82
C TRP F 123 51.41 -3.41 10.76
N TYR F 124 50.57 -2.68 11.49
CA TYR F 124 51.00 -1.73 12.50
C TYR F 124 50.58 -2.22 13.88
N PHE F 125 51.46 -2.05 14.85
CA PHE F 125 51.12 -2.41 16.23
C PHE F 125 49.97 -1.57 16.73
N GLY F 126 49.02 -2.23 17.40
CA GLY F 126 47.86 -1.55 17.97
C GLY F 126 46.82 -1.09 16.98
N GLU F 127 47.15 -0.97 15.70
CA GLU F 127 46.19 -0.56 14.69
C GLU F 127 45.37 -1.75 14.23
N LYS F 128 44.05 -1.65 14.35
CA LYS F 128 43.16 -2.70 13.89
C LYS F 128 43.27 -2.87 12.38
N SER F 129 43.34 -4.12 11.94
CA SER F 129 43.44 -4.45 10.53
C SER F 129 42.13 -5.07 10.05
N ASP F 130 41.81 -4.82 8.78
CA ASP F 130 40.62 -5.39 8.17
C ASP F 130 40.97 -6.69 7.44
N GLY F 131 39.93 -7.37 6.97
CA GLY F 131 40.10 -8.62 6.26
C GLY F 131 40.04 -9.86 7.12
N ASN F 132 39.93 -9.73 8.44
CA ASN F 132 39.87 -10.89 9.31
C ASN F 132 38.58 -11.68 9.08
N LEU F 133 38.70 -13.00 9.17
CA LEU F 133 37.59 -13.91 8.91
C LEU F 133 36.83 -14.30 10.17
N LYS F 134 37.16 -13.70 11.31
CA LYS F 134 36.42 -13.85 12.56
C LYS F 134 36.57 -15.25 13.16
N GLY F 135 36.21 -15.38 14.44
CA GLY F 135 36.29 -16.65 15.15
C GLY F 135 35.00 -16.99 15.87
N THR F 136 35.07 -17.16 17.18
CA THR F 136 33.92 -17.48 18.01
C THR F 136 33.67 -16.33 18.99
N THR F 137 32.73 -16.55 19.91
CA THR F 137 32.44 -15.61 20.98
C THR F 137 32.47 -16.33 22.32
N ARG F 138 32.92 -15.61 23.35
CA ARG F 138 32.90 -16.16 24.70
C ARG F 138 31.46 -16.40 25.16
N THR F 139 30.60 -15.39 25.01
CA THR F 139 29.20 -15.49 25.42
C THR F 139 28.30 -15.38 24.19
N LEU F 140 27.25 -16.20 24.22
CA LEU F 140 26.27 -16.21 23.15
C LEU F 140 25.28 -15.06 23.35
N ASP F 141 25.24 -14.11 22.40
CA ASP F 141 24.52 -12.87 22.64
C ASP F 141 23.65 -12.40 21.47
N MET F 142 23.37 -13.24 20.48
CA MET F 142 22.53 -12.81 19.37
C MET F 142 21.08 -12.73 19.83
N ILE F 143 20.39 -11.66 19.42
CA ILE F 143 18.98 -11.51 19.80
C ILE F 143 18.11 -12.49 19.02
N ASP F 144 18.16 -12.44 17.68
CA ASP F 144 17.48 -13.41 16.84
C ASP F 144 18.43 -14.10 15.86
N GLY F 145 19.23 -13.32 15.14
CA GLY F 145 20.08 -13.88 14.10
C GLY F 145 21.56 -13.76 14.35
N GLU F 146 22.21 -12.83 13.63
CA GLU F 146 23.66 -12.70 13.72
C GLU F 146 24.09 -12.06 15.03
N CYS F 147 25.27 -12.45 15.49
CA CYS F 147 25.91 -11.92 16.68
C CYS F 147 27.29 -11.39 16.30
N PRO F 148 27.84 -10.45 17.06
CA PRO F 148 29.18 -9.95 16.75
C PRO F 148 30.25 -10.96 17.20
N LEU F 149 31.02 -11.45 16.23
CA LEU F 149 32.04 -12.44 16.48
C LEU F 149 33.37 -11.78 16.81
N GLU F 150 34.27 -12.56 17.39
CA GLU F 150 35.62 -12.11 17.71
C GLU F 150 36.59 -12.56 16.62
N ASP F 151 37.74 -11.89 16.58
CA ASP F 151 38.73 -12.16 15.54
C ASP F 151 39.41 -13.51 15.77
N GLY F 152 39.85 -14.12 14.67
CA GLY F 152 40.60 -15.36 14.73
C GLY F 152 42.01 -15.21 14.19
N ILE F 153 42.62 -16.31 13.78
CA ILE F 153 43.99 -16.30 13.26
C ILE F 153 44.03 -16.40 11.74
N MET F 154 42.90 -16.23 11.07
CA MET F 154 42.81 -16.31 9.62
C MET F 154 42.39 -14.96 9.07
N SER F 155 43.03 -14.52 7.98
CA SER F 155 42.68 -13.26 7.35
C SER F 155 42.83 -13.40 5.84
N LYS F 156 42.00 -12.65 5.10
CA LYS F 156 42.14 -12.61 3.66
C LYS F 156 43.39 -11.84 3.24
N ASN F 157 43.80 -10.85 4.04
CA ASN F 157 45.03 -10.13 3.76
C ASN F 157 46.26 -11.01 3.96
N GLY F 158 46.21 -11.92 4.94
CA GLY F 158 47.28 -12.89 5.13
C GLY F 158 47.94 -12.86 6.49
N PHE F 159 47.59 -11.97 7.41
CA PHE F 159 48.24 -11.91 8.71
C PHE F 159 47.22 -11.61 9.80
N ALA F 160 47.53 -12.06 11.01
CA ALA F 160 46.69 -11.81 12.17
C ALA F 160 47.58 -11.80 13.41
N VAL F 161 47.08 -11.19 14.48
CA VAL F 161 47.82 -11.07 15.73
C VAL F 161 47.00 -11.69 16.84
N LEU F 162 47.59 -12.66 17.54
CA LEU F 162 46.98 -13.29 18.71
C LEU F 162 47.68 -12.79 19.95
N ALA F 163 46.91 -12.19 20.86
CA ALA F 163 47.45 -11.60 22.08
C ALA F 163 47.37 -12.61 23.21
N ASP F 164 48.49 -12.86 23.88
CA ASP F 164 48.55 -13.76 25.02
C ASP F 164 48.26 -12.96 26.30
N LYS F 165 46.97 -12.79 26.57
CA LYS F 165 46.51 -11.98 27.69
C LYS F 165 46.24 -12.83 28.94
N GLY F 166 46.41 -14.14 28.85
CA GLY F 166 46.09 -15.02 29.95
C GLY F 166 47.03 -14.95 31.14
N LYS F 167 47.01 -15.99 31.98
CA LYS F 167 47.79 -16.02 33.19
C LYS F 167 48.72 -17.22 33.16
N VAL F 168 49.84 -17.10 33.89
CA VAL F 168 50.90 -18.09 33.82
C VAL F 168 50.42 -19.41 34.41
N LEU F 169 50.83 -20.52 33.79
CA LEU F 169 50.50 -21.86 34.24
C LEU F 169 51.78 -22.58 34.64
N THR F 170 51.67 -23.43 35.67
CA THR F 170 52.83 -24.16 36.15
C THR F 170 53.04 -25.43 35.34
N GLU F 171 54.09 -26.18 35.68
CA GLU F 171 54.40 -27.43 35.01
C GLU F 171 53.46 -28.57 35.41
N VAL F 172 52.65 -28.38 36.45
CA VAL F 172 51.69 -29.38 36.86
C VAL F 172 50.26 -29.02 36.47
N GLY F 173 49.97 -27.74 36.23
CA GLY F 173 48.61 -27.34 35.90
C GLY F 173 48.00 -26.40 36.91
N ASP F 174 48.82 -25.59 37.55
CA ASP F 174 48.36 -24.63 38.56
C ASP F 174 48.72 -23.22 38.13
N ILE F 175 47.93 -22.26 38.59
CA ILE F 175 48.17 -20.85 38.30
C ILE F 175 49.40 -20.38 39.08
N ALA F 176 50.29 -19.66 38.41
CA ALA F 176 51.50 -19.13 39.03
C ALA F 176 51.52 -17.61 39.06
N GLY F 177 50.36 -16.96 38.95
CA GLY F 177 50.28 -15.52 38.99
C GLY F 177 50.58 -14.86 37.66
N ASN F 178 50.74 -13.55 37.73
CA ASN F 178 50.93 -12.74 36.53
C ASN F 178 52.28 -13.03 35.88
N SER F 179 52.37 -12.71 34.59
CA SER F 179 53.58 -12.92 33.82
C SER F 179 54.52 -11.73 33.95
N VAL F 180 55.81 -12.00 33.81
CA VAL F 180 56.81 -10.93 33.88
C VAL F 180 56.73 -10.04 32.65
N SER F 181 56.47 -10.64 31.48
CA SER F 181 56.39 -9.86 30.25
C SER F 181 55.23 -8.87 30.31
N THR F 182 55.52 -7.62 29.93
CA THR F 182 54.45 -6.62 29.88
C THR F 182 53.41 -6.99 28.84
N ILE F 183 53.83 -7.26 27.60
CA ILE F 183 52.93 -7.66 26.53
C ILE F 183 53.59 -8.77 25.71
N ASP F 184 52.76 -9.68 25.22
CA ASP F 184 53.20 -10.81 24.40
C ASP F 184 52.25 -10.96 23.22
N LEU F 185 52.80 -11.13 22.02
CA LEU F 185 52.00 -11.23 20.81
C LEU F 185 52.53 -12.35 19.93
N TYR F 186 51.63 -12.92 19.13
CA TYR F 186 51.98 -13.94 18.15
C TYR F 186 51.43 -13.50 16.79
N LEU F 187 52.33 -13.21 15.87
CA LEU F 187 51.98 -12.79 14.52
C LEU F 187 51.96 -14.01 13.61
N PHE F 188 50.78 -14.28 13.04
CA PHE F 188 50.59 -15.34 12.06
C PHE F 188 50.56 -14.72 10.67
N ALA F 189 51.48 -15.14 9.81
CA ALA F 189 51.63 -14.59 8.47
C ALA F 189 51.58 -15.70 7.44
N TYR F 190 50.58 -16.56 7.54
CA TYR F 190 50.45 -17.74 6.69
C TYR F 190 49.79 -17.45 5.35
N GLY F 191 49.38 -16.21 5.10
CA GLY F 191 48.70 -15.89 3.86
C GLY F 191 47.34 -16.54 3.77
N ARG F 192 47.12 -17.32 2.72
CA ARG F 192 45.86 -18.03 2.51
C ARG F 192 46.01 -19.54 2.65
N ASP F 193 47.02 -19.99 3.41
CA ASP F 193 47.16 -21.39 3.75
C ASP F 193 46.59 -21.59 5.15
N TYR F 194 45.27 -21.75 5.22
CA TYR F 194 44.58 -21.78 6.50
C TYR F 194 44.80 -23.10 7.23
N ARG F 195 44.90 -24.21 6.49
CA ARG F 195 45.12 -25.51 7.11
C ARG F 195 46.45 -25.55 7.84
N GLN F 196 47.51 -25.02 7.21
CA GLN F 196 48.81 -24.98 7.86
C GLN F 196 48.79 -24.09 9.09
N ALA F 197 48.09 -22.95 9.01
CA ALA F 197 47.97 -22.07 10.16
C ALA F 197 47.27 -22.77 11.32
N LEU F 198 46.21 -23.52 11.03
CA LEU F 198 45.51 -24.24 12.08
C LEU F 198 46.39 -25.34 12.67
N LYS F 199 47.15 -26.04 11.83
CA LYS F 199 48.06 -27.07 12.32
C LYS F 199 49.11 -26.48 13.25
N ASP F 200 49.67 -25.33 12.88
CA ASP F 200 50.68 -24.70 13.73
C ASP F 200 50.07 -24.13 15.00
N PHE F 201 48.83 -23.64 14.93
CA PHE F 201 48.14 -23.23 16.15
C PHE F 201 47.95 -24.40 17.10
N TYR F 202 47.59 -25.57 16.56
CA TYR F 202 47.43 -26.75 17.41
C TYR F 202 48.77 -27.20 17.96
N GLN F 203 49.84 -27.05 17.18
CA GLN F 203 51.17 -27.35 17.69
C GLN F 203 51.55 -26.42 18.84
N LEU F 204 51.18 -25.14 18.72
CA LEU F 204 51.55 -24.16 19.73
C LEU F 204 50.74 -24.35 21.02
N THR F 205 49.44 -24.60 20.91
CA THR F 205 48.56 -24.64 22.08
C THR F 205 48.12 -26.05 22.46
N GLY F 206 48.52 -27.07 21.71
CA GLY F 206 48.14 -28.43 22.05
C GLY F 206 46.98 -28.96 21.21
N ASN F 207 47.10 -30.20 20.76
CA ASN F 207 46.06 -30.80 19.93
C ASN F 207 44.81 -31.10 20.75
N THR F 208 43.69 -31.17 20.06
CA THR F 208 42.43 -31.56 20.70
C THR F 208 42.46 -33.05 21.02
N PRO F 209 42.08 -33.44 22.24
CA PRO F 209 42.05 -34.87 22.56
C PRO F 209 40.92 -35.60 21.86
N LYS F 210 41.05 -36.91 21.79
CA LYS F 210 40.05 -37.74 21.15
C LYS F 210 38.74 -37.71 21.93
N LEU F 211 37.65 -37.85 21.22
CA LEU F 211 36.34 -37.99 21.82
C LEU F 211 35.91 -39.45 21.80
N PRO F 212 35.12 -39.89 22.78
CA PRO F 212 34.62 -41.27 22.76
C PRO F 212 33.54 -41.44 21.70
N ARG F 213 33.34 -42.70 21.30
CA ARG F 213 32.40 -42.99 20.22
C ARG F 213 30.98 -42.63 20.59
N PHE F 214 30.57 -42.90 21.84
CA PHE F 214 29.20 -42.65 22.24
C PHE F 214 28.83 -41.17 22.16
N ALA F 215 29.80 -40.27 22.21
CA ALA F 215 29.53 -38.85 22.08
C ALA F 215 29.10 -38.45 20.68
N LEU F 216 29.24 -39.34 19.69
CA LEU F 216 28.90 -39.02 18.32
C LEU F 216 27.51 -39.52 17.91
N GLY F 217 26.70 -39.98 18.86
CA GLY F 217 25.35 -40.39 18.59
C GLY F 217 24.36 -39.28 18.87
N ASN F 218 23.13 -39.67 19.19
CA ASN F 218 22.06 -38.74 19.52
C ASN F 218 21.97 -38.57 21.02
N TRP F 219 21.94 -37.32 21.47
CA TRP F 219 21.75 -37.01 22.89
C TRP F 219 20.32 -36.57 23.12
N TRP F 220 19.72 -37.04 24.20
CA TRP F 220 18.38 -36.64 24.60
C TRP F 220 18.47 -35.85 25.90
N SER F 221 17.82 -34.68 25.93
CA SER F 221 17.82 -33.88 27.15
C SER F 221 16.50 -33.13 27.25
N ARG F 222 15.83 -33.27 28.39
CA ARG F 222 14.63 -32.49 28.67
C ARG F 222 14.62 -32.05 30.12
N TYR F 223 14.32 -30.77 30.34
CA TYR F 223 14.19 -30.23 31.69
C TYR F 223 12.77 -30.56 32.16
N TYR F 224 12.64 -31.76 32.71
CA TYR F 224 11.35 -32.28 33.16
C TYR F 224 11.54 -33.04 34.46
N ASP F 225 10.45 -33.14 35.22
CA ASP F 225 10.45 -33.88 36.48
C ASP F 225 10.19 -35.37 36.19
N TYR F 226 11.24 -36.03 35.73
CA TYR F 226 11.13 -37.43 35.33
C TYR F 226 11.18 -38.34 36.56
N SER F 227 10.34 -39.37 36.54
CA SER F 227 10.45 -40.50 37.45
C SER F 227 11.20 -41.63 36.76
N ASP F 228 11.76 -42.54 37.58
CA ASP F 228 12.56 -43.61 37.02
C ASP F 228 11.73 -44.48 36.08
N LYS F 229 10.52 -44.86 36.51
CA LYS F 229 9.67 -45.68 35.66
C LYS F 229 9.23 -44.93 34.42
N SER F 230 8.92 -43.64 34.55
CA SER F 230 8.52 -42.84 33.40
C SER F 230 9.69 -42.66 32.43
N TYR F 231 10.89 -42.46 32.95
CA TYR F 231 12.07 -42.35 32.07
C TYR F 231 12.32 -43.65 31.34
N LEU F 232 12.21 -44.80 32.03
CA LEU F 232 12.38 -46.08 31.37
C LEU F 232 11.30 -46.30 30.31
N ALA F 233 10.07 -45.88 30.60
CA ALA F 233 9.00 -45.99 29.61
C ALA F 233 9.29 -45.13 28.38
N LEU F 234 9.83 -43.93 28.59
CA LEU F 234 10.17 -43.07 27.47
C LEU F 234 11.29 -43.69 26.62
N MET F 235 12.30 -44.28 27.27
CA MET F 235 13.35 -44.94 26.51
C MET F 235 12.81 -46.13 25.73
N ASP F 236 11.91 -46.91 26.33
CA ASP F 236 11.31 -48.04 25.63
C ASP F 236 10.46 -47.56 24.45
N LYS F 237 9.78 -46.42 24.61
CA LYS F 237 9.03 -45.84 23.50
C LYS F 237 9.95 -45.41 22.38
N PHE F 238 11.10 -44.83 22.72
CA PHE F 238 12.09 -44.47 21.71
C PHE F 238 12.57 -45.71 20.96
N THR F 239 12.82 -46.80 21.69
CA THR F 239 13.24 -48.04 21.04
C THR F 239 12.14 -48.59 20.13
N ASP F 240 10.89 -48.52 20.59
CA ASP F 240 9.78 -49.06 19.80
C ASP F 240 9.60 -48.30 18.49
N LYS F 241 9.93 -47.01 18.48
CA LYS F 241 9.77 -46.18 17.30
C LYS F 241 10.99 -46.21 16.39
N LYS F 242 11.99 -47.05 16.69
CA LYS F 242 13.18 -47.24 15.86
C LYS F 242 14.05 -45.99 15.82
N VAL F 243 14.21 -45.35 16.99
CA VAL F 243 15.05 -44.17 17.13
C VAL F 243 16.24 -44.53 18.01
N PRO F 244 17.45 -44.58 17.47
CA PRO F 244 18.62 -44.90 18.30
C PRO F 244 19.08 -43.70 19.13
N LEU F 245 19.59 -43.99 20.32
CA LEU F 245 20.11 -42.99 21.23
C LEU F 245 21.41 -43.48 21.83
N SER F 246 22.27 -42.54 22.20
CA SER F 246 23.57 -42.87 22.78
C SER F 246 23.78 -42.33 24.18
N VAL F 247 23.24 -41.15 24.47
CA VAL F 247 23.48 -40.48 25.75
C VAL F 247 22.14 -40.06 26.34
N SER F 248 21.94 -40.32 27.63
CA SER F 248 20.78 -39.85 28.37
C SER F 248 21.24 -38.74 29.31
N VAL F 249 20.62 -37.57 29.18
CA VAL F 249 20.96 -36.41 29.99
C VAL F 249 19.81 -36.15 30.95
N ILE F 250 20.12 -36.18 32.25
CA ILE F 250 19.13 -35.94 33.30
C ILE F 250 19.42 -34.57 33.91
N ASP F 251 18.43 -33.69 33.88
CA ASP F 251 18.62 -32.30 34.26
C ASP F 251 18.60 -32.18 35.79
N MET F 252 18.51 -30.94 36.29
CA MET F 252 18.72 -30.63 37.70
C MET F 252 17.66 -31.24 38.61
N ASP F 253 16.54 -31.73 38.07
CA ASP F 253 15.51 -32.32 38.91
C ASP F 253 15.89 -33.69 39.44
N TRP F 254 17.09 -34.19 39.14
CA TRP F 254 17.53 -35.46 39.72
C TRP F 254 17.79 -35.35 41.21
N HIS F 255 18.01 -34.15 41.73
CA HIS F 255 18.28 -33.93 43.14
C HIS F 255 17.13 -33.18 43.80
N LYS F 256 17.27 -32.91 45.09
CA LYS F 256 16.23 -32.25 45.87
C LYS F 256 16.15 -30.78 45.48
N VAL F 257 14.94 -30.30 45.23
CA VAL F 257 14.70 -28.92 44.83
C VAL F 257 13.75 -28.21 45.78
N SER F 258 12.53 -28.72 45.92
CA SER F 258 11.48 -28.06 46.70
C SER F 258 11.47 -28.49 48.16
N GLU F 259 12.29 -29.47 48.54
CA GLU F 259 12.35 -29.95 49.92
C GLU F 259 13.58 -29.43 50.66
N VAL F 260 14.28 -28.46 50.09
CA VAL F 260 15.41 -27.83 50.78
C VAL F 260 14.88 -27.06 51.99
N PRO F 261 15.59 -27.05 53.12
CA PRO F 261 15.11 -26.29 54.28
C PRO F 261 15.00 -24.80 53.98
N SER F 262 14.11 -24.14 54.72
CA SER F 262 13.83 -22.72 54.48
C SER F 262 15.08 -21.86 54.66
N ARG F 263 15.98 -22.28 55.55
CA ARG F 263 17.21 -21.52 55.78
C ARG F 263 18.02 -21.40 54.49
N PHE F 264 18.28 -22.53 53.84
CA PHE F 264 19.10 -22.54 52.64
C PHE F 264 18.35 -21.90 51.48
N GLY F 265 19.11 -21.29 50.57
CA GLY F 265 18.50 -20.51 49.50
C GLY F 265 18.16 -21.30 48.26
N SER F 266 18.73 -20.92 47.12
CA SER F 266 18.43 -21.57 45.85
C SER F 266 18.85 -23.04 45.88
N GLY F 267 17.87 -23.94 45.80
CA GLY F 267 18.16 -25.35 45.81
C GLY F 267 18.65 -25.89 44.47
N TRP F 268 19.14 -24.99 43.62
CA TRP F 268 19.71 -25.42 42.34
C TRP F 268 20.90 -26.33 42.55
N THR F 269 21.75 -26.01 43.52
CA THR F 269 22.86 -26.89 43.88
C THR F 269 22.33 -28.10 44.63
N GLY F 270 22.78 -29.29 44.23
CA GLY F 270 22.36 -30.50 44.89
C GLY F 270 23.26 -31.68 44.59
N TYR F 271 23.52 -32.51 45.60
CA TYR F 271 24.30 -33.73 45.43
C TYR F 271 23.63 -34.91 46.12
N SER F 272 22.34 -34.80 46.44
CA SER F 272 21.57 -35.85 47.08
C SER F 272 20.46 -36.30 46.14
N TRP F 273 20.32 -37.62 45.98
CA TRP F 273 19.30 -38.15 45.09
C TRP F 273 17.90 -37.87 45.64
N ASN F 274 16.96 -37.63 44.73
CA ASN F 274 15.56 -37.45 45.09
C ASN F 274 14.93 -38.83 45.23
N LYS F 275 14.78 -39.31 46.47
CA LYS F 275 14.31 -40.67 46.68
C LYS F 275 12.84 -40.83 46.36
N LYS F 276 12.06 -39.74 46.41
CA LYS F 276 10.67 -39.82 46.01
C LYS F 276 10.53 -40.17 44.54
N LEU F 277 11.36 -39.57 43.69
CA LEU F 277 11.36 -39.85 42.26
C LEU F 277 12.28 -41.00 41.88
N PHE F 278 13.37 -41.19 42.61
CA PHE F 278 14.36 -42.23 42.34
C PHE F 278 14.56 -43.06 43.59
N PRO F 279 13.65 -44.00 43.87
CA PRO F 279 13.82 -44.83 45.08
C PRO F 279 15.11 -45.64 45.09
N ASN F 280 15.54 -46.14 43.93
CA ASN F 280 16.75 -46.96 43.82
C ASN F 280 17.61 -46.42 42.69
N PRO F 281 18.41 -45.38 42.95
CA PRO F 281 19.23 -44.81 41.87
C PRO F 281 20.19 -45.81 41.25
N GLU F 282 20.74 -46.71 42.05
CA GLU F 282 21.64 -47.74 41.52
C GLU F 282 20.92 -48.61 40.50
N ASN F 283 19.69 -49.02 40.80
CA ASN F 283 18.93 -49.85 39.87
C ASN F 283 18.56 -49.07 38.63
N PHE F 284 18.26 -47.78 38.77
CA PHE F 284 17.94 -46.96 37.61
C PHE F 284 19.14 -46.84 36.66
N ILE F 285 20.32 -46.55 37.21
CA ILE F 285 21.52 -46.47 36.37
C ILE F 285 21.84 -47.84 35.78
N ASP F 286 21.60 -48.91 36.54
CA ASP F 286 21.83 -50.25 36.01
C ASP F 286 20.92 -50.55 34.82
N GLU F 287 19.65 -50.15 34.91
CA GLU F 287 18.73 -50.34 33.79
C GLU F 287 19.16 -49.50 32.59
N LEU F 288 19.57 -48.25 32.83
CA LEU F 288 20.03 -47.41 31.73
C LEU F 288 21.24 -48.00 31.03
N HIS F 289 22.18 -48.56 31.80
CA HIS F 289 23.32 -49.24 31.20
C HIS F 289 22.91 -50.55 30.53
N GLN F 290 21.85 -51.19 31.03
CA GLN F 290 21.34 -52.39 30.39
C GLN F 290 20.77 -52.08 29.01
N ARG F 291 20.21 -50.89 28.84
CA ARG F 291 19.80 -50.42 27.52
C ARG F 291 20.95 -49.82 26.73
N LYS F 292 22.17 -49.89 27.26
CA LYS F 292 23.38 -49.37 26.62
C LYS F 292 23.24 -47.86 26.36
N LEU F 293 23.14 -47.11 27.45
CA LEU F 293 23.08 -45.66 27.42
C LEU F 293 24.10 -45.11 28.39
N LYS F 294 24.76 -44.02 28.00
CA LYS F 294 25.68 -43.32 28.90
C LYS F 294 24.91 -42.22 29.62
N VAL F 295 25.15 -42.10 30.92
CA VAL F 295 24.33 -41.25 31.79
C VAL F 295 25.17 -40.06 32.23
N THR F 296 24.57 -38.88 32.21
CA THR F 296 25.18 -37.68 32.75
C THR F 296 24.15 -36.92 33.57
N LEU F 297 24.64 -36.14 34.52
CA LEU F 297 23.79 -35.37 35.42
C LEU F 297 24.19 -33.90 35.39
N ASN F 298 23.21 -33.04 35.59
CA ASN F 298 23.47 -31.61 35.67
C ASN F 298 24.04 -31.26 37.04
N ASP F 299 25.02 -30.38 37.07
CA ASP F 299 25.67 -29.96 38.30
C ASP F 299 25.67 -28.45 38.40
N HIS F 300 25.37 -27.93 39.60
CA HIS F 300 25.31 -26.49 39.86
C HIS F 300 26.17 -26.20 41.08
N PRO F 301 27.48 -26.03 40.90
CA PRO F 301 28.37 -25.84 42.03
C PRO F 301 28.37 -24.44 42.63
N ALA F 302 27.57 -23.51 42.08
CA ALA F 302 27.71 -22.10 42.45
C ALA F 302 27.45 -21.88 43.94
N ASP F 303 26.41 -22.51 44.48
CA ASP F 303 26.07 -22.30 45.89
C ASP F 303 27.12 -22.93 46.81
N GLY F 304 27.27 -24.24 46.72
CA GLY F 304 28.25 -24.96 47.50
C GLY F 304 27.65 -26.13 48.24
N ILE F 305 28.51 -26.82 48.98
CA ILE F 305 28.11 -28.01 49.73
C ILE F 305 27.46 -27.57 51.04
N ARG F 306 26.13 -27.61 51.08
CA ARG F 306 25.40 -27.19 52.26
C ARG F 306 25.29 -28.34 53.26
N ALA F 307 24.79 -28.03 54.46
CA ALA F 307 24.75 -29.01 55.54
C ALA F 307 23.70 -30.09 55.32
N PHE F 308 22.71 -29.86 54.47
CA PHE F 308 21.65 -30.83 54.26
C PHE F 308 22.01 -31.90 53.24
N GLU F 309 23.15 -31.77 52.55
CA GLU F 309 23.55 -32.77 51.57
C GLU F 309 23.83 -34.10 52.26
N ASP F 310 23.56 -35.19 51.55
CA ASP F 310 23.89 -36.52 52.08
C ASP F 310 25.39 -36.70 52.33
N PRO F 311 26.29 -36.35 51.41
CA PRO F 311 27.73 -36.49 51.70
C PRO F 311 28.33 -35.35 52.49
N TYR F 312 27.52 -34.44 53.03
CA TYR F 312 28.07 -33.30 53.76
C TYR F 312 28.93 -33.68 54.95
N PRO F 313 28.56 -34.65 55.81
CA PRO F 313 29.44 -34.99 56.93
C PRO F 313 30.87 -35.32 56.52
N GLN F 314 31.05 -36.12 55.47
CA GLN F 314 32.38 -36.52 55.05
C GLN F 314 33.24 -35.31 54.70
N VAL F 315 32.69 -34.41 53.88
CA VAL F 315 33.40 -33.18 53.54
C VAL F 315 33.72 -32.39 54.80
N ALA F 316 32.81 -32.42 55.78
CA ALA F 316 33.05 -31.71 57.04
C ALA F 316 34.30 -32.24 57.74
N GLN F 317 34.55 -33.54 57.62
CA GLN F 317 35.75 -34.10 58.23
C GLN F 317 37.00 -33.76 57.43
N THR F 318 36.86 -33.35 56.17
CA THR F 318 38.02 -33.10 55.34
C THR F 318 38.44 -31.62 55.38
N LEU F 319 37.51 -30.72 55.08
CA LEU F 319 37.84 -29.30 54.97
C LEU F 319 37.91 -28.63 56.34
N ASP F 320 36.77 -28.54 57.02
CA ASP F 320 36.70 -27.89 58.32
C ASP F 320 35.39 -28.22 59.02
N LEU F 321 35.46 -28.71 60.25
CA LEU F 321 34.26 -28.95 61.02
C LEU F 321 33.62 -27.62 61.42
N ASN F 322 32.30 -27.61 61.48
CA ASN F 322 31.58 -26.42 61.96
C ASN F 322 31.95 -26.12 63.40
N THR F 323 32.15 -24.83 63.70
CA THR F 323 32.62 -24.43 65.02
C THR F 323 31.61 -24.82 66.10
N GLU F 324 30.43 -24.20 66.06
CA GLU F 324 29.33 -24.60 66.94
C GLU F 324 28.15 -25.13 66.16
N LEU F 325 27.57 -24.34 65.26
CA LEU F 325 26.48 -24.79 64.39
C LEU F 325 26.55 -23.96 63.11
N GLU F 326 27.21 -24.51 62.09
CA GLU F 326 27.37 -23.85 60.80
C GLU F 326 27.38 -24.89 59.71
N GLU F 327 27.81 -24.48 58.52
CA GLU F 327 27.87 -25.30 57.32
C GLU F 327 29.18 -25.05 56.58
N ALA F 328 29.36 -25.75 55.46
CA ALA F 328 30.65 -25.76 54.76
C ALA F 328 30.46 -25.63 53.24
N ALA F 329 29.63 -24.67 52.81
CA ALA F 329 29.48 -24.40 51.38
C ALA F 329 30.59 -23.46 50.89
N LYS F 330 31.83 -23.95 51.04
CA LYS F 330 33.00 -23.17 50.67
C LYS F 330 33.46 -23.56 49.27
N PHE F 331 32.72 -23.06 48.29
CA PHE F 331 33.05 -23.31 46.88
C PHE F 331 34.13 -22.33 46.44
N ASP F 332 35.38 -22.69 46.74
CA ASP F 332 36.55 -21.95 46.29
C ASP F 332 37.45 -22.94 45.58
N PHE F 333 37.32 -23.02 44.25
CA PHE F 333 37.97 -24.04 43.46
C PHE F 333 39.46 -23.79 43.27
N ASP F 334 40.02 -22.85 44.03
CA ASP F 334 41.47 -22.62 44.04
C ASP F 334 42.18 -23.52 45.04
N ASN F 335 41.53 -23.86 46.15
CA ASN F 335 42.16 -24.65 47.20
C ASN F 335 42.35 -26.09 46.75
N LEU F 336 43.54 -26.63 47.01
CA LEU F 336 43.81 -28.04 46.70
C LEU F 336 42.92 -28.97 47.51
N LYS F 337 42.75 -28.67 48.79
CA LYS F 337 41.97 -29.56 49.67
C LYS F 337 40.50 -29.57 49.27
N PHE F 338 39.94 -28.41 48.91
CA PHE F 338 38.57 -28.38 48.46
C PHE F 338 38.38 -29.18 47.19
N ARG F 339 39.30 -29.05 46.24
CA ARG F 339 39.18 -29.82 45.00
C ARG F 339 39.28 -31.31 45.28
N LYS F 340 40.18 -31.72 46.17
CA LYS F 340 40.29 -33.13 46.51
C LYS F 340 39.00 -33.64 47.16
N ALA F 341 38.44 -32.88 48.10
CA ALA F 341 37.21 -33.29 48.75
C ALA F 341 36.05 -33.36 47.77
N TYR F 342 35.98 -32.41 46.84
CA TYR F 342 34.90 -32.36 45.88
C TYR F 342 35.02 -33.47 44.84
N PHE F 343 36.25 -33.92 44.56
CA PHE F 343 36.46 -35.00 43.60
C PHE F 343 36.52 -36.39 44.25
N GLU F 344 36.53 -36.48 45.57
CA GLU F 344 36.58 -37.77 46.25
C GLU F 344 35.29 -38.14 46.96
N GLU F 345 34.72 -37.23 47.74
CA GLU F 345 33.53 -37.54 48.53
C GLU F 345 32.23 -37.02 47.94
N VAL F 346 32.28 -36.06 47.02
CA VAL F 346 31.05 -35.50 46.46
C VAL F 346 30.70 -36.23 45.18
N HIS F 347 31.59 -36.16 44.18
CA HIS F 347 31.37 -36.86 42.92
C HIS F 347 31.67 -38.35 43.00
N GLY F 348 32.42 -38.77 44.02
CA GLY F 348 32.87 -40.15 44.13
C GLY F 348 31.76 -41.17 44.22
N PRO F 349 30.89 -41.06 45.23
CA PRO F 349 29.78 -42.01 45.34
C PRO F 349 28.84 -41.99 44.14
N LEU F 350 28.59 -40.81 43.56
CA LEU F 350 27.72 -40.73 42.38
C LEU F 350 28.34 -41.44 41.19
N GLU F 351 29.65 -41.23 40.96
CA GLU F 351 30.32 -41.95 39.88
C GLU F 351 30.42 -43.44 40.18
N LYS F 352 30.40 -43.81 41.46
CA LYS F 352 30.32 -45.23 41.81
C LYS F 352 28.95 -45.80 41.48
N GLU F 353 27.89 -45.01 41.62
CA GLU F 353 26.57 -45.46 41.21
C GLU F 353 26.51 -45.74 39.72
N GLY F 354 27.35 -45.08 38.93
CA GLY F 354 27.43 -45.37 37.51
C GLY F 354 27.32 -44.17 36.60
N VAL F 355 27.44 -42.96 37.15
CA VAL F 355 27.42 -41.75 36.33
C VAL F 355 28.72 -41.68 35.54
N ASP F 356 28.61 -41.47 34.23
CA ASP F 356 29.78 -41.51 33.36
C ASP F 356 30.51 -40.19 33.33
N PHE F 357 29.83 -39.11 32.94
CA PHE F 357 30.43 -37.79 32.88
C PHE F 357 29.47 -36.76 33.44
N TRP F 358 29.97 -35.54 33.63
CA TRP F 358 29.28 -34.50 34.37
C TRP F 358 28.97 -33.31 33.48
N TRP F 359 27.78 -32.74 33.64
CA TRP F 359 27.36 -31.55 32.91
C TRP F 359 27.49 -30.38 33.88
N ILE F 360 28.48 -29.53 33.64
CA ILE F 360 28.76 -28.37 34.50
C ILE F 360 27.99 -27.19 33.93
N ASP F 361 26.92 -26.79 34.61
CA ASP F 361 26.10 -25.66 34.19
C ASP F 361 26.43 -24.47 35.09
N TRP F 362 27.45 -23.72 34.69
CA TRP F 362 27.91 -22.55 35.43
C TRP F 362 27.41 -21.30 34.71
N GLN F 363 26.27 -20.79 35.16
CA GLN F 363 25.67 -19.59 34.58
C GLN F 363 25.93 -18.39 35.48
N GLN F 364 27.17 -17.91 35.43
CA GLN F 364 27.60 -16.78 36.25
C GLN F 364 28.45 -15.83 35.41
N GLY F 365 28.49 -14.58 35.85
CA GLY F 365 29.18 -13.54 35.11
C GLY F 365 30.64 -13.34 35.51
N ALA F 366 31.42 -14.42 35.51
CA ALA F 366 32.87 -14.36 35.68
C ALA F 366 33.25 -13.67 36.99
N ILE F 367 32.90 -14.30 38.10
CA ILE F 367 33.21 -13.77 39.43
C ILE F 367 34.58 -14.31 39.80
N SER F 368 35.62 -13.61 39.35
CA SER F 368 37.00 -14.03 39.59
C SER F 368 37.47 -13.56 40.95
N LYS F 369 38.04 -14.50 41.72
CA LYS F 369 38.53 -14.21 43.06
C LYS F 369 40.04 -13.97 43.11
N SER F 370 40.81 -14.73 42.34
CA SER F 370 42.26 -14.57 42.28
C SER F 370 42.73 -14.05 40.93
N GLY F 371 41.86 -13.35 40.20
CA GLY F 371 42.19 -12.87 38.89
C GLY F 371 42.05 -13.88 37.78
N VAL F 372 41.60 -15.09 38.09
CA VAL F 372 41.43 -16.15 37.10
C VAL F 372 39.95 -16.46 37.02
N ASP F 373 39.46 -16.65 35.80
CA ASP F 373 38.05 -16.99 35.59
C ASP F 373 37.76 -18.37 36.17
N PRO F 374 36.79 -18.51 37.08
CA PRO F 374 36.54 -19.82 37.69
C PRO F 374 36.10 -20.88 36.70
N LEU F 375 35.45 -20.49 35.60
CA LEU F 375 35.02 -21.47 34.61
C LEU F 375 36.21 -22.19 33.99
N TRP F 376 37.30 -21.46 33.72
CA TRP F 376 38.49 -22.11 33.15
C TRP F 376 39.06 -23.15 34.11
N LEU F 377 39.15 -22.82 35.40
CA LEU F 377 39.67 -23.78 36.36
C LEU F 377 38.74 -24.98 36.49
N LEU F 378 37.42 -24.73 36.53
CA LEU F 378 36.47 -25.84 36.56
C LEU F 378 36.66 -26.77 35.37
N ASN F 379 36.73 -26.21 34.16
CA ASN F 379 36.90 -27.03 32.97
C ASN F 379 38.19 -27.82 33.03
N HIS F 380 39.30 -27.15 33.36
CA HIS F 380 40.60 -27.81 33.38
C HIS F 380 40.61 -28.97 34.37
N TYR F 381 40.22 -28.72 35.61
CA TYR F 381 40.36 -29.75 36.64
C TYR F 381 39.29 -30.83 36.49
N GLN F 382 38.08 -30.47 36.05
CA GLN F 382 37.06 -31.46 35.81
C GLN F 382 37.44 -32.40 34.66
N TYR F 383 38.02 -31.84 33.58
CA TYR F 383 38.46 -32.70 32.49
C TYR F 383 39.62 -33.58 32.91
N GLN F 384 40.53 -33.04 33.72
CA GLN F 384 41.62 -33.86 34.25
C GLN F 384 41.09 -35.00 35.11
N ASN F 385 40.04 -34.74 35.89
CA ASN F 385 39.49 -35.76 36.78
C ASN F 385 38.63 -36.79 36.03
N ALA F 386 37.96 -36.38 34.96
CA ALA F 386 37.05 -37.30 34.28
C ALA F 386 37.77 -38.45 33.59
N GLN F 387 39.09 -38.38 33.46
CA GLN F 387 39.83 -39.39 32.70
C GLN F 387 39.92 -40.72 33.44
N LYS F 388 39.77 -40.73 34.76
CA LYS F 388 39.84 -42.00 35.48
C LYS F 388 38.58 -42.84 35.30
N LYS F 389 37.44 -42.18 35.11
CA LYS F 389 36.18 -42.92 34.94
C LYS F 389 36.18 -43.71 33.65
N HIS F 390 36.51 -43.07 32.53
CA HIS F 390 36.56 -43.73 31.24
C HIS F 390 37.77 -43.25 30.46
N LYS F 391 38.20 -44.06 29.49
CA LYS F 391 39.29 -43.67 28.61
C LYS F 391 38.80 -42.62 27.62
N ASN F 392 39.48 -41.47 27.61
CA ASN F 392 39.13 -40.34 26.75
C ASN F 392 37.70 -39.88 27.03
N ASN F 393 37.46 -39.47 28.27
CA ASN F 393 36.16 -38.99 28.67
C ASN F 393 35.97 -37.53 28.27
N ILE F 394 34.75 -37.03 28.44
CA ILE F 394 34.39 -35.67 28.06
C ILE F 394 33.60 -35.03 29.19
N ILE F 395 33.34 -33.73 29.03
CA ILE F 395 32.48 -32.97 29.93
C ILE F 395 31.59 -32.08 29.08
N LEU F 396 30.56 -31.53 29.71
CA LEU F 396 29.76 -30.46 29.14
C LEU F 396 30.04 -29.17 29.93
N SER F 397 30.51 -28.15 29.23
CA SER F 397 30.83 -26.88 29.86
C SER F 397 30.71 -25.79 28.80
N ARG F 398 31.24 -24.61 29.11
CA ARG F 398 31.15 -23.46 28.21
C ARG F 398 32.54 -23.03 27.75
N TYR F 399 32.55 -22.23 26.69
CA TYR F 399 33.79 -21.72 26.13
C TYR F 399 34.44 -20.72 27.08
N ALA F 400 35.78 -20.76 27.15
CA ALA F 400 36.54 -19.92 28.06
C ALA F 400 37.77 -19.34 27.37
N GLY F 401 37.60 -18.88 26.13
CA GLY F 401 38.68 -18.23 25.42
C GLY F 401 39.63 -19.21 24.76
N PRO F 402 40.61 -18.69 24.02
CA PRO F 402 41.61 -19.56 23.40
C PRO F 402 42.25 -20.49 24.42
N GLY F 403 42.51 -21.72 23.99
CA GLY F 403 43.02 -22.76 24.86
C GLY F 403 41.96 -23.62 25.49
N SER F 404 40.68 -23.32 25.30
CA SER F 404 39.60 -24.15 25.80
C SER F 404 39.35 -25.37 24.93
N HIS F 405 39.93 -25.44 23.74
CA HIS F 405 39.72 -26.58 22.86
C HIS F 405 40.33 -27.86 23.41
N ARG F 406 41.16 -27.77 24.45
CA ARG F 406 41.77 -28.93 25.06
C ARG F 406 40.83 -29.68 26.00
N TYR F 407 39.66 -29.10 26.31
CA TYR F 407 38.71 -29.69 27.27
C TYR F 407 37.33 -29.74 26.65
N PRO F 408 37.09 -30.69 25.75
CA PRO F 408 35.74 -30.88 25.21
C PRO F 408 34.83 -31.52 26.25
N LEU F 409 33.52 -31.29 26.12
CA LEU F 409 32.93 -30.48 25.06
C LEU F 409 32.42 -29.15 25.58
N GLY F 410 32.21 -28.21 24.65
CA GLY F 410 31.62 -26.93 25.01
C GLY F 410 30.31 -26.71 24.29
N PHE F 411 29.25 -26.43 25.03
CA PHE F 411 27.93 -26.19 24.46
C PHE F 411 27.59 -24.70 24.57
N SER F 412 26.59 -24.30 23.80
CA SER F 412 26.21 -22.89 23.72
C SER F 412 24.86 -22.62 24.36
N GLY F 413 23.79 -23.26 23.89
CA GLY F 413 22.46 -22.97 24.38
C GLY F 413 22.10 -21.50 24.22
N ASP F 414 21.02 -21.11 24.89
CA ASP F 414 20.63 -19.71 25.08
C ASP F 414 20.21 -19.12 23.72
N SER F 415 19.97 -19.99 22.73
CA SER F 415 19.48 -19.53 21.44
C SER F 415 17.96 -19.51 21.41
N VAL F 416 17.39 -18.57 20.66
CA VAL F 416 15.95 -18.47 20.53
C VAL F 416 15.47 -19.38 19.42
N ILE F 417 14.21 -19.81 19.48
CA ILE F 417 13.65 -20.75 18.52
C ILE F 417 13.03 -19.92 17.41
N SER F 418 13.83 -19.59 16.40
CA SER F 418 13.37 -18.76 15.30
C SER F 418 14.17 -19.12 14.06
N TRP F 419 13.66 -18.67 12.90
CA TRP F 419 14.33 -18.93 11.64
C TRP F 419 15.66 -18.20 11.55
N ALA F 420 15.79 -17.04 12.22
CA ALA F 420 17.03 -16.29 12.19
C ALA F 420 18.17 -17.04 12.85
N SER F 421 17.88 -17.72 13.98
CA SER F 421 18.92 -18.51 14.63
C SER F 421 19.38 -19.66 13.74
N LEU F 422 18.44 -20.32 13.06
CA LEU F 422 18.80 -21.38 12.12
C LEU F 422 19.63 -20.82 10.97
N ASP F 423 19.31 -19.61 10.50
CA ASP F 423 20.11 -18.99 9.46
C ASP F 423 21.53 -18.72 9.94
N PHE F 424 21.68 -18.30 11.20
CA PHE F 424 22.99 -17.92 11.70
C PHE F 424 23.87 -19.13 12.04
N GLN F 425 23.28 -20.22 12.53
CA GLN F 425 24.07 -21.27 13.16
C GLN F 425 25.11 -21.95 12.26
N PRO F 426 24.80 -22.35 11.02
CA PRO F 426 25.85 -23.02 10.22
C PRO F 426 27.08 -22.16 10.01
N TYR F 427 26.90 -20.86 9.80
CA TYR F 427 28.03 -19.95 9.63
C TYR F 427 28.87 -19.90 10.90
N PHE F 428 28.21 -19.80 12.06
CA PHE F 428 28.92 -19.79 13.34
C PHE F 428 29.72 -21.07 13.54
N THR F 429 29.10 -22.22 13.26
CA THR F 429 29.77 -23.50 13.47
C THR F 429 30.97 -23.65 12.54
N SER F 430 30.83 -23.25 11.28
CA SER F 430 31.94 -23.39 10.34
C SER F 430 33.05 -22.38 10.64
N THR F 431 32.70 -21.18 11.07
CA THR F 431 33.69 -20.15 11.37
C THR F 431 34.41 -20.44 12.68
N ALA F 432 33.83 -21.25 13.56
CA ALA F 432 34.51 -21.62 14.80
C ALA F 432 35.87 -22.27 14.56
N SER F 433 36.06 -22.91 13.41
CA SER F 433 37.34 -23.56 13.12
C SER F 433 38.49 -22.57 12.97
N ASN F 434 38.19 -21.29 12.77
CA ASN F 434 39.25 -20.29 12.61
C ASN F 434 40.00 -20.01 13.90
N ILE F 435 39.52 -20.51 15.03
CA ILE F 435 40.20 -20.34 16.32
C ILE F 435 40.48 -21.67 17.00
N GLY F 436 40.27 -22.79 16.31
CA GLY F 436 40.60 -24.09 16.85
C GLY F 436 39.51 -24.77 17.66
N TYR F 437 38.32 -24.19 17.74
CA TYR F 437 37.21 -24.76 18.50
C TYR F 437 36.31 -25.51 17.53
N THR F 438 36.50 -26.82 17.43
CA THR F 438 35.87 -27.63 16.40
C THR F 438 34.85 -28.62 16.94
N TRP F 439 34.42 -28.48 18.18
CA TRP F 439 33.49 -29.44 18.80
C TRP F 439 32.36 -28.72 19.51
N TRP F 440 31.74 -27.76 18.82
CA TRP F 440 30.57 -27.09 19.37
C TRP F 440 29.39 -28.07 19.48
N SER F 441 28.52 -27.80 20.44
CA SER F 441 27.30 -28.60 20.66
C SER F 441 26.14 -27.64 20.88
N HIS F 442 25.39 -27.38 19.81
CA HIS F 442 24.25 -26.47 19.89
C HIS F 442 23.02 -27.19 20.45
N ASP F 443 22.06 -26.39 20.90
CA ASP F 443 20.79 -26.90 21.38
C ASP F 443 19.90 -27.24 20.20
N ILE F 444 19.73 -28.53 19.91
CA ILE F 444 18.93 -28.95 18.77
C ILE F 444 17.45 -28.83 19.16
N GLY F 445 16.75 -27.93 18.49
CA GLY F 445 15.38 -27.57 18.79
C GLY F 445 15.21 -26.15 19.28
N GLY F 446 16.31 -25.42 19.50
CA GLY F 446 16.26 -24.15 20.18
C GLY F 446 16.30 -24.35 21.69
N HIS F 447 16.42 -23.23 22.41
CA HIS F 447 16.49 -23.29 23.86
C HIS F 447 15.28 -22.64 24.52
N MET F 448 15.00 -21.38 24.23
CA MET F 448 13.92 -20.67 24.92
C MET F 448 13.36 -19.60 24.01
N GLN F 449 12.19 -19.09 24.39
CA GLN F 449 11.46 -18.09 23.62
C GLN F 449 11.11 -18.63 22.23
N GLY F 450 10.77 -17.74 21.31
CA GLY F 450 10.50 -18.14 19.94
C GLY F 450 9.06 -18.58 19.72
N TYR F 451 8.81 -18.98 18.48
CA TYR F 451 7.48 -19.38 18.03
C TYR F 451 7.53 -20.83 17.56
N LYS F 452 6.35 -21.44 17.46
CA LYS F 452 6.26 -22.83 17.02
C LYS F 452 6.23 -22.91 15.49
N ASP F 453 6.99 -23.87 14.96
CA ASP F 453 6.91 -24.22 13.55
C ASP F 453 7.50 -25.61 13.39
N ALA F 454 6.69 -26.56 12.94
CA ALA F 454 7.17 -27.93 12.76
C ALA F 454 8.24 -28.00 11.68
N GLU F 455 8.06 -27.22 10.60
CA GLU F 455 9.07 -27.17 9.54
C GLU F 455 10.39 -26.62 10.07
N LEU F 456 10.33 -25.61 10.94
CA LEU F 456 11.55 -25.08 11.53
C LEU F 456 12.27 -26.14 12.34
N SER F 457 11.53 -26.94 13.10
CA SER F 457 12.14 -28.03 13.85
C SER F 457 12.79 -29.05 12.92
N LEU F 458 12.09 -29.42 11.84
CA LEU F 458 12.62 -30.41 10.93
C LEU F 458 13.90 -29.93 10.25
N ARG F 459 13.88 -28.68 9.75
CA ARG F 459 15.08 -28.11 9.15
C ARG F 459 16.21 -28.00 10.16
N TRP F 460 15.88 -27.63 11.39
CA TRP F 460 16.90 -27.44 12.41
C TRP F 460 17.59 -28.76 12.69
N LEU F 461 16.81 -29.83 12.83
CA LEU F 461 17.34 -31.17 13.07
C LEU F 461 18.14 -31.68 11.88
N GLN F 462 17.66 -31.39 10.66
CA GLN F 462 18.43 -31.78 9.48
C GLN F 462 19.81 -31.14 9.50
N PHE F 463 19.89 -29.86 9.90
CA PHE F 463 21.20 -29.25 10.08
C PHE F 463 21.99 -29.94 11.18
N GLY F 464 21.32 -30.25 12.31
CA GLY F 464 22.02 -30.82 13.44
C GLY F 464 22.63 -32.19 13.17
N VAL F 465 21.98 -32.99 12.32
CA VAL F 465 22.52 -34.31 11.98
C VAL F 465 23.88 -34.18 11.32
N PHE F 466 24.08 -33.15 10.51
CA PHE F 466 25.36 -32.88 9.86
C PHE F 466 26.16 -31.82 10.60
N SER F 467 26.07 -31.80 11.92
CA SER F 467 26.82 -30.92 12.80
C SER F 467 27.76 -31.74 13.67
N PRO F 468 28.71 -31.09 14.36
CA PRO F 468 29.64 -31.88 15.21
C PRO F 468 28.96 -32.73 16.25
N ILE F 469 27.95 -32.21 16.95
CA ILE F 469 27.28 -32.94 18.02
C ILE F 469 25.77 -32.77 17.84
N ASN F 470 25.04 -33.88 17.93
CA ASN F 470 23.59 -33.89 17.79
C ASN F 470 22.96 -34.13 19.16
N ARG F 471 22.43 -33.05 19.76
CA ARG F 471 21.87 -33.10 21.11
C ARG F 471 20.50 -32.43 21.10
N LEU F 472 19.44 -33.23 21.10
CA LEU F 472 18.09 -32.70 21.17
C LEU F 472 17.79 -32.23 22.59
N HIS F 473 17.27 -31.00 22.71
CA HIS F 473 17.01 -30.38 23.99
C HIS F 473 15.60 -29.81 24.05
N SER F 474 14.93 -30.05 25.17
CA SER F 474 13.61 -29.52 25.44
C SER F 474 13.59 -28.90 26.83
N SER F 475 12.73 -27.89 27.01
CA SER F 475 12.65 -27.15 28.25
C SER F 475 11.44 -27.60 29.06
N LYS F 476 11.19 -26.91 30.18
CA LYS F 476 10.07 -27.21 31.07
C LYS F 476 8.79 -26.60 30.50
N SER F 477 8.21 -27.32 29.54
CA SER F 477 6.97 -26.90 28.90
C SER F 477 6.42 -28.08 28.12
N GLU F 478 5.11 -28.27 28.17
CA GLU F 478 4.47 -29.33 27.40
C GLU F 478 4.30 -28.96 25.94
N PHE F 479 4.58 -27.70 25.56
CA PHE F 479 4.49 -27.26 24.19
C PHE F 479 5.83 -27.29 23.46
N THR F 480 6.92 -27.63 24.15
CA THR F 480 8.25 -27.60 23.57
C THR F 480 8.88 -28.98 23.44
N SER F 481 8.06 -30.03 23.42
CA SER F 481 8.59 -31.38 23.24
C SER F 481 9.17 -31.55 21.85
N LYS F 482 10.33 -32.20 21.78
CA LYS F 482 11.00 -32.47 20.51
C LYS F 482 10.84 -33.92 20.08
N GLU F 483 9.98 -34.68 20.75
CA GLU F 483 9.77 -36.07 20.37
C GLU F 483 9.18 -36.16 18.97
N PRO F 484 9.65 -37.10 18.14
CA PRO F 484 9.11 -37.21 16.78
C PRO F 484 7.60 -37.44 16.73
N TRP F 485 7.05 -38.20 17.68
CA TRP F 485 5.62 -38.49 17.65
C TRP F 485 4.78 -37.31 18.12
N HIS F 486 5.39 -36.18 18.46
CA HIS F 486 4.63 -34.98 18.81
C HIS F 486 4.12 -34.25 17.58
N PHE F 487 4.57 -34.62 16.39
CA PHE F 487 4.19 -33.96 15.15
C PHE F 487 3.30 -34.88 14.33
N ASP F 488 2.93 -34.44 13.12
CA ASP F 488 2.14 -35.26 12.23
C ASP F 488 3.00 -36.35 11.60
N ALA F 489 2.38 -37.17 10.74
CA ALA F 489 3.03 -38.37 10.25
C ALA F 489 4.26 -38.05 9.40
N VAL F 490 4.14 -37.08 8.50
CA VAL F 490 5.24 -36.79 7.57
C VAL F 490 6.46 -36.26 8.32
N ILE F 491 6.25 -35.28 9.19
CA ILE F 491 7.35 -34.71 9.97
C ILE F 491 7.98 -35.78 10.85
N GLU F 492 7.14 -36.60 11.49
CA GLU F 492 7.64 -37.64 12.38
C GLU F 492 8.51 -38.65 11.63
N GLN F 493 8.05 -39.08 10.45
CA GLN F 493 8.82 -40.03 9.67
C GLN F 493 10.15 -39.43 9.21
N SER F 494 10.12 -38.17 8.79
CA SER F 494 11.37 -37.51 8.39
C SER F 494 12.34 -37.42 9.56
N MET F 495 11.85 -37.05 10.74
CA MET F 495 12.71 -36.97 11.91
C MET F 495 13.31 -38.33 12.24
N ILE F 496 12.50 -39.38 12.18
CA ILE F 496 13.00 -40.73 12.49
C ILE F 496 14.07 -41.13 11.49
N ASP F 497 13.85 -40.86 10.20
CA ASP F 497 14.83 -41.20 9.18
C ASP F 497 16.15 -40.46 9.41
N PHE F 498 16.10 -39.17 9.74
CA PHE F 498 17.35 -38.44 9.94
C PHE F 498 18.05 -38.85 11.22
N LEU F 499 17.28 -39.19 12.26
CA LEU F 499 17.89 -39.69 13.49
C LEU F 499 18.59 -41.03 13.26
N GLN F 500 18.00 -41.88 12.43
CA GLN F 500 18.67 -43.12 12.06
C GLN F 500 19.93 -42.85 11.23
N LEU F 501 19.86 -41.87 10.32
CA LEU F 501 21.02 -41.53 9.51
C LEU F 501 22.19 -41.03 10.36
N ARG F 502 21.89 -40.30 11.44
CA ARG F 502 22.96 -39.83 12.31
C ARG F 502 23.77 -40.99 12.89
N HIS F 503 23.09 -42.06 13.31
CA HIS F 503 23.80 -43.24 13.79
C HIS F 503 24.42 -44.05 12.67
N GLN F 504 23.85 -44.00 11.47
CA GLN F 504 24.51 -44.58 10.31
C GLN F 504 25.85 -43.92 10.02
N LEU F 505 25.98 -42.62 10.30
CA LEU F 505 27.19 -41.87 9.98
C LEU F 505 28.27 -41.95 11.05
N ILE F 506 28.09 -42.78 12.08
CA ILE F 506 29.02 -42.78 13.21
C ILE F 506 30.44 -43.18 12.83
N PRO F 507 30.68 -44.25 12.05
CA PRO F 507 32.06 -44.58 11.69
C PRO F 507 32.79 -43.46 10.97
N TYR F 508 32.11 -42.76 10.06
CA TYR F 508 32.71 -41.62 9.38
C TYR F 508 33.09 -40.53 10.36
N LEU F 509 32.20 -40.23 11.31
CA LEU F 509 32.48 -39.21 12.31
C LEU F 509 33.64 -39.60 13.20
N TYR F 510 33.74 -40.88 13.58
CA TYR F 510 34.83 -41.34 14.43
C TYR F 510 36.16 -41.28 13.70
N SER F 511 36.17 -41.65 12.41
CA SER F 511 37.40 -41.54 11.64
C SER F 511 37.84 -40.08 11.51
N ALA F 512 36.88 -39.18 11.29
CA ALA F 512 37.21 -37.74 11.26
C ALA F 512 37.73 -37.28 12.61
N ASN F 513 37.15 -37.80 13.70
CA ASN F 513 37.62 -37.49 15.04
C ASN F 513 39.09 -37.88 15.22
N LEU F 514 39.43 -39.10 14.81
CA LEU F 514 40.81 -39.56 14.95
C LEU F 514 41.75 -38.72 14.09
N ILE F 515 41.32 -38.37 12.88
CA ILE F 515 42.13 -37.51 12.03
C ILE F 515 42.35 -36.15 12.68
N THR F 516 41.29 -35.58 13.26
CA THR F 516 41.42 -34.29 13.93
C THR F 516 42.37 -34.35 15.11
N ALA F 517 42.27 -35.42 15.91
CA ALA F 517 43.15 -35.55 17.07
C ALA F 517 44.59 -35.83 16.66
N SER F 518 44.80 -36.44 15.49
CA SER F 518 46.16 -36.76 15.07
C SER F 518 46.82 -35.59 14.35
N GLU F 519 46.23 -35.13 13.25
CA GLU F 519 46.84 -34.10 12.42
C GLU F 519 46.30 -32.70 12.69
N GLY F 520 45.07 -32.57 13.18
CA GLY F 520 44.49 -31.26 13.40
C GLY F 520 43.67 -30.76 12.23
N ARG F 521 42.77 -31.59 11.74
CA ARG F 521 41.89 -31.26 10.62
C ARG F 521 40.46 -31.15 11.14
N ALA F 522 39.85 -29.98 10.97
CA ALA F 522 38.50 -29.75 11.47
C ALA F 522 37.49 -30.62 10.73
N LEU F 523 36.49 -31.11 11.46
CA LEU F 523 35.43 -31.88 10.84
C LEU F 523 34.57 -31.01 9.94
N VAL F 524 34.19 -29.83 10.42
CA VAL F 524 33.40 -28.87 9.65
C VAL F 524 34.34 -27.75 9.22
N GLU F 525 34.44 -27.52 7.92
CA GLU F 525 35.38 -26.53 7.43
C GLU F 525 34.70 -25.54 6.49
N PRO F 526 35.12 -24.28 6.52
CA PRO F 526 34.62 -23.32 5.53
C PRO F 526 35.10 -23.66 4.13
N LEU F 527 34.35 -23.15 3.14
CA LEU F 527 34.68 -23.46 1.75
C LEU F 527 36.07 -22.97 1.36
N TYR F 528 36.55 -21.90 1.96
CA TYR F 528 37.83 -21.32 1.57
C TYR F 528 39.02 -22.04 2.19
N TYR F 529 38.79 -23.10 2.96
CA TYR F 529 39.91 -23.94 3.40
C TYR F 529 40.43 -24.81 2.26
N GLU F 530 39.54 -25.24 1.38
CA GLU F 530 39.90 -26.06 0.24
C GLU F 530 40.05 -25.27 -1.05
N TYR F 531 39.36 -24.13 -1.17
CA TYR F 531 39.41 -23.29 -2.36
C TYR F 531 39.71 -21.86 -1.94
N PRO F 532 40.93 -21.60 -1.45
CA PRO F 532 41.23 -20.28 -0.88
C PRO F 532 41.38 -19.18 -1.91
N MET F 533 41.61 -19.50 -3.18
CA MET F 533 41.92 -18.50 -4.19
C MET F 533 40.75 -18.23 -5.12
N GLU F 534 39.52 -18.55 -4.72
CA GLU F 534 38.33 -18.32 -5.52
C GLU F 534 37.34 -17.48 -4.72
N GLU F 535 36.78 -16.45 -5.37
CA GLU F 535 35.97 -15.47 -4.67
C GLU F 535 34.65 -16.07 -4.18
N GLU F 536 34.07 -16.98 -4.95
CA GLU F 536 32.80 -17.59 -4.55
C GLU F 536 32.91 -18.37 -3.25
N ALA F 537 34.11 -18.83 -2.89
CA ALA F 537 34.28 -19.51 -1.62
C ALA F 537 34.13 -18.59 -0.43
N TYR F 538 34.11 -17.27 -0.65
CA TYR F 538 33.89 -16.31 0.42
C TYR F 538 32.50 -15.68 0.38
N GLN F 539 31.64 -16.11 -0.54
CA GLN F 539 30.32 -15.52 -0.72
C GLN F 539 29.19 -16.44 -0.32
N HIS F 540 29.49 -17.59 0.29
CA HIS F 540 28.48 -18.55 0.70
C HIS F 540 28.76 -18.94 2.15
N ARG F 541 28.08 -18.29 3.08
CA ARG F 541 28.41 -18.42 4.49
C ARG F 541 27.96 -19.75 5.07
N ASN F 542 26.77 -20.22 4.70
CA ASN F 542 26.19 -21.41 5.31
C ASN F 542 26.59 -22.70 4.61
N GLN F 543 27.44 -22.64 3.59
CA GLN F 543 27.93 -23.82 2.91
C GLN F 543 29.25 -24.24 3.53
N TYR F 544 29.42 -25.54 3.78
CA TYR F 544 30.65 -26.00 4.41
C TYR F 544 30.98 -27.41 3.94
N LEU F 545 32.17 -27.87 4.35
CA LEU F 545 32.63 -29.22 4.08
C LEU F 545 32.53 -30.03 5.36
N PHE F 546 31.87 -31.20 5.26
CA PHE F 546 31.63 -32.08 6.40
C PHE F 546 32.56 -33.26 6.26
N GLY F 547 33.63 -33.26 7.05
CA GLY F 547 34.69 -34.22 6.84
C GLY F 547 35.51 -33.85 5.63
N GLU F 548 35.91 -34.84 4.83
CA GLU F 548 36.70 -34.60 3.63
C GLU F 548 36.05 -35.16 2.38
N GLN F 549 34.80 -35.62 2.47
CA GLN F 549 34.12 -36.23 1.32
C GLN F 549 32.80 -35.58 0.95
N LEU F 550 32.16 -34.83 1.85
CA LEU F 550 30.82 -34.32 1.63
C LEU F 550 30.77 -32.81 1.77
N MET F 551 29.90 -32.18 0.98
CA MET F 551 29.66 -30.75 1.04
C MET F 551 28.19 -30.52 1.40
N VAL F 552 27.95 -29.67 2.39
CA VAL F 552 26.62 -29.48 2.96
C VAL F 552 26.23 -28.02 2.82
N ALA F 553 25.00 -27.78 2.31
CA ALA F 553 24.41 -26.45 2.20
C ALA F 553 22.99 -26.52 2.75
N PRO F 554 22.82 -26.35 4.05
CA PRO F 554 21.50 -26.52 4.66
C PRO F 554 20.53 -25.43 4.25
N ILE F 555 19.25 -25.80 4.22
CA ILE F 555 18.17 -24.87 3.90
C ILE F 555 17.67 -24.26 5.21
N THR F 556 17.77 -22.94 5.33
CA THR F 556 17.46 -22.23 6.57
C THR F 556 16.36 -21.20 6.37
N GLU F 557 15.53 -21.36 5.35
CA GLU F 557 14.43 -20.43 5.08
C GLU F 557 13.14 -21.22 4.90
N LYS F 558 12.03 -20.55 5.20
CA LYS F 558 10.73 -21.20 5.12
C LYS F 558 10.37 -21.57 3.69
N MET F 559 9.58 -22.64 3.57
CA MET F 559 9.18 -23.16 2.27
C MET F 559 8.32 -22.17 1.51
N ASN F 560 8.43 -22.22 0.19
CA ASN F 560 7.55 -21.45 -0.69
C ASN F 560 6.24 -22.21 -0.86
N SER F 561 5.14 -21.60 -0.42
CA SER F 561 3.86 -22.31 -0.38
C SER F 561 3.36 -22.66 -1.78
N LEU F 562 3.76 -21.89 -2.79
CA LEU F 562 3.35 -22.19 -4.16
C LEU F 562 4.03 -23.45 -4.67
N LEU F 563 5.35 -23.53 -4.50
CA LEU F 563 6.11 -24.68 -4.98
C LEU F 563 6.16 -25.82 -3.99
N GLN F 564 5.82 -25.58 -2.73
CA GLN F 564 5.95 -26.58 -1.66
C GLN F 564 7.38 -27.08 -1.53
N MET F 565 8.34 -26.17 -1.65
CA MET F 565 9.75 -26.52 -1.63
C MET F 565 10.56 -25.35 -1.12
N GLY F 566 11.50 -25.63 -0.22
CA GLY F 566 12.48 -24.64 0.16
C GLY F 566 13.64 -24.60 -0.81
N SER F 567 14.46 -23.55 -0.70
CA SER F 567 15.53 -23.34 -1.66
C SER F 567 16.78 -22.86 -0.96
N VAL F 568 17.91 -23.00 -1.64
CA VAL F 568 19.19 -22.48 -1.14
C VAL F 568 20.12 -22.28 -2.33
N GLU F 569 20.95 -21.25 -2.24
CA GLU F 569 21.95 -20.94 -3.26
C GLU F 569 23.23 -21.71 -2.96
N VAL F 570 23.69 -22.50 -3.92
CA VAL F 570 24.83 -23.41 -3.74
C VAL F 570 25.85 -23.12 -4.82
N TRP F 571 27.12 -23.04 -4.43
CA TRP F 571 28.23 -22.89 -5.35
C TRP F 571 28.91 -24.24 -5.53
N PHE F 572 28.99 -24.71 -6.78
CA PHE F 572 29.64 -25.97 -7.10
C PHE F 572 31.01 -25.68 -7.71
N PRO F 573 32.09 -26.14 -7.08
CA PRO F 573 33.42 -25.97 -7.69
C PRO F 573 33.62 -26.87 -8.90
N GLU F 574 34.82 -26.85 -9.47
CA GLU F 574 35.09 -27.63 -10.68
C GLU F 574 34.94 -29.13 -10.41
N GLY F 575 34.33 -29.82 -11.35
CA GLY F 575 34.12 -31.25 -11.28
C GLY F 575 32.64 -31.60 -11.34
N THR F 576 32.38 -32.90 -11.19
CA THR F 576 31.03 -33.43 -11.19
C THR F 576 30.62 -33.74 -9.76
N TRP F 577 29.42 -33.31 -9.37
CA TRP F 577 28.88 -33.53 -8.04
C TRP F 577 27.54 -34.26 -8.16
N TYR F 578 27.25 -35.11 -7.18
CA TYR F 578 26.00 -35.84 -7.12
C TYR F 578 25.33 -35.59 -5.77
N ASP F 579 24.01 -35.48 -5.79
CA ASP F 579 23.25 -35.44 -4.55
C ASP F 579 23.45 -36.74 -3.79
N PHE F 580 23.73 -36.63 -2.50
CA PHE F 580 24.03 -37.80 -1.69
C PHE F 580 22.83 -38.74 -1.58
N PHE F 581 21.62 -38.22 -1.67
CA PHE F 581 20.41 -39.00 -1.46
C PHE F 581 19.74 -39.45 -2.76
N SER F 582 19.65 -38.57 -3.76
CA SER F 582 18.93 -38.90 -4.99
C SER F 582 19.82 -39.18 -6.18
N GLY F 583 21.08 -38.75 -6.15
CA GLY F 583 21.98 -39.00 -7.27
C GLY F 583 21.86 -38.02 -8.41
N GLN F 584 21.20 -36.89 -8.19
CA GLN F 584 21.08 -35.87 -9.23
C GLN F 584 22.45 -35.30 -9.56
N PRO F 585 22.83 -35.22 -10.83
CA PRO F 585 24.18 -34.76 -11.17
C PRO F 585 24.27 -33.24 -11.31
N TYR F 586 25.47 -32.73 -11.04
CA TYR F 586 25.77 -31.31 -11.17
C TYR F 586 27.14 -31.15 -11.80
N ASP F 587 27.26 -30.15 -12.66
CA ASP F 587 28.47 -29.95 -13.46
C ASP F 587 29.47 -29.10 -12.68
N GLY F 588 30.47 -28.57 -13.40
CA GLY F 588 31.59 -27.88 -12.79
C GLY F 588 31.25 -26.55 -12.16
N LYS F 589 32.21 -25.63 -12.14
CA LYS F 589 32.07 -24.35 -11.44
C LYS F 589 30.82 -23.60 -11.86
N VAL F 590 29.86 -23.48 -10.95
CA VAL F 590 28.60 -22.81 -11.25
C VAL F 590 27.87 -22.46 -9.97
N SER F 591 27.12 -21.36 -9.98
CA SER F 591 26.28 -20.98 -8.85
C SER F 591 24.83 -21.27 -9.23
N LEU F 592 24.13 -22.04 -8.40
CA LEU F 592 22.80 -22.53 -8.74
C LEU F 592 21.88 -22.48 -7.53
N LYS F 593 20.63 -22.11 -7.78
CA LYS F 593 19.59 -22.15 -6.75
C LYS F 593 18.95 -23.54 -6.80
N VAL F 594 19.05 -24.29 -5.71
CA VAL F 594 18.52 -25.65 -5.66
C VAL F 594 17.31 -25.67 -4.73
N TYR F 595 16.36 -26.56 -5.05
CA TYR F 595 15.10 -26.65 -4.34
C TYR F 595 14.92 -28.06 -3.80
N ARG F 596 14.51 -28.15 -2.53
CA ARG F 596 14.27 -29.42 -1.87
C ARG F 596 12.99 -29.33 -1.06
N GLU F 597 12.29 -30.46 -0.96
CA GLU F 597 11.13 -30.56 -0.08
C GLU F 597 11.58 -30.61 1.37
N ILE F 598 10.64 -30.40 2.29
CA ILE F 598 10.98 -30.35 3.71
C ILE F 598 11.54 -31.66 4.22
N THR F 599 11.29 -32.76 3.52
CA THR F 599 11.81 -34.06 3.90
C THR F 599 13.14 -34.40 3.23
N GLU F 600 13.74 -33.44 2.52
CA GLU F 600 15.01 -33.65 1.82
C GLU F 600 16.00 -32.56 2.21
N MET F 601 17.28 -32.89 2.10
CA MET F 601 18.35 -31.97 2.43
C MET F 601 19.39 -31.95 1.32
N PRO F 602 20.00 -30.79 1.03
CA PRO F 602 21.08 -30.75 0.02
C PRO F 602 22.42 -31.17 0.62
N VAL F 603 22.88 -32.36 0.24
CA VAL F 603 24.21 -32.85 0.57
C VAL F 603 24.81 -33.43 -0.69
N PHE F 604 26.05 -33.07 -0.99
CA PHE F 604 26.67 -33.40 -2.26
C PHE F 604 27.99 -34.11 -2.06
N ALA F 605 28.28 -35.04 -2.97
CA ALA F 605 29.56 -35.74 -3.01
C ALA F 605 30.09 -35.69 -4.43
N LYS F 606 31.39 -35.41 -4.57
CA LYS F 606 31.96 -35.32 -5.91
C LYS F 606 32.28 -36.71 -6.44
N ALA F 607 32.45 -36.78 -7.76
CA ALA F 607 32.71 -38.06 -8.42
C ALA F 607 33.99 -38.69 -7.90
N GLY F 608 33.92 -39.96 -7.55
CA GLY F 608 35.02 -40.67 -6.95
C GLY F 608 34.98 -40.76 -5.44
N ALA F 609 33.99 -40.17 -4.79
CA ALA F 609 33.92 -40.19 -3.34
C ALA F 609 33.53 -41.58 -2.84
N ILE F 610 34.07 -41.94 -1.67
CA ILE F 610 33.80 -43.22 -1.03
C ILE F 610 33.33 -42.92 0.39
N ILE F 611 32.14 -43.40 0.74
CA ILE F 611 31.51 -43.13 2.03
C ILE F 611 31.27 -44.44 2.75
N PRO F 612 31.79 -44.63 3.96
CA PRO F 612 31.40 -45.80 4.76
C PRO F 612 30.20 -45.50 5.65
N LEU F 613 29.29 -46.47 5.72
CA LEU F 613 28.09 -46.35 6.53
C LEU F 613 27.87 -47.61 7.33
N ASP F 614 27.27 -47.46 8.50
CA ASP F 614 26.88 -48.60 9.33
C ASP F 614 25.61 -49.21 8.77
N LYS F 615 25.59 -50.54 8.66
CA LYS F 615 24.43 -51.21 8.08
C LYS F 615 23.31 -51.41 9.10
N ASN F 616 23.65 -51.44 10.38
CA ASN F 616 22.67 -51.68 11.45
C ASN F 616 22.77 -50.57 12.49
N PRO F 617 22.24 -49.39 12.17
CA PRO F 617 22.25 -48.30 13.16
C PRO F 617 21.44 -48.62 14.41
N LEU F 618 20.36 -49.39 14.27
CA LEU F 618 19.52 -49.70 15.43
C LEU F 618 20.26 -50.57 16.43
N LYS F 619 21.03 -51.54 15.96
CA LYS F 619 21.86 -52.35 16.84
C LYS F 619 22.93 -51.47 17.49
N LYS F 620 23.19 -51.71 18.76
CA LYS F 620 24.18 -50.94 19.53
C LYS F 620 25.43 -51.80 19.68
N GLU F 621 26.43 -51.52 18.85
CA GLU F 621 27.68 -52.27 18.85
C GLU F 621 28.84 -51.30 19.00
N GLU F 622 29.82 -51.68 19.83
CA GLU F 622 31.01 -50.84 20.00
C GLU F 622 31.77 -50.70 18.68
N ILE F 623 31.81 -51.75 17.88
CA ILE F 623 32.31 -51.69 16.51
C ILE F 623 31.26 -52.32 15.60
N PRO F 624 30.98 -51.74 14.45
CA PRO F 624 29.97 -52.32 13.56
C PRO F 624 30.42 -53.68 13.03
N SER F 625 29.45 -54.59 12.88
CA SER F 625 29.73 -55.92 12.36
C SER F 625 29.70 -55.97 10.84
N GLU F 626 29.14 -54.95 10.18
CA GLU F 626 29.10 -54.89 8.72
C GLU F 626 29.05 -53.43 8.29
N ILE F 627 29.75 -53.14 7.20
CA ILE F 627 29.92 -51.77 6.72
C ILE F 627 29.52 -51.72 5.25
N ILE F 628 28.72 -50.72 4.88
CA ILE F 628 28.35 -50.47 3.49
C ILE F 628 29.29 -49.42 2.94
N TRP F 629 29.85 -49.67 1.76
CA TRP F 629 30.68 -48.71 1.06
C TRP F 629 29.87 -48.13 -0.09
N LYS F 630 29.73 -46.81 -0.11
CA LYS F 630 29.01 -46.10 -1.17
C LYS F 630 30.02 -45.40 -2.06
N ILE F 631 29.97 -45.68 -3.35
CA ILE F 631 30.94 -45.19 -4.33
C ILE F 631 30.21 -44.37 -5.37
N PHE F 632 30.72 -43.17 -5.64
CA PHE F 632 30.17 -42.31 -6.68
C PHE F 632 31.04 -42.42 -7.92
N PRO F 633 30.54 -42.94 -9.04
CA PRO F 633 31.39 -43.16 -10.20
C PRO F 633 31.84 -41.87 -10.85
N GLY F 634 33.00 -41.93 -11.49
CA GLY F 634 33.49 -40.80 -12.25
C GLY F 634 34.98 -40.56 -12.19
N ALA F 635 35.62 -40.97 -11.10
CA ALA F 635 37.05 -40.71 -10.92
C ALA F 635 37.60 -41.70 -9.90
N ASP F 636 38.92 -41.64 -9.71
CA ASP F 636 39.57 -42.45 -8.70
C ASP F 636 39.22 -41.94 -7.30
N GLY F 637 39.24 -42.84 -6.33
CA GLY F 637 38.85 -42.50 -4.98
C GLY F 637 39.69 -43.23 -3.95
N GLU F 638 39.72 -42.66 -2.75
CA GLU F 638 40.52 -43.17 -1.64
C GLU F 638 39.78 -42.88 -0.34
N TYR F 639 39.85 -43.82 0.61
CA TYR F 639 39.38 -43.54 1.95
C TYR F 639 40.11 -44.43 2.94
N LEU F 640 40.28 -43.90 4.15
CA LEU F 640 41.00 -44.59 5.23
C LEU F 640 40.11 -44.54 6.48
N LEU F 641 39.46 -45.66 6.78
CA LEU F 641 38.60 -45.77 7.95
C LEU F 641 39.45 -46.14 9.16
N LEU F 642 39.55 -45.19 10.10
CA LEU F 642 40.31 -45.38 11.33
C LEU F 642 39.39 -45.79 12.46
N GLU F 643 39.78 -46.82 13.20
CA GLU F 643 39.04 -47.30 14.34
C GLU F 643 39.94 -47.30 15.58
N GLU F 644 39.43 -47.86 16.67
CA GLU F 644 40.20 -47.89 17.91
C GLU F 644 41.48 -48.71 17.75
N ASP F 645 41.38 -49.88 17.13
CA ASP F 645 42.54 -50.75 16.95
C ASP F 645 42.55 -51.37 15.56
N ASN F 646 42.20 -50.59 14.53
CA ASN F 646 42.18 -51.10 13.17
C ASN F 646 42.26 -49.94 12.20
N GLU F 647 42.62 -50.25 10.96
CA GLU F 647 42.71 -49.29 9.87
C GLU F 647 42.32 -50.00 8.58
N THR F 648 41.22 -49.57 7.97
CA THR F 648 40.72 -50.18 6.75
C THR F 648 40.92 -49.23 5.59
N LYS F 649 41.60 -49.69 4.54
CA LYS F 649 41.92 -48.88 3.38
C LYS F 649 41.01 -49.27 2.23
N ALA F 650 40.33 -48.29 1.63
CA ALA F 650 39.49 -48.50 0.46
C ALA F 650 40.03 -47.69 -0.69
N GLU F 651 40.30 -48.35 -1.82
CA GLU F 651 40.82 -47.73 -3.02
C GLU F 651 39.87 -47.98 -4.17
N PHE F 652 39.77 -47.01 -5.07
CA PHE F 652 38.97 -47.13 -6.29
C PHE F 652 39.81 -46.56 -7.43
N VAL F 653 40.58 -47.41 -8.09
CA VAL F 653 41.51 -47.00 -9.13
C VAL F 653 41.18 -47.75 -10.41
N ASN F 654 40.95 -46.99 -11.48
CA ASN F 654 40.71 -47.55 -12.82
C ASN F 654 39.56 -48.55 -12.81
N GLY F 655 38.48 -48.22 -12.09
CA GLY F 655 37.33 -49.10 -12.02
C GLY F 655 37.49 -50.30 -11.13
N ILE F 656 38.61 -50.40 -10.41
CA ILE F 656 38.89 -51.52 -9.52
C ILE F 656 38.76 -51.02 -8.09
N PHE F 657 37.91 -51.67 -7.30
CA PHE F 657 37.66 -51.32 -5.91
C PHE F 657 38.30 -52.37 -5.02
N THR F 658 39.19 -51.94 -4.13
CA THR F 658 39.94 -52.82 -3.25
C THR F 658 39.74 -52.39 -1.81
N VAL F 659 39.41 -53.35 -0.95
CA VAL F 659 39.32 -53.12 0.49
C VAL F 659 40.36 -54.00 1.17
N THR F 660 41.22 -53.38 1.97
CA THR F 660 42.23 -54.09 2.74
C THR F 660 42.14 -53.70 4.21
N SER F 661 42.53 -54.62 5.07
CA SER F 661 42.47 -54.43 6.53
C SER F 661 43.86 -54.62 7.12
N LYS F 662 44.17 -53.79 8.14
CA LYS F 662 45.47 -53.90 8.79
C LYS F 662 45.53 -55.11 9.72
N LYS F 663 44.39 -55.51 10.29
CA LYS F 663 44.33 -56.63 11.22
C LYS F 663 43.20 -57.56 10.83
N GLU F 664 43.24 -58.75 11.41
CA GLU F 664 42.18 -59.74 11.17
C GLU F 664 40.87 -59.25 11.76
N SER F 665 39.77 -59.52 11.05
CA SER F 665 38.46 -59.08 11.49
C SER F 665 37.39 -59.98 10.88
N SER F 666 36.24 -60.01 11.52
CA SER F 666 35.08 -60.76 11.05
C SER F 666 34.04 -59.87 10.38
N ARG F 667 34.40 -58.62 10.08
CA ARG F 667 33.46 -57.68 9.50
C ARG F 667 33.10 -58.08 8.07
N LYS F 668 31.83 -57.87 7.72
CA LYS F 668 31.34 -58.07 6.37
C LYS F 668 31.21 -56.73 5.66
N HIS F 669 31.37 -56.75 4.34
CA HIS F 669 31.35 -55.54 3.54
C HIS F 669 30.29 -55.64 2.46
N THR F 670 29.51 -54.57 2.30
CA THR F 670 28.53 -54.45 1.23
C THR F 670 28.93 -53.27 0.36
N ILE F 671 28.79 -53.44 -0.95
CA ILE F 671 29.23 -52.43 -1.92
C ILE F 671 28.02 -51.86 -2.64
N ILE F 672 27.94 -50.53 -2.68
CA ILE F 672 26.93 -49.82 -3.45
C ILE F 672 27.65 -48.99 -4.50
N TYR F 673 27.34 -49.26 -5.77
CA TYR F 673 27.91 -48.52 -6.89
C TYR F 673 26.78 -47.71 -7.51
N GLY F 674 26.79 -46.40 -7.27
CA GLY F 674 25.65 -45.58 -7.62
C GLY F 674 24.50 -45.86 -6.69
N GLU F 675 23.46 -46.51 -7.19
CA GLU F 675 22.35 -46.96 -6.37
C GLU F 675 22.19 -48.47 -6.34
N HIS F 676 22.89 -49.21 -7.19
CA HIS F 676 22.73 -50.65 -7.29
C HIS F 676 23.71 -51.37 -6.37
N GLU F 677 23.22 -52.39 -5.68
CA GLU F 677 24.06 -53.23 -4.82
C GLU F 677 24.98 -54.08 -5.69
N ILE F 678 26.24 -54.16 -5.31
CA ILE F 678 27.22 -54.94 -6.08
C ILE F 678 27.42 -56.28 -5.41
N VAL F 679 27.93 -56.27 -4.18
CA VAL F 679 28.07 -57.48 -3.37
C VAL F 679 27.50 -57.19 -1.99
N SER F 680 26.86 -58.19 -1.40
CA SER F 680 26.21 -58.07 -0.10
C SER F 680 26.86 -59.03 0.87
N ALA F 681 27.28 -58.51 2.02
CA ALA F 681 27.86 -59.29 3.11
C ALA F 681 29.05 -60.12 2.62
N LYS F 682 29.94 -59.46 1.88
CA LYS F 682 31.20 -60.07 1.47
C LYS F 682 32.17 -60.07 2.64
N ARG F 683 32.92 -61.14 2.78
CA ARG F 683 33.75 -61.38 3.95
C ARG F 683 35.23 -61.26 3.59
N GLY F 684 35.99 -60.59 4.45
CA GLY F 684 37.42 -60.47 4.28
C GLY F 684 37.81 -59.36 3.31
N GLU F 685 39.08 -58.99 3.34
CA GLU F 685 39.60 -58.00 2.42
C GLU F 685 39.61 -58.57 1.00
N PHE F 686 39.21 -57.74 0.04
CA PHE F 686 38.93 -58.26 -1.29
C PHE F 686 39.19 -57.18 -2.34
N SER F 687 39.00 -57.56 -3.60
CA SER F 687 39.08 -56.67 -4.75
C SER F 687 37.99 -57.05 -5.73
N ILE F 688 37.53 -56.06 -6.51
CA ILE F 688 36.45 -56.29 -7.47
C ILE F 688 36.59 -55.29 -8.60
N ASP F 689 36.06 -55.66 -9.77
CA ASP F 689 36.07 -54.83 -10.96
C ASP F 689 34.65 -54.31 -11.17
N LEU F 690 34.53 -52.99 -11.35
CA LEU F 690 33.23 -52.35 -11.54
C LEU F 690 33.13 -51.64 -12.89
N ASN F 691 33.95 -52.04 -13.87
CA ASN F 691 33.90 -51.37 -15.17
C ASN F 691 32.64 -51.72 -15.94
N GLY F 692 32.17 -52.96 -15.82
CA GLY F 692 30.99 -53.40 -16.55
C GLY F 692 29.67 -53.06 -15.92
N LYS F 693 29.65 -52.45 -14.73
CA LYS F 693 28.42 -52.15 -14.04
C LYS F 693 27.83 -50.85 -14.56
N GLU F 694 26.67 -50.46 -14.00
CA GLU F 694 25.96 -49.26 -14.42
C GLU F 694 26.44 -48.09 -13.55
N GLU F 695 27.15 -47.15 -14.16
CA GLU F 695 27.64 -45.99 -13.43
C GLU F 695 26.51 -45.04 -13.04
N ASN F 696 25.47 -44.96 -13.85
CA ASN F 696 24.39 -44.00 -13.60
C ASN F 696 23.60 -44.37 -12.35
N PHE F 697 22.95 -43.38 -11.78
CA PHE F 697 22.07 -43.55 -10.64
C PHE F 697 20.64 -43.81 -11.15
N ASP F 698 19.67 -43.76 -10.24
CA ASP F 698 18.27 -43.94 -10.59
C ASP F 698 17.60 -42.64 -11.00
N TRP F 699 18.32 -41.52 -10.95
CA TRP F 699 17.73 -40.23 -11.26
C TRP F 699 17.57 -40.05 -12.76
N ASN F 700 16.39 -39.61 -13.19
CA ASN F 700 16.16 -39.22 -14.57
C ASN F 700 15.30 -37.95 -14.59
N PHE F 701 15.40 -37.22 -15.70
CA PHE F 701 14.76 -35.90 -15.79
C PHE F 701 13.25 -35.99 -15.72
N SER F 702 12.66 -37.01 -16.35
CA SER F 702 11.21 -37.05 -16.51
C SER F 702 10.50 -37.26 -15.18
N THR F 703 10.96 -38.24 -14.39
CA THR F 703 10.32 -38.50 -13.11
C THR F 703 10.48 -37.32 -12.15
N ALA F 704 11.67 -36.72 -12.12
CA ALA F 704 11.89 -35.55 -11.28
C ALA F 704 11.00 -34.39 -11.69
N LEU F 705 10.86 -34.17 -13.00
CA LEU F 705 10.00 -33.09 -13.48
C LEU F 705 8.55 -33.34 -13.12
N PHE F 706 8.09 -34.58 -13.27
CA PHE F 706 6.71 -34.90 -12.91
C PHE F 706 6.48 -34.71 -11.42
N ARG F 707 7.44 -35.12 -10.59
CA ARG F 707 7.29 -34.96 -9.15
C ARG F 707 7.26 -33.48 -8.77
N ARG F 708 8.11 -32.67 -9.39
CA ARG F 708 8.12 -31.24 -9.06
C ARG F 708 6.84 -30.55 -9.51
N LEU F 709 6.29 -30.94 -10.66
CA LEU F 709 5.04 -30.35 -11.11
C LEU F 709 3.84 -30.90 -10.36
N ASP F 710 3.97 -32.07 -9.73
CA ASP F 710 2.83 -32.71 -9.09
C ASP F 710 2.48 -32.05 -7.76
N ILE F 711 3.46 -31.42 -7.10
CA ILE F 711 3.22 -30.82 -5.80
C ILE F 711 3.08 -29.31 -5.85
N ALA F 712 3.20 -28.69 -7.02
CA ALA F 712 3.06 -27.26 -7.15
C ALA F 712 1.58 -26.87 -7.14
N GLU F 713 1.27 -25.77 -6.46
CA GLU F 713 -0.10 -25.29 -6.36
C GLU F 713 -0.41 -24.30 -7.49
N ILE F 714 -0.43 -24.83 -8.71
CA ILE F 714 -0.69 -24.03 -9.91
C ILE F 714 -1.79 -24.69 -10.71
N SER F 715 -2.21 -24.04 -11.79
CA SER F 715 -3.31 -24.55 -12.59
C SER F 715 -2.90 -25.82 -13.33
N TYR F 716 -3.88 -26.69 -13.55
CA TYR F 716 -3.61 -27.98 -14.18
C TYR F 716 -3.14 -27.82 -15.62
N GLU F 717 -3.76 -26.90 -16.37
CA GLU F 717 -3.36 -26.70 -17.76
C GLU F 717 -1.91 -26.26 -17.85
N GLN F 718 -1.45 -25.44 -16.91
CA GLN F 718 -0.04 -25.06 -16.88
C GLN F 718 0.86 -26.27 -16.70
N LYS F 719 0.48 -27.17 -15.78
CA LYS F 719 1.29 -28.37 -15.55
C LYS F 719 1.35 -29.23 -16.81
N ASP F 720 0.20 -29.46 -17.44
CA ASP F 720 0.19 -30.28 -18.65
C ASP F 720 0.98 -29.64 -19.77
N GLU F 721 0.85 -28.33 -19.96
CA GLU F 721 1.60 -27.65 -21.01
C GLU F 721 3.10 -27.74 -20.76
N ILE F 722 3.54 -27.51 -19.53
CA ILE F 722 4.96 -27.57 -19.22
C ILE F 722 5.50 -28.98 -19.46
N LEU F 723 4.77 -29.99 -18.96
CA LEU F 723 5.24 -31.37 -19.12
C LEU F 723 5.32 -31.75 -20.59
N GLN F 724 4.26 -31.44 -21.36
CA GLN F 724 4.24 -31.81 -22.77
C GLN F 724 5.34 -31.11 -23.56
N GLN F 725 5.50 -29.81 -23.34
CA GLN F 725 6.50 -29.06 -24.10
C GLN F 725 7.92 -29.50 -23.74
N LEU F 726 8.19 -29.73 -22.45
CA LEU F 726 9.53 -30.15 -22.07
C LEU F 726 9.81 -31.59 -22.51
N SER F 727 8.77 -32.39 -22.70
CA SER F 727 8.97 -33.71 -23.30
C SER F 727 9.18 -33.63 -24.80
N LEU F 728 8.59 -32.65 -25.47
CA LEU F 728 8.61 -32.57 -26.92
C LEU F 728 9.86 -31.88 -27.46
N ILE F 729 10.32 -30.80 -26.82
CA ILE F 729 11.46 -30.05 -27.33
C ILE F 729 12.74 -30.82 -27.03
N GLU F 730 13.61 -30.94 -28.05
CA GLU F 730 14.83 -31.73 -27.93
C GLU F 730 16.04 -30.91 -27.54
N GLU F 731 16.24 -29.73 -28.14
CA GLU F 731 17.41 -28.92 -27.84
C GLU F 731 17.32 -28.31 -26.45
N HIS F 732 18.46 -28.27 -25.76
CA HIS F 732 18.50 -27.71 -24.41
C HIS F 732 18.28 -26.21 -24.42
N GLU F 733 18.88 -25.51 -25.39
CA GLU F 733 18.73 -24.06 -25.47
C GLU F 733 17.28 -23.67 -25.66
N LYS F 734 16.54 -24.41 -26.48
CA LYS F 734 15.14 -24.08 -26.71
C LYS F 734 14.27 -24.48 -25.51
N GLN F 735 14.68 -25.48 -24.75
CA GLN F 735 14.00 -25.78 -23.49
C GLN F 735 14.15 -24.63 -22.50
N VAL F 736 15.36 -24.10 -22.38
CA VAL F 736 15.59 -22.96 -21.50
C VAL F 736 14.82 -21.75 -22.00
N ALA F 737 14.76 -21.56 -23.32
CA ALA F 737 13.98 -20.46 -23.88
C ALA F 737 12.50 -20.62 -23.57
N PHE F 738 11.99 -21.86 -23.63
CA PHE F 738 10.59 -22.09 -23.30
C PHE F 738 10.30 -21.78 -21.84
N ILE F 739 11.20 -22.18 -20.94
CA ILE F 739 10.93 -21.91 -19.53
C ILE F 739 11.18 -20.44 -19.17
N LYS F 740 11.95 -19.72 -19.98
CA LYS F 740 12.18 -18.29 -19.70
C LYS F 740 10.93 -17.45 -19.90
N THR F 741 9.91 -17.96 -20.60
CA THR F 741 8.70 -17.20 -20.85
C THR F 741 7.67 -17.30 -19.74
N ASN F 742 7.88 -18.17 -18.75
CA ASN F 742 6.92 -18.37 -17.69
C ASN F 742 6.87 -17.16 -16.77
N GLU F 743 5.66 -16.78 -16.36
CA GLU F 743 5.46 -15.58 -15.55
C GLU F 743 5.86 -15.76 -14.09
N ASN F 744 5.77 -16.96 -13.55
CA ASN F 744 6.16 -17.24 -12.17
C ASN F 744 7.64 -17.58 -12.12
N GLN F 745 8.41 -16.81 -11.35
CA GLN F 745 9.85 -16.87 -11.47
C GLN F 745 10.51 -17.93 -10.60
N GLU F 746 9.90 -18.27 -9.46
CA GLU F 746 10.42 -19.37 -8.66
C GLU F 746 10.23 -20.70 -9.37
N LEU F 747 9.10 -20.88 -10.06
CA LEU F 747 8.93 -22.04 -10.92
C LEU F 747 9.97 -22.04 -12.03
N GLN F 748 10.29 -20.86 -12.57
CA GLN F 748 11.36 -20.76 -13.55
C GLN F 748 12.68 -21.28 -12.97
N ASN F 749 13.01 -20.87 -11.76
CA ASN F 749 14.28 -21.28 -11.16
C ASN F 749 14.32 -22.79 -10.90
N SER F 750 13.21 -23.35 -10.41
CA SER F 750 13.18 -24.79 -10.17
C SER F 750 13.33 -25.57 -11.48
N LEU F 751 12.58 -25.16 -12.52
CA LEU F 751 12.69 -25.83 -13.80
C LEU F 751 14.08 -25.66 -14.40
N PHE F 752 14.72 -24.52 -14.17
CA PHE F 752 16.07 -24.31 -14.68
C PHE F 752 17.06 -25.23 -13.97
N GLU F 753 16.90 -25.42 -12.67
CA GLU F 753 17.76 -26.37 -11.97
C GLU F 753 17.58 -27.78 -12.52
N LEU F 754 16.33 -28.18 -12.76
CA LEU F 754 16.08 -29.50 -13.34
C LEU F 754 16.69 -29.63 -14.72
N LEU F 755 16.59 -28.59 -15.55
CA LEU F 755 17.13 -28.65 -16.90
C LEU F 755 18.66 -28.65 -16.89
N TYR F 756 19.26 -27.93 -15.94
CA TYR F 756 20.71 -27.91 -15.85
C TYR F 756 21.25 -29.27 -15.39
N SER F 757 20.55 -29.93 -14.47
CA SER F 757 20.98 -31.27 -14.07
C SER F 757 20.92 -32.24 -15.25
N GLY F 758 19.88 -32.14 -16.07
CA GLY F 758 19.69 -33.07 -17.16
C GLY F 758 20.21 -32.60 -18.50
N LYS F 759 21.27 -31.79 -18.50
CA LYS F 759 21.84 -31.32 -19.75
C LYS F 759 22.84 -32.34 -20.30
#